data_8PQU
#
_entry.id   8PQU
#
_cell.length_a   1.000
_cell.length_b   1.000
_cell.length_c   1.000
_cell.angle_alpha   90.00
_cell.angle_beta   90.00
_cell.angle_gamma   90.00
#
_symmetry.space_group_name_H-M   'P 1'
#
_entity_poly.entity_id   1
_entity_poly.type   'polypeptide(L)'
_entity_poly.pdbx_seq_one_letter_code
;GSSGEGQKDLKLGELLLQKGWISREALEEALVEQEKTGDLLGRILVRKGLPEEALYRALAEQKGLEFLESTEGIVPDPSA
ALLLLRSDALRYGAVPIGFQNGEVEVVLSDPRHKEAVAQLLNRPARFYLALPQAWEELFRRAYPQK
;
_entity_poly.pdbx_strand_id   A
#
# COMPACT_ATOMS: atom_id res chain seq x y z
N GLY A 1 26.24 16.70 -15.69
CA GLY A 1 25.43 15.48 -15.56
C GLY A 1 25.84 14.73 -14.30
N SER A 2 25.27 13.54 -14.11
CA SER A 2 25.53 12.68 -12.95
C SER A 2 25.28 13.42 -11.62
N SER A 3 24.31 14.31 -11.63
CA SER A 3 23.86 15.14 -10.52
C SER A 3 22.33 15.17 -10.63
N GLY A 4 21.69 14.13 -10.11
CA GLY A 4 20.25 13.94 -10.11
C GLY A 4 19.68 14.01 -8.69
N GLU A 5 18.37 13.90 -8.57
CA GLU A 5 17.66 13.93 -7.28
C GLU A 5 16.52 12.92 -7.37
N GLY A 6 15.49 13.21 -8.17
CA GLY A 6 14.34 12.35 -8.38
C GLY A 6 13.37 12.42 -7.20
N GLN A 7 12.19 12.99 -7.40
CA GLN A 7 11.17 13.10 -6.36
C GLN A 7 10.18 11.93 -6.45
N LYS A 8 9.10 11.98 -5.65
CA LYS A 8 8.07 10.93 -5.60
C LYS A 8 7.49 10.65 -6.99
N ASP A 9 7.49 11.64 -7.88
CA ASP A 9 7.01 11.53 -9.25
C ASP A 9 7.90 10.50 -9.95
N LEU A 10 9.23 10.70 -9.89
CA LEU A 10 10.27 9.85 -10.47
C LEU A 10 10.10 8.43 -9.93
N LYS A 11 9.88 8.28 -8.62
CA LYS A 11 9.70 6.97 -7.99
C LYS A 11 8.55 6.22 -8.68
N LEU A 12 7.43 6.88 -8.99
CA LEU A 12 6.33 6.21 -9.66
C LEU A 12 6.63 5.99 -11.15
N GLY A 13 7.10 7.05 -11.82
CA GLY A 13 7.42 7.10 -13.23
C GLY A 13 8.40 6.02 -13.65
N GLU A 14 9.56 5.94 -13.00
CA GLU A 14 10.59 4.95 -13.31
C GLU A 14 10.01 3.54 -13.24
N LEU A 15 9.22 3.26 -12.21
CA LEU A 15 8.59 1.96 -11.99
C LEU A 15 7.64 1.62 -13.14
N LEU A 16 6.71 2.55 -13.45
CA LEU A 16 5.74 2.34 -14.53
C LEU A 16 6.50 2.12 -15.83
N LEU A 17 7.47 2.98 -16.14
CA LEU A 17 8.29 2.93 -17.34
C LEU A 17 9.10 1.64 -17.40
N GLN A 18 9.49 1.05 -16.26
CA GLN A 18 10.26 -0.19 -16.22
C GLN A 18 9.48 -1.30 -16.94
N LYS A 19 8.15 -1.32 -16.78
CA LYS A 19 7.25 -2.27 -17.41
C LYS A 19 6.50 -1.68 -18.60
N GLY A 20 6.57 -0.37 -18.80
CA GLY A 20 5.90 0.34 -19.88
C GLY A 20 4.39 0.31 -19.65
N TRP A 21 3.96 0.56 -18.41
CA TRP A 21 2.53 0.55 -18.05
C TRP A 21 1.78 1.74 -18.65
N ILE A 22 2.35 2.94 -18.55
CA ILE A 22 1.77 4.17 -19.08
C ILE A 22 2.75 4.76 -20.10
N SER A 23 2.39 5.89 -20.68
CA SER A 23 3.19 6.58 -21.69
C SER A 23 3.58 7.97 -21.19
N ARG A 24 4.64 8.55 -21.77
CA ARG A 24 5.15 9.86 -21.40
C ARG A 24 4.05 10.91 -21.39
N GLU A 25 3.22 10.97 -22.43
CA GLU A 25 2.15 11.94 -22.54
C GLU A 25 1.23 11.88 -21.31
N ALA A 26 0.82 10.68 -20.88
CA ALA A 26 -0.03 10.51 -19.72
C ALA A 26 0.64 11.04 -18.44
N LEU A 27 1.97 10.87 -18.32
CA LEU A 27 2.75 11.35 -17.18
C LEU A 27 2.76 12.89 -17.18
N GLU A 28 3.03 13.50 -18.34
CA GLU A 28 3.10 14.95 -18.52
C GLU A 28 1.75 15.61 -18.20
N GLU A 29 0.63 14.98 -18.55
CA GLU A 29 -0.70 15.54 -18.27
C GLU A 29 -0.88 15.74 -16.76
N ALA A 30 -0.44 14.74 -15.98
CA ALA A 30 -0.51 14.75 -14.53
C ALA A 30 0.55 15.70 -13.91
N LEU A 31 1.75 15.72 -14.47
CA LEU A 31 2.87 16.57 -14.01
C LEU A 31 2.46 18.04 -13.91
N VAL A 32 1.65 18.54 -14.84
CA VAL A 32 1.19 19.92 -14.84
C VAL A 32 0.34 20.20 -13.58
N GLU A 33 -0.49 19.25 -13.15
CA GLU A 33 -1.29 19.44 -11.94
C GLU A 33 -0.35 19.41 -10.74
N GLN A 34 0.67 18.54 -10.74
CA GLN A 34 1.61 18.48 -9.63
C GLN A 34 2.36 19.80 -9.50
N GLU A 35 2.63 20.49 -10.61
CA GLU A 35 3.35 21.74 -10.55
C GLU A 35 2.54 22.80 -9.78
N LYS A 36 1.21 22.79 -9.90
CA LYS A 36 0.34 23.73 -9.19
C LYS A 36 -0.12 23.25 -7.82
N THR A 37 -0.18 21.94 -7.56
CA THR A 37 -0.63 21.41 -6.28
C THR A 37 0.50 20.93 -5.35
N GLY A 38 1.52 20.29 -5.91
CA GLY A 38 2.65 19.73 -5.18
C GLY A 38 2.28 18.40 -4.53
N ASP A 39 1.10 17.84 -4.86
CA ASP A 39 0.63 16.58 -4.31
C ASP A 39 1.27 15.39 -5.03
N LEU A 40 1.00 14.18 -4.53
CA LEU A 40 1.52 12.92 -5.05
C LEU A 40 0.91 12.67 -6.43
N LEU A 41 1.74 12.74 -7.47
CA LEU A 41 1.36 12.54 -8.88
C LEU A 41 0.51 11.28 -9.10
N GLY A 42 0.70 10.24 -8.29
CA GLY A 42 -0.07 9.01 -8.40
C GLY A 42 -1.58 9.29 -8.43
N ARG A 43 -2.10 10.16 -7.55
CA ARG A 43 -3.54 10.45 -7.54
C ARG A 43 -3.96 11.17 -8.80
N ILE A 44 -3.11 12.06 -9.31
CA ILE A 44 -3.33 12.87 -10.49
C ILE A 44 -3.52 11.91 -11.68
N LEU A 45 -2.66 10.89 -11.81
CA LEU A 45 -2.76 9.91 -12.89
C LEU A 45 -4.11 9.21 -12.80
N VAL A 46 -4.47 8.71 -11.62
CA VAL A 46 -5.73 8.01 -11.39
C VAL A 46 -6.91 8.91 -11.78
N ARG A 47 -6.87 10.20 -11.41
CA ARG A 47 -7.90 11.20 -11.70
C ARG A 47 -8.01 11.47 -13.20
N LYS A 48 -7.02 11.08 -14.02
CA LYS A 48 -7.06 11.26 -15.47
C LYS A 48 -7.82 10.08 -16.12
N GLY A 49 -8.27 9.10 -15.32
CA GLY A 49 -9.02 7.91 -15.76
C GLY A 49 -8.24 6.60 -15.58
N LEU A 50 -7.03 6.67 -15.03
CA LEU A 50 -6.17 5.51 -14.81
C LEU A 50 -6.63 4.74 -13.56
N PRO A 51 -6.29 3.45 -13.44
CA PRO A 51 -6.65 2.59 -12.31
C PRO A 51 -5.90 2.97 -11.03
N GLU A 52 -6.60 2.98 -9.90
CA GLU A 52 -6.01 3.30 -8.60
C GLU A 52 -5.06 2.20 -8.15
N GLU A 53 -5.41 0.94 -8.42
CA GLU A 53 -4.62 -0.22 -8.04
C GLU A 53 -3.20 -0.16 -8.57
N ALA A 54 -3.01 0.37 -9.79
CA ALA A 54 -1.69 0.49 -10.40
C ALA A 54 -0.76 1.39 -9.55
N LEU A 55 -1.31 2.29 -8.73
CA LEU A 55 -0.51 3.15 -7.86
C LEU A 55 0.01 2.30 -6.70
N TYR A 56 -0.89 1.56 -6.06
CA TYR A 56 -0.58 0.68 -4.94
C TYR A 56 0.39 -0.42 -5.39
N ARG A 57 0.17 -1.01 -6.57
CA ARG A 57 1.04 -2.05 -7.12
C ARG A 57 2.48 -1.52 -7.23
N ALA A 58 2.66 -0.28 -7.71
CA ALA A 58 3.99 0.32 -7.85
C ALA A 58 4.62 0.55 -6.47
N LEU A 59 3.85 1.11 -5.54
CA LEU A 59 4.28 1.40 -4.18
C LEU A 59 4.83 0.12 -3.54
N ALA A 60 4.24 -1.04 -3.84
CA ALA A 60 4.60 -2.36 -3.37
C ALA A 60 6.04 -2.69 -3.81
N GLU A 61 6.41 -2.54 -5.07
CA GLU A 61 7.80 -2.85 -5.43
C GLU A 61 8.77 -1.80 -4.86
N GLN A 62 8.42 -0.51 -4.90
CA GLN A 62 9.24 0.60 -4.41
C GLN A 62 9.56 0.54 -2.90
N LYS A 63 8.81 -0.22 -2.11
CA LYS A 63 9.01 -0.40 -0.66
C LYS A 63 9.36 -1.84 -0.32
N GLY A 64 9.26 -2.74 -1.29
CA GLY A 64 9.59 -4.15 -1.12
C GLY A 64 8.56 -4.93 -0.31
N LEU A 65 7.29 -4.77 -0.67
CA LEU A 65 6.17 -5.46 -0.03
C LEU A 65 5.40 -6.08 -1.18
N GLU A 66 4.85 -7.27 -0.97
CA GLU A 66 4.11 -7.93 -2.04
C GLU A 66 2.70 -7.32 -2.10
N PHE A 67 2.24 -7.03 -3.33
CA PHE A 67 0.92 -6.45 -3.53
C PHE A 67 -0.14 -7.56 -3.39
N LEU A 68 -1.28 -7.22 -2.81
CA LEU A 68 -2.41 -8.11 -2.58
C LEU A 68 -3.51 -7.84 -3.60
N GLU A 69 -4.06 -8.90 -4.18
CA GLU A 69 -5.09 -8.83 -5.20
C GLU A 69 -6.42 -8.19 -4.77
N SER A 70 -7.02 -8.70 -3.69
CA SER A 70 -8.29 -8.30 -3.08
C SER A 70 -8.34 -8.92 -1.67
N THR A 71 -9.45 -8.78 -0.94
CA THR A 71 -9.60 -9.34 0.40
C THR A 71 -10.83 -10.23 0.56
N GLU A 72 -11.68 -10.30 -0.46
CA GLU A 72 -12.89 -11.11 -0.47
C GLU A 72 -12.54 -12.59 -0.29
N GLY A 73 -11.43 -13.06 -0.86
CA GLY A 73 -10.97 -14.44 -0.76
C GLY A 73 -9.99 -14.66 0.40
N ILE A 74 -10.21 -14.03 1.55
CA ILE A 74 -9.35 -14.17 2.73
C ILE A 74 -10.20 -14.63 3.92
N VAL A 75 -9.55 -15.34 4.85
CA VAL A 75 -10.17 -15.85 6.07
C VAL A 75 -9.21 -15.41 7.20
N PRO A 76 -9.47 -14.29 7.88
CA PRO A 76 -8.61 -13.80 8.95
C PRO A 76 -8.74 -14.66 10.22
N ASP A 77 -7.64 -15.25 10.65
CA ASP A 77 -7.56 -16.12 11.83
C ASP A 77 -7.77 -15.34 13.14
N PRO A 78 -8.28 -15.97 14.21
CA PRO A 78 -8.51 -15.31 15.50
C PRO A 78 -7.16 -15.10 16.20
N SER A 79 -6.25 -16.05 16.05
CA SER A 79 -4.92 -16.00 16.63
C SER A 79 -4.13 -14.82 16.07
N ALA A 80 -4.41 -14.46 14.82
CA ALA A 80 -3.78 -13.34 14.12
C ALA A 80 -4.13 -12.02 14.81
N ALA A 81 -5.37 -11.91 15.28
CA ALA A 81 -5.90 -10.74 15.97
C ALA A 81 -5.33 -10.60 17.39
N LEU A 82 -4.67 -11.63 17.95
CA LEU A 82 -4.09 -11.55 19.29
C LEU A 82 -2.83 -10.68 19.35
N LEU A 83 -2.17 -10.42 18.22
CA LEU A 83 -0.96 -9.60 18.13
C LEU A 83 -1.26 -8.19 17.63
N LEU A 84 -2.30 -8.03 16.81
CA LEU A 84 -2.69 -6.74 16.26
C LEU A 84 -4.17 -6.59 16.61
N LEU A 85 -4.53 -5.67 17.50
CA LEU A 85 -5.92 -5.45 17.89
C LEU A 85 -6.57 -4.44 16.95
N ARG A 86 -7.90 -4.31 16.97
CA ARG A 86 -8.59 -3.34 16.10
C ARG A 86 -8.18 -1.89 16.40
N SER A 87 -7.76 -1.62 17.63
CA SER A 87 -7.32 -0.30 18.04
C SER A 87 -5.99 0.01 17.35
N ASP A 88 -5.04 -0.91 17.45
CA ASP A 88 -3.72 -0.76 16.85
C ASP A 88 -3.79 -0.82 15.31
N ALA A 89 -4.73 -1.61 14.78
CA ALA A 89 -4.96 -1.79 13.37
C ALA A 89 -5.23 -0.47 12.67
N LEU A 90 -6.18 0.31 13.17
CA LEU A 90 -6.51 1.61 12.58
C LEU A 90 -5.43 2.64 12.87
N ARG A 91 -4.69 2.50 13.97
CA ARG A 91 -3.62 3.43 14.35
C ARG A 91 -2.45 3.36 13.36
N TYR A 92 -2.20 2.19 12.76
CA TYR A 92 -1.13 1.97 11.79
C TYR A 92 -1.60 1.48 10.42
N GLY A 93 -2.90 1.45 10.15
CA GLY A 93 -3.45 0.99 8.87
C GLY A 93 -2.96 -0.44 8.57
N ALA A 94 -3.08 -1.36 9.52
CA ALA A 94 -2.64 -2.75 9.40
C ALA A 94 -3.71 -3.74 9.87
N VAL A 95 -3.85 -4.91 9.23
CA VAL A 95 -4.80 -5.95 9.60
C VAL A 95 -4.10 -7.31 9.41
N PRO A 96 -3.98 -8.15 10.45
CA PRO A 96 -3.37 -9.45 10.38
C PRO A 96 -4.38 -10.42 9.76
N ILE A 97 -3.89 -11.45 9.07
CA ILE A 97 -4.76 -12.43 8.42
C ILE A 97 -4.42 -13.87 8.83
N GLY A 98 -3.23 -14.13 9.37
CA GLY A 98 -2.89 -15.50 9.80
C GLY A 98 -1.40 -15.78 9.86
N PHE A 99 -1.06 -16.89 10.53
CA PHE A 99 0.32 -17.34 10.71
C PHE A 99 0.72 -18.11 9.45
N GLN A 100 1.73 -17.63 8.72
CA GLN A 100 2.23 -18.25 7.49
C GLN A 100 3.76 -18.23 7.59
N ASN A 101 4.42 -19.33 7.19
CA ASN A 101 5.87 -19.49 7.19
C ASN A 101 6.57 -19.10 8.51
N GLY A 102 5.91 -19.28 9.66
CA GLY A 102 6.48 -18.97 10.97
C GLY A 102 6.37 -17.48 11.32
N GLU A 103 5.76 -16.65 10.48
CA GLU A 103 5.52 -15.22 10.61
C GLU A 103 4.01 -15.02 10.55
N VAL A 104 3.51 -13.79 10.77
CA VAL A 104 2.09 -13.50 10.71
C VAL A 104 1.90 -12.53 9.55
N GLU A 105 1.08 -12.88 8.56
CA GLU A 105 0.83 -12.04 7.42
C GLU A 105 -0.05 -10.87 7.89
N VAL A 106 0.39 -9.65 7.59
CA VAL A 106 -0.28 -8.41 7.92
C VAL A 106 -0.42 -7.65 6.61
N VAL A 107 -1.62 -7.18 6.33
CA VAL A 107 -1.97 -6.44 5.13
C VAL A 107 -2.12 -4.99 5.58
N LEU A 108 -1.50 -4.05 4.85
CA LEU A 108 -1.54 -2.63 5.17
C LEU A 108 -1.78 -1.83 3.91
N SER A 109 -2.69 -0.86 3.89
CA SER A 109 -2.88 -0.06 2.68
C SER A 109 -1.95 1.17 2.76
N ASP A 110 -1.50 1.52 3.97
CA ASP A 110 -0.61 2.64 4.25
C ASP A 110 0.67 2.13 4.95
N PRO A 111 1.54 1.37 4.25
CA PRO A 111 2.79 0.83 4.78
C PRO A 111 3.87 1.91 4.95
N ARG A 112 3.51 3.20 4.96
CA ARG A 112 4.46 4.30 5.14
C ARG A 112 5.24 4.07 6.45
N HIS A 113 4.54 3.59 7.47
CA HIS A 113 5.06 3.29 8.78
C HIS A 113 5.41 1.81 8.97
N LYS A 114 5.47 0.99 7.91
CA LYS A 114 5.80 -0.45 7.98
C LYS A 114 7.04 -0.67 8.84
N GLU A 115 8.14 0.03 8.53
CA GLU A 115 9.38 -0.11 9.27
C GLU A 115 9.23 0.28 10.75
N ALA A 116 8.38 1.27 11.07
CA ALA A 116 8.14 1.69 12.45
C ALA A 116 7.43 0.53 13.17
N VAL A 117 6.37 0.01 12.56
CA VAL A 117 5.55 -1.08 13.06
C VAL A 117 6.42 -2.32 13.27
N ALA A 118 7.31 -2.66 12.34
CA ALA A 118 8.20 -3.82 12.45
C ALA A 118 9.00 -3.76 13.76
N GLN A 119 9.49 -2.57 14.13
CA GLN A 119 10.25 -2.38 15.35
C GLN A 119 9.35 -2.48 16.57
N LEU A 120 8.21 -1.77 16.55
CA LEU A 120 7.24 -1.77 17.65
C LEU A 120 6.76 -3.17 17.98
N LEU A 121 6.50 -3.98 16.95
CA LEU A 121 6.04 -5.35 17.10
C LEU A 121 7.15 -6.19 17.73
N ASN A 122 8.40 -6.01 17.30
CA ASN A 122 9.58 -6.74 17.79
C ASN A 122 9.37 -8.27 17.83
N ARG A 123 8.52 -8.80 16.94
CA ARG A 123 8.17 -10.21 16.77
C ARG A 123 8.13 -10.50 15.27
N PRO A 124 8.26 -11.76 14.82
CA PRO A 124 8.26 -12.10 13.40
C PRO A 124 6.88 -11.91 12.78
N ALA A 125 6.75 -10.90 11.92
CA ALA A 125 5.56 -10.52 11.19
C ALA A 125 5.97 -10.26 9.74
N ARG A 126 5.04 -10.51 8.83
CA ARG A 126 5.18 -10.35 7.40
C ARG A 126 4.26 -9.21 7.01
N PHE A 127 4.58 -8.45 5.97
CA PHE A 127 3.79 -7.30 5.56
C PHE A 127 3.53 -7.32 4.06
N TYR A 128 2.30 -7.01 3.66
CA TYR A 128 1.81 -6.94 2.27
C TYR A 128 1.18 -5.57 2.02
N LEU A 129 0.91 -5.22 0.77
CA LEU A 129 0.31 -3.93 0.39
C LEU A 129 -0.98 -4.15 -0.37
N ALA A 130 -2.05 -3.50 0.05
CA ALA A 130 -3.36 -3.61 -0.57
C ALA A 130 -4.00 -2.23 -0.72
N LEU A 131 -5.11 -2.14 -1.44
CA LEU A 131 -5.83 -0.87 -1.62
C LEU A 131 -6.63 -0.60 -0.35
N PRO A 132 -6.91 0.68 -0.02
CA PRO A 132 -7.68 1.03 1.16
C PRO A 132 -9.12 0.52 1.03
N GLN A 133 -9.59 0.33 -0.21
CA GLN A 133 -10.92 -0.14 -0.51
C GLN A 133 -11.13 -1.54 0.05
N ALA A 134 -10.18 -2.45 -0.22
CA ALA A 134 -10.24 -3.82 0.25
C ALA A 134 -9.91 -3.88 1.74
N TRP A 135 -9.02 -2.99 2.21
CA TRP A 135 -8.60 -2.93 3.59
C TRP A 135 -9.77 -2.60 4.52
N GLU A 136 -10.64 -1.65 4.15
CA GLU A 136 -11.77 -1.28 4.98
C GLU A 136 -12.71 -2.47 5.19
N GLU A 137 -12.95 -3.25 4.14
CA GLU A 137 -13.81 -4.41 4.21
C GLU A 137 -13.15 -5.52 5.02
N LEU A 138 -11.83 -5.71 4.89
CA LEU A 138 -11.08 -6.74 5.60
C LEU A 138 -10.97 -6.43 7.08
N PHE A 139 -10.74 -5.17 7.45
CA PHE A 139 -10.65 -4.73 8.84
C PHE A 139 -11.88 -5.23 9.60
N ARG A 140 -13.06 -5.15 8.99
CA ARG A 140 -14.30 -5.60 9.62
C ARG A 140 -14.40 -7.13 9.67
N ARG A 141 -13.79 -7.86 8.74
CA ARG A 141 -13.82 -9.33 8.73
C ARG A 141 -12.88 -9.85 9.82
N ALA A 142 -11.71 -9.25 9.98
CA ALA A 142 -10.72 -9.63 10.98
C ALA A 142 -11.20 -9.23 12.38
N TYR A 143 -11.84 -8.06 12.48
CA TYR A 143 -12.35 -7.52 13.73
C TYR A 143 -13.86 -7.35 13.62
N PRO A 144 -14.64 -8.44 13.60
CA PRO A 144 -16.08 -8.34 13.52
C PRO A 144 -16.63 -7.98 14.89
N GLN A 145 -17.94 -7.81 14.94
CA GLN A 145 -18.70 -7.48 16.13
C GLN A 145 -19.96 -8.33 16.10
N LYS A 146 -20.44 -8.73 17.27
CA LYS A 146 -21.66 -9.50 17.36
C LYS A 146 -22.73 -8.44 17.22
N GLY A 1 15.24 15.60 9.52
CA GLY A 1 14.56 15.94 8.27
C GLY A 1 15.53 16.61 7.32
N SER A 2 16.31 15.81 6.59
CA SER A 2 17.30 16.31 5.63
C SER A 2 16.64 17.17 4.54
N SER A 3 17.42 17.96 3.81
CA SER A 3 16.93 18.81 2.73
C SER A 3 16.42 17.92 1.59
N GLY A 4 15.10 17.78 1.48
CA GLY A 4 14.40 17.01 0.47
C GLY A 4 13.47 17.94 -0.30
N GLU A 5 12.76 17.43 -1.30
CA GLU A 5 11.84 18.24 -2.10
C GLU A 5 10.61 17.40 -2.44
N GLY A 6 10.63 16.65 -3.55
CA GLY A 6 9.53 15.82 -3.99
C GLY A 6 9.96 14.49 -4.59
N GLN A 7 9.93 14.38 -5.93
CA GLN A 7 10.28 13.21 -6.74
C GLN A 7 9.28 12.04 -6.60
N LYS A 8 8.08 12.25 -6.04
CA LYS A 8 7.06 11.19 -5.87
C LYS A 8 6.52 10.75 -7.25
N ASP A 9 6.68 11.60 -8.24
CA ASP A 9 6.32 11.50 -9.64
C ASP A 9 7.32 10.59 -10.33
N LEU A 10 8.62 10.89 -10.18
CA LEU A 10 9.73 10.13 -10.75
C LEU A 10 9.58 8.66 -10.35
N LYS A 11 9.16 8.39 -9.12
CA LYS A 11 8.94 7.05 -8.59
C LYS A 11 7.96 6.26 -9.45
N LEU A 12 6.80 6.83 -9.79
CA LEU A 12 5.81 6.14 -10.62
C LEU A 12 6.31 6.08 -12.06
N GLY A 13 6.87 7.19 -12.57
CA GLY A 13 7.37 7.28 -13.94
C GLY A 13 8.36 6.16 -14.21
N GLU A 14 9.38 6.05 -13.38
CA GLU A 14 10.45 5.06 -13.48
C GLU A 14 9.91 3.63 -13.48
N LEU A 15 9.09 3.28 -12.49
CA LEU A 15 8.55 1.94 -12.37
C LEU A 15 7.69 1.57 -13.55
N LEU A 16 6.67 2.39 -13.83
CA LEU A 16 5.78 2.08 -14.93
C LEU A 16 6.49 2.09 -16.26
N LEU A 17 7.47 2.96 -16.48
CA LEU A 17 8.22 2.97 -17.75
C LEU A 17 8.97 1.65 -17.85
N GLN A 18 9.60 1.19 -16.76
CA GLN A 18 10.34 -0.06 -16.77
C GLN A 18 9.39 -1.21 -17.08
N LYS A 19 8.22 -1.22 -16.46
CA LYS A 19 7.19 -2.23 -16.66
C LYS A 19 6.49 -2.05 -18.02
N GLY A 20 6.65 -0.90 -18.68
CA GLY A 20 6.07 -0.58 -19.97
C GLY A 20 4.57 -0.32 -19.89
N TRP A 21 4.06 -0.06 -18.68
CA TRP A 21 2.65 0.17 -18.46
C TRP A 21 2.19 1.46 -19.14
N ILE A 22 2.79 2.59 -18.80
CA ILE A 22 2.46 3.90 -19.37
C ILE A 22 3.64 4.43 -20.15
N SER A 23 3.42 5.56 -20.83
CA SER A 23 4.40 6.23 -21.66
C SER A 23 4.68 7.64 -21.17
N ARG A 24 5.69 8.29 -21.76
CA ARG A 24 6.06 9.63 -21.35
C ARG A 24 4.92 10.62 -21.52
N GLU A 25 4.11 10.49 -22.56
CA GLU A 25 2.99 11.39 -22.78
C GLU A 25 2.02 11.36 -21.58
N ALA A 26 1.61 10.15 -21.17
CA ALA A 26 0.70 9.98 -20.04
C ALA A 26 1.26 10.59 -18.76
N LEU A 27 2.58 10.48 -18.55
CA LEU A 27 3.27 11.03 -17.38
C LEU A 27 3.28 12.55 -17.46
N GLU A 28 3.68 13.10 -18.61
CA GLU A 28 3.77 14.52 -18.89
C GLU A 28 2.41 15.20 -18.69
N GLU A 29 1.31 14.52 -19.06
CA GLU A 29 -0.03 15.05 -18.90
C GLU A 29 -0.34 15.25 -17.41
N ALA A 30 0.07 14.27 -16.59
CA ALA A 30 -0.14 14.29 -15.16
C ALA A 30 0.77 15.33 -14.51
N LEU A 31 2.02 15.42 -14.95
CA LEU A 31 3.04 16.36 -14.46
C LEU A 31 2.54 17.81 -14.52
N VAL A 32 1.75 18.18 -15.52
CA VAL A 32 1.21 19.54 -15.63
C VAL A 32 0.32 19.85 -14.42
N GLU A 33 -0.40 18.86 -13.91
CA GLU A 33 -1.26 18.99 -12.76
C GLU A 33 -0.41 19.04 -11.49
N GLN A 34 0.67 18.24 -11.43
CA GLN A 34 1.53 18.19 -10.26
C GLN A 34 2.18 19.52 -9.94
N GLU A 35 2.69 20.21 -10.94
CA GLU A 35 3.36 21.48 -10.71
C GLU A 35 2.42 22.52 -10.09
N LYS A 36 1.12 22.46 -10.40
CA LYS A 36 0.14 23.41 -9.87
C LYS A 36 -0.49 22.94 -8.56
N THR A 37 -0.82 21.66 -8.42
CA THR A 37 -1.46 21.15 -7.21
C THR A 37 -0.44 20.95 -6.08
N GLY A 38 0.75 20.46 -6.42
CA GLY A 38 1.83 20.18 -5.48
C GLY A 38 1.62 18.85 -4.77
N ASP A 39 0.55 18.09 -5.08
CA ASP A 39 0.21 16.78 -4.50
C ASP A 39 1.09 15.67 -5.10
N LEU A 40 0.74 14.40 -4.89
CA LEU A 40 1.45 13.21 -5.38
C LEU A 40 0.93 12.85 -6.78
N LEU A 41 1.80 12.73 -7.79
CA LEU A 41 1.44 12.39 -9.17
C LEU A 41 0.62 11.11 -9.32
N GLY A 42 0.81 10.12 -8.43
CA GLY A 42 0.09 8.86 -8.48
C GLY A 42 -1.42 9.05 -8.66
N ARG A 43 -2.05 9.93 -7.88
CA ARG A 43 -3.48 10.19 -8.00
C ARG A 43 -3.85 10.86 -9.32
N ILE A 44 -2.98 11.71 -9.88
CA ILE A 44 -3.23 12.42 -11.12
C ILE A 44 -3.41 11.42 -12.25
N LEU A 45 -2.57 10.39 -12.28
CA LEU A 45 -2.65 9.36 -13.31
C LEU A 45 -4.01 8.68 -13.21
N VAL A 46 -4.40 8.23 -12.02
CA VAL A 46 -5.69 7.57 -11.80
C VAL A 46 -6.81 8.54 -12.24
N ARG A 47 -6.72 9.83 -11.89
CA ARG A 47 -7.69 10.87 -12.24
C ARG A 47 -7.80 11.06 -13.76
N LYS A 48 -6.82 10.65 -14.56
CA LYS A 48 -6.88 10.76 -16.01
C LYS A 48 -7.73 9.60 -16.58
N GLY A 49 -8.19 8.66 -15.74
CA GLY A 49 -9.00 7.52 -16.12
C GLY A 49 -8.23 6.20 -16.03
N LEU A 50 -7.08 6.19 -15.34
CA LEU A 50 -6.24 5.01 -15.18
C LEU A 50 -6.72 4.18 -13.96
N PRO A 51 -6.39 2.89 -13.90
CA PRO A 51 -6.79 2.01 -12.81
C PRO A 51 -6.13 2.45 -11.50
N GLU A 52 -6.92 2.56 -10.42
CA GLU A 52 -6.35 2.97 -9.13
C GLU A 52 -5.47 1.85 -8.57
N GLU A 53 -5.79 0.60 -8.88
CA GLU A 53 -5.02 -0.56 -8.43
C GLU A 53 -3.58 -0.52 -8.94
N ALA A 54 -3.32 0.05 -10.12
CA ALA A 54 -1.99 0.13 -10.71
C ALA A 54 -1.00 0.86 -9.78
N LEU A 55 -1.47 1.87 -9.07
CA LEU A 55 -0.66 2.66 -8.15
C LEU A 55 -0.13 1.73 -7.06
N TYR A 56 -1.02 1.00 -6.41
CA TYR A 56 -0.70 0.06 -5.34
C TYR A 56 0.15 -1.08 -5.89
N ARG A 57 -0.29 -1.72 -6.99
CA ARG A 57 0.45 -2.82 -7.62
C ARG A 57 1.90 -2.44 -7.85
N ALA A 58 2.16 -1.23 -8.38
CA ALA A 58 3.50 -0.73 -8.66
C ALA A 58 4.28 -0.49 -7.37
N LEU A 59 3.70 0.24 -6.42
CA LEU A 59 4.29 0.58 -5.13
C LEU A 59 4.77 -0.66 -4.39
N ALA A 60 4.10 -1.81 -4.55
CA ALA A 60 4.49 -3.04 -3.88
C ALA A 60 5.91 -3.42 -4.23
N GLU A 61 6.23 -3.44 -5.53
CA GLU A 61 7.56 -3.80 -6.02
C GLU A 61 8.61 -2.86 -5.41
N GLN A 62 8.32 -1.56 -5.44
CA GLN A 62 9.21 -0.52 -4.93
C GLN A 62 9.60 -0.68 -3.46
N LYS A 63 8.83 -1.41 -2.66
CA LYS A 63 9.11 -1.63 -1.23
C LYS A 63 9.39 -3.10 -0.94
N GLY A 64 9.45 -3.96 -1.96
CA GLY A 64 9.71 -5.38 -1.79
C GLY A 64 8.54 -6.06 -1.09
N LEU A 65 7.35 -5.85 -1.63
CA LEU A 65 6.08 -6.38 -1.16
C LEU A 65 5.36 -6.95 -2.38
N GLU A 66 4.27 -7.67 -2.14
CA GLU A 66 3.48 -8.27 -3.19
C GLU A 66 2.05 -7.73 -3.05
N PHE A 67 1.38 -7.55 -4.19
CA PHE A 67 0.02 -7.04 -4.29
C PHE A 67 -0.99 -8.11 -3.91
N LEU A 68 -2.12 -7.64 -3.40
CA LEU A 68 -3.26 -8.44 -2.98
C LEU A 68 -4.45 -7.99 -3.81
N GLU A 69 -5.00 -8.90 -4.62
CA GLU A 69 -6.13 -8.68 -5.52
C GLU A 69 -7.30 -8.03 -4.79
N SER A 70 -7.69 -8.64 -3.68
CA SER A 70 -8.77 -8.19 -2.84
C SER A 70 -8.69 -8.87 -1.48
N THR A 71 -9.69 -8.63 -0.65
CA THR A 71 -9.80 -9.17 0.69
C THR A 71 -11.16 -9.86 0.92
N GLU A 72 -12.07 -9.74 -0.03
CA GLU A 72 -13.45 -10.24 -0.13
C GLU A 72 -13.69 -11.72 0.18
N GLY A 73 -12.65 -12.54 0.33
CA GLY A 73 -12.81 -13.96 0.61
C GLY A 73 -11.84 -14.50 1.66
N ILE A 74 -10.92 -13.70 2.19
CA ILE A 74 -9.96 -14.14 3.20
C ILE A 74 -10.73 -14.35 4.51
N VAL A 75 -10.27 -15.28 5.36
CA VAL A 75 -10.87 -15.58 6.65
C VAL A 75 -9.82 -15.18 7.70
N PRO A 76 -9.88 -13.98 8.30
CA PRO A 76 -8.91 -13.55 9.31
C PRO A 76 -9.06 -14.37 10.59
N ASP A 77 -8.03 -15.17 10.89
CA ASP A 77 -7.97 -16.01 12.08
C ASP A 77 -7.94 -15.15 13.36
N PRO A 78 -8.40 -15.66 14.50
CA PRO A 78 -8.43 -14.90 15.75
C PRO A 78 -7.05 -14.66 16.38
N SER A 79 -6.17 -15.66 16.44
CA SER A 79 -4.85 -15.51 17.05
C SER A 79 -3.99 -14.42 16.41
N ALA A 80 -4.25 -14.10 15.14
CA ALA A 80 -3.51 -13.06 14.42
C ALA A 80 -3.75 -11.70 15.06
N ALA A 81 -4.94 -11.50 15.63
CA ALA A 81 -5.31 -10.26 16.28
C ALA A 81 -4.60 -10.12 17.64
N LEU A 82 -4.01 -11.19 18.18
CA LEU A 82 -3.30 -11.18 19.47
C LEU A 82 -1.97 -10.41 19.36
N LEU A 83 -1.53 -10.05 18.16
CA LEU A 83 -0.29 -9.29 17.93
C LEU A 83 -0.61 -7.90 17.41
N LEU A 84 -1.70 -7.72 16.66
CA LEU A 84 -2.10 -6.42 16.13
C LEU A 84 -3.56 -6.19 16.55
N LEU A 85 -3.81 -5.23 17.46
CA LEU A 85 -5.16 -4.92 17.96
C LEU A 85 -5.89 -3.97 17.03
N ARG A 86 -7.20 -3.79 17.24
CA ARG A 86 -8.03 -2.90 16.42
C ARG A 86 -7.53 -1.46 16.40
N SER A 87 -7.10 -0.90 17.53
CA SER A 87 -6.59 0.47 17.56
C SER A 87 -5.21 0.51 16.90
N ASP A 88 -4.35 -0.45 17.24
CA ASP A 88 -2.97 -0.59 16.75
C ASP A 88 -2.95 -0.73 15.23
N ALA A 89 -3.97 -1.38 14.67
CA ALA A 89 -4.14 -1.60 13.25
C ALA A 89 -4.28 -0.28 12.52
N LEU A 90 -5.22 0.55 12.95
CA LEU A 90 -5.45 1.87 12.36
C LEU A 90 -4.25 2.78 12.57
N ARG A 91 -3.49 2.57 13.64
CA ARG A 91 -2.32 3.38 13.96
C ARG A 91 -1.26 3.28 12.86
N TYR A 92 -1.10 2.09 12.27
CA TYR A 92 -0.12 1.83 11.21
C TYR A 92 -0.72 1.34 9.89
N GLY A 93 -2.05 1.37 9.72
CA GLY A 93 -2.71 0.90 8.51
C GLY A 93 -2.33 -0.55 8.23
N ALA A 94 -2.26 -1.40 9.27
CA ALA A 94 -1.87 -2.81 9.16
C ALA A 94 -2.93 -3.73 9.74
N VAL A 95 -3.25 -4.82 9.05
CA VAL A 95 -4.25 -5.79 9.52
C VAL A 95 -3.69 -7.20 9.30
N PRO A 96 -3.50 -8.00 10.37
CA PRO A 96 -3.01 -9.37 10.28
C PRO A 96 -4.15 -10.24 9.76
N ILE A 97 -3.82 -11.37 9.13
CA ILE A 97 -4.81 -12.30 8.59
C ILE A 97 -4.66 -13.71 9.18
N GLY A 98 -3.52 -14.01 9.80
CA GLY A 98 -3.25 -15.30 10.42
C GLY A 98 -1.80 -15.71 10.24
N PHE A 99 -1.45 -16.80 10.90
CA PHE A 99 -0.14 -17.40 10.87
C PHE A 99 -0.07 -18.23 9.57
N GLN A 100 0.94 -18.04 8.75
CA GLN A 100 1.13 -18.76 7.50
C GLN A 100 2.64 -18.87 7.24
N ASN A 101 3.12 -20.01 6.74
CA ASN A 101 4.52 -20.30 6.40
C ASN A 101 5.57 -19.92 7.49
N GLY A 102 5.24 -19.97 8.78
CA GLY A 102 6.17 -19.65 9.86
C GLY A 102 6.23 -18.16 10.23
N GLU A 103 5.38 -17.30 9.67
CA GLU A 103 5.32 -15.87 9.93
C GLU A 103 3.82 -15.52 10.08
N VAL A 104 3.46 -14.28 10.44
CA VAL A 104 2.07 -13.84 10.53
C VAL A 104 1.89 -13.00 9.28
N GLU A 105 0.96 -13.36 8.41
CA GLU A 105 0.72 -12.59 7.21
C GLU A 105 -0.05 -11.33 7.63
N VAL A 106 0.40 -10.18 7.14
CA VAL A 106 -0.16 -8.88 7.40
C VAL A 106 -0.38 -8.18 6.06
N VAL A 107 -1.49 -7.47 5.98
CA VAL A 107 -1.92 -6.71 4.83
C VAL A 107 -1.84 -5.26 5.30
N LEU A 108 -1.05 -4.42 4.62
CA LEU A 108 -0.91 -3.01 4.98
C LEU A 108 -1.25 -2.17 3.77
N SER A 109 -2.17 -1.22 3.91
CA SER A 109 -2.57 -0.34 2.82
C SER A 109 -1.56 0.80 2.63
N ASP A 110 -0.85 1.18 3.71
CA ASP A 110 0.14 2.25 3.70
C ASP A 110 1.48 1.72 4.24
N PRO A 111 2.27 1.06 3.38
CA PRO A 111 3.56 0.51 3.77
C PRO A 111 4.64 1.57 3.91
N ARG A 112 4.33 2.88 3.83
CA ARG A 112 5.38 3.89 4.00
C ARG A 112 6.04 3.72 5.38
N HIS A 113 5.29 3.22 6.37
CA HIS A 113 5.77 2.95 7.72
C HIS A 113 6.03 1.46 7.94
N LYS A 114 5.97 0.59 6.91
CA LYS A 114 6.21 -0.86 6.99
C LYS A 114 7.50 -1.12 7.75
N GLU A 115 8.58 -0.43 7.37
CA GLU A 115 9.88 -0.58 8.02
C GLU A 115 9.85 -0.17 9.50
N ALA A 116 9.13 0.92 9.85
CA ALA A 116 9.01 1.39 11.23
C ALA A 116 8.28 0.32 12.05
N VAL A 117 7.20 -0.22 11.49
CA VAL A 117 6.35 -1.25 12.07
C VAL A 117 7.18 -2.51 12.25
N ALA A 118 7.94 -2.93 11.23
CA ALA A 118 8.77 -4.12 11.29
C ALA A 118 9.73 -4.03 12.48
N GLN A 119 10.35 -2.85 12.68
CA GLN A 119 11.27 -2.59 13.77
C GLN A 119 10.55 -2.60 15.12
N LEU A 120 9.43 -1.88 15.22
CA LEU A 120 8.64 -1.79 16.45
C LEU A 120 8.15 -3.15 16.91
N LEU A 121 7.56 -3.90 15.98
CA LEU A 121 7.05 -5.24 16.23
C LEU A 121 8.19 -6.19 16.58
N ASN A 122 9.33 -6.06 15.92
CA ASN A 122 10.53 -6.90 16.11
C ASN A 122 10.19 -8.39 16.16
N ARG A 123 9.23 -8.85 15.32
CA ARG A 123 8.77 -10.24 15.26
C ARG A 123 8.72 -10.72 13.79
N PRO A 124 8.61 -12.04 13.52
CA PRO A 124 8.54 -12.58 12.18
C PRO A 124 7.13 -12.40 11.63
N ALA A 125 6.99 -11.56 10.61
CA ALA A 125 5.72 -11.28 9.94
C ALA A 125 5.99 -11.14 8.44
N ARG A 126 4.95 -11.40 7.65
CA ARG A 126 4.93 -11.32 6.20
C ARG A 126 4.14 -10.05 5.92
N PHE A 127 4.50 -9.29 4.90
CA PHE A 127 3.84 -8.02 4.58
C PHE A 127 3.40 -8.00 3.12
N TYR A 128 2.12 -7.66 2.89
CA TYR A 128 1.51 -7.57 1.57
C TYR A 128 0.85 -6.20 1.44
N LEU A 129 0.52 -5.78 0.22
CA LEU A 129 -0.11 -4.49 -0.08
C LEU A 129 -1.48 -4.71 -0.71
N ALA A 130 -2.44 -3.86 -0.38
CA ALA A 130 -3.81 -3.91 -0.88
C ALA A 130 -4.32 -2.49 -1.05
N LEU A 131 -5.40 -2.32 -1.81
CA LEU A 131 -6.04 -1.04 -2.05
C LEU A 131 -6.70 -0.55 -0.76
N PRO A 132 -6.96 0.77 -0.64
CA PRO A 132 -7.59 1.32 0.56
C PRO A 132 -9.00 0.79 0.78
N GLN A 133 -9.73 0.50 -0.31
CA GLN A 133 -11.10 0.00 -0.29
C GLN A 133 -11.15 -1.40 0.33
N ALA A 134 -10.26 -2.30 -0.14
CA ALA A 134 -10.18 -3.67 0.36
C ALA A 134 -9.73 -3.68 1.82
N TRP A 135 -8.81 -2.77 2.20
CA TRP A 135 -8.32 -2.68 3.56
C TRP A 135 -9.44 -2.26 4.51
N GLU A 136 -10.34 -1.36 4.11
CA GLU A 136 -11.46 -0.89 4.95
C GLU A 136 -12.30 -2.10 5.35
N GLU A 137 -12.71 -2.90 4.37
CA GLU A 137 -13.53 -4.08 4.61
C GLU A 137 -12.76 -5.06 5.51
N LEU A 138 -11.54 -5.42 5.13
CA LEU A 138 -10.72 -6.37 5.88
C LEU A 138 -10.50 -5.95 7.32
N PHE A 139 -10.25 -4.67 7.58
CA PHE A 139 -10.07 -4.16 8.93
C PHE A 139 -11.28 -4.57 9.78
N ARG A 140 -12.49 -4.41 9.26
CA ARG A 140 -13.70 -4.79 10.00
C ARG A 140 -13.80 -6.31 10.12
N ARG A 141 -13.40 -7.07 9.09
CA ARG A 141 -13.46 -8.54 9.14
C ARG A 141 -12.53 -9.02 10.27
N ALA A 142 -11.34 -8.44 10.39
CA ALA A 142 -10.35 -8.78 11.41
C ALA A 142 -10.80 -8.34 12.80
N TYR A 143 -11.40 -7.16 12.89
CA TYR A 143 -11.87 -6.56 14.11
C TYR A 143 -13.40 -6.44 14.10
N PRO A 144 -14.12 -7.54 14.38
CA PRO A 144 -15.57 -7.55 14.40
C PRO A 144 -16.10 -6.59 15.47
N GLN A 145 -17.33 -6.13 15.28
CA GLN A 145 -18.02 -5.21 16.17
C GLN A 145 -19.06 -5.99 16.96
N LYS A 146 -19.03 -5.87 18.30
CA LYS A 146 -20.01 -6.56 19.13
C LYS A 146 -21.37 -5.98 18.79
N GLY A 1 17.82 29.04 -13.17
CA GLY A 1 18.10 28.15 -14.31
C GLY A 1 18.35 26.77 -13.75
N SER A 2 17.90 25.71 -14.43
CA SER A 2 18.05 24.33 -13.95
C SER A 2 17.09 24.24 -12.77
N SER A 3 15.82 24.05 -13.09
CA SER A 3 14.72 23.95 -12.14
C SER A 3 13.77 22.84 -12.59
N GLY A 4 12.76 22.53 -11.78
CA GLY A 4 11.79 21.49 -12.06
C GLY A 4 12.05 20.38 -11.05
N GLU A 5 11.46 20.51 -9.87
CA GLU A 5 11.61 19.54 -8.79
C GLU A 5 11.06 18.17 -9.20
N GLY A 6 11.63 17.11 -8.64
CA GLY A 6 11.22 15.75 -8.91
C GLY A 6 11.92 14.81 -7.94
N GLN A 7 11.16 14.23 -7.02
CA GLN A 7 11.61 13.31 -5.98
C GLN A 7 10.64 12.15 -5.79
N LYS A 8 9.37 12.32 -6.18
CA LYS A 8 8.31 11.32 -6.07
C LYS A 8 7.97 10.77 -7.45
N ASP A 9 8.27 11.52 -8.51
CA ASP A 9 8.01 11.18 -9.90
C ASP A 9 8.96 10.06 -10.36
N LEU A 10 10.27 10.26 -10.23
CA LEU A 10 11.32 9.32 -10.63
C LEU A 10 11.15 7.91 -10.10
N LYS A 11 10.81 7.78 -8.82
CA LYS A 11 10.61 6.48 -8.18
C LYS A 11 9.46 5.74 -8.86
N LEU A 12 8.39 6.46 -9.19
CA LEU A 12 7.23 5.86 -9.83
C LEU A 12 7.55 5.55 -11.29
N GLY A 13 8.20 6.50 -11.97
CA GLY A 13 8.60 6.43 -13.35
C GLY A 13 9.52 5.25 -13.63
N GLU A 14 10.56 5.05 -12.83
CA GLU A 14 11.52 3.95 -13.00
C GLU A 14 10.80 2.60 -13.06
N LEU A 15 9.87 2.38 -12.14
CA LEU A 15 9.07 1.16 -12.02
C LEU A 15 8.12 1.02 -13.21
N LEU A 16 7.36 2.08 -13.52
CA LEU A 16 6.40 2.03 -14.62
C LEU A 16 7.09 1.82 -15.96
N LEU A 17 8.21 2.51 -16.21
CA LEU A 17 8.99 2.40 -17.44
C LEU A 17 9.55 0.99 -17.57
N GLN A 18 9.94 0.37 -16.44
CA GLN A 18 10.49 -0.97 -16.43
C GLN A 18 9.55 -1.96 -17.11
N LYS A 19 8.24 -1.82 -16.89
CA LYS A 19 7.21 -2.68 -17.48
C LYS A 19 6.51 -2.03 -18.67
N GLY A 20 6.73 -0.74 -18.89
CA GLY A 20 6.13 0.03 -19.97
C GLY A 20 4.65 0.28 -19.72
N TRP A 21 4.28 0.52 -18.46
CA TRP A 21 2.89 0.76 -18.09
C TRP A 21 2.37 2.08 -18.65
N ILE A 22 3.11 3.20 -18.50
CA ILE A 22 2.65 4.50 -19.01
C ILE A 22 3.67 5.15 -19.94
N SER A 23 3.25 6.22 -20.59
CA SER A 23 4.07 6.96 -21.54
C SER A 23 4.40 8.34 -20.96
N ARG A 24 5.51 8.92 -21.40
CA ARG A 24 6.02 10.25 -20.98
C ARG A 24 4.95 11.36 -21.11
N GLU A 25 4.00 11.20 -22.03
CA GLU A 25 2.91 12.14 -22.27
C GLU A 25 1.94 12.10 -21.09
N ALA A 26 1.54 10.90 -20.68
CA ALA A 26 0.63 10.73 -19.55
C ALA A 26 1.32 11.29 -18.29
N LEU A 27 2.63 11.05 -18.20
CA LEU A 27 3.45 11.51 -17.10
C LEU A 27 3.40 13.04 -17.00
N GLU A 28 3.69 13.75 -18.09
CA GLU A 28 3.69 15.22 -18.12
C GLU A 28 2.29 15.78 -17.87
N GLU A 29 1.22 15.09 -18.29
CA GLU A 29 -0.13 15.58 -18.05
C GLU A 29 -0.33 15.68 -16.54
N ALA A 30 0.15 14.67 -15.81
CA ALA A 30 0.04 14.62 -14.37
C ALA A 30 1.07 15.51 -13.66
N LEU A 31 2.32 15.55 -14.13
CA LEU A 31 3.40 16.33 -13.56
C LEU A 31 3.05 17.81 -13.45
N VAL A 32 2.32 18.34 -14.43
CA VAL A 32 1.90 19.73 -14.44
C VAL A 32 1.11 20.05 -13.17
N GLU A 33 0.26 19.13 -12.70
CA GLU A 33 -0.52 19.31 -11.49
C GLU A 33 0.40 19.13 -10.28
N GLN A 34 1.26 18.10 -10.28
CA GLN A 34 2.16 17.83 -9.16
C GLN A 34 3.12 19.00 -8.90
N GLU A 35 3.59 19.67 -9.93
CA GLU A 35 4.53 20.78 -9.84
C GLU A 35 3.88 21.98 -9.13
N LYS A 36 2.55 22.04 -9.06
CA LYS A 36 1.81 23.11 -8.38
C LYS A 36 1.21 22.65 -7.06
N THR A 37 0.66 21.44 -6.96
CA THR A 37 0.04 20.95 -5.74
C THR A 37 1.05 20.30 -4.77
N GLY A 38 2.15 19.77 -5.30
CA GLY A 38 3.17 19.10 -4.52
C GLY A 38 2.66 17.75 -3.99
N ASP A 39 1.58 17.21 -4.57
CA ASP A 39 0.99 15.93 -4.17
C ASP A 39 1.65 14.74 -4.88
N LEU A 40 1.14 13.53 -4.64
CA LEU A 40 1.65 12.31 -5.22
C LEU A 40 1.12 12.18 -6.66
N LEU A 41 2.06 12.19 -7.62
CA LEU A 41 1.82 12.10 -9.07
C LEU A 41 0.87 10.96 -9.42
N GLY A 42 1.00 9.82 -8.73
CA GLY A 42 0.17 8.66 -8.95
C GLY A 42 -1.32 9.00 -8.85
N ARG A 43 -1.74 9.84 -7.88
CA ARG A 43 -3.15 10.20 -7.74
C ARG A 43 -3.61 11.01 -8.96
N ILE A 44 -2.76 11.92 -9.45
CA ILE A 44 -3.04 12.77 -10.60
C ILE A 44 -3.21 11.86 -11.83
N LEU A 45 -2.41 10.80 -11.95
CA LEU A 45 -2.49 9.86 -13.05
C LEU A 45 -3.81 9.09 -12.95
N VAL A 46 -4.15 8.55 -11.77
CA VAL A 46 -5.39 7.80 -11.55
C VAL A 46 -6.62 8.70 -11.86
N ARG A 47 -6.64 9.97 -11.43
CA ARG A 47 -7.79 10.85 -11.73
C ARG A 47 -7.88 11.11 -13.24
N LYS A 48 -6.78 10.94 -14.00
CA LYS A 48 -6.79 11.11 -15.45
C LYS A 48 -7.42 9.88 -16.12
N GLY A 49 -7.88 8.90 -15.34
CA GLY A 49 -8.56 7.67 -15.75
C GLY A 49 -7.78 6.38 -15.52
N LEU A 50 -6.54 6.43 -15.05
CA LEU A 50 -5.73 5.24 -14.84
C LEU A 50 -6.24 4.30 -13.73
N PRO A 51 -5.84 3.02 -13.78
CA PRO A 51 -6.22 2.01 -12.81
C PRO A 51 -5.57 2.40 -11.48
N GLU A 52 -6.38 2.48 -10.43
CA GLU A 52 -5.87 2.88 -9.12
C GLU A 52 -4.87 1.88 -8.55
N GLU A 53 -5.08 0.61 -8.87
CA GLU A 53 -4.25 -0.49 -8.42
C GLU A 53 -2.81 -0.36 -8.90
N ALA A 54 -2.57 0.16 -10.11
CA ALA A 54 -1.24 0.29 -10.67
C ALA A 54 -0.31 1.13 -9.77
N LEU A 55 -0.82 2.19 -9.16
CA LEU A 55 -0.01 3.03 -8.28
C LEU A 55 0.50 2.18 -7.12
N TYR A 56 -0.41 1.48 -6.46
CA TYR A 56 -0.05 0.65 -5.33
C TYR A 56 0.81 -0.54 -5.75
N ARG A 57 0.51 -1.20 -6.88
CA ARG A 57 1.28 -2.32 -7.39
C ARG A 57 2.74 -1.90 -7.54
N ALA A 58 3.02 -0.65 -7.97
CA ALA A 58 4.38 -0.16 -8.08
C ALA A 58 4.95 0.01 -6.67
N LEU A 59 4.21 0.68 -5.78
CA LEU A 59 4.58 0.92 -4.38
C LEU A 59 4.93 -0.38 -3.64
N ALA A 60 4.37 -1.53 -4.02
CA ALA A 60 4.66 -2.82 -3.41
C ALA A 60 6.11 -3.18 -3.67
N GLU A 61 6.53 -3.10 -4.93
CA GLU A 61 7.87 -3.40 -5.40
C GLU A 61 8.90 -2.49 -4.73
N GLN A 62 8.60 -1.19 -4.58
CA GLN A 62 9.51 -0.23 -3.94
C GLN A 62 9.81 -0.57 -2.48
N LYS A 63 8.96 -1.38 -1.84
CA LYS A 63 9.14 -1.80 -0.45
C LYS A 63 9.58 -3.26 -0.38
N GLY A 64 9.60 -3.97 -1.51
CA GLY A 64 10.01 -5.37 -1.55
C GLY A 64 8.92 -6.24 -0.94
N LEU A 65 7.65 -5.88 -1.17
CA LEU A 65 6.46 -6.56 -0.67
C LEU A 65 5.69 -7.14 -1.85
N GLU A 66 4.80 -8.10 -1.62
CA GLU A 66 3.99 -8.74 -2.65
C GLU A 66 2.58 -8.18 -2.57
N PHE A 67 2.00 -7.86 -3.73
CA PHE A 67 0.67 -7.29 -3.84
C PHE A 67 -0.39 -8.39 -3.63
N LEU A 68 -1.57 -7.97 -3.17
CA LEU A 68 -2.71 -8.83 -2.89
C LEU A 68 -3.82 -8.49 -3.89
N GLU A 69 -4.35 -9.49 -4.60
CA GLU A 69 -5.39 -9.33 -5.60
C GLU A 69 -6.69 -8.78 -5.01
N SER A 70 -7.24 -9.39 -3.96
CA SER A 70 -8.48 -8.95 -3.33
C SER A 70 -8.61 -9.49 -1.90
N THR A 71 -9.65 -9.07 -1.19
CA THR A 71 -9.96 -9.48 0.18
C THR A 71 -11.33 -10.17 0.31
N GLU A 72 -12.13 -10.20 -0.76
CA GLU A 72 -13.47 -10.77 -0.86
C GLU A 72 -13.66 -12.18 -0.30
N GLY A 73 -12.61 -13.01 -0.25
CA GLY A 73 -12.71 -14.38 0.26
C GLY A 73 -11.82 -14.70 1.46
N ILE A 74 -11.15 -13.71 2.07
CA ILE A 74 -10.27 -13.96 3.20
C ILE A 74 -11.10 -14.17 4.47
N VAL A 75 -10.65 -15.07 5.33
CA VAL A 75 -11.28 -15.38 6.60
C VAL A 75 -10.16 -15.09 7.62
N PRO A 76 -10.14 -13.90 8.25
CA PRO A 76 -9.13 -13.53 9.22
C PRO A 76 -9.29 -14.40 10.46
N ASP A 77 -8.28 -15.23 10.78
CA ASP A 77 -8.34 -16.11 11.95
C ASP A 77 -8.45 -15.32 13.25
N PRO A 78 -9.27 -15.72 14.24
CA PRO A 78 -9.42 -15.01 15.52
C PRO A 78 -8.09 -14.88 16.26
N SER A 79 -7.27 -15.95 16.29
CA SER A 79 -5.98 -15.90 16.97
C SER A 79 -5.05 -14.84 16.37
N ALA A 80 -5.25 -14.47 15.10
CA ALA A 80 -4.46 -13.46 14.41
C ALA A 80 -4.73 -12.07 15.01
N ALA A 81 -5.94 -11.81 15.50
CA ALA A 81 -6.31 -10.52 16.08
C ALA A 81 -5.72 -10.34 17.49
N LEU A 82 -5.24 -11.41 18.13
CA LEU A 82 -4.67 -11.34 19.48
C LEU A 82 -3.36 -10.54 19.53
N LEU A 83 -2.70 -10.34 18.39
CA LEU A 83 -1.45 -9.59 18.31
C LEU A 83 -1.72 -8.18 17.80
N LEU A 84 -2.73 -7.96 16.95
CA LEU A 84 -3.03 -6.63 16.44
C LEU A 84 -4.52 -6.42 16.65
N LEU A 85 -4.85 -5.53 17.57
CA LEU A 85 -6.21 -5.18 17.98
C LEU A 85 -6.85 -4.17 17.04
N ARG A 86 -8.18 -4.07 17.09
CA ARG A 86 -8.99 -3.17 16.27
C ARG A 86 -8.60 -1.70 16.39
N SER A 87 -8.10 -1.29 17.55
CA SER A 87 -7.65 0.05 17.85
C SER A 87 -6.31 0.31 17.16
N ASP A 88 -5.36 -0.60 17.35
CA ASP A 88 -4.01 -0.49 16.78
C ASP A 88 -4.02 -0.64 15.27
N ALA A 89 -4.97 -1.42 14.72
CA ALA A 89 -5.12 -1.65 13.29
C ALA A 89 -5.29 -0.32 12.57
N LEU A 90 -6.04 0.62 13.14
CA LEU A 90 -6.21 1.93 12.51
C LEU A 90 -4.94 2.75 12.69
N ARG A 91 -4.31 2.63 13.85
CA ARG A 91 -3.10 3.34 14.25
C ARG A 91 -1.97 3.19 13.23
N TYR A 92 -1.70 1.98 12.75
CA TYR A 92 -0.65 1.68 11.76
C TYR A 92 -1.19 1.05 10.46
N GLY A 93 -2.50 1.14 10.20
CA GLY A 93 -3.13 0.61 8.99
C GLY A 93 -2.84 -0.85 8.68
N ALA A 94 -2.77 -1.74 9.69
CA ALA A 94 -2.48 -3.15 9.51
C ALA A 94 -3.60 -4.06 10.00
N VAL A 95 -3.86 -5.15 9.28
CA VAL A 95 -4.89 -6.12 9.64
C VAL A 95 -4.30 -7.52 9.45
N PRO A 96 -4.10 -8.31 10.52
CA PRO A 96 -3.58 -9.67 10.46
C PRO A 96 -4.69 -10.56 9.93
N ILE A 97 -4.32 -11.64 9.23
CA ILE A 97 -5.26 -12.58 8.63
C ILE A 97 -5.04 -14.02 9.09
N GLY A 98 -3.88 -14.37 9.65
CA GLY A 98 -3.66 -15.75 10.07
C GLY A 98 -2.19 -16.07 10.28
N PHE A 99 -1.88 -17.31 10.69
CA PHE A 99 -0.52 -17.78 10.95
C PHE A 99 -0.10 -18.75 9.85
N GLN A 100 1.03 -18.49 9.18
CA GLN A 100 1.59 -19.35 8.14
C GLN A 100 3.10 -19.26 8.25
N ASN A 101 3.81 -20.39 8.13
CA ASN A 101 5.28 -20.46 8.21
C ASN A 101 5.81 -19.81 9.50
N GLY A 102 5.03 -19.87 10.60
CA GLY A 102 5.41 -19.30 11.89
C GLY A 102 5.40 -17.76 11.89
N GLU A 103 4.92 -17.12 10.82
CA GLU A 103 4.86 -15.69 10.63
C GLU A 103 3.38 -15.32 10.53
N VAL A 104 2.90 -14.38 11.35
CA VAL A 104 1.50 -13.97 11.26
C VAL A 104 1.42 -13.13 9.99
N GLU A 105 0.58 -13.52 9.04
CA GLU A 105 0.39 -12.80 7.80
C GLU A 105 -0.46 -11.58 8.11
N VAL A 106 -0.02 -10.42 7.61
CA VAL A 106 -0.63 -9.13 7.79
C VAL A 106 -0.69 -8.46 6.42
N VAL A 107 -1.72 -7.64 6.23
CA VAL A 107 -1.95 -6.89 5.01
C VAL A 107 -2.10 -5.44 5.48
N LEU A 108 -1.49 -4.52 4.75
CA LEU A 108 -1.52 -3.10 5.06
C LEU A 108 -1.79 -2.32 3.80
N SER A 109 -2.47 -1.19 3.97
CA SER A 109 -2.80 -0.29 2.87
C SER A 109 -1.74 0.81 2.71
N ASP A 110 -0.89 1.04 3.73
CA ASP A 110 0.15 2.08 3.69
C ASP A 110 1.48 1.57 4.29
N PRO A 111 2.39 1.02 3.49
CA PRO A 111 3.68 0.52 3.98
C PRO A 111 4.67 1.62 4.39
N ARG A 112 4.27 2.90 4.39
CA ARG A 112 5.10 4.06 4.74
C ARG A 112 5.76 3.93 6.12
N HIS A 113 5.13 3.22 7.05
CA HIS A 113 5.62 2.98 8.42
C HIS A 113 6.07 1.53 8.62
N LYS A 114 6.26 0.74 7.56
CA LYS A 114 6.68 -0.67 7.62
C LYS A 114 7.91 -0.86 8.51
N GLU A 115 8.99 -0.11 8.26
CA GLU A 115 10.23 -0.21 9.04
C GLU A 115 10.00 0.08 10.53
N ALA A 116 9.10 1.02 10.85
CA ALA A 116 8.78 1.40 12.21
C ALA A 116 8.09 0.22 12.89
N VAL A 117 7.02 -0.28 12.24
CA VAL A 117 6.19 -1.39 12.68
C VAL A 117 7.05 -2.64 12.90
N ALA A 118 7.94 -2.96 11.96
CA ALA A 118 8.81 -4.12 12.06
C ALA A 118 9.61 -4.08 13.38
N GLN A 119 10.19 -2.93 13.73
CA GLN A 119 10.94 -2.81 14.97
C GLN A 119 10.03 -2.84 16.17
N LEU A 120 8.95 -2.06 16.14
CA LEU A 120 7.97 -1.93 17.21
C LEU A 120 7.39 -3.29 17.64
N LEU A 121 7.06 -4.12 16.66
CA LEU A 121 6.50 -5.45 16.87
C LEU A 121 7.54 -6.41 17.43
N ASN A 122 8.75 -6.43 16.86
CA ASN A 122 9.85 -7.31 17.28
C ASN A 122 9.44 -8.81 17.34
N ARG A 123 8.60 -9.27 16.41
CA ARG A 123 8.12 -10.67 16.33
C ARG A 123 7.95 -11.07 14.85
N PRO A 124 7.92 -12.36 14.48
CA PRO A 124 7.79 -12.78 13.09
C PRO A 124 6.39 -12.52 12.54
N ALA A 125 6.31 -11.69 11.50
CA ALA A 125 5.09 -11.35 10.82
C ALA A 125 5.42 -11.16 9.34
N ARG A 126 4.48 -11.52 8.48
CA ARG A 126 4.58 -11.40 7.03
C ARG A 126 3.77 -10.16 6.70
N PHE A 127 4.19 -9.36 5.73
CA PHE A 127 3.43 -8.16 5.37
C PHE A 127 3.19 -8.16 3.86
N TYR A 128 2.00 -7.75 3.42
CA TYR A 128 1.58 -7.66 2.02
C TYR A 128 0.95 -6.28 1.79
N LEU A 129 0.67 -5.93 0.54
CA LEU A 129 0.07 -4.64 0.17
C LEU A 129 -1.28 -4.86 -0.54
N ALA A 130 -2.34 -4.19 -0.09
CA ALA A 130 -3.68 -4.26 -0.68
C ALA A 130 -4.29 -2.85 -0.67
N LEU A 131 -5.19 -2.55 -1.61
CA LEU A 131 -5.81 -1.23 -1.75
C LEU A 131 -6.57 -0.81 -0.49
N PRO A 132 -6.75 0.50 -0.24
CA PRO A 132 -7.46 0.97 0.93
C PRO A 132 -8.90 0.47 0.97
N GLN A 133 -9.55 0.25 -0.18
CA GLN A 133 -10.91 -0.26 -0.23
C GLN A 133 -10.92 -1.72 0.26
N ALA A 134 -9.96 -2.53 -0.20
CA ALA A 134 -9.83 -3.93 0.20
C ALA A 134 -9.54 -4.01 1.70
N TRP A 135 -8.77 -3.05 2.22
CA TRP A 135 -8.41 -2.92 3.63
C TRP A 135 -9.62 -2.53 4.48
N GLU A 136 -10.42 -1.58 4.02
CA GLU A 136 -11.61 -1.08 4.70
C GLU A 136 -12.54 -2.25 5.01
N GLU A 137 -12.67 -3.17 4.06
CA GLU A 137 -13.49 -4.38 4.13
C GLU A 137 -12.85 -5.38 5.12
N LEU A 138 -11.56 -5.69 4.94
CA LEU A 138 -10.88 -6.64 5.82
C LEU A 138 -10.98 -6.16 7.27
N PHE A 139 -10.85 -4.87 7.53
CA PHE A 139 -10.96 -4.32 8.88
C PHE A 139 -12.29 -4.76 9.53
N ARG A 140 -13.43 -4.71 8.82
CA ARG A 140 -14.73 -5.14 9.37
C ARG A 140 -14.75 -6.66 9.55
N ARG A 141 -14.07 -7.40 8.69
CA ARG A 141 -14.00 -8.85 8.73
C ARG A 141 -13.14 -9.35 9.90
N ALA A 142 -12.03 -8.68 10.18
CA ALA A 142 -11.10 -9.00 11.26
C ALA A 142 -11.59 -8.51 12.61
N TYR A 143 -12.29 -7.37 12.64
CA TYR A 143 -12.80 -6.77 13.87
C TYR A 143 -14.30 -6.49 13.77
N PRO A 144 -15.13 -7.54 13.65
CA PRO A 144 -16.57 -7.39 13.53
C PRO A 144 -17.19 -6.93 14.84
N GLN A 145 -18.38 -6.33 14.73
CA GLN A 145 -19.14 -5.83 15.86
C GLN A 145 -19.96 -6.97 16.48
N LYS A 146 -20.27 -6.83 17.77
CA LYS A 146 -21.08 -7.81 18.49
C LYS A 146 -22.52 -7.41 18.26
N GLY A 1 9.72 24.26 -26.36
CA GLY A 1 10.69 24.19 -25.25
C GLY A 1 9.88 23.90 -24.00
N SER A 2 10.41 23.08 -23.11
CA SER A 2 9.74 22.69 -21.88
C SER A 2 10.72 22.68 -20.71
N SER A 3 10.21 22.38 -19.52
CA SER A 3 10.89 22.27 -18.25
C SER A 3 10.18 21.14 -17.50
N GLY A 4 10.57 20.84 -16.27
CA GLY A 4 9.96 19.79 -15.47
C GLY A 4 11.01 19.26 -14.52
N GLU A 5 10.71 19.28 -13.22
CA GLU A 5 11.61 18.79 -12.18
C GLU A 5 10.84 17.94 -11.19
N GLY A 6 11.57 17.24 -10.33
CA GLY A 6 10.93 16.42 -9.32
C GLY A 6 11.89 15.43 -8.66
N GLN A 7 11.31 14.73 -7.68
CA GLN A 7 11.88 13.70 -6.84
C GLN A 7 10.80 12.66 -6.55
N LYS A 8 9.60 13.12 -6.21
CA LYS A 8 8.41 12.34 -5.87
C LYS A 8 7.87 11.62 -7.10
N ASP A 9 8.06 12.21 -8.28
CA ASP A 9 7.63 11.71 -9.58
C ASP A 9 8.51 10.52 -9.96
N LEU A 10 9.85 10.66 -9.88
CA LEU A 10 10.81 9.62 -10.22
C LEU A 10 10.50 8.32 -9.50
N LYS A 11 10.02 8.38 -8.25
CA LYS A 11 9.69 7.17 -7.51
C LYS A 11 8.69 6.33 -8.31
N LEU A 12 7.61 6.95 -8.77
CA LEU A 12 6.56 6.33 -9.55
C LEU A 12 6.99 6.07 -10.99
N GLY A 13 7.51 7.09 -11.67
CA GLY A 13 7.93 7.10 -13.04
C GLY A 13 8.91 5.99 -13.36
N GLU A 14 10.00 5.86 -12.62
CA GLU A 14 11.01 4.83 -12.83
C GLU A 14 10.38 3.44 -12.85
N LEU A 15 9.54 3.11 -11.85
CA LEU A 15 8.90 1.80 -11.76
C LEU A 15 8.00 1.55 -12.98
N LEU A 16 7.19 2.54 -13.35
CA LEU A 16 6.28 2.38 -14.49
C LEU A 16 7.07 2.20 -15.78
N LEU A 17 8.05 3.05 -16.02
CA LEU A 17 8.89 3.06 -17.20
C LEU A 17 9.68 1.75 -17.30
N GLN A 18 10.19 1.21 -16.18
CA GLN A 18 10.95 -0.04 -16.13
C GLN A 18 10.14 -1.18 -16.77
N LYS A 19 8.83 -1.24 -16.50
CA LYS A 19 7.95 -2.27 -17.04
C LYS A 19 7.22 -1.80 -18.30
N GLY A 20 7.26 -0.51 -18.62
CA GLY A 20 6.62 0.09 -19.78
C GLY A 20 5.12 0.28 -19.53
N TRP A 21 4.70 0.44 -18.28
CA TRP A 21 3.29 0.63 -17.93
C TRP A 21 2.75 1.95 -18.49
N ILE A 22 3.61 2.96 -18.58
CA ILE A 22 3.31 4.30 -19.08
C ILE A 22 4.51 4.77 -19.93
N SER A 23 4.38 5.96 -20.50
CA SER A 23 5.37 6.62 -21.33
C SER A 23 5.53 8.09 -20.89
N ARG A 24 6.53 8.76 -21.47
CA ARG A 24 6.88 10.15 -21.18
C ARG A 24 5.67 11.08 -21.23
N GLU A 25 4.77 10.89 -22.19
CA GLU A 25 3.58 11.69 -22.36
C GLU A 25 2.67 11.65 -21.13
N ALA A 26 2.34 10.46 -20.64
CA ALA A 26 1.48 10.34 -19.47
C ALA A 26 2.16 10.92 -18.23
N LEU A 27 3.49 10.81 -18.15
CA LEU A 27 4.26 11.33 -17.03
C LEU A 27 4.25 12.86 -17.05
N GLU A 28 4.59 13.48 -18.17
CA GLU A 28 4.60 14.93 -18.32
C GLU A 28 3.21 15.51 -18.05
N GLU A 29 2.14 14.80 -18.43
CA GLU A 29 0.76 15.27 -18.20
C GLU A 29 0.57 15.44 -16.68
N ALA A 30 0.89 14.41 -15.90
CA ALA A 30 0.75 14.40 -14.45
C ALA A 30 1.70 15.40 -13.77
N LEU A 31 2.91 15.54 -14.30
CA LEU A 31 3.91 16.46 -13.77
C LEU A 31 3.40 17.90 -13.75
N VAL A 32 2.61 18.33 -14.75
CA VAL A 32 2.09 19.70 -14.79
C VAL A 32 1.32 20.02 -13.49
N GLU A 33 0.57 19.07 -12.91
CA GLU A 33 -0.13 19.32 -11.67
C GLU A 33 0.87 19.30 -10.51
N GLN A 34 1.81 18.36 -10.49
CA GLN A 34 2.80 18.29 -9.41
C GLN A 34 3.60 19.59 -9.33
N GLU A 35 3.94 20.20 -10.45
CA GLU A 35 4.71 21.42 -10.46
C GLU A 35 3.94 22.57 -9.78
N LYS A 36 2.61 22.54 -9.72
CA LYS A 36 1.77 23.58 -9.07
C LYS A 36 1.24 23.20 -7.69
N THR A 37 1.27 21.93 -7.31
CA THR A 37 0.79 21.45 -6.01
C THR A 37 1.90 20.88 -5.11
N GLY A 38 2.84 20.14 -5.70
CA GLY A 38 3.96 19.51 -5.01
C GLY A 38 3.57 18.20 -4.32
N ASP A 39 2.42 17.61 -4.66
CA ASP A 39 1.97 16.35 -4.06
C ASP A 39 2.59 15.16 -4.79
N LEU A 40 2.19 13.96 -4.38
CA LEU A 40 2.65 12.70 -4.95
C LEU A 40 1.98 12.47 -6.30
N LEU A 41 2.79 12.46 -7.36
CA LEU A 41 2.40 12.27 -8.77
C LEU A 41 1.49 11.05 -8.95
N GLY A 42 1.62 10.04 -8.10
CA GLY A 42 0.80 8.84 -8.14
C GLY A 42 -0.69 9.18 -8.23
N ARG A 43 -1.20 10.08 -7.39
CA ARG A 43 -2.62 10.43 -7.42
C ARG A 43 -3.02 11.08 -8.75
N ILE A 44 -2.15 11.94 -9.29
CA ILE A 44 -2.33 12.68 -10.51
C ILE A 44 -2.49 11.68 -11.66
N LEU A 45 -1.61 10.66 -11.74
CA LEU A 45 -1.67 9.64 -12.78
C LEU A 45 -3.02 8.92 -12.72
N VAL A 46 -3.43 8.45 -11.53
CA VAL A 46 -4.71 7.76 -11.37
C VAL A 46 -5.86 8.67 -11.82
N ARG A 47 -5.89 9.95 -11.39
CA ARG A 47 -6.94 10.90 -11.76
C ARG A 47 -7.01 11.12 -13.27
N LYS A 48 -5.93 10.88 -14.01
CA LYS A 48 -5.92 11.03 -15.47
C LYS A 48 -6.65 9.85 -16.14
N GLY A 49 -7.20 8.91 -15.36
CA GLY A 49 -7.95 7.76 -15.81
C GLY A 49 -7.19 6.45 -15.69
N LEU A 50 -6.01 6.45 -15.07
CA LEU A 50 -5.19 5.25 -14.89
C LEU A 50 -5.77 4.46 -13.70
N PRO A 51 -5.49 3.15 -13.58
CA PRO A 51 -6.02 2.32 -12.50
C PRO A 51 -5.36 2.69 -11.17
N GLU A 52 -6.15 2.76 -10.10
CA GLU A 52 -5.64 3.11 -8.77
C GLU A 52 -4.74 2.02 -8.17
N GLU A 53 -5.05 0.75 -8.46
CA GLU A 53 -4.30 -0.39 -7.96
C GLU A 53 -2.85 -0.40 -8.45
N ALA A 54 -2.58 0.10 -9.65
CA ALA A 54 -1.24 0.13 -10.23
C ALA A 54 -0.28 0.96 -9.35
N LEU A 55 -0.78 2.04 -8.76
CA LEU A 55 -0.02 2.93 -7.89
C LEU A 55 0.45 2.12 -6.68
N TYR A 56 -0.45 1.36 -6.09
CA TYR A 56 -0.14 0.55 -4.93
C TYR A 56 0.78 -0.61 -5.29
N ARG A 57 0.54 -1.30 -6.42
CA ARG A 57 1.38 -2.41 -6.87
C ARG A 57 2.83 -1.92 -6.90
N ALA A 58 3.06 -0.73 -7.43
CA ALA A 58 4.38 -0.14 -7.50
C ALA A 58 4.96 0.15 -6.12
N LEU A 59 4.18 0.78 -5.25
CA LEU A 59 4.62 1.10 -3.88
C LEU A 59 5.08 -0.17 -3.16
N ALA A 60 4.45 -1.32 -3.44
CA ALA A 60 4.83 -2.57 -2.82
C ALA A 60 6.26 -2.92 -3.27
N GLU A 61 6.53 -2.91 -4.58
CA GLU A 61 7.84 -3.24 -5.14
C GLU A 61 8.90 -2.25 -4.63
N GLN A 62 8.56 -0.96 -4.59
CA GLN A 62 9.46 0.09 -4.11
C GLN A 62 9.93 -0.20 -2.68
N LYS A 63 9.03 -0.67 -1.80
CA LYS A 63 9.40 -1.00 -0.41
C LYS A 63 9.92 -2.43 -0.30
N GLY A 64 9.69 -3.28 -1.31
CA GLY A 64 10.08 -4.68 -1.38
C GLY A 64 8.99 -5.63 -0.89
N LEU A 65 7.79 -5.13 -0.58
CA LEU A 65 6.62 -5.88 -0.09
C LEU A 65 5.88 -6.52 -1.25
N GLU A 66 5.03 -7.49 -0.95
CA GLU A 66 4.21 -8.16 -1.96
C GLU A 66 2.89 -7.38 -2.04
N PHE A 67 2.19 -7.50 -3.17
CA PHE A 67 0.93 -6.81 -3.38
C PHE A 67 -0.19 -7.85 -3.42
N LEU A 68 -1.21 -7.61 -2.59
CA LEU A 68 -2.37 -8.46 -2.47
C LEU A 68 -3.38 -8.05 -3.52
N GLU A 69 -3.89 -9.01 -4.28
CA GLU A 69 -4.86 -8.75 -5.34
C GLU A 69 -6.12 -8.08 -4.77
N SER A 70 -6.76 -8.71 -3.79
CA SER A 70 -7.98 -8.22 -3.17
C SER A 70 -8.18 -8.96 -1.84
N THR A 71 -9.20 -8.58 -1.07
CA THR A 71 -9.54 -9.16 0.23
C THR A 71 -10.94 -9.78 0.23
N GLU A 72 -11.61 -9.77 -0.91
CA GLU A 72 -12.95 -10.28 -1.18
C GLU A 72 -13.14 -11.75 -0.82
N GLY A 73 -12.06 -12.52 -0.64
CA GLY A 73 -12.16 -13.93 -0.30
C GLY A 73 -11.12 -14.30 0.75
N ILE A 74 -11.21 -13.71 1.95
CA ILE A 74 -10.29 -13.97 3.04
C ILE A 74 -11.06 -14.39 4.29
N VAL A 75 -10.38 -15.12 5.17
CA VAL A 75 -10.89 -15.62 6.42
C VAL A 75 -9.81 -15.23 7.45
N PRO A 76 -9.97 -14.10 8.17
CA PRO A 76 -9.00 -13.66 9.16
C PRO A 76 -9.13 -14.55 10.40
N ASP A 77 -8.07 -15.30 10.70
CA ASP A 77 -7.98 -16.22 11.82
C ASP A 77 -8.19 -15.54 13.18
N PRO A 78 -8.96 -16.12 14.12
CA PRO A 78 -9.21 -15.54 15.44
C PRO A 78 -7.92 -15.35 16.24
N SER A 79 -7.01 -16.33 16.22
CA SER A 79 -5.76 -16.21 16.95
C SER A 79 -4.89 -15.05 16.43
N ALA A 80 -5.10 -14.63 15.18
CA ALA A 80 -4.36 -13.54 14.56
C ALA A 80 -4.80 -12.18 15.12
N ALA A 81 -6.07 -12.06 15.51
CA ALA A 81 -6.62 -10.83 16.07
C ALA A 81 -6.12 -10.58 17.50
N LEU A 82 -5.49 -11.57 18.15
CA LEU A 82 -4.99 -11.43 19.51
C LEU A 82 -3.75 -10.53 19.61
N LEU A 83 -2.94 -10.43 18.57
CA LEU A 83 -1.72 -9.60 18.56
C LEU A 83 -1.98 -8.17 18.11
N LEU A 84 -2.83 -7.97 17.10
CA LEU A 84 -3.16 -6.67 16.54
C LEU A 84 -4.62 -6.42 16.93
N LEU A 85 -4.86 -5.45 17.81
CA LEU A 85 -6.20 -5.11 18.27
C LEU A 85 -6.90 -4.20 17.26
N ARG A 86 -8.24 -4.14 17.32
CA ARG A 86 -9.06 -3.30 16.44
C ARG A 86 -8.67 -1.83 16.56
N SER A 87 -8.29 -1.42 17.76
CA SER A 87 -7.87 -0.07 18.09
C SER A 87 -6.53 0.27 17.44
N ASP A 88 -5.54 -0.61 17.59
CA ASP A 88 -4.18 -0.50 17.08
C ASP A 88 -4.12 -0.66 15.56
N ALA A 89 -5.00 -1.47 15.00
CA ALA A 89 -5.08 -1.73 13.57
C ALA A 89 -5.24 -0.43 12.80
N LEU A 90 -6.14 0.45 13.23
CA LEU A 90 -6.36 1.74 12.57
C LEU A 90 -5.19 2.70 12.82
N ARG A 91 -4.48 2.54 13.93
CA ARG A 91 -3.34 3.37 14.30
C ARG A 91 -2.19 3.19 13.32
N TYR A 92 -1.95 1.98 12.84
CA TYR A 92 -0.88 1.67 11.90
C TYR A 92 -1.40 1.12 10.56
N GLY A 93 -2.71 1.24 10.29
CA GLY A 93 -3.32 0.74 9.06
C GLY A 93 -2.93 -0.72 8.80
N ALA A 94 -2.86 -1.56 9.84
CA ALA A 94 -2.46 -2.97 9.76
C ALA A 94 -3.57 -3.92 10.19
N VAL A 95 -3.72 -5.04 9.48
CA VAL A 95 -4.72 -6.06 9.80
C VAL A 95 -4.09 -7.46 9.63
N PRO A 96 -3.98 -8.26 10.71
CA PRO A 96 -3.43 -9.60 10.69
C PRO A 96 -4.51 -10.50 10.08
N ILE A 97 -4.09 -11.57 9.40
CA ILE A 97 -5.04 -12.48 8.76
C ILE A 97 -4.83 -13.93 9.16
N GLY A 98 -3.70 -14.29 9.77
CA GLY A 98 -3.49 -15.69 10.11
C GLY A 98 -2.04 -15.99 10.40
N PHE A 99 -1.70 -17.26 10.53
CA PHE A 99 -0.34 -17.72 10.79
C PHE A 99 -0.04 -18.85 9.81
N GLN A 100 1.11 -18.76 9.14
CA GLN A 100 1.55 -19.75 8.17
C GLN A 100 3.07 -19.71 8.16
N ASN A 101 3.70 -20.88 8.07
CA ASN A 101 5.15 -21.08 8.02
C ASN A 101 5.84 -20.45 9.24
N GLY A 102 5.17 -20.42 10.40
CA GLY A 102 5.70 -19.85 11.63
C GLY A 102 5.69 -18.32 11.63
N GLU A 103 5.01 -17.66 10.69
CA GLU A 103 4.94 -16.20 10.61
C GLU A 103 3.48 -15.75 10.59
N VAL A 104 3.17 -14.67 11.31
CA VAL A 104 1.82 -14.13 11.34
C VAL A 104 1.68 -13.25 10.10
N GLU A 105 0.78 -13.59 9.18
CA GLU A 105 0.54 -12.81 7.99
C GLU A 105 -0.23 -11.56 8.41
N VAL A 106 0.22 -10.41 7.91
CA VAL A 106 -0.35 -9.10 8.15
C VAL A 106 -0.35 -8.34 6.84
N VAL A 107 -1.32 -7.47 6.65
CA VAL A 107 -1.46 -6.68 5.45
C VAL A 107 -1.66 -5.25 5.94
N LEU A 108 -1.01 -4.28 5.29
CA LEU A 108 -1.10 -2.88 5.66
C LEU A 108 -1.43 -2.05 4.43
N SER A 109 -2.43 -1.17 4.50
CA SER A 109 -2.77 -0.32 3.37
C SER A 109 -1.71 0.77 3.18
N ASP A 110 -0.88 1.02 4.19
CA ASP A 110 0.17 2.01 4.13
C ASP A 110 1.43 1.48 4.84
N PRO A 111 2.45 1.04 4.09
CA PRO A 111 3.68 0.53 4.66
C PRO A 111 4.68 1.62 5.09
N ARG A 112 4.32 2.91 5.12
CA ARG A 112 5.26 3.98 5.52
C ARG A 112 5.80 3.70 6.93
N HIS A 113 5.04 3.01 7.78
CA HIS A 113 5.40 2.65 9.16
C HIS A 113 5.64 1.15 9.34
N LYS A 114 5.66 0.32 8.29
CA LYS A 114 5.89 -1.14 8.38
C LYS A 114 7.12 -1.44 9.25
N GLU A 115 8.26 -0.82 8.92
CA GLU A 115 9.52 -1.01 9.62
C GLU A 115 9.44 -0.70 11.12
N ALA A 116 8.62 0.30 11.48
CA ALA A 116 8.44 0.68 12.87
C ALA A 116 7.67 -0.44 13.57
N VAL A 117 6.50 -0.79 13.00
CA VAL A 117 5.58 -1.80 13.49
C VAL A 117 6.32 -3.14 13.68
N ALA A 118 7.24 -3.51 12.78
CA ALA A 118 7.98 -4.76 12.89
C ALA A 118 8.73 -4.85 14.23
N GLN A 119 9.45 -3.79 14.60
CA GLN A 119 10.20 -3.76 15.85
C GLN A 119 9.28 -3.51 17.05
N LEU A 120 8.22 -2.73 16.85
CA LEU A 120 7.23 -2.42 17.89
C LEU A 120 6.54 -3.72 18.36
N LEU A 121 6.26 -4.60 17.39
CA LEU A 121 5.63 -5.91 17.59
C LEU A 121 6.66 -6.91 18.11
N ASN A 122 7.94 -6.76 17.75
CA ASN A 122 9.10 -7.58 18.11
C ASN A 122 8.89 -9.10 18.01
N ARG A 123 7.96 -9.56 17.16
CA ARG A 123 7.62 -10.96 16.96
C ARG A 123 7.78 -11.34 15.48
N PRO A 124 8.04 -12.61 15.14
CA PRO A 124 8.19 -13.05 13.75
C PRO A 124 6.84 -12.92 13.03
N ALA A 125 6.75 -11.94 12.12
CA ALA A 125 5.56 -11.65 11.34
C ALA A 125 5.94 -11.40 9.89
N ARG A 126 4.94 -11.46 9.03
CA ARG A 126 4.96 -11.29 7.59
C ARG A 126 4.16 -10.01 7.29
N PHE A 127 4.48 -9.30 6.21
CA PHE A 127 3.79 -8.05 5.87
C PHE A 127 3.62 -7.88 4.36
N TYR A 128 2.43 -7.46 3.93
CA TYR A 128 2.03 -7.23 2.54
C TYR A 128 1.26 -5.92 2.39
N LEU A 129 0.90 -5.55 1.15
CA LEU A 129 0.18 -4.31 0.82
C LEU A 129 -1.10 -4.60 0.03
N ALA A 130 -2.26 -4.09 0.46
CA ALA A 130 -3.58 -4.23 -0.20
C ALA A 130 -4.24 -2.84 -0.22
N LEU A 131 -5.10 -2.56 -1.21
CA LEU A 131 -5.76 -1.26 -1.38
C LEU A 131 -6.53 -0.78 -0.15
N PRO A 132 -6.75 0.54 0.02
CA PRO A 132 -7.47 1.07 1.17
C PRO A 132 -8.92 0.57 1.20
N GLN A 133 -9.54 0.38 0.03
CA GLN A 133 -10.90 -0.10 -0.09
C GLN A 133 -11.00 -1.55 0.42
N ALA A 134 -10.08 -2.40 -0.04
CA ALA A 134 -9.98 -3.80 0.32
C ALA A 134 -9.65 -3.94 1.80
N TRP A 135 -8.76 -3.08 2.30
CA TRP A 135 -8.33 -3.08 3.68
C TRP A 135 -9.47 -2.68 4.62
N GLU A 136 -10.32 -1.71 4.24
CA GLU A 136 -11.43 -1.29 5.09
C GLU A 136 -12.37 -2.49 5.27
N GLU A 137 -12.68 -3.17 4.16
CA GLU A 137 -13.54 -4.34 4.17
C GLU A 137 -12.93 -5.43 5.07
N LEU A 138 -11.61 -5.61 5.00
CA LEU A 138 -10.87 -6.61 5.78
C LEU A 138 -10.85 -6.23 7.24
N PHE A 139 -10.62 -4.96 7.58
CA PHE A 139 -10.61 -4.46 8.95
C PHE A 139 -11.95 -4.83 9.60
N ARG A 140 -13.07 -4.62 8.90
CA ARG A 140 -14.39 -4.95 9.42
C ARG A 140 -14.58 -6.47 9.56
N ARG A 141 -13.92 -7.28 8.72
CA ARG A 141 -14.02 -8.74 8.78
C ARG A 141 -13.12 -9.31 9.86
N ALA A 142 -11.94 -8.74 10.09
CA ALA A 142 -10.98 -9.17 11.11
C ALA A 142 -11.50 -8.80 12.49
N TYR A 143 -12.15 -7.63 12.61
CA TYR A 143 -12.70 -7.16 13.87
C TYR A 143 -14.21 -6.99 13.71
N PRO A 144 -14.97 -8.09 13.55
CA PRO A 144 -16.41 -8.03 13.41
C PRO A 144 -17.05 -7.64 14.74
N GLN A 145 -18.32 -7.20 14.71
CA GLN A 145 -19.07 -6.75 15.89
C GLN A 145 -20.37 -7.54 15.99
N LYS A 146 -20.67 -8.13 17.14
CA LYS A 146 -21.91 -8.88 17.35
C LYS A 146 -23.00 -7.84 17.53
N GLY A 1 21.95 5.96 -9.80
CA GLY A 1 20.65 5.35 -10.16
C GLY A 1 19.57 5.88 -9.24
N SER A 2 18.32 5.93 -9.72
CA SER A 2 17.10 6.40 -9.03
C SER A 2 17.20 7.77 -8.33
N SER A 3 18.31 8.49 -8.46
CA SER A 3 18.58 9.79 -7.89
C SER A 3 18.02 10.85 -8.83
N GLY A 4 17.62 12.00 -8.29
CA GLY A 4 17.04 13.12 -9.03
C GLY A 4 15.55 13.17 -8.74
N GLU A 5 15.18 13.12 -7.46
CA GLU A 5 13.82 13.14 -6.99
C GLU A 5 13.39 14.58 -6.69
N GLY A 6 12.18 14.95 -7.12
CA GLY A 6 11.57 16.25 -6.95
C GLY A 6 10.38 16.13 -6.01
N GLN A 7 9.27 15.60 -6.51
CA GLN A 7 8.02 15.42 -5.76
C GLN A 7 7.54 13.96 -5.78
N LYS A 8 8.42 12.98 -6.05
CA LYS A 8 8.17 11.52 -6.12
C LYS A 8 7.72 11.10 -7.53
N ASP A 9 7.85 12.00 -8.49
CA ASP A 9 7.47 11.84 -9.88
C ASP A 9 8.36 10.78 -10.49
N LEU A 10 9.68 10.97 -10.42
CA LEU A 10 10.64 10.01 -10.96
C LEU A 10 10.54 8.67 -10.23
N LYS A 11 10.17 8.70 -8.96
CA LYS A 11 10.04 7.50 -8.15
C LYS A 11 8.93 6.62 -8.71
N LEU A 12 7.75 7.20 -8.99
CA LEU A 12 6.63 6.47 -9.55
C LEU A 12 6.87 6.15 -11.05
N GLY A 13 7.32 7.15 -11.81
CA GLY A 13 7.58 7.08 -13.25
C GLY A 13 8.54 5.96 -13.62
N GLU A 14 9.66 5.82 -12.92
CA GLU A 14 10.65 4.79 -13.19
C GLU A 14 10.04 3.38 -13.11
N LEU A 15 9.18 3.14 -12.11
CA LEU A 15 8.51 1.86 -11.91
C LEU A 15 7.49 1.63 -13.02
N LEU A 16 6.69 2.64 -13.35
CA LEU A 16 5.68 2.54 -14.40
C LEU A 16 6.33 2.27 -15.75
N LEU A 17 7.35 3.06 -16.10
CA LEU A 17 8.09 2.97 -17.34
C LEU A 17 8.75 1.61 -17.48
N GLN A 18 9.31 1.03 -16.41
CA GLN A 18 9.95 -0.28 -16.47
C GLN A 18 9.01 -1.35 -17.05
N LYS A 19 7.71 -1.27 -16.78
CA LYS A 19 6.73 -2.22 -17.32
C LYS A 19 5.99 -1.61 -18.55
N GLY A 20 6.13 -0.31 -18.77
CA GLY A 20 5.48 0.41 -19.87
C GLY A 20 4.02 0.70 -19.54
N TRP A 21 3.70 0.97 -18.27
CA TRP A 21 2.32 1.24 -17.83
C TRP A 21 1.83 2.61 -18.27
N ILE A 22 2.71 3.61 -18.42
CA ILE A 22 2.36 4.96 -18.86
C ILE A 22 3.44 5.44 -19.83
N SER A 23 3.29 6.68 -20.29
CA SER A 23 4.20 7.32 -21.20
C SER A 23 4.62 8.68 -20.67
N ARG A 24 5.60 9.26 -21.37
CA ARG A 24 6.12 10.59 -21.11
C ARG A 24 5.02 11.63 -21.31
N GLU A 25 4.05 11.35 -22.17
CA GLU A 25 2.94 12.23 -22.48
C GLU A 25 1.97 12.21 -21.31
N ALA A 26 1.59 11.00 -20.84
CA ALA A 26 0.69 10.82 -19.71
C ALA A 26 1.26 11.49 -18.47
N LEU A 27 2.57 11.38 -18.29
CA LEU A 27 3.29 11.98 -17.17
C LEU A 27 3.15 13.49 -17.23
N GLU A 28 3.41 14.10 -18.39
CA GLU A 28 3.31 15.55 -18.59
C GLU A 28 1.89 16.04 -18.32
N GLU A 29 0.89 15.28 -18.74
CA GLU A 29 -0.52 15.63 -18.53
C GLU A 29 -0.80 15.79 -17.04
N ALA A 30 -0.21 14.91 -16.22
CA ALA A 30 -0.34 14.94 -14.78
C ALA A 30 0.55 16.02 -14.16
N LEU A 31 1.77 16.20 -14.66
CA LEU A 31 2.74 17.17 -14.18
C LEU A 31 2.14 18.57 -14.14
N VAL A 32 1.35 18.94 -15.15
CA VAL A 32 0.75 20.27 -15.21
C VAL A 32 -0.14 20.54 -13.99
N GLU A 33 -0.89 19.55 -13.49
CA GLU A 33 -1.73 19.75 -12.32
C GLU A 33 -0.81 19.85 -11.08
N GLN A 34 0.33 19.17 -11.09
CA GLN A 34 1.27 19.24 -9.97
C GLN A 34 1.93 20.61 -9.94
N GLU A 35 2.20 21.24 -11.09
CA GLU A 35 2.84 22.55 -11.13
C GLU A 35 2.01 23.59 -10.35
N LYS A 36 0.68 23.36 -10.22
CA LYS A 36 -0.23 24.24 -9.49
C LYS A 36 -0.65 23.70 -8.12
N THR A 37 -0.65 22.38 -7.89
CA THR A 37 -1.05 21.80 -6.61
C THR A 37 0.12 21.35 -5.73
N GLY A 38 1.20 20.86 -6.33
CA GLY A 38 2.39 20.36 -5.66
C GLY A 38 2.19 18.99 -4.99
N ASP A 39 1.05 18.34 -5.22
CA ASP A 39 0.68 17.04 -4.64
C ASP A 39 1.40 15.86 -5.32
N LEU A 40 1.23 14.63 -4.83
CA LEU A 40 1.82 13.40 -5.39
C LEU A 40 1.26 13.22 -6.80
N LEU A 41 2.11 13.18 -7.81
CA LEU A 41 1.69 13.01 -9.19
C LEU A 41 0.86 11.75 -9.41
N GLY A 42 1.11 10.69 -8.64
CA GLY A 42 0.37 9.45 -8.74
C GLY A 42 -1.14 9.66 -8.68
N ARG A 43 -1.64 10.48 -7.75
CA ARG A 43 -3.07 10.73 -7.66
C ARG A 43 -3.58 11.43 -8.92
N ILE A 44 -2.81 12.36 -9.50
CA ILE A 44 -3.18 13.10 -10.68
C ILE A 44 -3.32 12.11 -11.83
N LEU A 45 -2.36 11.19 -12.02
CA LEU A 45 -2.42 10.20 -13.08
C LEU A 45 -3.72 9.41 -12.97
N VAL A 46 -4.03 8.89 -11.78
CA VAL A 46 -5.25 8.13 -11.54
C VAL A 46 -6.47 9.01 -11.85
N ARG A 47 -6.52 10.25 -11.35
CA ARG A 47 -7.64 11.16 -11.59
C ARG A 47 -7.76 11.50 -13.08
N LYS A 48 -6.70 11.32 -13.87
CA LYS A 48 -6.73 11.57 -15.31
C LYS A 48 -7.45 10.41 -16.02
N GLY A 49 -7.90 9.39 -15.28
CA GLY A 49 -8.63 8.22 -15.77
C GLY A 49 -7.86 6.91 -15.66
N LEU A 50 -6.60 6.92 -15.22
CA LEU A 50 -5.78 5.72 -15.08
C LEU A 50 -6.30 4.85 -13.92
N PRO A 51 -5.98 3.54 -13.88
CA PRO A 51 -6.43 2.64 -12.82
C PRO A 51 -5.75 3.02 -11.50
N GLU A 52 -6.50 2.99 -10.39
CA GLU A 52 -5.95 3.34 -9.09
C GLU A 52 -4.99 2.27 -8.58
N GLU A 53 -5.27 0.98 -8.85
CA GLU A 53 -4.40 -0.10 -8.40
C GLU A 53 -2.97 0.06 -8.91
N ALA A 54 -2.79 0.61 -10.12
CA ALA A 54 -1.47 0.81 -10.70
C ALA A 54 -0.58 1.72 -9.84
N LEU A 55 -1.17 2.58 -9.01
CA LEU A 55 -0.43 3.47 -8.12
C LEU A 55 0.12 2.64 -6.96
N TYR A 56 -0.75 1.90 -6.28
CA TYR A 56 -0.44 1.05 -5.14
C TYR A 56 0.54 -0.06 -5.53
N ARG A 57 0.35 -0.65 -6.72
CA ARG A 57 1.23 -1.71 -7.22
C ARG A 57 2.68 -1.22 -7.32
N ALA A 58 2.90 0.07 -7.60
CA ALA A 58 4.25 0.60 -7.69
C ALA A 58 4.84 0.79 -6.29
N LEU A 59 4.04 1.33 -5.36
CA LEU A 59 4.44 1.58 -3.97
C LEU A 59 4.98 0.30 -3.33
N ALA A 60 4.38 -0.85 -3.64
CA ALA A 60 4.76 -2.16 -3.13
C ALA A 60 6.24 -2.46 -3.39
N GLU A 61 6.67 -2.33 -4.65
CA GLU A 61 8.05 -2.61 -5.04
C GLU A 61 8.99 -1.61 -4.40
N GLN A 62 8.62 -0.33 -4.37
CA GLN A 62 9.44 0.71 -3.77
C GLN A 62 9.70 0.40 -2.29
N LYS A 63 8.68 -0.03 -1.55
CA LYS A 63 8.81 -0.33 -0.13
C LYS A 63 9.44 -1.71 0.13
N GLY A 64 9.52 -2.59 -0.86
CA GLY A 64 10.08 -3.93 -0.71
C GLY A 64 9.04 -4.84 -0.06
N LEU A 65 7.79 -4.75 -0.52
CA LEU A 65 6.64 -5.51 -0.06
C LEU A 65 5.94 -6.05 -1.30
N GLU A 66 5.18 -7.15 -1.21
CA GLU A 66 4.50 -7.72 -2.37
C GLU A 66 3.06 -7.19 -2.45
N PHE A 67 2.59 -6.91 -3.67
CA PHE A 67 1.25 -6.40 -3.91
C PHE A 67 0.25 -7.55 -3.78
N LEU A 68 -0.88 -7.25 -3.12
CA LEU A 68 -1.97 -8.16 -2.88
C LEU A 68 -3.09 -7.79 -3.84
N GLU A 69 -3.55 -8.75 -4.63
CA GLU A 69 -4.60 -8.58 -5.62
C GLU A 69 -5.91 -8.08 -5.01
N SER A 70 -6.42 -8.79 -4.02
CA SER A 70 -7.67 -8.50 -3.33
C SER A 70 -7.61 -9.12 -1.93
N THR A 71 -8.66 -8.89 -1.14
CA THR A 71 -8.77 -9.40 0.22
C THR A 71 -10.06 -10.20 0.45
N GLU A 72 -11.05 -10.17 -0.46
CA GLU A 72 -12.29 -10.91 -0.25
C GLU A 72 -12.07 -12.43 -0.17
N GLY A 73 -10.97 -12.96 -0.71
CA GLY A 73 -10.62 -14.37 -0.69
C GLY A 73 -9.83 -14.75 0.56
N ILE A 74 -9.63 -13.84 1.50
CA ILE A 74 -8.88 -14.08 2.72
C ILE A 74 -9.85 -14.41 3.86
N VAL A 75 -9.38 -15.30 4.74
CA VAL A 75 -10.06 -15.78 5.93
C VAL A 75 -9.06 -15.37 7.03
N PRO A 76 -9.29 -14.23 7.70
CA PRO A 76 -8.41 -13.74 8.74
C PRO A 76 -8.49 -14.65 9.97
N ASP A 77 -7.39 -15.29 10.34
CA ASP A 77 -7.34 -16.17 11.49
C ASP A 77 -7.67 -15.39 12.77
N PRO A 78 -8.52 -15.91 13.67
CA PRO A 78 -8.90 -15.20 14.90
C PRO A 78 -7.69 -14.98 15.82
N SER A 79 -6.77 -15.94 15.87
CA SER A 79 -5.57 -15.87 16.69
C SER A 79 -4.68 -14.71 16.21
N ALA A 80 -4.74 -14.35 14.93
CA ALA A 80 -3.94 -13.28 14.36
C ALA A 80 -4.37 -11.93 14.97
N ALA A 81 -5.65 -11.79 15.35
CA ALA A 81 -6.20 -10.59 15.95
C ALA A 81 -5.71 -10.41 17.40
N LEU A 82 -5.13 -11.44 18.03
CA LEU A 82 -4.64 -11.38 19.40
C LEU A 82 -3.36 -10.56 19.54
N LEU A 83 -2.56 -10.43 18.46
CA LEU A 83 -1.31 -9.65 18.47
C LEU A 83 -1.54 -8.22 17.97
N LEU A 84 -2.53 -8.01 17.09
CA LEU A 84 -2.85 -6.69 16.54
C LEU A 84 -4.35 -6.52 16.76
N LEU A 85 -4.75 -5.62 17.66
CA LEU A 85 -6.17 -5.36 17.96
C LEU A 85 -6.75 -4.38 16.97
N ARG A 86 -8.08 -4.28 16.92
CA ARG A 86 -8.80 -3.35 16.05
C ARG A 86 -8.39 -1.89 16.26
N SER A 87 -8.03 -1.52 17.50
CA SER A 87 -7.61 -0.17 17.84
C SER A 87 -6.20 0.07 17.27
N ASP A 88 -5.31 -0.91 17.41
CA ASP A 88 -3.93 -0.80 16.92
C ASP A 88 -3.91 -0.85 15.40
N ALA A 89 -4.80 -1.64 14.79
CA ALA A 89 -4.92 -1.81 13.36
C ALA A 89 -5.15 -0.47 12.68
N LEU A 90 -6.09 0.33 13.19
CA LEU A 90 -6.39 1.65 12.65
C LEU A 90 -5.26 2.64 12.91
N ARG A 91 -4.48 2.44 13.97
CA ARG A 91 -3.36 3.30 14.35
C ARG A 91 -2.25 3.27 13.33
N TYR A 92 -1.99 2.09 12.73
CA TYR A 92 -0.95 1.88 11.73
C TYR A 92 -1.48 1.42 10.38
N GLY A 93 -2.81 1.44 10.17
CA GLY A 93 -3.41 0.98 8.92
C GLY A 93 -2.97 -0.46 8.60
N ALA A 94 -2.82 -1.32 9.62
CA ALA A 94 -2.37 -2.70 9.51
C ALA A 94 -3.44 -3.70 9.94
N VAL A 95 -3.62 -4.81 9.23
CA VAL A 95 -4.61 -5.83 9.58
C VAL A 95 -3.93 -7.20 9.40
N PRO A 96 -3.80 -8.01 10.48
CA PRO A 96 -3.19 -9.34 10.43
C PRO A 96 -4.20 -10.29 9.77
N ILE A 97 -3.70 -11.36 9.17
CA ILE A 97 -4.54 -12.35 8.50
C ILE A 97 -4.23 -13.77 8.90
N GLY A 98 -3.11 -14.04 9.58
CA GLY A 98 -2.79 -15.42 9.95
C GLY A 98 -1.32 -15.57 10.26
N PHE A 99 -0.89 -16.81 10.48
CA PHE A 99 0.49 -17.15 10.81
C PHE A 99 0.92 -18.29 9.90
N GLN A 100 1.96 -18.05 9.09
CA GLN A 100 2.50 -19.00 8.15
C GLN A 100 4.01 -18.87 8.10
N ASN A 101 4.69 -20.01 8.00
CA ASN A 101 6.14 -20.16 7.89
C ASN A 101 6.90 -19.46 9.03
N GLY A 102 6.30 -19.37 10.22
CA GLY A 102 6.91 -18.74 11.38
C GLY A 102 6.71 -17.22 11.43
N GLU A 103 5.97 -16.60 10.49
CA GLU A 103 5.75 -15.16 10.47
C GLU A 103 4.24 -14.86 10.43
N VAL A 104 3.79 -13.93 11.27
CA VAL A 104 2.38 -13.55 11.27
C VAL A 104 2.22 -12.67 10.03
N GLU A 105 1.38 -13.06 9.09
CA GLU A 105 1.13 -12.31 7.88
C GLU A 105 0.22 -11.12 8.20
N VAL A 106 0.63 -9.93 7.78
CA VAL A 106 -0.05 -8.66 7.96
C VAL A 106 -0.15 -7.96 6.61
N VAL A 107 -1.15 -7.10 6.43
CA VAL A 107 -1.38 -6.34 5.22
C VAL A 107 -1.57 -4.90 5.69
N LEU A 108 -0.93 -3.92 5.04
CA LEU A 108 -1.02 -2.50 5.42
C LEU A 108 -1.24 -1.66 4.18
N SER A 109 -2.23 -0.77 4.19
CA SER A 109 -2.55 0.06 3.03
C SER A 109 -1.64 1.28 2.88
N ASP A 110 -0.97 1.75 3.94
CA ASP A 110 -0.09 2.92 3.90
C ASP A 110 1.24 2.50 4.55
N PRO A 111 2.05 1.63 3.91
CA PRO A 111 3.32 1.11 4.41
C PRO A 111 4.41 2.13 4.74
N ARG A 112 4.15 3.44 4.67
CA ARG A 112 5.12 4.49 4.99
C ARG A 112 5.66 4.27 6.42
N HIS A 113 4.83 3.79 7.34
CA HIS A 113 5.21 3.52 8.73
C HIS A 113 5.71 2.08 8.95
N LYS A 114 5.94 1.28 7.89
CA LYS A 114 6.43 -0.11 8.00
C LYS A 114 7.64 -0.17 8.92
N GLU A 115 8.63 0.70 8.70
CA GLU A 115 9.84 0.71 9.53
C GLU A 115 9.56 0.92 11.02
N ALA A 116 8.54 1.71 11.36
CA ALA A 116 8.17 2.01 12.73
C ALA A 116 7.47 0.78 13.33
N VAL A 117 6.44 0.29 12.63
CA VAL A 117 5.63 -0.87 13.00
C VAL A 117 6.53 -2.07 13.26
N ALA A 118 7.57 -2.27 12.43
CA ALA A 118 8.51 -3.35 12.56
C ALA A 118 9.13 -3.42 13.96
N GLN A 119 9.67 -2.30 14.44
CA GLN A 119 10.30 -2.23 15.77
C GLN A 119 9.26 -2.24 16.88
N LEU A 120 8.09 -1.67 16.64
CA LEU A 120 7.02 -1.62 17.62
C LEU A 120 6.57 -3.06 17.95
N LEU A 121 6.46 -3.88 16.90
CA LEU A 121 6.06 -5.28 16.98
C LEU A 121 7.21 -6.13 17.54
N ASN A 122 8.43 -5.93 17.04
CA ASN A 122 9.65 -6.63 17.43
C ASN A 122 9.42 -8.15 17.48
N ARG A 123 8.71 -8.69 16.49
CA ARG A 123 8.38 -10.11 16.39
C ARG A 123 8.47 -10.53 14.91
N PRO A 124 8.67 -11.81 14.61
CA PRO A 124 8.74 -12.31 13.23
C PRO A 124 7.35 -12.17 12.60
N ALA A 125 7.24 -11.26 11.62
CA ALA A 125 6.00 -10.97 10.92
C ALA A 125 6.27 -10.62 9.46
N ARG A 126 5.33 -11.02 8.60
CA ARG A 126 5.34 -10.80 7.17
C ARG A 126 4.47 -9.56 6.92
N PHE A 127 4.66 -8.86 5.81
CA PHE A 127 3.90 -7.66 5.51
C PHE A 127 3.64 -7.59 3.99
N TYR A 128 2.46 -7.13 3.57
CA TYR A 128 2.02 -6.97 2.17
C TYR A 128 1.25 -5.65 2.00
N LEU A 129 0.91 -5.27 0.77
CA LEU A 129 0.18 -4.03 0.45
C LEU A 129 -1.08 -4.31 -0.39
N ALA A 130 -2.25 -3.96 0.13
CA ALA A 130 -3.55 -4.08 -0.53
C ALA A 130 -4.13 -2.67 -0.63
N LEU A 131 -5.00 -2.40 -1.62
CA LEU A 131 -5.60 -1.08 -1.77
C LEU A 131 -6.38 -0.71 -0.49
N PRO A 132 -6.54 0.59 -0.17
CA PRO A 132 -7.25 1.02 1.03
C PRO A 132 -8.69 0.52 1.07
N GLN A 133 -9.32 0.36 -0.10
CA GLN A 133 -10.68 -0.12 -0.23
C GLN A 133 -10.77 -1.58 0.22
N ALA A 134 -9.89 -2.44 -0.31
CA ALA A 134 -9.87 -3.86 0.05
C ALA A 134 -9.46 -4.03 1.51
N TRP A 135 -8.55 -3.18 1.97
CA TRP A 135 -8.06 -3.20 3.33
C TRP A 135 -9.19 -2.89 4.30
N GLU A 136 -10.03 -1.88 4.04
CA GLU A 136 -11.13 -1.57 4.96
C GLU A 136 -12.13 -2.72 5.00
N GLU A 137 -12.43 -3.34 3.85
CA GLU A 137 -13.35 -4.46 3.82
C GLU A 137 -12.77 -5.60 4.67
N LEU A 138 -11.45 -5.80 4.63
CA LEU A 138 -10.79 -6.85 5.41
C LEU A 138 -10.77 -6.46 6.88
N PHE A 139 -10.55 -5.19 7.24
CA PHE A 139 -10.54 -4.74 8.63
C PHE A 139 -11.85 -5.18 9.29
N ARG A 140 -12.99 -4.96 8.62
CA ARG A 140 -14.31 -5.34 9.11
C ARG A 140 -14.43 -6.85 9.33
N ARG A 141 -13.79 -7.67 8.50
CA ARG A 141 -13.82 -9.13 8.62
C ARG A 141 -12.88 -9.60 9.73
N ALA A 142 -11.69 -9.01 9.84
CA ALA A 142 -10.70 -9.34 10.85
C ALA A 142 -11.21 -8.94 12.24
N TYR A 143 -11.96 -7.85 12.32
CA TYR A 143 -12.52 -7.30 13.55
C TYR A 143 -14.05 -7.17 13.44
N PRO A 144 -14.77 -8.30 13.45
CA PRO A 144 -16.21 -8.31 13.35
C PRO A 144 -16.83 -7.96 14.71
N GLN A 145 -18.15 -7.94 14.78
CA GLN A 145 -18.90 -7.66 16.00
C GLN A 145 -19.29 -9.01 16.57
N LYS A 146 -18.98 -9.25 17.85
CA LYS A 146 -19.30 -10.51 18.51
C LYS A 146 -20.80 -10.75 18.45
N GLY A 1 7.40 26.94 -12.42
CA GLY A 1 8.14 27.82 -11.51
C GLY A 1 9.58 27.94 -11.95
N SER A 2 10.51 28.06 -11.01
CA SER A 2 11.95 28.19 -11.28
C SER A 2 12.77 27.06 -10.65
N SER A 3 12.12 26.05 -10.05
CA SER A 3 12.76 24.91 -9.40
C SER A 3 11.77 23.75 -9.36
N GLY A 4 12.24 22.53 -9.17
CA GLY A 4 11.40 21.34 -9.08
C GLY A 4 12.14 20.26 -8.32
N GLU A 5 11.41 19.38 -7.65
CA GLU A 5 11.96 18.30 -6.85
C GLU A 5 10.95 17.16 -6.73
N GLY A 6 11.43 15.99 -6.31
CA GLY A 6 10.61 14.81 -6.14
C GLY A 6 11.41 13.53 -6.28
N GLN A 7 10.79 12.44 -5.83
CA GLN A 7 11.34 11.09 -5.87
C GLN A 7 10.23 10.06 -5.99
N LYS A 8 9.01 10.33 -5.49
CA LYS A 8 7.87 9.41 -5.57
C LYS A 8 7.50 9.30 -7.04
N ASP A 9 7.61 10.42 -7.73
CA ASP A 9 7.38 10.64 -9.16
C ASP A 9 8.37 9.74 -9.89
N LEU A 10 9.67 9.88 -9.59
CA LEU A 10 10.73 9.08 -10.19
C LEU A 10 10.42 7.60 -9.96
N LYS A 11 10.14 7.19 -8.72
CA LYS A 11 9.82 5.81 -8.39
C LYS A 11 8.60 5.32 -9.16
N LEU A 12 7.59 6.15 -9.43
CA LEU A 12 6.43 5.68 -10.20
C LEU A 12 6.85 5.50 -11.65
N GLY A 13 7.42 6.55 -12.25
CA GLY A 13 7.87 6.56 -13.62
C GLY A 13 8.83 5.42 -13.93
N GLU A 14 9.91 5.28 -13.18
CA GLU A 14 10.93 4.27 -13.35
C GLU A 14 10.32 2.86 -13.37
N LEU A 15 9.43 2.54 -12.42
CA LEU A 15 8.79 1.23 -12.36
C LEU A 15 7.85 1.00 -13.53
N LEU A 16 6.98 1.98 -13.81
CA LEU A 16 6.02 1.86 -14.90
C LEU A 16 6.73 1.73 -16.23
N LEU A 17 7.69 2.61 -16.51
CA LEU A 17 8.47 2.64 -17.75
C LEU A 17 9.25 1.34 -17.93
N GLN A 18 9.76 0.72 -16.85
CA GLN A 18 10.49 -0.54 -16.96
C GLN A 18 9.63 -1.61 -17.63
N LYS A 19 8.31 -1.58 -17.41
CA LYS A 19 7.36 -2.52 -18.01
C LYS A 19 6.63 -1.88 -19.19
N GLY A 20 6.74 -0.56 -19.34
CA GLY A 20 6.12 0.25 -20.38
C GLY A 20 4.64 0.47 -20.13
N TRP A 21 4.21 0.50 -18.88
CA TRP A 21 2.82 0.69 -18.50
C TRP A 21 2.26 2.07 -18.86
N ILE A 22 3.11 3.07 -19.08
CA ILE A 22 2.75 4.42 -19.46
C ILE A 22 3.84 4.94 -20.42
N SER A 23 3.80 6.23 -20.73
CA SER A 23 4.72 6.92 -21.60
C SER A 23 5.21 8.19 -20.90
N ARG A 24 6.30 8.77 -21.38
CA ARG A 24 6.86 10.00 -20.80
C ARG A 24 5.86 11.16 -20.81
N GLU A 25 4.95 11.18 -21.78
CA GLU A 25 3.95 12.23 -21.87
C GLU A 25 3.00 12.14 -20.68
N ALA A 26 2.45 10.95 -20.42
CA ALA A 26 1.54 10.71 -19.31
C ALA A 26 2.19 11.08 -17.97
N LEU A 27 3.50 10.84 -17.87
CA LEU A 27 4.31 11.12 -16.71
C LEU A 27 4.35 12.63 -16.46
N GLU A 28 4.69 13.39 -17.49
CA GLU A 28 4.79 14.85 -17.47
C GLU A 28 3.44 15.46 -17.12
N GLU A 29 2.33 14.87 -17.58
CA GLU A 29 1.00 15.38 -17.26
C GLU A 29 0.80 15.38 -15.75
N ALA A 30 1.20 14.28 -15.10
CA ALA A 30 1.06 14.13 -13.67
C ALA A 30 2.04 15.02 -12.90
N LEU A 31 3.26 15.16 -13.39
CA LEU A 31 4.31 15.99 -12.79
C LEU A 31 3.84 17.43 -12.62
N VAL A 32 3.03 17.96 -13.54
CA VAL A 32 2.51 19.31 -13.47
C VAL A 32 1.55 19.48 -12.29
N GLU A 33 0.70 18.50 -11.95
CA GLU A 33 -0.19 18.69 -10.80
C GLU A 33 0.63 18.66 -9.50
N GLN A 34 1.78 17.96 -9.46
CA GLN A 34 2.59 17.93 -8.25
C GLN A 34 3.10 19.35 -7.95
N GLU A 35 3.32 20.18 -8.98
CA GLU A 35 3.80 21.57 -8.81
C GLU A 35 2.77 22.43 -8.06
N LYS A 36 1.48 22.05 -8.10
CA LYS A 36 0.38 22.77 -7.45
C LYS A 36 -0.18 22.10 -6.21
N THR A 37 0.10 20.82 -6.00
CA THR A 37 -0.42 20.09 -4.85
C THR A 37 0.63 19.41 -3.95
N GLY A 38 1.86 19.14 -4.42
CA GLY A 38 2.90 18.47 -3.64
C GLY A 38 2.54 17.02 -3.29
N ASP A 39 1.52 16.45 -3.92
CA ASP A 39 1.04 15.08 -3.71
C ASP A 39 1.94 14.02 -4.34
N LEU A 40 1.51 12.76 -4.23
CA LEU A 40 2.17 11.59 -4.79
C LEU A 40 1.86 11.59 -6.28
N LEU A 41 2.84 11.41 -7.17
CA LEU A 41 2.58 11.37 -8.62
C LEU A 41 1.54 10.31 -8.98
N GLY A 42 1.58 9.17 -8.29
CA GLY A 42 0.68 8.05 -8.49
C GLY A 42 -0.78 8.47 -8.50
N ARG A 43 -1.27 9.14 -7.46
CA ARG A 43 -2.67 9.54 -7.44
C ARG A 43 -3.00 10.50 -8.58
N ILE A 44 -2.04 11.32 -9.02
CA ILE A 44 -2.27 12.27 -10.10
C ILE A 44 -2.48 11.45 -11.38
N LEU A 45 -1.64 10.43 -11.63
CA LEU A 45 -1.76 9.58 -12.80
C LEU A 45 -3.16 8.96 -12.78
N VAL A 46 -3.56 8.36 -11.66
CA VAL A 46 -4.86 7.73 -11.47
C VAL A 46 -5.98 8.76 -11.70
N ARG A 47 -5.87 9.98 -11.15
CA ARG A 47 -6.86 11.05 -11.31
C ARG A 47 -7.02 11.44 -12.77
N LYS A 48 -6.00 11.26 -13.61
CA LYS A 48 -6.10 11.59 -15.03
C LYS A 48 -6.90 10.51 -15.79
N GLY A 49 -7.45 9.50 -15.11
CA GLY A 49 -8.26 8.42 -15.68
C GLY A 49 -7.55 7.07 -15.74
N LEU A 50 -6.38 6.93 -15.09
CA LEU A 50 -5.64 5.68 -15.09
C LEU A 50 -6.19 4.76 -13.99
N PRO A 51 -5.98 3.43 -14.10
CA PRO A 51 -6.45 2.46 -13.12
C PRO A 51 -5.66 2.60 -11.82
N GLU A 52 -6.36 2.56 -10.68
CA GLU A 52 -5.75 2.68 -9.37
C GLU A 52 -4.93 1.44 -8.98
N GLU A 53 -5.36 0.27 -9.41
CA GLU A 53 -4.68 -1.00 -9.15
C GLU A 53 -3.24 -0.96 -9.66
N ALA A 54 -3.01 -0.35 -10.83
CA ALA A 54 -1.68 -0.23 -11.42
C ALA A 54 -0.75 0.63 -10.55
N LEU A 55 -1.29 1.52 -9.72
CA LEU A 55 -0.48 2.35 -8.83
C LEU A 55 0.02 1.45 -7.70
N TYR A 56 -0.92 0.81 -7.01
CA TYR A 56 -0.63 -0.09 -5.90
C TYR A 56 0.26 -1.25 -6.31
N ARG A 57 0.03 -1.89 -7.47
CA ARG A 57 0.86 -3.00 -7.94
C ARG A 57 2.33 -2.56 -8.04
N ALA A 58 2.59 -1.36 -8.58
CA ALA A 58 3.94 -0.83 -8.71
C ALA A 58 4.52 -0.52 -7.32
N LEU A 59 3.76 0.18 -6.48
CA LEU A 59 4.17 0.55 -5.12
C LEU A 59 4.63 -0.67 -4.30
N ALA A 60 4.00 -1.82 -4.50
CA ALA A 60 4.36 -3.03 -3.78
C ALA A 60 5.77 -3.46 -4.16
N GLU A 61 6.03 -3.57 -5.46
CA GLU A 61 7.34 -3.98 -5.97
C GLU A 61 8.41 -2.98 -5.54
N GLN A 62 8.09 -1.68 -5.57
CA GLN A 62 9.02 -0.63 -5.19
C GLN A 62 9.61 -0.90 -3.79
N LYS A 63 8.78 -1.34 -2.85
CA LYS A 63 9.21 -1.63 -1.48
C LYS A 63 9.59 -3.10 -1.28
N GLY A 64 9.50 -3.94 -2.30
CA GLY A 64 9.86 -5.35 -2.25
C GLY A 64 8.76 -6.20 -1.64
N LEU A 65 7.51 -5.73 -1.73
CA LEU A 65 6.31 -6.38 -1.23
C LEU A 65 5.57 -7.03 -2.40
N GLU A 66 4.54 -7.79 -2.07
CA GLU A 66 3.67 -8.49 -3.01
C GLU A 66 2.35 -7.71 -3.01
N PHE A 67 1.60 -7.78 -4.12
CA PHE A 67 0.33 -7.09 -4.27
C PHE A 67 -0.79 -8.10 -4.11
N LEU A 68 -1.66 -7.84 -3.14
CA LEU A 68 -2.80 -8.67 -2.81
C LEU A 68 -3.89 -8.48 -3.85
N GLU A 69 -4.35 -9.58 -4.43
CA GLU A 69 -5.39 -9.61 -5.45
C GLU A 69 -6.74 -9.09 -4.95
N SER A 70 -7.20 -9.61 -3.81
CA SER A 70 -8.49 -9.26 -3.24
C SER A 70 -8.48 -9.40 -1.71
N THR A 71 -9.55 -9.00 -1.05
CA THR A 71 -9.70 -9.10 0.41
C THR A 71 -11.04 -9.75 0.78
N GLU A 72 -12.03 -9.68 -0.12
CA GLU A 72 -13.37 -10.22 0.05
C GLU A 72 -13.46 -11.69 0.46
N GLY A 73 -12.52 -12.54 0.01
CA GLY A 73 -12.53 -13.97 0.33
C GLY A 73 -11.66 -14.41 1.49
N ILE A 74 -10.94 -13.51 2.16
CA ILE A 74 -10.06 -13.86 3.28
C ILE A 74 -10.91 -14.29 4.50
N VAL A 75 -10.29 -15.01 5.42
CA VAL A 75 -10.90 -15.45 6.66
C VAL A 75 -9.92 -14.98 7.74
N PRO A 76 -10.14 -13.80 8.35
CA PRO A 76 -9.25 -13.27 9.38
C PRO A 76 -9.38 -14.15 10.63
N ASP A 77 -8.32 -14.87 10.99
CA ASP A 77 -8.33 -15.73 12.16
C ASP A 77 -8.46 -14.92 13.48
N PRO A 78 -9.21 -15.38 14.48
CA PRO A 78 -9.37 -14.69 15.76
C PRO A 78 -8.04 -14.51 16.50
N SER A 79 -7.13 -15.49 16.45
CA SER A 79 -5.83 -15.38 17.12
C SER A 79 -4.99 -14.28 16.47
N ALA A 80 -5.24 -13.93 15.21
CA ALA A 80 -4.49 -12.89 14.52
C ALA A 80 -4.86 -11.51 15.08
N ALA A 81 -6.10 -11.32 15.53
CA ALA A 81 -6.57 -10.06 16.11
C ALA A 81 -5.98 -9.77 17.49
N LEU A 82 -5.35 -10.77 18.14
CA LEU A 82 -4.76 -10.62 19.47
C LEU A 82 -3.49 -9.75 19.43
N LEU A 83 -2.68 -9.86 18.37
CA LEU A 83 -1.44 -9.11 18.21
C LEU A 83 -1.67 -7.66 17.79
N LEU A 84 -2.59 -7.42 16.86
CA LEU A 84 -2.90 -6.08 16.35
C LEU A 84 -4.34 -5.76 16.75
N LEU A 85 -4.54 -4.80 17.66
CA LEU A 85 -5.87 -4.39 18.13
C LEU A 85 -6.58 -3.53 17.10
N ARG A 86 -7.92 -3.43 17.19
CA ARG A 86 -8.70 -2.62 16.24
C ARG A 86 -8.30 -1.14 16.24
N SER A 87 -7.90 -0.58 17.39
CA SER A 87 -7.46 0.82 17.43
C SER A 87 -6.06 0.90 16.82
N ASP A 88 -5.15 0.02 17.24
CA ASP A 88 -3.77 -0.05 16.77
C ASP A 88 -3.71 -0.23 15.26
N ALA A 89 -4.70 -0.94 14.71
CA ALA A 89 -4.87 -1.22 13.30
C ALA A 89 -5.05 0.08 12.52
N LEU A 90 -5.79 1.06 13.06
CA LEU A 90 -5.98 2.34 12.39
C LEU A 90 -4.69 3.14 12.48
N ARG A 91 -4.03 3.07 13.65
CA ARG A 91 -2.79 3.79 13.95
C ARG A 91 -1.70 3.56 12.90
N TYR A 92 -1.54 2.31 12.44
CA TYR A 92 -0.54 1.94 11.44
C TYR A 92 -1.13 1.34 10.17
N GLY A 93 -2.43 1.50 9.94
CA GLY A 93 -3.13 0.96 8.77
C GLY A 93 -2.81 -0.52 8.56
N ALA A 94 -2.86 -1.34 9.62
CA ALA A 94 -2.57 -2.76 9.54
C ALA A 94 -3.73 -3.61 10.06
N VAL A 95 -3.98 -4.75 9.44
CA VAL A 95 -5.01 -5.72 9.76
C VAL A 95 -4.38 -7.12 9.60
N PRO A 96 -4.16 -7.85 10.71
CA PRO A 96 -3.61 -9.19 10.70
C PRO A 96 -4.74 -10.13 10.26
N ILE A 97 -4.39 -11.15 9.47
CA ILE A 97 -5.34 -12.11 8.95
C ILE A 97 -5.13 -13.57 9.31
N GLY A 98 -3.94 -13.95 9.77
CA GLY A 98 -3.66 -15.32 10.12
C GLY A 98 -2.18 -15.55 10.41
N PHE A 99 -1.82 -16.80 10.61
CA PHE A 99 -0.48 -17.28 10.90
C PHE A 99 -0.13 -18.42 9.95
N GLN A 100 1.09 -18.41 9.42
CA GLN A 100 1.59 -19.42 8.50
C GLN A 100 3.11 -19.41 8.50
N ASN A 101 3.72 -20.60 8.43
CA ASN A 101 5.17 -20.82 8.38
C ASN A 101 5.94 -20.20 9.57
N GLY A 102 5.35 -20.27 10.77
CA GLY A 102 5.93 -19.76 12.01
C GLY A 102 5.87 -18.24 12.18
N GLU A 103 5.24 -17.50 11.27
CA GLU A 103 5.09 -16.05 11.28
C GLU A 103 3.60 -15.68 11.16
N VAL A 104 3.27 -14.40 11.26
CA VAL A 104 1.92 -13.86 11.17
C VAL A 104 1.80 -13.06 9.87
N GLU A 105 0.72 -13.24 9.12
CA GLU A 105 0.47 -12.54 7.86
C GLU A 105 -0.03 -11.12 8.18
N VAL A 106 0.39 -10.10 7.43
CA VAL A 106 0.01 -8.71 7.63
C VAL A 106 -0.21 -8.06 6.24
N VAL A 107 -1.29 -7.29 6.06
CA VAL A 107 -1.62 -6.61 4.79
C VAL A 107 -1.86 -5.12 5.08
N LEU A 108 -0.98 -4.24 4.59
CA LEU A 108 -1.07 -2.79 4.85
C LEU A 108 -1.26 -2.00 3.56
N SER A 109 -2.12 -0.98 3.54
CA SER A 109 -2.35 -0.20 2.34
C SER A 109 -1.34 0.95 2.22
N ASP A 110 -0.71 1.39 3.31
CA ASP A 110 0.29 2.46 3.30
C ASP A 110 1.60 1.95 3.88
N PRO A 111 2.38 1.17 3.12
CA PRO A 111 3.66 0.61 3.57
C PRO A 111 4.72 1.67 3.90
N ARG A 112 4.41 2.97 3.80
CA ARG A 112 5.30 4.08 4.10
C ARG A 112 5.80 4.00 5.55
N HIS A 113 5.07 3.34 6.45
CA HIS A 113 5.45 3.16 7.85
C HIS A 113 5.93 1.72 8.12
N LYS A 114 6.09 0.86 7.11
CA LYS A 114 6.56 -0.53 7.29
C LYS A 114 7.86 -0.57 8.09
N GLU A 115 8.88 0.19 7.71
CA GLU A 115 10.16 0.20 8.42
C GLU A 115 9.99 0.55 9.90
N ALA A 116 9.08 1.48 10.23
CA ALA A 116 8.81 1.91 11.59
C ALA A 116 8.06 0.82 12.38
N VAL A 117 7.01 0.28 11.76
CA VAL A 117 6.14 -0.76 12.32
C VAL A 117 6.92 -2.06 12.52
N ALA A 118 7.85 -2.40 11.63
CA ALA A 118 8.64 -3.62 11.74
C ALA A 118 9.41 -3.63 13.05
N GLN A 119 10.16 -2.56 13.34
CA GLN A 119 10.94 -2.45 14.57
C GLN A 119 10.05 -2.40 15.80
N LEU A 120 8.90 -1.70 15.71
CA LEU A 120 7.91 -1.56 16.76
C LEU A 120 7.39 -2.93 17.15
N LEU A 121 7.03 -3.71 16.15
CA LEU A 121 6.49 -5.06 16.29
C LEU A 121 7.52 -6.03 16.85
N ASN A 122 8.77 -5.94 16.40
CA ASN A 122 9.89 -6.80 16.81
C ASN A 122 9.46 -8.26 16.97
N ARG A 123 8.74 -8.79 15.98
CA ARG A 123 8.28 -10.17 15.96
C ARG A 123 8.23 -10.70 14.52
N PRO A 124 8.42 -12.00 14.27
CA PRO A 124 8.41 -12.58 12.94
C PRO A 124 7.04 -12.50 12.27
N ALA A 125 6.91 -11.70 11.22
CA ALA A 125 5.69 -11.53 10.45
C ALA A 125 6.00 -11.32 8.96
N ARG A 126 4.99 -11.56 8.13
CA ARG A 126 4.97 -11.44 6.68
C ARG A 126 4.23 -10.13 6.38
N PHE A 127 4.54 -9.43 5.30
CA PHE A 127 3.88 -8.15 4.98
C PHE A 127 3.61 -8.03 3.48
N TYR A 128 2.44 -7.51 3.11
CA TYR A 128 1.97 -7.31 1.73
C TYR A 128 1.24 -5.98 1.58
N LEU A 129 0.82 -5.65 0.35
CA LEU A 129 0.12 -4.42 -0.01
C LEU A 129 -1.18 -4.72 -0.76
N ALA A 130 -2.31 -4.15 -0.32
CA ALA A 130 -3.63 -4.28 -0.94
C ALA A 130 -4.19 -2.87 -1.08
N LEU A 131 -5.14 -2.64 -1.98
CA LEU A 131 -5.73 -1.31 -2.19
C LEU A 131 -6.34 -0.76 -0.90
N PRO A 132 -6.46 0.58 -0.76
CA PRO A 132 -7.02 1.21 0.44
C PRO A 132 -8.48 0.78 0.66
N GLN A 133 -9.26 0.59 -0.40
CA GLN A 133 -10.64 0.17 -0.33
C GLN A 133 -10.73 -1.28 0.14
N ALA A 134 -9.87 -2.16 -0.41
CA ALA A 134 -9.81 -3.57 -0.05
C ALA A 134 -9.50 -3.72 1.44
N TRP A 135 -8.60 -2.87 1.93
CA TRP A 135 -8.18 -2.85 3.32
C TRP A 135 -9.32 -2.36 4.23
N GLU A 136 -10.06 -1.33 3.82
CA GLU A 136 -11.17 -0.76 4.59
C GLU A 136 -12.20 -1.85 4.89
N GLU A 137 -12.42 -2.76 3.93
CA GLU A 137 -13.35 -3.87 4.05
C GLU A 137 -12.79 -4.91 5.02
N LEU A 138 -11.53 -5.33 4.84
CA LEU A 138 -10.88 -6.32 5.70
C LEU A 138 -10.92 -5.86 7.15
N PHE A 139 -10.61 -4.59 7.42
CA PHE A 139 -10.59 -4.02 8.77
C PHE A 139 -11.90 -4.32 9.51
N ARG A 140 -13.06 -4.16 8.89
CA ARG A 140 -14.33 -4.43 9.57
C ARG A 140 -14.47 -5.90 9.91
N ARG A 141 -14.14 -6.74 8.94
CA ARG A 141 -14.21 -8.20 9.04
C ARG A 141 -13.26 -8.73 10.10
N ALA A 142 -12.04 -8.20 10.22
CA ALA A 142 -11.07 -8.64 11.22
C ALA A 142 -11.47 -8.14 12.62
N TYR A 143 -12.22 -7.05 12.71
CA TYR A 143 -12.67 -6.47 13.98
C TYR A 143 -14.21 -6.43 13.97
N PRO A 144 -14.85 -7.62 14.07
CA PRO A 144 -16.28 -7.75 14.04
C PRO A 144 -16.94 -7.08 15.25
N GLN A 145 -18.01 -6.36 14.96
CA GLN A 145 -18.82 -5.62 15.91
C GLN A 145 -19.52 -6.60 16.86
N LYS A 146 -19.86 -6.13 18.06
CA LYS A 146 -20.53 -6.90 19.09
C LYS A 146 -21.50 -5.92 19.73
N GLY A 1 13.10 27.06 -12.34
CA GLY A 1 11.99 26.13 -12.19
C GLY A 1 10.93 26.76 -11.32
N SER A 2 10.40 25.97 -10.39
CA SER A 2 9.38 26.37 -9.43
C SER A 2 9.97 26.09 -8.05
N SER A 3 9.41 25.23 -7.21
CA SER A 3 9.94 24.95 -5.88
C SER A 3 9.36 23.62 -5.38
N GLY A 4 10.10 22.52 -5.49
CA GLY A 4 9.65 21.22 -5.04
C GLY A 4 9.94 20.12 -6.06
N GLU A 5 11.22 19.88 -6.35
CA GLU A 5 11.65 18.86 -7.29
C GLU A 5 11.11 17.50 -6.85
N GLY A 6 10.46 16.80 -7.76
CA GLY A 6 9.88 15.49 -7.50
C GLY A 6 10.92 14.43 -7.13
N GLN A 7 10.45 13.35 -6.51
CA GLN A 7 11.20 12.19 -6.04
C GLN A 7 10.28 10.97 -5.92
N LYS A 8 9.22 11.09 -5.13
CA LYS A 8 8.25 10.00 -4.90
C LYS A 8 7.74 9.48 -6.23
N ASP A 9 7.40 10.42 -7.10
CA ASP A 9 6.90 10.33 -8.46
C ASP A 9 7.89 9.60 -9.36
N LEU A 10 9.18 9.95 -9.30
CA LEU A 10 10.25 9.35 -10.11
C LEU A 10 10.25 7.84 -9.98
N LYS A 11 10.12 7.33 -8.75
CA LYS A 11 10.12 5.89 -8.53
C LYS A 11 8.94 5.26 -9.27
N LEU A 12 7.75 5.86 -9.26
CA LEU A 12 6.61 5.29 -9.98
C LEU A 12 6.91 5.32 -11.47
N GLY A 13 7.48 6.42 -11.97
CA GLY A 13 7.81 6.58 -13.38
C GLY A 13 8.74 5.46 -13.81
N GLU A 14 9.90 5.39 -13.17
CA GLU A 14 10.94 4.41 -13.43
C GLU A 14 10.45 2.97 -13.30
N LEU A 15 9.50 2.68 -12.39
CA LEU A 15 8.97 1.32 -12.24
C LEU A 15 8.02 0.99 -13.39
N LEU A 16 7.00 1.83 -13.60
CA LEU A 16 5.99 1.63 -14.63
C LEU A 16 6.58 1.63 -16.03
N LEU A 17 7.58 2.46 -16.29
CA LEU A 17 8.26 2.56 -17.58
C LEU A 17 8.92 1.21 -17.86
N GLN A 18 9.54 0.59 -16.85
CA GLN A 18 10.20 -0.70 -17.04
C GLN A 18 9.19 -1.82 -17.31
N LYS A 19 7.91 -1.60 -17.00
CA LYS A 19 6.83 -2.54 -17.22
C LYS A 19 6.02 -2.17 -18.46
N GLY A 20 6.14 -0.94 -18.95
CA GLY A 20 5.42 -0.42 -20.11
C GLY A 20 3.98 -0.06 -19.74
N TRP A 21 3.68 0.04 -18.44
CA TRP A 21 2.34 0.37 -17.96
C TRP A 21 1.96 1.80 -18.28
N ILE A 22 2.95 2.67 -18.46
CA ILE A 22 2.82 4.08 -18.81
C ILE A 22 3.97 4.40 -19.75
N SER A 23 3.92 5.62 -20.26
CA SER A 23 4.90 6.20 -21.15
C SER A 23 5.16 7.62 -20.67
N ARG A 24 6.23 8.24 -21.19
CA ARG A 24 6.60 9.59 -20.81
C ARG A 24 5.44 10.55 -21.00
N GLU A 25 4.66 10.41 -22.07
CA GLU A 25 3.52 11.28 -22.35
C GLU A 25 2.53 11.32 -21.19
N ALA A 26 2.27 10.18 -20.55
CA ALA A 26 1.35 10.09 -19.42
C ALA A 26 1.97 10.69 -18.16
N LEU A 27 3.29 10.50 -17.98
CA LEU A 27 4.04 11.01 -16.85
C LEU A 27 4.05 12.54 -16.88
N GLU A 28 4.44 13.14 -18.00
CA GLU A 28 4.50 14.59 -18.18
C GLU A 28 3.15 15.24 -17.92
N GLU A 29 2.07 14.61 -18.37
CA GLU A 29 0.72 15.13 -18.19
C GLU A 29 0.37 15.21 -16.69
N ALA A 30 0.90 14.27 -15.90
CA ALA A 30 0.69 14.20 -14.47
C ALA A 30 1.59 15.22 -13.76
N LEU A 31 2.85 15.32 -14.18
CA LEU A 31 3.88 16.23 -13.66
C LEU A 31 3.37 17.67 -13.65
N VAL A 32 2.67 18.10 -14.70
CA VAL A 32 2.12 19.45 -14.79
C VAL A 32 1.23 19.73 -13.57
N GLU A 33 0.42 18.75 -13.12
CA GLU A 33 -0.43 18.92 -11.95
C GLU A 33 0.43 18.81 -10.69
N GLN A 34 1.45 17.94 -10.67
CA GLN A 34 2.30 17.77 -9.50
C GLN A 34 3.04 19.05 -9.12
N GLU A 35 3.52 19.83 -10.09
CA GLU A 35 4.25 21.05 -9.77
C GLU A 35 3.35 22.04 -9.02
N LYS A 36 2.05 22.08 -9.33
CA LYS A 36 1.12 22.99 -8.67
C LYS A 36 0.54 22.42 -7.38
N THR A 37 0.38 21.10 -7.23
CA THR A 37 -0.18 20.52 -6.01
C THR A 37 0.87 20.05 -4.99
N GLY A 38 2.07 19.70 -5.44
CA GLY A 38 3.18 19.21 -4.64
C GLY A 38 2.81 17.90 -3.96
N ASP A 39 1.86 17.16 -4.55
CA ASP A 39 1.34 15.89 -4.07
C ASP A 39 2.03 14.68 -4.71
N LEU A 40 1.45 13.50 -4.51
CA LEU A 40 1.94 12.23 -5.02
C LEU A 40 1.40 12.03 -6.44
N LEU A 41 2.28 12.14 -7.44
CA LEU A 41 1.97 12.01 -8.85
C LEU A 41 1.14 10.77 -9.20
N GLY A 42 1.29 9.67 -8.46
CA GLY A 42 0.52 8.47 -8.70
C GLY A 42 -0.99 8.77 -8.67
N ARG A 43 -1.45 9.66 -7.78
CA ARG A 43 -2.88 9.99 -7.69
C ARG A 43 -3.32 10.77 -8.92
N ILE A 44 -2.44 11.59 -9.48
CA ILE A 44 -2.66 12.41 -10.67
C ILE A 44 -2.87 11.44 -11.83
N LEU A 45 -2.07 10.38 -11.91
CA LEU A 45 -2.18 9.36 -12.96
C LEU A 45 -3.57 8.73 -12.89
N VAL A 46 -4.03 8.32 -11.70
CA VAL A 46 -5.35 7.71 -11.50
C VAL A 46 -6.44 8.73 -11.88
N ARG A 47 -6.28 10.01 -11.54
CA ARG A 47 -7.24 11.07 -11.87
C ARG A 47 -7.33 11.22 -13.39
N LYS A 48 -6.26 10.92 -14.12
CA LYS A 48 -6.21 11.00 -15.57
C LYS A 48 -6.96 9.81 -16.20
N GLY A 49 -7.60 8.96 -15.39
CA GLY A 49 -8.39 7.80 -15.79
C GLY A 49 -7.77 6.45 -15.49
N LEU A 50 -6.54 6.38 -14.98
CA LEU A 50 -5.90 5.11 -14.68
C LEU A 50 -6.51 4.40 -13.46
N PRO A 51 -6.34 3.07 -13.35
CA PRO A 51 -6.82 2.29 -12.23
C PRO A 51 -5.84 2.49 -11.06
N GLU A 52 -6.34 2.61 -9.83
CA GLU A 52 -5.48 2.81 -8.67
C GLU A 52 -4.69 1.55 -8.34
N GLU A 53 -5.21 0.39 -8.71
CA GLU A 53 -4.52 -0.87 -8.48
C GLU A 53 -3.21 -0.88 -9.27
N ALA A 54 -3.17 -0.24 -10.45
CA ALA A 54 -1.93 -0.18 -11.23
C ALA A 54 -0.90 0.72 -10.52
N LEU A 55 -1.36 1.65 -9.68
CA LEU A 55 -0.48 2.54 -8.93
C LEU A 55 0.14 1.73 -7.79
N TYR A 56 -0.71 1.11 -6.97
CA TYR A 56 -0.26 0.33 -5.83
C TYR A 56 0.55 -0.90 -6.22
N ARG A 57 0.20 -1.60 -7.30
CA ARG A 57 0.96 -2.77 -7.74
C ARG A 57 2.42 -2.39 -7.95
N ALA A 58 2.71 -1.15 -8.39
CA ALA A 58 4.08 -0.70 -8.59
C ALA A 58 4.70 -0.43 -7.21
N LEU A 59 4.00 0.28 -6.32
CA LEU A 59 4.46 0.61 -4.96
C LEU A 59 4.87 -0.62 -4.16
N ALA A 60 4.29 -1.78 -4.43
CA ALA A 60 4.58 -3.04 -3.77
C ALA A 60 6.06 -3.38 -4.06
N GLU A 61 6.46 -3.36 -5.34
CA GLU A 61 7.82 -3.65 -5.78
C GLU A 61 8.76 -2.61 -5.17
N GLN A 62 8.35 -1.34 -5.24
CA GLN A 62 9.10 -0.21 -4.71
C GLN A 62 9.46 -0.36 -3.23
N LYS A 63 8.81 -1.26 -2.49
CA LYS A 63 9.05 -1.53 -1.08
C LYS A 63 9.54 -2.97 -0.86
N GLY A 64 9.42 -3.82 -1.88
CA GLY A 64 9.83 -5.22 -1.87
C GLY A 64 8.78 -6.17 -1.32
N LEU A 65 7.53 -5.69 -1.24
CA LEU A 65 6.37 -6.41 -0.75
C LEU A 65 5.59 -6.97 -1.93
N GLU A 66 4.69 -7.93 -1.70
CA GLU A 66 3.88 -8.52 -2.73
C GLU A 66 2.47 -7.94 -2.60
N PHE A 67 1.86 -7.65 -3.74
CA PHE A 67 0.53 -7.08 -3.85
C PHE A 67 -0.51 -8.18 -3.59
N LEU A 68 -1.68 -7.80 -3.11
CA LEU A 68 -2.78 -8.71 -2.80
C LEU A 68 -3.93 -8.39 -3.75
N GLU A 69 -4.32 -9.38 -4.55
CA GLU A 69 -5.39 -9.26 -5.53
C GLU A 69 -6.70 -8.70 -4.96
N SER A 70 -7.20 -9.27 -3.88
CA SER A 70 -8.45 -8.85 -3.26
C SER A 70 -8.46 -9.26 -1.79
N THR A 71 -9.46 -8.80 -1.05
CA THR A 71 -9.65 -9.09 0.36
C THR A 71 -10.98 -9.80 0.61
N GLU A 72 -11.81 -9.98 -0.43
CA GLU A 72 -13.10 -10.62 -0.31
C GLU A 72 -13.01 -12.08 0.14
N GLY A 73 -12.03 -12.84 -0.36
CA GLY A 73 -11.84 -14.24 -0.02
C GLY A 73 -10.89 -14.39 1.16
N ILE A 74 -11.07 -13.61 2.22
CA ILE A 74 -10.22 -13.65 3.41
C ILE A 74 -11.13 -13.78 4.62
N VAL A 75 -10.72 -14.62 5.57
CA VAL A 75 -11.37 -14.88 6.83
C VAL A 75 -10.23 -14.63 7.82
N PRO A 76 -10.14 -13.43 8.42
CA PRO A 76 -9.07 -13.13 9.36
C PRO A 76 -9.25 -14.01 10.60
N ASP A 77 -8.31 -14.93 10.85
CA ASP A 77 -8.37 -15.85 12.00
C ASP A 77 -8.50 -15.07 13.31
N PRO A 78 -9.31 -15.53 14.30
CA PRO A 78 -9.48 -14.85 15.58
C PRO A 78 -8.15 -14.61 16.29
N SER A 79 -7.28 -15.63 16.35
CA SER A 79 -5.99 -15.52 17.02
C SER A 79 -5.09 -14.48 16.34
N ALA A 80 -5.29 -14.20 15.04
CA ALA A 80 -4.48 -13.23 14.32
C ALA A 80 -4.68 -11.82 14.92
N ALA A 81 -5.86 -11.53 15.45
CA ALA A 81 -6.17 -10.24 16.06
C ALA A 81 -5.53 -10.06 17.45
N LEU A 82 -5.05 -11.13 18.09
CA LEU A 82 -4.45 -11.04 19.41
C LEU A 82 -3.14 -10.27 19.41
N LEU A 83 -2.45 -10.21 18.26
CA LEU A 83 -1.19 -9.49 18.11
C LEU A 83 -1.41 -8.08 17.57
N LEU A 84 -2.52 -7.84 16.87
CA LEU A 84 -2.82 -6.50 16.36
C LEU A 84 -4.30 -6.24 16.61
N LEU A 85 -4.60 -5.33 17.54
CA LEU A 85 -5.95 -4.95 17.96
C LEU A 85 -6.57 -3.89 17.04
N ARG A 86 -7.89 -3.73 17.12
CA ARG A 86 -8.66 -2.77 16.32
C ARG A 86 -8.19 -1.32 16.44
N SER A 87 -7.70 -0.92 17.61
CA SER A 87 -7.22 0.43 17.82
C SER A 87 -5.88 0.65 17.12
N ASP A 88 -4.93 -0.28 17.33
CA ASP A 88 -3.59 -0.22 16.74
C ASP A 88 -3.64 -0.40 15.21
N ALA A 89 -4.61 -1.18 14.73
CA ALA A 89 -4.79 -1.44 13.30
C ALA A 89 -4.94 -0.13 12.53
N LEU A 90 -5.71 0.82 13.06
CA LEU A 90 -5.90 2.11 12.40
C LEU A 90 -4.62 2.95 12.49
N ARG A 91 -3.94 2.89 13.64
CA ARG A 91 -2.73 3.64 13.94
C ARG A 91 -1.63 3.46 12.89
N TYR A 92 -1.31 2.25 12.45
CA TYR A 92 -0.27 2.03 11.43
C TYR A 92 -0.87 1.41 10.15
N GLY A 93 -2.20 1.39 10.02
CA GLY A 93 -2.91 0.85 8.87
C GLY A 93 -2.59 -0.62 8.59
N ALA A 94 -2.53 -1.48 9.62
CA ALA A 94 -2.21 -2.90 9.47
C ALA A 94 -3.35 -3.80 9.94
N VAL A 95 -3.60 -4.92 9.24
CA VAL A 95 -4.65 -5.86 9.60
C VAL A 95 -4.12 -7.31 9.42
N PRO A 96 -3.95 -8.09 10.50
CA PRO A 96 -3.49 -9.48 10.47
C PRO A 96 -4.66 -10.34 9.96
N ILE A 97 -4.33 -11.41 9.25
CA ILE A 97 -5.31 -12.31 8.64
C ILE A 97 -5.12 -13.79 8.96
N GLY A 98 -4.00 -14.19 9.55
CA GLY A 98 -3.79 -15.61 9.86
C GLY A 98 -2.36 -15.91 10.23
N PHE A 99 -2.03 -17.16 10.53
CA PHE A 99 -0.68 -17.57 10.89
C PHE A 99 -0.24 -18.78 10.06
N GLN A 100 0.72 -18.56 9.16
CA GLN A 100 1.25 -19.60 8.29
C GLN A 100 2.77 -19.52 8.32
N ASN A 101 3.44 -20.68 8.32
CA ASN A 101 4.88 -20.81 8.35
C ASN A 101 5.49 -20.05 9.54
N GLY A 102 4.75 -19.97 10.66
CA GLY A 102 5.20 -19.29 11.86
C GLY A 102 5.21 -17.77 11.74
N GLU A 103 4.70 -17.19 10.64
CA GLU A 103 4.66 -15.77 10.39
C GLU A 103 3.21 -15.37 10.24
N VAL A 104 2.71 -14.53 11.16
CA VAL A 104 1.33 -14.06 11.11
C VAL A 104 1.22 -13.19 9.85
N GLU A 105 0.38 -13.57 8.90
CA GLU A 105 0.18 -12.82 7.68
C GLU A 105 -0.55 -11.53 8.02
N VAL A 106 -0.08 -10.40 7.48
CA VAL A 106 -0.62 -9.06 7.70
C VAL A 106 -0.63 -8.33 6.37
N VAL A 107 -1.56 -7.39 6.22
CA VAL A 107 -1.73 -6.59 5.02
C VAL A 107 -1.86 -5.13 5.49
N LEU A 108 -1.24 -4.18 4.78
CA LEU A 108 -1.28 -2.75 5.11
C LEU A 108 -1.55 -1.90 3.88
N SER A 109 -2.44 -0.92 3.98
CA SER A 109 -2.77 -0.05 2.86
C SER A 109 -1.70 1.03 2.60
N ASP A 110 -0.75 1.24 3.52
CA ASP A 110 0.34 2.20 3.35
C ASP A 110 1.58 1.64 4.04
N PRO A 111 2.51 1.04 3.29
CA PRO A 111 3.72 0.47 3.84
C PRO A 111 4.81 1.51 4.13
N ARG A 112 4.51 2.83 4.16
CA ARG A 112 5.50 3.86 4.45
C ARG A 112 6.26 3.50 5.73
N HIS A 113 5.54 3.22 6.80
CA HIS A 113 6.09 2.86 8.11
C HIS A 113 6.53 1.39 8.23
N LYS A 114 6.63 0.59 7.16
CA LYS A 114 7.03 -0.83 7.21
C LYS A 114 8.25 -1.03 8.11
N GLU A 115 9.35 -0.34 7.85
CA GLU A 115 10.57 -0.46 8.65
C GLU A 115 10.35 -0.13 10.12
N ALA A 116 9.48 0.84 10.42
CA ALA A 116 9.16 1.23 11.79
C ALA A 116 8.37 0.09 12.44
N VAL A 117 7.26 -0.32 11.81
CA VAL A 117 6.37 -1.37 12.28
C VAL A 117 7.15 -2.66 12.53
N ALA A 118 8.02 -3.07 11.61
CA ALA A 118 8.79 -4.30 11.78
C ALA A 118 9.59 -4.30 13.09
N GLN A 119 10.21 -3.17 13.42
CA GLN A 119 11.01 -3.01 14.63
C GLN A 119 10.12 -2.85 15.85
N LEU A 120 9.09 -2.02 15.75
CA LEU A 120 8.14 -1.74 16.82
C LEU A 120 7.47 -3.02 17.30
N LEU A 121 7.26 -3.97 16.39
CA LEU A 121 6.65 -5.25 16.69
C LEU A 121 7.69 -6.27 17.12
N ASN A 122 8.82 -6.38 16.41
CA ASN A 122 9.90 -7.32 16.72
C ASN A 122 9.39 -8.76 16.87
N ARG A 123 8.44 -9.20 16.03
CA ARG A 123 7.87 -10.55 16.04
C ARG A 123 7.72 -11.02 14.59
N PRO A 124 7.77 -12.34 14.30
CA PRO A 124 7.67 -12.89 12.96
C PRO A 124 6.28 -12.69 12.35
N ALA A 125 6.18 -11.85 11.34
CA ALA A 125 4.96 -11.57 10.63
C ALA A 125 5.25 -11.34 9.15
N ARG A 126 4.29 -11.70 8.30
CA ARG A 126 4.34 -11.54 6.88
C ARG A 126 3.67 -10.19 6.61
N PHE A 127 4.04 -9.50 5.54
CA PHE A 127 3.46 -8.20 5.22
C PHE A 127 3.14 -8.15 3.73
N TYR A 128 1.99 -7.61 3.35
CA TYR A 128 1.53 -7.49 1.97
C TYR A 128 0.87 -6.13 1.75
N LEU A 129 0.56 -5.77 0.49
CA LEU A 129 -0.07 -4.49 0.15
C LEU A 129 -1.41 -4.70 -0.53
N ALA A 130 -2.49 -4.10 -0.02
CA ALA A 130 -3.83 -4.18 -0.59
C ALA A 130 -4.41 -2.76 -0.62
N LEU A 131 -5.32 -2.47 -1.54
CA LEU A 131 -5.92 -1.15 -1.72
C LEU A 131 -6.65 -0.66 -0.48
N PRO A 132 -6.75 0.66 -0.25
CA PRO A 132 -7.44 1.20 0.92
C PRO A 132 -8.92 0.84 0.90
N GLN A 133 -9.51 0.65 -0.29
CA GLN A 133 -10.92 0.27 -0.43
C GLN A 133 -11.10 -1.15 0.11
N ALA A 134 -10.24 -2.07 -0.32
CA ALA A 134 -10.26 -3.46 0.10
C ALA A 134 -9.90 -3.58 1.58
N TRP A 135 -8.94 -2.79 2.06
CA TRP A 135 -8.47 -2.77 3.43
C TRP A 135 -9.54 -2.23 4.37
N GLU A 136 -10.29 -1.19 3.96
CA GLU A 136 -11.35 -0.59 4.78
C GLU A 136 -12.35 -1.66 5.21
N GLU A 137 -12.71 -2.52 4.26
CA GLU A 137 -13.62 -3.62 4.43
C GLU A 137 -12.96 -4.70 5.28
N LEU A 138 -11.75 -5.13 4.91
CA LEU A 138 -10.98 -6.16 5.59
C LEU A 138 -10.83 -5.85 7.08
N PHE A 139 -10.52 -4.60 7.41
CA PHE A 139 -10.38 -4.13 8.78
C PHE A 139 -11.66 -4.49 9.57
N ARG A 140 -12.84 -4.25 9.00
CA ARG A 140 -14.11 -4.56 9.67
C ARG A 140 -14.25 -6.07 9.87
N ARG A 141 -13.77 -6.89 8.93
CA ARG A 141 -13.83 -8.35 9.04
C ARG A 141 -12.97 -8.81 10.23
N ALA A 142 -11.78 -8.22 10.38
CA ALA A 142 -10.85 -8.54 11.47
C ALA A 142 -11.33 -8.01 12.82
N TYR A 143 -12.05 -6.89 12.82
CA TYR A 143 -12.55 -6.25 14.04
C TYR A 143 -14.07 -6.08 13.93
N PRO A 144 -14.83 -7.19 14.06
CA PRO A 144 -16.28 -7.16 13.95
C PRO A 144 -16.94 -6.43 15.12
N GLN A 145 -18.26 -6.31 15.06
CA GLN A 145 -19.07 -5.66 16.08
C GLN A 145 -19.57 -6.76 17.01
N LYS A 146 -19.23 -6.70 18.29
CA LYS A 146 -19.65 -7.70 19.27
C LYS A 146 -20.24 -7.00 20.47
N GLY A 1 3.36 15.14 2.49
CA GLY A 1 3.57 13.81 1.92
C GLY A 1 5.03 13.39 2.04
N SER A 2 5.32 12.11 1.81
CA SER A 2 6.69 11.60 1.87
C SER A 2 7.41 12.00 0.58
N SER A 3 8.06 13.17 0.59
CA SER A 3 8.79 13.78 -0.52
C SER A 3 10.00 12.95 -1.01
N GLY A 4 10.73 13.46 -2.00
CA GLY A 4 11.91 12.83 -2.59
C GLY A 4 12.20 13.42 -3.96
N GLU A 5 13.06 12.75 -4.73
CA GLU A 5 13.47 13.17 -6.08
C GLU A 5 12.20 13.30 -6.93
N GLY A 6 11.96 14.47 -7.51
CA GLY A 6 10.79 14.71 -8.34
C GLY A 6 9.49 14.50 -7.58
N GLN A 7 9.52 14.54 -6.24
CA GLN A 7 8.36 14.34 -5.37
C GLN A 7 7.75 12.95 -5.59
N LYS A 8 8.59 11.97 -5.95
CA LYS A 8 8.30 10.58 -6.25
C LYS A 8 8.04 10.36 -7.73
N ASP A 9 8.12 11.39 -8.58
CA ASP A 9 7.91 11.28 -10.03
C ASP A 9 8.85 10.20 -10.55
N LEU A 10 10.15 10.39 -10.28
CA LEU A 10 11.22 9.50 -10.69
C LEU A 10 10.95 8.05 -10.29
N LYS A 11 10.59 7.81 -9.02
CA LYS A 11 10.31 6.46 -8.53
C LYS A 11 9.05 5.84 -9.11
N LEU A 12 7.98 6.59 -9.35
CA LEU A 12 6.77 6.02 -9.96
C LEU A 12 6.98 5.80 -11.46
N GLY A 13 7.39 6.86 -12.15
CA GLY A 13 7.63 6.94 -13.57
C GLY A 13 8.59 5.86 -14.05
N GLU A 14 9.79 5.75 -13.46
CA GLU A 14 10.74 4.72 -13.89
C GLU A 14 10.12 3.32 -13.78
N LEU A 15 9.37 3.06 -12.71
CA LEU A 15 8.75 1.75 -12.53
C LEU A 15 7.81 1.41 -13.67
N LEU A 16 6.89 2.34 -13.95
CA LEU A 16 5.88 2.21 -14.98
C LEU A 16 6.54 2.12 -16.36
N LEU A 17 7.51 2.98 -16.65
CA LEU A 17 8.24 3.04 -17.91
C LEU A 17 8.98 1.73 -18.17
N GLN A 18 9.65 1.18 -17.16
CA GLN A 18 10.40 -0.06 -17.27
C GLN A 18 9.50 -1.16 -17.80
N LYS A 19 8.33 -1.35 -17.17
CA LYS A 19 7.41 -2.39 -17.59
C LYS A 19 6.59 -1.97 -18.83
N GLY A 20 6.53 -0.68 -19.13
CA GLY A 20 5.81 -0.14 -20.30
C GLY A 20 4.34 0.15 -20.02
N TRP A 21 3.98 0.42 -18.77
CA TRP A 21 2.61 0.70 -18.36
C TRP A 21 2.12 2.08 -18.76
N ILE A 22 3.00 3.08 -18.92
CA ILE A 22 2.63 4.45 -19.29
C ILE A 22 3.60 5.02 -20.31
N SER A 23 3.32 6.25 -20.72
CA SER A 23 4.08 7.02 -21.70
C SER A 23 4.41 8.40 -21.11
N ARG A 24 5.46 9.07 -21.63
CA ARG A 24 5.88 10.39 -21.13
C ARG A 24 4.77 11.45 -21.18
N GLU A 25 3.86 11.36 -22.14
CA GLU A 25 2.74 12.28 -22.30
C GLU A 25 1.77 12.15 -21.13
N ALA A 26 1.46 10.93 -20.70
CA ALA A 26 0.54 10.72 -19.58
C ALA A 26 1.17 11.29 -18.31
N LEU A 27 2.48 11.07 -18.15
CA LEU A 27 3.27 11.51 -17.02
C LEU A 27 3.24 13.03 -16.90
N GLU A 28 3.57 13.77 -17.98
CA GLU A 28 3.58 15.23 -17.96
C GLU A 28 2.21 15.83 -17.69
N GLU A 29 1.13 15.14 -18.08
CA GLU A 29 -0.21 15.61 -17.86
C GLU A 29 -0.45 15.71 -16.35
N ALA A 30 0.09 14.72 -15.62
CA ALA A 30 0.00 14.61 -14.20
C ALA A 30 1.01 15.55 -13.52
N LEU A 31 2.22 15.69 -14.04
CA LEU A 31 3.28 16.53 -13.49
C LEU A 31 2.85 17.98 -13.32
N VAL A 32 2.02 18.52 -14.21
CA VAL A 32 1.57 19.91 -14.09
C VAL A 32 0.84 20.09 -12.75
N GLU A 33 0.02 19.11 -12.33
CA GLU A 33 -0.70 19.15 -11.06
C GLU A 33 0.27 18.87 -9.91
N GLN A 34 1.31 18.07 -10.12
CA GLN A 34 2.27 17.75 -9.07
C GLN A 34 3.11 18.98 -8.70
N GLU A 35 3.50 19.79 -9.68
CA GLU A 35 4.31 20.99 -9.50
C GLU A 35 3.62 22.04 -8.60
N LYS A 36 2.29 21.98 -8.51
CA LYS A 36 1.48 22.90 -7.71
C LYS A 36 0.97 22.28 -6.41
N THR A 37 0.89 20.96 -6.31
CA THR A 37 0.39 20.29 -5.11
C THR A 37 1.50 19.67 -4.25
N GLY A 38 2.60 19.23 -4.86
CA GLY A 38 3.74 18.59 -4.21
C GLY A 38 3.35 17.19 -3.69
N ASP A 39 2.18 16.71 -4.09
CA ASP A 39 1.60 15.43 -3.71
C ASP A 39 2.23 14.31 -4.55
N LEU A 40 1.75 13.08 -4.39
CA LEU A 40 2.25 11.94 -5.15
C LEU A 40 1.69 12.01 -6.57
N LEU A 41 2.51 11.71 -7.59
CA LEU A 41 2.08 11.75 -8.99
C LEU A 41 1.00 10.69 -9.24
N GLY A 42 1.00 9.59 -8.46
CA GLY A 42 0.07 8.49 -8.57
C GLY A 42 -1.39 8.90 -8.64
N ARG A 43 -1.92 9.55 -7.61
CA ARG A 43 -3.32 9.98 -7.59
C ARG A 43 -3.67 10.81 -8.82
N ILE A 44 -2.76 11.69 -9.27
CA ILE A 44 -2.94 12.56 -10.42
C ILE A 44 -3.09 11.68 -11.65
N LEU A 45 -2.14 10.77 -11.89
CA LEU A 45 -2.17 9.85 -13.03
C LEU A 45 -3.48 9.08 -13.02
N VAL A 46 -3.86 8.51 -11.89
CA VAL A 46 -5.10 7.75 -11.74
C VAL A 46 -6.29 8.69 -12.10
N ARG A 47 -6.34 9.93 -11.59
CA ARG A 47 -7.40 10.90 -11.90
C ARG A 47 -7.44 11.21 -13.40
N LYS A 48 -6.32 11.08 -14.13
CA LYS A 48 -6.30 11.33 -15.56
C LYS A 48 -6.94 10.17 -16.32
N GLY A 49 -7.44 9.12 -15.66
CA GLY A 49 -8.08 7.97 -16.29
C GLY A 49 -7.30 6.67 -16.13
N LEU A 50 -6.15 6.67 -15.46
CA LEU A 50 -5.39 5.45 -15.26
C LEU A 50 -6.04 4.63 -14.13
N PRO A 51 -5.81 3.30 -14.09
CA PRO A 51 -6.36 2.43 -13.07
C PRO A 51 -5.68 2.75 -11.72
N GLU A 52 -6.48 2.70 -10.66
CA GLU A 52 -6.06 3.00 -9.29
C GLU A 52 -5.08 1.96 -8.76
N GLU A 53 -5.40 0.69 -9.01
CA GLU A 53 -4.63 -0.48 -8.60
C GLU A 53 -3.19 -0.42 -9.08
N ALA A 54 -2.93 0.03 -10.31
CA ALA A 54 -1.59 0.15 -10.88
C ALA A 54 -0.67 0.98 -9.97
N LEU A 55 -1.17 2.04 -9.33
CA LEU A 55 -0.32 2.86 -8.45
C LEU A 55 0.23 1.99 -7.33
N TYR A 56 -0.67 1.29 -6.63
CA TYR A 56 -0.34 0.40 -5.52
C TYR A 56 0.52 -0.76 -6.02
N ARG A 57 0.13 -1.39 -7.13
CA ARG A 57 0.87 -2.50 -7.73
C ARG A 57 2.32 -2.09 -7.99
N ALA A 58 2.57 -0.85 -8.44
CA ALA A 58 3.91 -0.33 -8.69
C ALA A 58 4.60 0.02 -7.37
N LEU A 59 3.93 0.74 -6.48
CA LEU A 59 4.45 1.17 -5.17
C LEU A 59 4.96 -0.02 -4.36
N ALA A 60 4.36 -1.20 -4.52
CA ALA A 60 4.73 -2.44 -3.86
C ALA A 60 6.20 -2.74 -4.15
N GLU A 61 6.57 -2.75 -5.43
CA GLU A 61 7.93 -3.01 -5.90
C GLU A 61 8.86 -1.93 -5.36
N GLN A 62 8.46 -0.66 -5.42
CA GLN A 62 9.27 0.46 -4.96
C GLN A 62 9.64 0.40 -3.46
N LYS A 63 8.93 -0.39 -2.65
CA LYS A 63 9.21 -0.54 -1.22
C LYS A 63 9.62 -1.98 -0.89
N GLY A 64 9.72 -2.81 -1.91
CA GLY A 64 10.12 -4.22 -1.82
C GLY A 64 9.13 -5.01 -1.00
N LEU A 65 7.87 -4.96 -1.40
CA LEU A 65 6.73 -5.62 -0.79
C LEU A 65 5.93 -6.26 -1.93
N GLU A 66 5.10 -7.27 -1.65
CA GLU A 66 4.30 -7.93 -2.69
C GLU A 66 2.85 -7.40 -2.66
N PHE A 67 2.22 -7.27 -3.82
CA PHE A 67 0.86 -6.77 -4.00
C PHE A 67 -0.17 -7.85 -3.67
N LEU A 68 -1.38 -7.45 -3.25
CA LEU A 68 -2.48 -8.34 -2.90
C LEU A 68 -3.65 -8.15 -3.88
N GLU A 69 -4.14 -9.26 -4.44
CA GLU A 69 -5.22 -9.31 -5.42
C GLU A 69 -6.53 -8.68 -4.93
N SER A 70 -7.00 -9.09 -3.75
CA SER A 70 -8.22 -8.63 -3.09
C SER A 70 -8.13 -9.11 -1.63
N THR A 71 -9.07 -8.68 -0.81
CA THR A 71 -9.18 -8.99 0.61
C THR A 71 -10.47 -9.75 0.97
N GLU A 72 -11.46 -9.78 0.08
CA GLU A 72 -12.71 -10.45 0.37
C GLU A 72 -12.57 -11.97 0.40
N GLY A 73 -11.58 -12.53 -0.30
CA GLY A 73 -11.31 -13.96 -0.36
C GLY A 73 -10.29 -14.33 0.72
N ILE A 74 -10.32 -13.66 1.87
CA ILE A 74 -9.40 -13.92 2.98
C ILE A 74 -10.24 -14.13 4.24
N VAL A 75 -9.83 -15.08 5.06
CA VAL A 75 -10.46 -15.42 6.32
C VAL A 75 -9.37 -15.10 7.35
N PRO A 76 -9.40 -13.92 7.98
CA PRO A 76 -8.39 -13.51 8.95
C PRO A 76 -8.48 -14.35 10.23
N ASP A 77 -7.45 -15.16 10.51
CA ASP A 77 -7.40 -16.02 11.70
C ASP A 77 -7.52 -15.16 12.96
N PRO A 78 -8.37 -15.51 13.94
CA PRO A 78 -8.55 -14.73 15.16
C PRO A 78 -7.24 -14.64 15.94
N SER A 79 -6.41 -15.69 15.91
CA SER A 79 -5.14 -15.73 16.61
C SER A 79 -4.20 -14.64 16.06
N ALA A 80 -4.35 -14.30 14.78
CA ALA A 80 -3.56 -13.28 14.10
C ALA A 80 -3.90 -11.89 14.68
N ALA A 81 -5.13 -11.68 15.12
CA ALA A 81 -5.59 -10.42 15.70
C ALA A 81 -5.04 -10.22 17.12
N LEU A 82 -4.50 -11.25 17.78
CA LEU A 82 -3.98 -11.14 19.15
C LEU A 82 -2.76 -10.21 19.21
N LEU A 83 -2.01 -10.07 18.11
CA LEU A 83 -0.82 -9.22 18.02
C LEU A 83 -1.10 -7.84 17.44
N LEU A 84 -2.17 -7.66 16.68
CA LEU A 84 -2.53 -6.37 16.11
C LEU A 84 -4.01 -6.13 16.47
N LEU A 85 -4.28 -5.17 17.36
CA LEU A 85 -5.63 -4.84 17.80
C LEU A 85 -6.31 -3.88 16.84
N ARG A 86 -7.64 -3.77 16.91
CA ARG A 86 -8.44 -2.87 16.05
C ARG A 86 -8.00 -1.41 16.16
N SER A 87 -7.56 -0.98 17.34
CA SER A 87 -7.11 0.38 17.56
C SER A 87 -5.75 0.55 16.86
N ASP A 88 -4.82 -0.36 17.11
CA ASP A 88 -3.48 -0.31 16.52
C ASP A 88 -3.54 -0.44 15.01
N ALA A 89 -4.52 -1.19 14.49
CA ALA A 89 -4.75 -1.43 13.08
C ALA A 89 -4.98 -0.11 12.35
N LEU A 90 -5.84 0.77 12.89
CA LEU A 90 -6.10 2.05 12.25
C LEU A 90 -4.91 3.00 12.45
N ARG A 91 -4.17 2.81 13.55
CA ARG A 91 -3.01 3.65 13.90
C ARG A 91 -1.92 3.61 12.83
N TYR A 92 -1.55 2.43 12.33
CA TYR A 92 -0.52 2.27 11.30
C TYR A 92 -1.05 1.62 10.02
N GLY A 93 -2.37 1.53 9.87
CA GLY A 93 -3.02 0.96 8.70
C GLY A 93 -2.56 -0.47 8.40
N ALA A 94 -2.42 -1.32 9.42
CA ALA A 94 -1.97 -2.70 9.30
C ALA A 94 -3.00 -3.68 9.84
N VAL A 95 -3.33 -4.75 9.12
CA VAL A 95 -4.28 -5.76 9.58
C VAL A 95 -3.69 -7.17 9.33
N PRO A 96 -3.59 -8.01 10.37
CA PRO A 96 -3.05 -9.37 10.29
C PRO A 96 -4.13 -10.31 9.75
N ILE A 97 -3.70 -11.32 9.00
CA ILE A 97 -4.59 -12.30 8.40
C ILE A 97 -4.29 -13.75 8.78
N GLY A 98 -3.10 -14.04 9.32
CA GLY A 98 -2.78 -15.41 9.68
C GLY A 98 -1.31 -15.57 10.01
N PHE A 99 -0.91 -16.72 10.52
CA PHE A 99 0.46 -17.04 10.89
C PHE A 99 0.89 -18.28 10.12
N GLN A 100 1.74 -18.08 9.13
CA GLN A 100 2.29 -19.07 8.23
C GLN A 100 3.76 -18.77 8.01
N ASN A 101 4.58 -19.80 7.91
CA ASN A 101 6.03 -19.73 7.70
C ASN A 101 6.71 -19.05 8.90
N GLY A 102 6.14 -19.21 10.11
CA GLY A 102 6.69 -18.64 11.34
C GLY A 102 6.59 -17.11 11.40
N GLU A 103 5.75 -16.48 10.59
CA GLU A 103 5.58 -15.03 10.57
C GLU A 103 4.10 -14.72 10.41
N VAL A 104 3.61 -13.70 11.11
CA VAL A 104 2.21 -13.32 10.98
C VAL A 104 2.14 -12.45 9.74
N GLU A 105 1.35 -12.89 8.76
CA GLU A 105 1.14 -12.21 7.50
C GLU A 105 0.19 -11.05 7.78
N VAL A 106 0.59 -9.85 7.37
CA VAL A 106 -0.11 -8.59 7.56
C VAL A 106 -0.23 -7.86 6.21
N VAL A 107 -1.29 -7.09 6.07
CA VAL A 107 -1.63 -6.30 4.90
C VAL A 107 -1.78 -4.86 5.35
N LEU A 108 -1.10 -3.94 4.66
CA LEU A 108 -1.12 -2.52 4.98
C LEU A 108 -1.39 -1.72 3.71
N SER A 109 -2.16 -0.64 3.83
CA SER A 109 -2.48 0.23 2.70
C SER A 109 -1.40 1.31 2.55
N ASP A 110 -0.68 1.67 3.63
CA ASP A 110 0.37 2.69 3.57
C ASP A 110 1.66 2.18 4.20
N PRO A 111 2.48 1.43 3.46
CA PRO A 111 3.75 0.91 3.95
C PRO A 111 4.77 2.06 4.17
N ARG A 112 4.35 3.34 4.05
CA ARG A 112 5.15 4.53 4.25
C ARG A 112 5.77 4.52 5.64
N HIS A 113 5.18 3.79 6.59
CA HIS A 113 5.64 3.63 7.96
C HIS A 113 5.91 2.14 8.26
N LYS A 114 5.91 1.23 7.28
CA LYS A 114 6.16 -0.22 7.42
C LYS A 114 7.40 -0.46 8.27
N GLU A 115 8.51 0.18 7.92
CA GLU A 115 9.77 0.04 8.64
C GLU A 115 9.67 0.56 10.09
N ALA A 116 8.96 1.67 10.32
CA ALA A 116 8.79 2.22 11.66
C ALA A 116 7.99 1.21 12.49
N VAL A 117 6.97 0.61 11.87
CA VAL A 117 6.11 -0.39 12.46
C VAL A 117 6.96 -1.60 12.77
N ALA A 118 7.71 -2.15 11.80
CA ALA A 118 8.56 -3.31 11.98
C ALA A 118 9.45 -3.14 13.21
N GLN A 119 10.12 -2.00 13.35
CA GLN A 119 11.00 -1.76 14.50
C GLN A 119 10.22 -1.77 15.82
N LEU A 120 9.09 -1.07 15.85
CA LEU A 120 8.23 -0.97 17.03
C LEU A 120 7.68 -2.33 17.43
N LEU A 121 7.23 -3.09 16.45
CA LEU A 121 6.64 -4.41 16.58
C LEU A 121 7.60 -5.42 17.14
N ASN A 122 8.87 -5.37 16.75
CA ASN A 122 9.91 -6.29 17.20
C ASN A 122 9.43 -7.75 17.28
N ARG A 123 8.73 -8.23 16.23
CA ARG A 123 8.19 -9.60 16.12
C ARG A 123 8.30 -10.11 14.68
N PRO A 124 8.41 -11.42 14.44
CA PRO A 124 8.50 -11.94 13.08
C PRO A 124 7.12 -11.77 12.43
N ALA A 125 7.06 -10.95 11.38
CA ALA A 125 5.85 -10.66 10.64
C ALA A 125 6.19 -10.51 9.16
N ARG A 126 5.19 -10.59 8.30
CA ARG A 126 5.27 -10.47 6.85
C ARG A 126 4.37 -9.31 6.49
N PHE A 127 4.79 -8.45 5.57
CA PHE A 127 4.02 -7.28 5.16
C PHE A 127 3.74 -7.33 3.66
N TYR A 128 2.55 -6.90 3.23
CA TYR A 128 2.10 -6.86 1.84
C TYR A 128 1.35 -5.53 1.61
N LEU A 129 0.96 -5.23 0.35
CA LEU A 129 0.24 -3.99 0.00
C LEU A 129 -1.12 -4.26 -0.60
N ALA A 130 -2.18 -3.62 -0.12
CA ALA A 130 -3.55 -3.76 -0.62
C ALA A 130 -4.14 -2.37 -0.87
N LEU A 131 -5.11 -2.28 -1.76
CA LEU A 131 -5.80 -1.03 -2.09
C LEU A 131 -6.50 -0.51 -0.83
N PRO A 132 -6.80 0.81 -0.73
CA PRO A 132 -7.43 1.37 0.46
C PRO A 132 -8.87 0.86 0.61
N GLN A 133 -9.54 0.63 -0.52
CA GLN A 133 -10.90 0.13 -0.55
C GLN A 133 -10.91 -1.32 -0.04
N ALA A 134 -9.94 -2.14 -0.48
CA ALA A 134 -9.82 -3.53 -0.08
C ALA A 134 -9.49 -3.64 1.41
N TRP A 135 -8.52 -2.83 1.87
CA TRP A 135 -8.09 -2.82 3.26
C TRP A 135 -9.26 -2.52 4.20
N GLU A 136 -10.21 -1.68 3.78
CA GLU A 136 -11.37 -1.31 4.58
C GLU A 136 -12.25 -2.53 4.92
N GLU A 137 -12.52 -3.38 3.93
CA GLU A 137 -13.33 -4.59 4.11
C GLU A 137 -12.52 -5.59 4.93
N LEU A 138 -11.22 -5.69 4.72
CA LEU A 138 -10.37 -6.62 5.47
C LEU A 138 -10.42 -6.22 6.95
N PHE A 139 -10.26 -4.92 7.24
CA PHE A 139 -10.30 -4.39 8.59
C PHE A 139 -11.61 -4.84 9.24
N ARG A 140 -12.74 -4.79 8.52
CA ARG A 140 -14.02 -5.22 9.05
C ARG A 140 -13.98 -6.72 9.33
N ARG A 141 -13.55 -7.56 8.39
CA ARG A 141 -13.48 -9.00 8.60
C ARG A 141 -12.68 -9.34 9.86
N ALA A 142 -11.52 -8.70 10.04
CA ALA A 142 -10.65 -8.92 11.18
C ALA A 142 -11.26 -8.37 12.48
N TYR A 143 -11.85 -7.19 12.43
CA TYR A 143 -12.45 -6.50 13.57
C TYR A 143 -13.93 -6.16 13.34
N PRO A 144 -14.84 -7.14 13.52
CA PRO A 144 -16.27 -6.94 13.36
C PRO A 144 -16.86 -6.22 14.59
N GLN A 145 -18.19 -6.22 14.71
CA GLN A 145 -18.92 -5.60 15.82
C GLN A 145 -19.68 -6.70 16.58
N LYS A 146 -19.46 -6.85 17.88
CA LYS A 146 -20.13 -7.83 18.73
C LYS A 146 -20.41 -7.20 20.07
N GLY A 1 21.81 21.92 -13.98
CA GLY A 1 21.17 22.01 -15.30
C GLY A 1 19.73 21.59 -15.10
N SER A 2 19.30 20.48 -15.70
CA SER A 2 17.95 20.00 -15.46
C SER A 2 17.99 19.45 -14.02
N SER A 3 16.84 19.31 -13.36
CA SER A 3 16.76 18.81 -11.99
C SER A 3 15.50 17.94 -11.88
N GLY A 4 15.01 17.80 -10.65
CA GLY A 4 13.84 17.05 -10.26
C GLY A 4 13.51 17.59 -8.88
N GLU A 5 12.38 18.26 -8.72
CA GLU A 5 11.94 18.86 -7.46
C GLU A 5 11.57 17.79 -6.42
N GLY A 6 11.58 16.51 -6.81
CA GLY A 6 11.25 15.41 -5.94
C GLY A 6 11.89 14.12 -6.43
N GLN A 7 11.59 13.04 -5.70
CA GLN A 7 12.03 11.67 -5.95
C GLN A 7 10.84 10.73 -5.98
N LYS A 8 9.78 11.01 -5.21
CA LYS A 8 8.57 10.18 -5.14
C LYS A 8 7.94 9.99 -6.51
N ASP A 9 8.04 11.02 -7.34
CA ASP A 9 7.58 11.15 -8.71
C ASP A 9 8.44 10.23 -9.56
N LEU A 10 9.77 10.39 -9.53
CA LEU A 10 10.74 9.61 -10.28
C LEU A 10 10.61 8.13 -9.97
N LYS A 11 10.32 7.77 -8.73
CA LYS A 11 10.15 6.38 -8.33
C LYS A 11 8.93 5.79 -9.04
N LEU A 12 7.77 6.46 -8.97
CA LEU A 12 6.57 5.93 -9.63
C LEU A 12 6.78 5.90 -11.15
N GLY A 13 7.31 6.99 -11.71
CA GLY A 13 7.57 7.12 -13.14
C GLY A 13 8.43 5.94 -13.58
N GLU A 14 9.55 5.72 -12.90
CA GLU A 14 10.48 4.64 -13.18
C GLU A 14 9.77 3.29 -13.11
N LEU A 15 9.08 2.98 -12.01
CA LEU A 15 8.39 1.71 -11.82
C LEU A 15 7.39 1.40 -12.94
N LEU A 16 6.62 2.40 -13.34
CA LEU A 16 5.63 2.24 -14.40
C LEU A 16 6.28 2.13 -15.77
N LEU A 17 7.20 3.04 -16.10
CA LEU A 17 7.91 3.07 -17.38
C LEU A 17 8.75 1.81 -17.58
N GLN A 18 9.34 1.28 -16.50
CA GLN A 18 10.17 0.08 -16.54
C GLN A 18 9.36 -1.11 -17.09
N LYS A 19 8.06 -1.16 -16.81
CA LYS A 19 7.21 -2.24 -17.31
C LYS A 19 6.39 -1.81 -18.52
N GLY A 20 6.22 -0.51 -18.75
CA GLY A 20 5.44 0.01 -19.85
C GLY A 20 3.97 0.12 -19.45
N TRP A 21 3.69 0.48 -18.19
CA TRP A 21 2.33 0.62 -17.66
C TRP A 21 1.71 1.97 -18.07
N ILE A 22 2.56 2.98 -18.31
CA ILE A 22 2.20 4.34 -18.73
C ILE A 22 3.24 4.81 -19.76
N SER A 23 3.11 6.07 -20.20
CA SER A 23 4.01 6.71 -21.15
C SER A 23 4.46 8.05 -20.60
N ARG A 24 5.50 8.65 -21.18
CA ARG A 24 5.96 9.96 -20.72
C ARG A 24 4.84 10.99 -20.84
N GLU A 25 3.94 10.82 -21.82
CA GLU A 25 2.81 11.71 -22.05
C GLU A 25 1.86 11.69 -20.84
N ALA A 26 1.69 10.51 -20.23
CA ALA A 26 0.83 10.40 -19.06
C ALA A 26 1.53 11.03 -17.85
N LEU A 27 2.83 10.72 -17.68
CA LEU A 27 3.67 11.21 -16.59
C LEU A 27 3.69 12.75 -16.58
N GLU A 28 4.03 13.36 -17.71
CA GLU A 28 4.13 14.80 -17.89
C GLU A 28 2.80 15.48 -17.55
N GLU A 29 1.70 14.89 -18.01
CA GLU A 29 0.36 15.42 -17.78
C GLU A 29 0.08 15.51 -16.27
N ALA A 30 0.52 14.52 -15.50
CA ALA A 30 0.32 14.49 -14.07
C ALA A 30 1.28 15.41 -13.32
N LEU A 31 2.54 15.46 -13.75
CA LEU A 31 3.58 16.30 -13.15
C LEU A 31 3.13 17.76 -13.04
N VAL A 32 2.40 18.28 -14.03
CA VAL A 32 1.92 19.66 -14.01
C VAL A 32 1.09 19.93 -12.75
N GLU A 33 0.26 18.97 -12.29
CA GLU A 33 -0.53 19.18 -11.08
C GLU A 33 0.41 19.00 -9.87
N GLN A 34 1.31 18.03 -9.91
CA GLN A 34 2.22 17.77 -8.80
C GLN A 34 3.13 18.96 -8.50
N GLU A 35 3.49 19.76 -9.49
CA GLU A 35 4.34 20.94 -9.31
C GLU A 35 3.62 21.93 -8.39
N LYS A 36 2.35 22.20 -8.68
CA LYS A 36 1.52 23.14 -7.93
C LYS A 36 0.97 22.57 -6.62
N THR A 37 0.68 21.28 -6.50
CA THR A 37 0.12 20.70 -5.28
C THR A 37 1.19 20.14 -4.33
N GLY A 38 2.35 19.71 -4.84
CA GLY A 38 3.42 19.13 -4.06
C GLY A 38 3.04 17.77 -3.46
N ASP A 39 1.97 17.15 -3.97
CA ASP A 39 1.45 15.87 -3.51
C ASP A 39 2.23 14.70 -4.17
N LEU A 40 1.57 13.57 -4.38
CA LEU A 40 2.06 12.34 -4.95
C LEU A 40 1.58 12.26 -6.41
N LEU A 41 2.49 11.96 -7.33
CA LEU A 41 2.25 11.83 -8.77
C LEU A 41 1.09 10.90 -9.11
N GLY A 42 1.07 9.73 -8.48
CA GLY A 42 0.07 8.69 -8.70
C GLY A 42 -1.38 9.13 -8.64
N ARG A 43 -1.81 9.87 -7.62
CA ARG A 43 -3.21 10.29 -7.52
C ARG A 43 -3.67 11.10 -8.74
N ILE A 44 -2.78 11.94 -9.28
CA ILE A 44 -3.07 12.78 -10.43
C ILE A 44 -3.24 11.88 -11.65
N LEU A 45 -2.38 10.86 -11.81
CA LEU A 45 -2.42 9.92 -12.93
C LEU A 45 -3.73 9.12 -12.88
N VAL A 46 -4.10 8.56 -11.73
CA VAL A 46 -5.33 7.77 -11.61
C VAL A 46 -6.53 8.70 -11.90
N ARG A 47 -6.53 9.94 -11.39
CA ARG A 47 -7.61 10.89 -11.63
C ARG A 47 -7.77 11.17 -13.12
N LYS A 48 -6.69 11.05 -13.91
CA LYS A 48 -6.66 11.25 -15.36
C LYS A 48 -7.27 10.05 -16.10
N GLY A 49 -7.81 9.07 -15.38
CA GLY A 49 -8.47 7.87 -15.91
C GLY A 49 -7.66 6.59 -15.81
N LEU A 50 -6.42 6.64 -15.32
CA LEU A 50 -5.57 5.47 -15.20
C LEU A 50 -6.10 4.53 -14.08
N PRO A 51 -5.74 3.24 -14.10
CA PRO A 51 -6.18 2.26 -13.11
C PRO A 51 -5.48 2.48 -11.78
N GLU A 52 -6.23 2.49 -10.67
CA GLU A 52 -5.69 2.72 -9.34
C GLU A 52 -4.86 1.53 -8.84
N GLU A 53 -5.21 0.32 -9.26
CA GLU A 53 -4.49 -0.88 -8.84
C GLU A 53 -3.01 -0.78 -9.22
N ALA A 54 -2.69 -0.24 -10.39
CA ALA A 54 -1.34 -0.07 -10.91
C ALA A 54 -0.50 0.83 -9.98
N LEU A 55 -1.14 1.79 -9.33
CA LEU A 55 -0.48 2.70 -8.41
C LEU A 55 -0.03 1.91 -7.19
N TYR A 56 -0.96 1.22 -6.54
CA TYR A 56 -0.64 0.42 -5.35
C TYR A 56 0.33 -0.71 -5.71
N ARG A 57 0.16 -1.37 -6.86
CA ARG A 57 1.04 -2.45 -7.31
C ARG A 57 2.47 -1.90 -7.40
N ALA A 58 2.65 -0.68 -7.91
CA ALA A 58 3.96 -0.05 -8.02
C ALA A 58 4.47 0.31 -6.62
N LEU A 59 3.62 0.93 -5.78
CA LEU A 59 3.98 1.32 -4.41
C LEU A 59 4.52 0.15 -3.59
N ALA A 60 4.07 -1.09 -3.87
CA ALA A 60 4.55 -2.27 -3.16
C ALA A 60 6.02 -2.50 -3.54
N GLU A 61 6.32 -2.51 -4.84
CA GLU A 61 7.66 -2.71 -5.39
C GLU A 61 8.58 -1.63 -4.81
N GLN A 62 8.10 -0.38 -4.76
CA GLN A 62 8.83 0.77 -4.23
C GLN A 62 9.22 0.60 -2.75
N LYS A 63 8.66 -0.37 -2.04
CA LYS A 63 8.95 -0.63 -0.62
C LYS A 63 9.60 -2.01 -0.45
N GLY A 64 9.64 -2.81 -1.51
CA GLY A 64 10.20 -4.16 -1.53
C GLY A 64 9.17 -5.20 -1.11
N LEU A 65 7.89 -4.84 -1.19
CA LEU A 65 6.75 -5.67 -0.82
C LEU A 65 6.11 -6.26 -2.06
N GLU A 66 5.21 -7.18 -1.81
CA GLU A 66 4.40 -7.93 -2.75
C GLU A 66 3.05 -7.20 -2.82
N PHE A 67 2.27 -7.48 -3.84
CA PHE A 67 0.97 -6.88 -4.03
C PHE A 67 -0.06 -8.00 -3.93
N LEU A 68 -1.15 -7.72 -3.22
CA LEU A 68 -2.25 -8.65 -3.00
C LEU A 68 -3.36 -8.25 -3.96
N GLU A 69 -3.88 -9.19 -4.72
CA GLU A 69 -4.95 -8.96 -5.71
C GLU A 69 -6.07 -8.17 -5.06
N SER A 70 -6.61 -8.70 -3.97
CA SER A 70 -7.66 -8.14 -3.15
C SER A 70 -7.82 -9.07 -1.94
N THR A 71 -8.65 -8.68 -0.98
CA THR A 71 -8.88 -9.43 0.25
C THR A 71 -10.20 -10.21 0.26
N GLU A 72 -11.00 -10.14 -0.80
CA GLU A 72 -12.30 -10.79 -0.95
C GLU A 72 -12.35 -12.28 -0.57
N GLY A 73 -11.24 -13.01 -0.64
CA GLY A 73 -11.14 -14.43 -0.32
C GLY A 73 -10.16 -14.71 0.82
N ILE A 74 -10.34 -14.07 1.97
CA ILE A 74 -9.48 -14.24 3.15
C ILE A 74 -10.34 -14.61 4.35
N VAL A 75 -9.72 -15.21 5.35
CA VAL A 75 -10.32 -15.62 6.59
C VAL A 75 -9.40 -15.12 7.70
N PRO A 76 -9.68 -13.97 8.33
CA PRO A 76 -8.84 -13.43 9.39
C PRO A 76 -8.88 -14.38 10.60
N ASP A 77 -7.79 -15.10 10.88
CA ASP A 77 -7.73 -16.04 12.00
C ASP A 77 -7.89 -15.30 13.35
N PRO A 78 -8.64 -15.84 14.33
CA PRO A 78 -8.85 -15.18 15.62
C PRO A 78 -7.55 -15.01 16.40
N SER A 79 -6.67 -16.01 16.42
CA SER A 79 -5.39 -15.90 17.13
C SER A 79 -4.57 -14.77 16.51
N ALA A 80 -4.65 -14.61 15.19
CA ALA A 80 -3.94 -13.56 14.47
C ALA A 80 -4.46 -12.19 14.91
N ALA A 81 -5.73 -12.08 15.28
CA ALA A 81 -6.36 -10.84 15.73
C ALA A 81 -5.94 -10.43 17.15
N LEU A 82 -5.32 -11.32 17.93
CA LEU A 82 -4.90 -11.04 19.30
C LEU A 82 -3.63 -10.19 19.36
N LEU A 83 -2.71 -10.39 18.41
CA LEU A 83 -1.46 -9.64 18.39
C LEU A 83 -1.63 -8.21 17.91
N LEU A 84 -2.60 -7.94 17.05
CA LEU A 84 -2.84 -6.60 16.54
C LEU A 84 -4.34 -6.40 16.57
N LEU A 85 -4.80 -5.51 17.44
CA LEU A 85 -6.22 -5.21 17.62
C LEU A 85 -6.63 -4.05 16.73
N ARG A 86 -7.93 -3.83 16.61
CA ARG A 86 -8.52 -2.76 15.81
C ARG A 86 -7.96 -1.37 16.14
N SER A 87 -7.66 -1.09 17.41
CA SER A 87 -7.13 0.21 17.79
C SER A 87 -5.74 0.39 17.17
N ASP A 88 -4.84 -0.58 17.35
CA ASP A 88 -3.49 -0.48 16.79
C ASP A 88 -3.54 -0.59 15.26
N ALA A 89 -4.49 -1.35 14.73
CA ALA A 89 -4.69 -1.56 13.31
C ALA A 89 -4.96 -0.24 12.59
N LEU A 90 -5.77 0.65 13.16
CA LEU A 90 -6.06 1.94 12.54
C LEU A 90 -4.83 2.83 12.65
N ARG A 91 -4.20 2.82 13.83
CA ARG A 91 -3.02 3.60 14.17
C ARG A 91 -1.87 3.41 13.17
N TYR A 92 -1.64 2.18 12.71
CA TYR A 92 -0.57 1.87 11.75
C TYR A 92 -1.09 1.25 10.45
N GLY A 93 -2.40 1.37 10.16
CA GLY A 93 -3.04 0.84 8.95
C GLY A 93 -2.68 -0.62 8.65
N ALA A 94 -2.60 -1.48 9.67
CA ALA A 94 -2.23 -2.89 9.56
C ALA A 94 -3.34 -3.84 10.03
N VAL A 95 -3.59 -4.94 9.31
CA VAL A 95 -4.60 -5.92 9.68
C VAL A 95 -3.98 -7.31 9.51
N PRO A 96 -3.80 -8.10 10.59
CA PRO A 96 -3.26 -9.45 10.50
C PRO A 96 -4.38 -10.33 9.98
N ILE A 97 -4.02 -11.39 9.24
CA ILE A 97 -5.00 -12.31 8.66
C ILE A 97 -4.76 -13.78 9.04
N GLY A 98 -3.62 -14.10 9.66
CA GLY A 98 -3.33 -15.48 10.02
C GLY A 98 -1.86 -15.62 10.34
N PHE A 99 -1.42 -16.85 10.61
CA PHE A 99 -0.03 -17.18 10.93
C PHE A 99 0.33 -18.33 10.01
N GLN A 100 1.36 -18.15 9.19
CA GLN A 100 1.82 -19.14 8.24
C GLN A 100 3.34 -19.21 8.31
N ASN A 101 3.88 -20.43 8.27
CA ASN A 101 5.31 -20.73 8.34
C ASN A 101 6.06 -20.03 9.49
N GLY A 102 5.36 -19.79 10.60
CA GLY A 102 5.89 -19.14 11.80
C GLY A 102 5.81 -17.61 11.80
N GLU A 103 5.36 -16.99 10.71
CA GLU A 103 5.25 -15.56 10.58
C GLU A 103 3.78 -15.16 10.50
N VAL A 104 3.36 -14.14 11.25
CA VAL A 104 1.98 -13.69 11.19
C VAL A 104 1.85 -12.92 9.88
N GLU A 105 0.88 -13.25 9.04
CA GLU A 105 0.63 -12.58 7.78
C GLU A 105 -0.12 -11.29 8.09
N VAL A 106 0.49 -10.16 7.73
CA VAL A 106 -0.03 -8.82 7.92
C VAL A 106 -0.24 -8.19 6.55
N VAL A 107 -1.33 -7.45 6.41
CA VAL A 107 -1.72 -6.73 5.21
C VAL A 107 -1.87 -5.29 5.67
N LEU A 108 -1.13 -4.37 5.04
CA LEU A 108 -1.19 -2.94 5.39
C LEU A 108 -1.53 -2.16 4.15
N SER A 109 -2.40 -1.16 4.28
CA SER A 109 -2.77 -0.33 3.16
C SER A 109 -1.78 0.83 3.00
N ASP A 110 -1.22 1.31 4.10
CA ASP A 110 -0.27 2.43 4.12
C ASP A 110 1.12 1.94 4.58
N PRO A 111 1.94 1.36 3.69
CA PRO A 111 3.28 0.85 4.03
C PRO A 111 4.29 1.96 4.32
N ARG A 112 3.88 3.23 4.31
CA ARG A 112 4.75 4.39 4.56
C ARG A 112 5.45 4.26 5.91
N HIS A 113 4.80 3.63 6.90
CA HIS A 113 5.34 3.41 8.25
C HIS A 113 5.83 1.97 8.45
N LYS A 114 5.96 1.15 7.40
CA LYS A 114 6.42 -0.25 7.51
C LYS A 114 7.68 -0.35 8.36
N GLU A 115 8.71 0.42 8.05
CA GLU A 115 9.98 0.46 8.76
C GLU A 115 9.83 0.78 10.24
N ALA A 116 8.87 1.63 10.60
CA ALA A 116 8.61 2.01 11.99
C ALA A 116 7.95 0.83 12.69
N VAL A 117 6.86 0.32 12.09
CA VAL A 117 6.06 -0.80 12.55
C VAL A 117 6.93 -2.04 12.78
N ALA A 118 7.85 -2.36 11.87
CA ALA A 118 8.72 -3.53 12.01
C ALA A 118 9.45 -3.54 13.36
N GLN A 119 10.07 -2.41 13.72
CA GLN A 119 10.78 -2.30 14.98
C GLN A 119 9.81 -2.32 16.16
N LEU A 120 8.71 -1.59 16.03
CA LEU A 120 7.66 -1.43 17.02
C LEU A 120 7.05 -2.77 17.42
N LEU A 121 6.91 -3.66 16.44
CA LEU A 121 6.36 -4.99 16.56
C LEU A 121 7.36 -5.95 17.20
N ASN A 122 8.63 -5.91 16.80
CA ASN A 122 9.70 -6.78 17.33
C ASN A 122 9.29 -8.26 17.35
N ARG A 123 8.58 -8.76 16.31
CA ARG A 123 8.14 -10.16 16.28
C ARG A 123 8.09 -10.72 14.84
N PRO A 124 8.19 -12.04 14.63
CA PRO A 124 8.14 -12.66 13.30
C PRO A 124 6.83 -12.32 12.62
N ALA A 125 6.92 -11.55 11.53
CA ALA A 125 5.76 -11.14 10.77
C ALA A 125 6.13 -11.03 9.31
N ARG A 126 5.16 -11.39 8.49
CA ARG A 126 5.15 -11.39 7.04
C ARG A 126 4.31 -10.15 6.74
N PHE A 127 4.63 -9.36 5.73
CA PHE A 127 3.84 -8.17 5.44
C PHE A 127 3.55 -8.15 3.95
N TYR A 128 2.40 -7.59 3.54
CA TYR A 128 1.97 -7.49 2.14
C TYR A 128 1.28 -6.12 1.93
N LEU A 129 0.94 -5.74 0.70
CA LEU A 129 0.25 -4.48 0.37
C LEU A 129 -1.06 -4.79 -0.34
N ALA A 130 -2.13 -4.08 0.01
CA ALA A 130 -3.46 -4.21 -0.55
C ALA A 130 -4.05 -2.80 -0.65
N LEU A 131 -5.04 -2.61 -1.52
CA LEU A 131 -5.72 -1.33 -1.73
C LEU A 131 -6.50 -0.91 -0.47
N PRO A 132 -6.86 0.38 -0.31
CA PRO A 132 -7.59 0.86 0.86
C PRO A 132 -9.03 0.33 0.87
N GLN A 133 -9.58 -0.03 -0.28
CA GLN A 133 -10.94 -0.54 -0.41
C GLN A 133 -10.97 -1.96 0.17
N ALA A 134 -10.02 -2.80 -0.25
CA ALA A 134 -9.87 -4.17 0.21
C ALA A 134 -9.60 -4.14 1.71
N TRP A 135 -8.63 -3.32 2.11
CA TRP A 135 -8.21 -3.16 3.48
C TRP A 135 -9.36 -2.76 4.41
N GLU A 136 -10.26 -1.84 4.02
CA GLU A 136 -11.36 -1.45 4.90
C GLU A 136 -12.29 -2.65 5.11
N GLU A 137 -12.66 -3.36 4.05
CA GLU A 137 -13.53 -4.52 4.15
C GLU A 137 -12.89 -5.56 5.04
N LEU A 138 -11.58 -5.80 4.87
CA LEU A 138 -10.88 -6.78 5.67
C LEU A 138 -10.80 -6.30 7.11
N PHE A 139 -10.55 -5.03 7.39
CA PHE A 139 -10.51 -4.49 8.75
C PHE A 139 -11.86 -4.82 9.42
N ARG A 140 -12.98 -4.65 8.72
CA ARG A 140 -14.31 -4.96 9.26
C ARG A 140 -14.48 -6.46 9.49
N ARG A 141 -13.96 -7.32 8.62
CA ARG A 141 -14.07 -8.77 8.78
C ARG A 141 -13.21 -9.20 9.97
N ALA A 142 -11.97 -8.71 10.03
CA ALA A 142 -10.96 -8.97 11.05
C ALA A 142 -11.39 -8.47 12.43
N TYR A 143 -12.09 -7.35 12.50
CA TYR A 143 -12.57 -6.76 13.74
C TYR A 143 -14.09 -6.61 13.58
N PRO A 144 -14.82 -7.72 13.76
CA PRO A 144 -16.26 -7.78 13.61
C PRO A 144 -17.07 -7.05 14.69
N GLN A 145 -18.39 -7.06 14.50
CA GLN A 145 -19.41 -6.48 15.36
C GLN A 145 -20.32 -7.60 15.83
N LYS A 146 -20.98 -7.42 16.97
CA LYS A 146 -21.88 -8.44 17.49
C LYS A 146 -23.25 -8.25 16.88
N GLY A 1 11.97 23.58 -18.54
CA GLY A 1 12.75 22.80 -17.58
C GLY A 1 12.45 21.32 -17.74
N SER A 2 11.38 20.84 -17.11
CA SER A 2 10.96 19.45 -17.16
C SER A 2 12.02 18.51 -16.54
N SER A 3 12.88 19.05 -15.67
CA SER A 3 13.90 18.27 -14.98
C SER A 3 13.24 17.67 -13.73
N GLY A 4 14.02 17.02 -12.89
CA GLY A 4 13.56 16.39 -11.67
C GLY A 4 14.70 15.53 -11.19
N GLU A 5 14.84 14.36 -11.83
CA GLU A 5 15.85 13.32 -11.59
C GLU A 5 16.24 13.26 -10.11
N GLY A 6 15.27 12.95 -9.25
CA GLY A 6 15.49 12.87 -7.80
C GLY A 6 14.22 13.16 -7.01
N GLN A 7 13.09 13.45 -7.65
CA GLN A 7 11.85 13.71 -6.94
C GLN A 7 11.17 12.37 -6.67
N LYS A 8 10.07 12.41 -5.92
CA LYS A 8 9.27 11.25 -5.55
C LYS A 8 8.61 10.61 -6.79
N ASP A 9 8.76 11.24 -7.95
CA ASP A 9 8.24 10.87 -9.25
C ASP A 9 8.89 9.62 -9.78
N LEU A 10 10.24 9.60 -9.81
CA LEU A 10 11.03 8.48 -10.30
C LEU A 10 10.62 7.16 -9.65
N LYS A 11 10.28 7.17 -8.36
CA LYS A 11 9.87 5.95 -7.68
C LYS A 11 8.69 5.33 -8.41
N LEU A 12 7.68 6.12 -8.76
CA LEU A 12 6.51 5.64 -9.49
C LEU A 12 6.82 5.40 -10.98
N GLY A 13 7.33 6.42 -11.66
CA GLY A 13 7.64 6.39 -13.09
C GLY A 13 8.56 5.26 -13.53
N GLU A 14 9.71 5.07 -12.88
CA GLU A 14 10.65 4.02 -13.24
C GLU A 14 9.99 2.64 -13.11
N LEU A 15 9.21 2.42 -12.04
CA LEU A 15 8.52 1.16 -11.82
C LEU A 15 7.51 0.93 -12.95
N LEU A 16 6.69 1.94 -13.25
CA LEU A 16 5.70 1.84 -14.31
C LEU A 16 6.38 1.55 -15.64
N LEU A 17 7.52 2.19 -15.95
CA LEU A 17 8.26 1.98 -17.18
C LEU A 17 8.84 0.58 -17.25
N GLN A 18 9.27 0.01 -16.13
CA GLN A 18 9.83 -1.34 -16.10
C GLN A 18 8.81 -2.35 -16.64
N LYS A 19 7.52 -2.06 -16.48
CA LYS A 19 6.44 -2.90 -16.97
C LYS A 19 5.81 -2.33 -18.24
N GLY A 20 6.03 -1.05 -18.53
CA GLY A 20 5.51 -0.31 -19.68
C GLY A 20 4.06 0.13 -19.45
N TRP A 21 3.65 0.38 -18.20
CA TRP A 21 2.29 0.79 -17.86
C TRP A 21 1.88 2.20 -18.27
N ILE A 22 2.81 3.16 -18.39
CA ILE A 22 2.50 4.53 -18.77
C ILE A 22 3.48 5.06 -19.82
N SER A 23 3.18 6.24 -20.32
CA SER A 23 3.92 6.97 -21.33
C SER A 23 4.51 8.27 -20.77
N ARG A 24 5.43 8.88 -21.51
CA ARG A 24 6.04 10.13 -21.07
C ARG A 24 4.98 11.24 -20.98
N GLU A 25 3.95 11.20 -21.84
CA GLU A 25 2.88 12.17 -21.86
C GLU A 25 2.11 12.09 -20.55
N ALA A 26 1.68 10.88 -20.15
CA ALA A 26 0.95 10.68 -18.91
C ALA A 26 1.78 11.20 -17.73
N LEU A 27 3.08 10.88 -17.73
CA LEU A 27 3.99 11.32 -16.68
C LEU A 27 4.01 12.86 -16.62
N GLU A 28 4.26 13.54 -17.73
CA GLU A 28 4.31 15.00 -17.73
C GLU A 28 2.98 15.64 -17.34
N GLU A 29 1.85 15.05 -17.74
CA GLU A 29 0.52 15.57 -17.41
C GLU A 29 0.39 15.62 -15.89
N ALA A 30 0.84 14.57 -15.21
CA ALA A 30 0.77 14.47 -13.77
C ALA A 30 1.82 15.36 -13.09
N LEU A 31 3.02 15.43 -13.65
CA LEU A 31 4.10 16.26 -13.13
C LEU A 31 3.74 17.73 -13.08
N VAL A 32 3.04 18.22 -14.12
CA VAL A 32 2.64 19.62 -14.20
C VAL A 32 1.88 20.05 -12.94
N GLU A 33 1.01 19.18 -12.43
CA GLU A 33 0.25 19.45 -11.23
C GLU A 33 1.15 19.32 -10.00
N GLN A 34 2.01 18.32 -9.93
CA GLN A 34 2.89 18.14 -8.78
C GLN A 34 3.84 19.31 -8.58
N GLU A 35 4.26 20.00 -9.65
CA GLU A 35 5.16 21.15 -9.51
C GLU A 35 4.49 22.28 -8.70
N LYS A 36 3.16 22.33 -8.69
CA LYS A 36 2.38 23.33 -7.96
C LYS A 36 1.74 22.80 -6.69
N THR A 37 1.31 21.54 -6.66
CA THR A 37 0.67 20.98 -5.48
C THR A 37 1.69 20.33 -4.53
N GLY A 38 2.86 19.92 -5.03
CA GLY A 38 3.95 19.28 -4.29
C GLY A 38 3.55 17.96 -3.63
N ASP A 39 2.39 17.39 -3.97
CA ASP A 39 1.84 16.17 -3.39
C ASP A 39 2.61 14.89 -3.79
N LEU A 40 1.99 14.05 -4.60
CA LEU A 40 2.47 12.79 -5.11
C LEU A 40 1.98 12.62 -6.54
N LEU A 41 2.76 11.92 -7.36
CA LEU A 41 2.41 11.68 -8.77
C LEU A 41 1.20 10.76 -8.92
N GLY A 42 1.08 9.80 -7.99
CA GLY A 42 0.01 8.80 -7.97
C GLY A 42 -1.39 9.36 -8.08
N ARG A 43 -1.84 10.16 -7.10
CA ARG A 43 -3.18 10.75 -7.10
C ARG A 43 -3.47 11.50 -8.40
N ILE A 44 -2.48 12.24 -8.90
CA ILE A 44 -2.59 13.03 -10.10
C ILE A 44 -2.84 12.11 -11.30
N LEU A 45 -2.01 11.07 -11.46
CA LEU A 45 -2.15 10.10 -12.55
C LEU A 45 -3.53 9.44 -12.48
N VAL A 46 -3.93 8.93 -11.32
CA VAL A 46 -5.22 8.26 -11.13
C VAL A 46 -6.38 9.23 -11.46
N ARG A 47 -6.36 10.48 -11.00
CA ARG A 47 -7.46 11.40 -11.30
C ARG A 47 -7.59 11.71 -12.78
N LYS A 48 -6.50 11.58 -13.55
CA LYS A 48 -6.51 11.83 -14.98
C LYS A 48 -7.16 10.66 -15.74
N GLY A 49 -7.64 9.63 -15.04
CA GLY A 49 -8.29 8.48 -15.65
C GLY A 49 -7.53 7.18 -15.53
N LEU A 50 -6.42 7.13 -14.78
CA LEU A 50 -5.67 5.89 -14.62
C LEU A 50 -6.28 5.06 -13.49
N PRO A 51 -6.04 3.74 -13.47
CA PRO A 51 -6.56 2.85 -12.45
C PRO A 51 -5.83 3.11 -11.13
N GLU A 52 -6.56 3.12 -10.01
CA GLU A 52 -6.01 3.36 -8.69
C GLU A 52 -5.13 2.19 -8.25
N GLU A 53 -5.49 0.97 -8.65
CA GLU A 53 -4.73 -0.21 -8.30
C GLU A 53 -3.28 -0.09 -8.79
N ALA A 54 -3.06 0.53 -9.97
CA ALA A 54 -1.73 0.68 -10.53
C ALA A 54 -0.80 1.48 -9.62
N LEU A 55 -1.35 2.40 -8.82
CA LEU A 55 -0.56 3.21 -7.90
C LEU A 55 -0.11 2.30 -6.77
N TYR A 56 -1.06 1.65 -6.09
CA TYR A 56 -0.78 0.76 -4.98
C TYR A 56 0.13 -0.41 -5.40
N ARG A 57 -0.10 -1.02 -6.58
CA ARG A 57 0.72 -2.12 -7.08
C ARG A 57 2.19 -1.69 -7.16
N ALA A 58 2.47 -0.55 -7.80
CA ALA A 58 3.82 -0.03 -7.93
C ALA A 58 4.40 0.25 -6.53
N LEU A 59 3.65 0.96 -5.70
CA LEU A 59 4.05 1.31 -4.34
C LEU A 59 4.45 0.06 -3.55
N ALA A 60 3.77 -1.07 -3.74
CA ALA A 60 4.09 -2.31 -3.05
C ALA A 60 5.53 -2.69 -3.35
N GLU A 61 5.89 -2.72 -4.63
CA GLU A 61 7.23 -3.05 -5.09
C GLU A 61 8.24 -2.02 -4.58
N GLN A 62 7.89 -0.74 -4.58
CA GLN A 62 8.74 0.37 -4.13
C GLN A 62 9.12 0.21 -2.65
N LYS A 63 8.35 -0.56 -1.88
CA LYS A 63 8.61 -0.80 -0.46
C LYS A 63 9.02 -2.26 -0.21
N GLY A 64 9.05 -3.07 -1.27
CA GLY A 64 9.43 -4.48 -1.30
C GLY A 64 8.42 -5.27 -0.48
N LEU A 65 7.15 -5.10 -0.83
CA LEU A 65 5.98 -5.73 -0.23
C LEU A 65 5.20 -6.27 -1.40
N GLU A 66 4.52 -7.40 -1.24
CA GLU A 66 3.75 -7.93 -2.35
C GLU A 66 2.38 -7.26 -2.39
N PHE A 67 1.86 -7.08 -3.61
CA PHE A 67 0.56 -6.49 -3.85
C PHE A 67 -0.47 -7.59 -3.63
N LEU A 68 -1.58 -7.28 -2.99
CA LEU A 68 -2.63 -8.24 -2.73
C LEU A 68 -3.73 -8.09 -3.77
N GLU A 69 -4.00 -9.18 -4.46
CA GLU A 69 -4.98 -9.35 -5.52
C GLU A 69 -6.35 -8.91 -5.01
N SER A 70 -6.76 -9.45 -3.86
CA SER A 70 -8.03 -9.17 -3.22
C SER A 70 -8.04 -9.73 -1.79
N THR A 71 -8.96 -9.23 -0.97
CA THR A 71 -9.16 -9.64 0.42
C THR A 71 -10.38 -10.56 0.55
N GLU A 72 -11.23 -10.57 -0.47
CA GLU A 72 -12.50 -11.29 -0.61
C GLU A 72 -12.45 -12.81 -0.39
N GLY A 73 -11.27 -13.43 -0.51
CA GLY A 73 -11.10 -14.87 -0.30
C GLY A 73 -10.32 -15.21 0.96
N ILE A 74 -9.70 -14.23 1.63
CA ILE A 74 -8.90 -14.44 2.83
C ILE A 74 -9.79 -14.80 4.01
N VAL A 75 -9.20 -15.48 4.99
CA VAL A 75 -9.85 -15.90 6.22
C VAL A 75 -8.95 -15.38 7.35
N PRO A 76 -9.27 -14.22 7.97
CA PRO A 76 -8.51 -13.65 9.05
C PRO A 76 -8.62 -14.56 10.27
N ASP A 77 -7.54 -15.25 10.60
CA ASP A 77 -7.41 -16.18 11.72
C ASP A 77 -7.66 -15.45 13.05
N PRO A 78 -8.31 -16.07 14.06
CA PRO A 78 -8.60 -15.44 15.34
C PRO A 78 -7.34 -15.17 16.17
N SER A 79 -6.36 -16.06 16.12
CA SER A 79 -5.10 -15.91 16.85
C SER A 79 -4.35 -14.70 16.27
N ALA A 80 -4.51 -14.42 14.97
CA ALA A 80 -3.85 -13.30 14.32
C ALA A 80 -4.27 -11.97 14.98
N ALA A 81 -5.52 -11.89 15.42
CA ALA A 81 -6.12 -10.72 16.05
C ALA A 81 -5.59 -10.49 17.46
N LEU A 82 -4.90 -11.46 18.08
CA LEU A 82 -4.35 -11.33 19.43
C LEU A 82 -3.11 -10.43 19.47
N LEU A 83 -2.38 -10.29 18.36
CA LEU A 83 -1.18 -9.46 18.30
C LEU A 83 -1.52 -8.05 17.81
N LEU A 84 -2.55 -7.88 17.00
CA LEU A 84 -2.98 -6.58 16.48
C LEU A 84 -4.48 -6.50 16.79
N LEU A 85 -4.87 -5.62 17.71
CA LEU A 85 -6.27 -5.44 18.13
C LEU A 85 -7.00 -4.50 17.17
N ARG A 86 -8.33 -4.45 17.23
CA ARG A 86 -9.14 -3.58 16.35
C ARG A 86 -8.77 -2.10 16.49
N SER A 87 -8.38 -1.66 17.68
CA SER A 87 -7.99 -0.28 17.91
C SER A 87 -6.61 -0.05 17.29
N ASP A 88 -5.67 -0.93 17.62
CA ASP A 88 -4.28 -0.90 17.17
C ASP A 88 -4.21 -0.97 15.63
N ALA A 89 -5.15 -1.67 15.01
CA ALA A 89 -5.27 -1.86 13.58
C ALA A 89 -5.53 -0.54 12.87
N LEU A 90 -6.55 0.21 13.28
CA LEU A 90 -6.85 1.48 12.63
C LEU A 90 -5.75 2.50 12.90
N ARG A 91 -5.10 2.44 14.07
CA ARG A 91 -4.04 3.35 14.48
C ARG A 91 -2.91 3.41 13.45
N TYR A 92 -2.54 2.27 12.85
CA TYR A 92 -1.48 2.16 11.85
C TYR A 92 -1.98 1.61 10.51
N GLY A 93 -3.30 1.58 10.27
CA GLY A 93 -3.88 1.06 9.05
C GLY A 93 -3.33 -0.34 8.71
N ALA A 94 -3.29 -1.24 9.70
CA ALA A 94 -2.77 -2.60 9.56
C ALA A 94 -3.75 -3.64 10.06
N VAL A 95 -3.84 -4.80 9.42
CA VAL A 95 -4.74 -5.89 9.84
C VAL A 95 -4.02 -7.23 9.63
N PRO A 96 -3.85 -8.05 10.67
CA PRO A 96 -3.22 -9.36 10.60
C PRO A 96 -4.25 -10.33 10.03
N ILE A 97 -3.77 -11.27 9.21
CA ILE A 97 -4.62 -12.26 8.57
C ILE A 97 -4.33 -13.69 9.03
N GLY A 98 -3.12 -13.98 9.55
CA GLY A 98 -2.84 -15.35 9.99
C GLY A 98 -1.35 -15.66 10.10
N PHE A 99 -1.02 -16.62 10.95
CA PHE A 99 0.35 -17.07 11.17
C PHE A 99 0.66 -18.11 10.10
N GLN A 100 1.70 -17.87 9.31
CA GLN A 100 2.12 -18.75 8.23
C GLN A 100 3.62 -18.57 7.99
N ASN A 101 4.32 -19.66 7.70
CA ASN A 101 5.76 -19.71 7.42
C ASN A 101 6.64 -19.06 8.50
N GLY A 102 6.20 -19.14 9.76
CA GLY A 102 6.91 -18.60 10.92
C GLY A 102 6.63 -17.13 11.23
N GLU A 103 5.79 -16.41 10.46
CA GLU A 103 5.48 -15.00 10.72
C GLU A 103 3.97 -14.78 10.62
N VAL A 104 3.44 -13.68 11.17
CA VAL A 104 2.00 -13.40 11.09
C VAL A 104 1.86 -12.47 9.90
N GLU A 105 1.15 -12.85 8.86
CA GLU A 105 0.95 -12.02 7.70
C GLU A 105 0.05 -10.85 8.08
N VAL A 106 0.44 -9.64 7.70
CA VAL A 106 -0.26 -8.38 7.96
C VAL A 106 -0.45 -7.68 6.63
N VAL A 107 -1.57 -6.99 6.48
CA VAL A 107 -1.96 -6.24 5.29
C VAL A 107 -2.08 -4.79 5.75
N LEU A 108 -1.43 -3.84 5.07
CA LEU A 108 -1.46 -2.42 5.45
C LEU A 108 -1.70 -1.56 4.22
N SER A 109 -2.73 -0.71 4.22
CA SER A 109 -3.06 0.15 3.08
C SER A 109 -2.11 1.36 2.99
N ASP A 110 -1.42 1.71 4.08
CA ASP A 110 -0.47 2.82 4.08
C ASP A 110 0.85 2.32 4.69
N PRO A 111 1.63 1.52 3.96
CA PRO A 111 2.92 0.97 4.40
C PRO A 111 3.98 2.05 4.68
N ARG A 112 3.63 3.33 4.66
CA ARG A 112 4.53 4.44 4.97
C ARG A 112 5.03 4.13 6.38
N HIS A 113 4.11 3.83 7.30
CA HIS A 113 4.42 3.48 8.67
C HIS A 113 4.85 2.02 8.82
N LYS A 114 5.05 1.24 7.73
CA LYS A 114 5.47 -0.16 7.82
C LYS A 114 6.67 -0.27 8.74
N GLU A 115 7.69 0.55 8.52
CA GLU A 115 8.89 0.54 9.36
C GLU A 115 8.51 0.74 10.83
N ALA A 116 7.71 1.76 11.16
CA ALA A 116 7.30 2.04 12.52
C ALA A 116 6.58 0.85 13.14
N VAL A 117 5.65 0.24 12.40
CA VAL A 117 4.90 -0.91 12.83
C VAL A 117 5.86 -2.07 13.07
N ALA A 118 6.77 -2.37 12.13
CA ALA A 118 7.73 -3.46 12.27
C ALA A 118 8.59 -3.27 13.50
N GLN A 119 9.07 -2.05 13.75
CA GLN A 119 9.90 -1.72 14.90
C GLN A 119 9.11 -1.85 16.21
N LEU A 120 7.87 -1.38 16.21
CA LEU A 120 6.98 -1.43 17.37
C LEU A 120 6.60 -2.87 17.69
N LEU A 121 6.35 -3.66 16.65
CA LEU A 121 5.98 -5.05 16.74
C LEU A 121 7.16 -5.86 17.25
N ASN A 122 8.36 -5.63 16.68
CA ASN A 122 9.61 -6.31 16.99
C ASN A 122 9.40 -7.82 17.18
N ARG A 123 8.56 -8.42 16.33
CA ARG A 123 8.20 -9.83 16.34
C ARG A 123 8.03 -10.30 14.90
N PRO A 124 8.24 -11.60 14.61
CA PRO A 124 8.10 -12.16 13.26
C PRO A 124 6.69 -11.93 12.72
N ALA A 125 6.59 -11.01 11.75
CA ALA A 125 5.38 -10.59 11.07
C ALA A 125 5.71 -10.31 9.60
N ARG A 126 4.86 -10.76 8.68
CA ARG A 126 5.00 -10.57 7.24
C ARG A 126 4.17 -9.33 6.91
N PHE A 127 4.44 -8.64 5.80
CA PHE A 127 3.71 -7.43 5.45
C PHE A 127 3.39 -7.44 3.95
N TYR A 128 2.21 -6.94 3.56
CA TYR A 128 1.70 -6.87 2.20
C TYR A 128 0.90 -5.57 2.00
N LEU A 129 0.49 -5.26 0.76
CA LEU A 129 -0.27 -4.05 0.41
C LEU A 129 -1.52 -4.32 -0.43
N ALA A 130 -2.70 -4.03 0.11
CA ALA A 130 -4.01 -4.16 -0.53
C ALA A 130 -4.60 -2.75 -0.67
N LEU A 131 -5.54 -2.54 -1.60
CA LEU A 131 -6.20 -1.23 -1.83
C LEU A 131 -6.97 -0.81 -0.57
N PRO A 132 -7.32 0.48 -0.38
CA PRO A 132 -8.04 0.93 0.81
C PRO A 132 -9.44 0.30 0.92
N GLN A 133 -10.11 0.04 -0.21
CA GLN A 133 -11.44 -0.57 -0.23
C GLN A 133 -11.34 -2.03 0.25
N ALA A 134 -10.37 -2.78 -0.29
CA ALA A 134 -10.13 -4.17 0.05
C ALA A 134 -9.74 -4.27 1.53
N TRP A 135 -8.84 -3.39 1.97
CA TRP A 135 -8.34 -3.35 3.32
C TRP A 135 -9.48 -3.06 4.30
N GLU A 136 -10.35 -2.09 3.99
CA GLU A 136 -11.46 -1.76 4.87
C GLU A 136 -12.38 -2.98 5.05
N GLU A 137 -12.64 -3.73 3.97
CA GLU A 137 -13.49 -4.91 4.06
C GLU A 137 -12.83 -5.97 4.92
N LEU A 138 -11.52 -6.21 4.76
CA LEU A 138 -10.82 -7.21 5.56
C LEU A 138 -10.89 -6.79 7.03
N PHE A 139 -10.72 -5.50 7.35
CA PHE A 139 -10.79 -5.02 8.73
C PHE A 139 -12.12 -5.46 9.35
N ARG A 140 -13.23 -5.24 8.64
CA ARG A 140 -14.56 -5.63 9.12
C ARG A 140 -14.63 -7.15 9.32
N ARG A 141 -14.04 -7.91 8.41
CA ARG A 141 -14.02 -9.37 8.44
C ARG A 141 -13.05 -9.93 9.50
N ALA A 142 -12.06 -9.17 9.96
CA ALA A 142 -11.05 -9.53 10.97
C ALA A 142 -11.59 -9.26 12.38
N TYR A 143 -12.25 -8.13 12.55
CA TYR A 143 -12.83 -7.71 13.83
C TYR A 143 -14.35 -7.56 13.64
N PRO A 144 -15.09 -8.62 13.29
CA PRO A 144 -16.52 -8.53 13.07
C PRO A 144 -17.31 -8.38 14.36
N GLN A 145 -18.55 -7.92 14.19
CA GLN A 145 -19.50 -7.75 15.28
C GLN A 145 -19.94 -9.15 15.69
N LYS A 146 -20.37 -9.31 16.95
CA LYS A 146 -20.84 -10.60 17.43
C LYS A 146 -22.29 -10.65 16.99
N GLY A 1 8.04 18.77 -7.39
CA GLY A 1 7.09 19.71 -6.79
C GLY A 1 7.60 20.16 -5.44
N SER A 2 7.42 19.38 -4.37
CA SER A 2 7.90 19.73 -3.04
C SER A 2 9.36 19.27 -2.90
N SER A 3 10.08 19.72 -1.87
CA SER A 3 11.47 19.38 -1.61
C SER A 3 11.57 19.02 -0.13
N GLY A 4 11.86 17.74 0.15
CA GLY A 4 11.99 17.21 1.49
C GLY A 4 11.45 15.80 1.45
N GLU A 5 12.33 14.80 1.39
CA GLU A 5 11.98 13.38 1.33
C GLU A 5 11.16 13.09 0.07
N GLY A 6 11.82 13.27 -1.09
CA GLY A 6 11.27 13.07 -2.42
C GLY A 6 11.28 11.62 -2.87
N GLN A 7 11.79 11.38 -4.09
CA GLN A 7 11.88 10.07 -4.75
C GLN A 7 10.46 9.54 -4.95
N LYS A 8 9.65 10.29 -5.70
CA LYS A 8 8.25 9.96 -6.00
C LYS A 8 7.88 10.12 -7.46
N ASP A 9 8.11 11.29 -8.06
CA ASP A 9 7.76 11.56 -9.45
C ASP A 9 8.61 10.76 -10.42
N LEU A 10 9.94 10.89 -10.32
CA LEU A 10 10.87 10.18 -11.16
C LEU A 10 10.67 8.69 -10.93
N LYS A 11 10.64 8.30 -9.65
CA LYS A 11 10.47 6.93 -9.20
C LYS A 11 9.21 6.23 -9.70
N LEU A 12 8.00 6.71 -9.37
CA LEU A 12 6.77 6.03 -9.80
C LEU A 12 6.64 5.96 -11.32
N GLY A 13 6.95 7.05 -12.03
CA GLY A 13 6.86 7.06 -13.49
C GLY A 13 7.86 6.06 -14.06
N GLU A 14 9.07 5.97 -13.49
CA GLU A 14 10.08 5.02 -13.93
C GLU A 14 9.55 3.60 -13.71
N LEU A 15 8.95 3.33 -12.54
CA LEU A 15 8.41 2.00 -12.23
C LEU A 15 7.42 1.57 -13.32
N LEU A 16 6.58 2.51 -13.78
CA LEU A 16 5.60 2.26 -14.82
C LEU A 16 6.30 2.08 -16.18
N LEU A 17 7.18 3.01 -16.57
CA LEU A 17 7.91 3.00 -17.84
C LEU A 17 8.77 1.76 -18.00
N GLN A 18 9.37 1.26 -16.92
CA GLN A 18 10.20 0.06 -16.93
C GLN A 18 9.38 -1.11 -17.49
N LYS A 19 8.07 -1.13 -17.24
CA LYS A 19 7.15 -2.16 -17.74
C LYS A 19 6.35 -1.67 -18.94
N GLY A 20 6.36 -0.38 -19.22
CA GLY A 20 5.65 0.24 -20.32
C GLY A 20 4.15 0.30 -20.04
N TRP A 21 3.75 0.42 -18.76
CA TRP A 21 2.34 0.46 -18.38
C TRP A 21 1.62 1.70 -18.92
N ILE A 22 2.35 2.81 -19.08
CA ILE A 22 1.84 4.07 -19.57
C ILE A 22 2.84 4.68 -20.56
N SER A 23 2.58 5.91 -20.99
CA SER A 23 3.40 6.66 -21.90
C SER A 23 3.96 7.90 -21.22
N ARG A 24 5.00 8.51 -21.80
CA ARG A 24 5.55 9.73 -21.21
C ARG A 24 4.48 10.82 -21.23
N GLU A 25 3.56 10.81 -22.19
CA GLU A 25 2.51 11.80 -22.30
C GLU A 25 1.62 11.80 -21.05
N ALA A 26 1.14 10.61 -20.65
CA ALA A 26 0.30 10.47 -19.46
C ALA A 26 1.06 10.95 -18.22
N LEU A 27 2.34 10.59 -18.12
CA LEU A 27 3.21 10.96 -17.02
C LEU A 27 3.32 12.48 -16.95
N GLU A 28 3.68 13.10 -18.07
CA GLU A 28 3.85 14.54 -18.23
C GLU A 28 2.56 15.28 -17.87
N GLU A 29 1.39 14.71 -18.19
CA GLU A 29 0.10 15.32 -17.86
C GLU A 29 -0.09 15.37 -16.34
N ALA A 30 0.32 14.31 -15.64
CA ALA A 30 0.23 14.23 -14.19
C ALA A 30 1.28 15.12 -13.52
N LEU A 31 2.49 15.15 -14.07
CA LEU A 31 3.61 15.96 -13.58
C LEU A 31 3.22 17.42 -13.44
N VAL A 32 2.44 17.98 -14.38
CA VAL A 32 2.03 19.38 -14.33
C VAL A 32 1.26 19.71 -13.04
N GLU A 33 0.41 18.80 -12.55
CA GLU A 33 -0.33 19.06 -11.32
C GLU A 33 0.66 19.01 -10.15
N GLN A 34 1.65 18.11 -10.19
CA GLN A 34 2.66 17.99 -9.15
C GLN A 34 3.56 19.23 -9.12
N GLU A 35 3.79 19.87 -10.26
CA GLU A 35 4.63 21.07 -10.32
C GLU A 35 4.04 22.23 -9.52
N LYS A 36 2.71 22.24 -9.36
CA LYS A 36 1.98 23.28 -8.63
C LYS A 36 1.53 22.84 -7.24
N THR A 37 1.00 21.62 -7.11
CA THR A 37 0.52 21.12 -5.82
C THR A 37 1.65 20.48 -4.98
N GLY A 38 2.61 19.84 -5.64
CA GLY A 38 3.72 19.13 -5.00
C GLY A 38 3.27 17.73 -4.57
N ASP A 39 2.01 17.38 -4.80
CA ASP A 39 1.33 16.13 -4.47
C ASP A 39 1.89 14.89 -5.18
N LEU A 40 1.45 13.69 -4.79
CA LEU A 40 1.90 12.43 -5.35
C LEU A 40 1.43 12.25 -6.80
N LEU A 41 2.37 11.83 -7.65
CA LEU A 41 2.16 11.57 -9.07
C LEU A 41 1.03 10.56 -9.34
N GLY A 42 1.03 9.47 -8.58
CA GLY A 42 0.07 8.38 -8.67
C GLY A 42 -1.38 8.82 -8.70
N ARG A 43 -1.85 9.49 -7.64
CA ARG A 43 -3.25 9.95 -7.59
C ARG A 43 -3.58 10.87 -8.76
N ILE A 44 -2.64 11.72 -9.20
CA ILE A 44 -2.88 12.64 -10.30
C ILE A 44 -3.14 11.80 -11.55
N LEU A 45 -2.30 10.80 -11.81
CA LEU A 45 -2.46 9.91 -12.97
C LEU A 45 -3.84 9.25 -12.91
N VAL A 46 -4.20 8.66 -11.77
CA VAL A 46 -5.49 7.99 -11.58
C VAL A 46 -6.62 8.96 -11.90
N ARG A 47 -6.60 10.17 -11.34
CA ARG A 47 -7.60 11.22 -11.53
C ARG A 47 -7.72 11.65 -12.99
N LYS A 48 -6.74 11.37 -13.84
CA LYS A 48 -6.77 11.70 -15.27
C LYS A 48 -7.39 10.54 -16.05
N GLY A 49 -7.84 9.46 -15.40
CA GLY A 49 -8.48 8.30 -16.04
C GLY A 49 -7.68 7.00 -15.97
N LEU A 50 -6.77 6.83 -15.01
CA LEU A 50 -5.96 5.61 -14.87
C LEU A 50 -6.49 4.64 -13.82
N PRO A 51 -6.14 3.34 -13.91
CA PRO A 51 -6.54 2.33 -12.95
C PRO A 51 -5.81 2.62 -11.63
N GLU A 52 -6.53 2.66 -10.51
CA GLU A 52 -5.96 2.95 -9.21
C GLU A 52 -5.10 1.77 -8.73
N GLU A 53 -5.47 0.54 -9.10
CA GLU A 53 -4.75 -0.67 -8.73
C GLU A 53 -3.28 -0.59 -9.15
N ALA A 54 -2.99 0.00 -10.33
CA ALA A 54 -1.65 0.13 -10.86
C ALA A 54 -0.74 0.95 -9.95
N LEU A 55 -1.29 1.89 -9.18
CA LEU A 55 -0.52 2.72 -8.27
C LEU A 55 0.04 1.83 -7.16
N TYR A 56 -0.85 1.12 -6.47
CA TYR A 56 -0.47 0.21 -5.39
C TYR A 56 0.41 -0.92 -5.91
N ARG A 57 0.09 -1.51 -7.06
CA ARG A 57 0.90 -2.58 -7.64
C ARG A 57 2.35 -2.13 -7.85
N ALA A 58 2.56 -0.88 -8.27
CA ALA A 58 3.91 -0.36 -8.46
C ALA A 58 4.54 -0.11 -7.09
N LEU A 59 3.82 0.56 -6.18
CA LEU A 59 4.29 0.86 -4.82
C LEU A 59 4.72 -0.39 -4.06
N ALA A 60 4.10 -1.54 -4.34
CA ALA A 60 4.42 -2.79 -3.69
C ALA A 60 5.86 -3.18 -4.04
N GLU A 61 6.22 -3.20 -5.33
CA GLU A 61 7.57 -3.56 -5.76
C GLU A 61 8.57 -2.54 -5.21
N GLN A 62 8.24 -1.23 -5.24
CA GLN A 62 9.10 -0.16 -4.75
C GLN A 62 9.53 -0.46 -3.30
N LYS A 63 8.55 -0.75 -2.44
CA LYS A 63 8.73 -1.04 -1.02
C LYS A 63 9.20 -2.46 -0.73
N GLY A 64 9.32 -3.30 -1.75
CA GLY A 64 9.76 -4.68 -1.65
C GLY A 64 8.69 -5.54 -0.99
N LEU A 65 7.44 -5.42 -1.43
CA LEU A 65 6.28 -6.13 -0.92
C LEU A 65 5.50 -6.69 -2.10
N GLU A 66 4.75 -7.76 -1.86
CA GLU A 66 3.93 -8.38 -2.89
C GLU A 66 2.55 -7.74 -2.80
N PHE A 67 1.90 -7.63 -3.96
CA PHE A 67 0.59 -7.06 -4.12
C PHE A 67 -0.48 -8.11 -3.84
N LEU A 68 -1.42 -7.81 -2.95
CA LEU A 68 -2.52 -8.70 -2.63
C LEU A 68 -3.57 -8.37 -3.68
N GLU A 69 -4.10 -9.37 -4.39
CA GLU A 69 -5.10 -9.12 -5.42
C GLU A 69 -6.35 -8.50 -4.83
N SER A 70 -6.94 -9.17 -3.83
CA SER A 70 -8.15 -8.75 -3.15
C SER A 70 -8.27 -9.51 -1.83
N THR A 71 -9.09 -8.98 -0.93
CA THR A 71 -9.38 -9.53 0.39
C THR A 71 -10.71 -10.29 0.41
N GLU A 72 -11.42 -10.28 -0.71
CA GLU A 72 -12.72 -10.88 -1.03
C GLU A 72 -12.65 -12.40 -1.01
N GLY A 73 -12.32 -12.95 0.15
CA GLY A 73 -12.18 -14.38 0.40
C GLY A 73 -11.25 -14.68 1.58
N ILE A 74 -10.63 -13.67 2.19
CA ILE A 74 -9.73 -13.85 3.33
C ILE A 74 -10.57 -13.96 4.60
N VAL A 75 -10.19 -14.89 5.47
CA VAL A 75 -10.81 -15.15 6.76
C VAL A 75 -9.71 -14.87 7.79
N PRO A 76 -9.66 -13.68 8.40
CA PRO A 76 -8.64 -13.33 9.38
C PRO A 76 -8.83 -14.17 10.66
N ASP A 77 -7.78 -14.89 11.07
CA ASP A 77 -7.75 -15.74 12.26
C ASP A 77 -8.04 -14.96 13.56
N PRO A 78 -8.66 -15.58 14.59
CA PRO A 78 -9.00 -14.91 15.85
C PRO A 78 -7.78 -14.49 16.67
N SER A 79 -6.77 -15.34 16.79
CA SER A 79 -5.56 -15.04 17.54
C SER A 79 -4.70 -14.02 16.81
N ALA A 80 -4.82 -13.94 15.48
CA ALA A 80 -4.09 -13.00 14.67
C ALA A 80 -4.46 -11.55 15.07
N ALA A 81 -5.70 -11.35 15.51
CA ALA A 81 -6.22 -10.07 15.94
C ALA A 81 -5.68 -9.65 17.32
N LEU A 82 -5.07 -10.54 18.09
CA LEU A 82 -4.55 -10.23 19.42
C LEU A 82 -3.31 -9.34 19.38
N LEU A 83 -2.39 -9.55 18.42
CA LEU A 83 -1.17 -8.74 18.34
C LEU A 83 -1.45 -7.36 17.74
N LEU A 84 -2.25 -7.28 16.67
CA LEU A 84 -2.59 -6.01 16.04
C LEU A 84 -4.05 -5.77 16.40
N LEU A 85 -4.34 -4.78 17.25
CA LEU A 85 -5.72 -4.45 17.69
C LEU A 85 -6.38 -3.47 16.75
N ARG A 86 -7.71 -3.27 16.87
CA ARG A 86 -8.44 -2.34 16.01
C ARG A 86 -7.89 -0.91 16.08
N SER A 87 -7.49 -0.42 17.26
CA SER A 87 -6.94 0.93 17.38
C SER A 87 -5.58 1.00 16.68
N ASP A 88 -4.70 0.05 16.99
CA ASP A 88 -3.35 -0.03 16.46
C ASP A 88 -3.34 -0.22 14.94
N ALA A 89 -4.33 -0.95 14.42
CA ALA A 89 -4.51 -1.24 13.01
C ALA A 89 -4.82 0.03 12.23
N LEU A 90 -5.64 0.94 12.79
CA LEU A 90 -5.97 2.18 12.11
C LEU A 90 -4.76 3.12 12.18
N ARG A 91 -4.11 3.16 13.34
CA ARG A 91 -2.94 4.00 13.63
C ARG A 91 -1.80 3.78 12.64
N TYR A 92 -1.54 2.54 12.22
CA TYR A 92 -0.48 2.17 11.29
C TYR A 92 -0.98 1.51 10.00
N GLY A 93 -2.27 1.62 9.69
CA GLY A 93 -2.86 1.06 8.47
C GLY A 93 -2.50 -0.42 8.21
N ALA A 94 -2.40 -1.24 9.25
CA ALA A 94 -2.04 -2.66 9.18
C ALA A 94 -3.17 -3.55 9.66
N VAL A 95 -3.49 -4.62 8.95
CA VAL A 95 -4.54 -5.56 9.35
C VAL A 95 -3.96 -6.98 9.24
N PRO A 96 -3.94 -7.74 10.34
CA PRO A 96 -3.44 -9.10 10.39
C PRO A 96 -4.46 -10.07 9.80
N ILE A 97 -3.99 -11.21 9.31
CA ILE A 97 -4.83 -12.24 8.72
C ILE A 97 -4.58 -13.68 9.19
N GLY A 98 -3.46 -13.93 9.86
CA GLY A 98 -3.12 -15.27 10.31
C GLY A 98 -1.63 -15.40 10.51
N PHE A 99 -1.20 -16.62 10.79
CA PHE A 99 0.19 -17.00 11.00
C PHE A 99 0.51 -18.16 10.06
N GLN A 100 1.62 -18.08 9.32
CA GLN A 100 2.03 -19.13 8.39
C GLN A 100 3.54 -19.08 8.21
N ASN A 101 4.19 -20.25 8.13
CA ASN A 101 5.63 -20.40 7.95
C ASN A 101 6.41 -19.62 9.01
N GLY A 102 5.92 -19.65 10.25
CA GLY A 102 6.51 -19.00 11.41
C GLY A 102 6.44 -17.48 11.38
N GLU A 103 5.74 -16.86 10.43
CA GLU A 103 5.63 -15.41 10.30
C GLU A 103 4.15 -15.01 10.23
N VAL A 104 3.77 -14.00 11.01
CA VAL A 104 2.39 -13.52 11.01
C VAL A 104 2.18 -12.79 9.68
N GLU A 105 1.17 -13.15 8.89
CA GLU A 105 0.91 -12.47 7.62
C GLU A 105 0.10 -11.21 7.92
N VAL A 106 0.61 -10.04 7.51
CA VAL A 106 -0.02 -8.74 7.72
C VAL A 106 -0.20 -8.09 6.35
N VAL A 107 -1.29 -7.35 6.19
CA VAL A 107 -1.59 -6.66 4.95
C VAL A 107 -1.88 -5.20 5.29
N LEU A 108 -1.21 -4.27 4.61
CA LEU A 108 -1.34 -2.84 4.81
C LEU A 108 -1.85 -2.20 3.53
N SER A 109 -2.25 -0.94 3.61
CA SER A 109 -2.72 -0.13 2.49
C SER A 109 -1.78 1.07 2.28
N ASP A 110 -0.86 1.33 3.21
CA ASP A 110 0.13 2.41 3.13
C ASP A 110 1.48 1.90 3.65
N PRO A 111 2.35 1.37 2.79
CA PRO A 111 3.65 0.86 3.21
C PRO A 111 4.66 1.97 3.55
N ARG A 112 4.26 3.25 3.58
CA ARG A 112 5.15 4.37 3.92
C ARG A 112 5.81 4.12 5.29
N HIS A 113 5.09 3.47 6.20
CA HIS A 113 5.50 3.12 7.55
C HIS A 113 5.80 1.61 7.69
N LYS A 114 5.90 0.82 6.61
CA LYS A 114 6.20 -0.63 6.71
C LYS A 114 7.44 -0.84 7.57
N GLU A 115 8.52 -0.13 7.28
CA GLU A 115 9.77 -0.22 8.04
C GLU A 115 9.56 0.17 9.51
N ALA A 116 8.82 1.26 9.76
CA ALA A 116 8.53 1.74 11.10
C ALA A 116 7.80 0.64 11.88
N VAL A 117 6.74 0.09 11.29
CA VAL A 117 5.91 -0.97 11.82
C VAL A 117 6.75 -2.22 12.06
N ALA A 118 7.66 -2.58 11.14
CA ALA A 118 8.52 -3.74 11.29
C ALA A 118 9.35 -3.61 12.57
N GLN A 119 9.99 -2.45 12.77
CA GLN A 119 10.80 -2.21 13.97
C GLN A 119 9.90 -2.20 15.21
N LEU A 120 8.75 -1.52 15.15
CA LEU A 120 7.80 -1.42 16.25
C LEU A 120 7.32 -2.80 16.69
N LEU A 121 7.07 -3.68 15.72
CA LEU A 121 6.60 -5.05 15.94
C LEU A 121 7.73 -5.96 16.41
N ASN A 122 8.96 -5.76 15.93
CA ASN A 122 10.19 -6.51 16.23
C ASN A 122 9.94 -8.02 16.35
N ARG A 123 9.15 -8.59 15.43
CA ARG A 123 8.82 -10.01 15.44
C ARG A 123 8.69 -10.58 14.03
N PRO A 124 8.70 -11.92 13.86
CA PRO A 124 8.55 -12.57 12.57
C PRO A 124 7.16 -12.27 12.01
N ALA A 125 7.10 -11.40 11.00
CA ALA A 125 5.87 -11.01 10.35
C ALA A 125 6.16 -10.77 8.87
N ARG A 126 5.25 -11.27 8.04
CA ARG A 126 5.22 -11.17 6.60
C ARG A 126 4.36 -9.94 6.32
N PHE A 127 4.64 -9.18 5.28
CA PHE A 127 3.88 -7.97 4.99
C PHE A 127 3.51 -7.90 3.51
N TYR A 128 2.30 -7.44 3.20
CA TYR A 128 1.76 -7.31 1.84
C TYR A 128 1.02 -5.99 1.65
N LEU A 129 0.67 -5.66 0.40
CA LEU A 129 -0.01 -4.41 0.05
C LEU A 129 -1.33 -4.66 -0.68
N ALA A 130 -2.46 -4.25 -0.09
CA ALA A 130 -3.81 -4.37 -0.63
C ALA A 130 -4.37 -2.99 -0.93
N LEU A 131 -5.36 -2.90 -1.83
CA LEU A 131 -5.98 -1.63 -2.17
C LEU A 131 -6.74 -1.10 -0.96
N PRO A 132 -6.97 0.22 -0.84
CA PRO A 132 -7.72 0.77 0.30
C PRO A 132 -9.16 0.25 0.31
N GLN A 133 -9.80 0.10 -0.86
CA GLN A 133 -11.17 -0.40 -0.94
C GLN A 133 -11.29 -1.79 -0.30
N ALA A 134 -10.28 -2.63 -0.49
CA ALA A 134 -10.19 -3.98 0.05
C ALA A 134 -9.89 -3.90 1.55
N TRP A 135 -8.83 -3.16 1.89
CA TRP A 135 -8.35 -2.97 3.25
C TRP A 135 -9.42 -2.44 4.20
N GLU A 136 -10.28 -1.51 3.78
CA GLU A 136 -11.33 -0.95 4.62
C GLU A 136 -12.33 -2.03 5.05
N GLU A 137 -12.70 -2.91 4.12
CA GLU A 137 -13.64 -4.01 4.38
C GLU A 137 -12.92 -5.11 5.16
N LEU A 138 -11.63 -5.33 4.88
CA LEU A 138 -10.84 -6.34 5.56
C LEU A 138 -10.65 -5.95 7.02
N PHE A 139 -10.49 -4.66 7.32
CA PHE A 139 -10.35 -4.18 8.70
C PHE A 139 -11.61 -4.64 9.46
N ARG A 140 -12.80 -4.48 8.86
CA ARG A 140 -14.06 -4.91 9.49
C ARG A 140 -14.04 -6.41 9.68
N ARG A 141 -13.57 -7.17 8.68
CA ARG A 141 -13.49 -8.62 8.77
C ARG A 141 -12.60 -9.04 9.94
N ALA A 142 -11.45 -8.40 10.13
CA ALA A 142 -10.50 -8.70 11.20
C ALA A 142 -11.05 -8.30 12.57
N TYR A 143 -11.75 -7.16 12.66
CA TYR A 143 -12.32 -6.64 13.88
C TYR A 143 -13.85 -6.61 13.78
N PRO A 144 -14.54 -7.77 13.87
CA PRO A 144 -15.98 -7.81 13.78
C PRO A 144 -16.56 -7.17 15.05
N GLN A 145 -17.67 -6.45 14.92
CA GLN A 145 -18.27 -5.85 16.11
C GLN A 145 -18.98 -6.99 16.84
N LYS A 146 -18.93 -6.96 18.18
CA LYS A 146 -19.58 -7.97 18.98
C LYS A 146 -21.08 -7.85 18.75
N GLY A 1 6.98 23.23 -6.24
CA GLY A 1 7.88 23.45 -5.10
C GLY A 1 7.57 22.40 -4.05
N SER A 2 8.59 21.77 -3.47
CA SER A 2 8.41 20.72 -2.47
C SER A 2 9.53 20.75 -1.43
N SER A 3 9.54 19.75 -0.56
CA SER A 3 10.51 19.55 0.50
C SER A 3 11.41 18.40 0.06
N GLY A 4 12.70 18.52 0.34
CA GLY A 4 13.66 17.50 -0.04
C GLY A 4 13.96 17.57 -1.52
N GLU A 5 14.76 16.62 -2.01
CA GLU A 5 15.18 16.52 -3.39
C GLU A 5 14.34 15.41 -4.01
N GLY A 6 13.61 15.73 -5.07
CA GLY A 6 12.75 14.82 -5.80
C GLY A 6 11.31 14.96 -5.30
N GLN A 7 10.39 14.28 -5.98
CA GLN A 7 8.97 14.27 -5.69
C GLN A 7 8.39 12.86 -5.86
N LYS A 8 9.25 11.82 -5.84
CA LYS A 8 8.86 10.41 -6.05
C LYS A 8 8.15 10.27 -7.41
N ASP A 9 8.58 11.13 -8.32
CA ASP A 9 8.17 11.30 -9.70
C ASP A 9 8.81 10.16 -10.48
N LEU A 10 10.13 10.01 -10.42
CA LEU A 10 10.87 8.96 -11.12
C LEU A 10 10.52 7.60 -10.56
N LYS A 11 10.20 7.48 -9.27
CA LYS A 11 9.84 6.20 -8.66
C LYS A 11 8.68 5.57 -9.42
N LEU A 12 7.60 6.33 -9.65
CA LEU A 12 6.47 5.80 -10.40
C LEU A 12 6.79 5.72 -11.89
N GLY A 13 7.44 6.75 -12.44
CA GLY A 13 7.79 6.81 -13.86
C GLY A 13 8.59 5.59 -14.31
N GLU A 14 9.72 5.33 -13.67
CA GLU A 14 10.59 4.21 -13.98
C GLU A 14 9.87 2.86 -13.81
N LEU A 15 9.06 2.68 -12.76
CA LEU A 15 8.34 1.41 -12.56
C LEU A 15 7.34 1.17 -13.68
N LEU A 16 6.65 2.22 -14.11
CA LEU A 16 5.67 2.12 -15.18
C LEU A 16 6.38 1.94 -16.52
N LEU A 17 7.38 2.76 -16.85
CA LEU A 17 8.16 2.71 -18.10
C LEU A 17 8.92 1.40 -18.24
N GLN A 18 9.37 0.80 -17.14
CA GLN A 18 10.10 -0.48 -17.15
C GLN A 18 9.28 -1.52 -17.89
N LYS A 19 8.00 -1.61 -17.55
CA LYS A 19 7.07 -2.55 -18.16
C LYS A 19 6.32 -1.89 -19.33
N GLY A 20 6.31 -0.56 -19.41
CA GLY A 20 5.64 0.21 -20.44
C GLY A 20 4.14 0.29 -20.17
N TRP A 21 3.72 0.34 -18.89
CA TRP A 21 2.30 0.41 -18.49
C TRP A 21 1.59 1.67 -18.95
N ILE A 22 2.31 2.79 -19.01
CA ILE A 22 1.82 4.10 -19.42
C ILE A 22 2.83 4.68 -20.41
N SER A 23 2.58 5.90 -20.87
CA SER A 23 3.44 6.59 -21.80
C SER A 23 4.18 7.75 -21.13
N ARG A 24 5.26 8.22 -21.75
CA ARG A 24 5.98 9.36 -21.19
C ARG A 24 5.07 10.59 -21.30
N GLU A 25 4.16 10.62 -22.28
CA GLU A 25 3.21 11.69 -22.53
C GLU A 25 2.26 11.82 -21.33
N ALA A 26 1.68 10.70 -20.87
CA ALA A 26 0.77 10.68 -19.73
C ALA A 26 1.48 11.14 -18.45
N LEU A 27 2.80 10.93 -18.36
CA LEU A 27 3.59 11.33 -17.21
C LEU A 27 3.55 12.86 -17.08
N GLU A 28 3.77 13.55 -18.20
CA GLU A 28 3.79 15.01 -18.31
C GLU A 28 2.46 15.62 -17.91
N GLU A 29 1.34 14.93 -18.17
CA GLU A 29 0.01 15.40 -17.83
C GLU A 29 -0.11 15.48 -16.31
N ALA A 30 0.41 14.47 -15.63
CA ALA A 30 0.38 14.40 -14.18
C ALA A 30 1.43 15.33 -13.56
N LEU A 31 2.61 15.43 -14.15
CA LEU A 31 3.73 16.25 -13.68
C LEU A 31 3.32 17.70 -13.47
N VAL A 32 2.42 18.26 -14.30
CA VAL A 32 1.98 19.64 -14.17
C VAL A 32 1.27 19.86 -12.83
N GLU A 33 0.38 18.94 -12.41
CA GLU A 33 -0.30 19.10 -11.13
C GLU A 33 0.72 18.96 -10.00
N GLN A 34 1.73 18.12 -10.18
CA GLN A 34 2.75 17.95 -9.16
C GLN A 34 3.54 19.26 -8.99
N GLU A 35 3.78 20.03 -10.05
CA GLU A 35 4.53 21.29 -9.98
C GLU A 35 3.82 22.37 -9.14
N LYS A 36 2.49 22.23 -8.94
CA LYS A 36 1.65 23.14 -8.16
C LYS A 36 1.24 22.59 -6.79
N THR A 37 1.19 21.26 -6.64
CA THR A 37 0.78 20.63 -5.39
C THR A 37 1.98 20.17 -4.55
N GLY A 38 3.11 19.82 -5.17
CA GLY A 38 4.31 19.34 -4.48
C GLY A 38 4.12 17.96 -3.84
N ASP A 39 3.02 17.27 -4.16
CA ASP A 39 2.65 15.96 -3.64
C ASP A 39 3.06 14.85 -4.62
N LEU A 40 2.67 13.61 -4.33
CA LEU A 40 2.99 12.44 -5.16
C LEU A 40 2.35 12.55 -6.55
N LEU A 41 3.10 12.11 -7.56
CA LEU A 41 2.73 12.08 -8.97
C LEU A 41 1.67 11.01 -9.23
N GLY A 42 1.79 9.86 -8.55
CA GLY A 42 0.90 8.71 -8.67
C GLY A 42 -0.58 9.08 -8.56
N ARG A 43 -0.98 9.76 -7.49
CA ARG A 43 -2.38 10.15 -7.31
C ARG A 43 -2.92 10.97 -8.49
N ILE A 44 -2.11 11.85 -9.07
CA ILE A 44 -2.51 12.69 -10.19
C ILE A 44 -2.71 11.79 -11.40
N LEU A 45 -1.81 10.85 -11.65
CA LEU A 45 -1.94 9.93 -12.78
C LEU A 45 -3.29 9.23 -12.69
N VAL A 46 -3.63 8.66 -11.53
CA VAL A 46 -4.90 7.98 -11.32
C VAL A 46 -6.05 8.97 -11.62
N ARG A 47 -5.99 10.19 -11.09
CA ARG A 47 -7.03 11.20 -11.31
C ARG A 47 -7.18 11.56 -12.79
N LYS A 48 -6.19 11.32 -13.66
CA LYS A 48 -6.30 11.58 -15.10
C LYS A 48 -7.14 10.45 -15.74
N GLY A 49 -7.67 9.50 -14.97
CA GLY A 49 -8.48 8.37 -15.42
C GLY A 49 -7.71 7.06 -15.42
N LEU A 50 -6.43 7.06 -15.00
CA LEU A 50 -5.63 5.85 -14.95
C LEU A 50 -6.16 4.93 -13.84
N PRO A 51 -5.87 3.63 -13.92
CA PRO A 51 -6.30 2.68 -12.91
C PRO A 51 -5.56 2.94 -11.59
N GLU A 52 -6.30 2.98 -10.50
CA GLU A 52 -5.80 3.19 -9.15
C GLU A 52 -5.00 1.98 -8.70
N GLU A 53 -5.41 0.79 -9.10
CA GLU A 53 -4.75 -0.47 -8.76
C GLU A 53 -3.27 -0.42 -9.18
N ALA A 54 -2.96 0.14 -10.34
CA ALA A 54 -1.61 0.25 -10.87
C ALA A 54 -0.70 1.03 -9.90
N LEU A 55 -1.24 2.04 -9.20
CA LEU A 55 -0.47 2.83 -8.25
C LEU A 55 -0.05 1.91 -7.11
N TYR A 56 -1.00 1.22 -6.48
CA TYR A 56 -0.73 0.30 -5.37
C TYR A 56 0.19 -0.83 -5.84
N ARG A 57 -0.06 -1.41 -7.04
CA ARG A 57 0.77 -2.48 -7.60
C ARG A 57 2.22 -2.03 -7.72
N ALA A 58 2.47 -0.85 -8.31
CA ALA A 58 3.82 -0.31 -8.48
C ALA A 58 4.47 -0.07 -7.11
N LEU A 59 3.72 0.56 -6.20
CA LEU A 59 4.18 0.85 -4.84
C LEU A 59 4.63 -0.42 -4.14
N ALA A 60 4.05 -1.59 -4.45
CA ALA A 60 4.44 -2.84 -3.84
C ALA A 60 5.91 -3.14 -4.15
N GLU A 61 6.29 -3.11 -5.43
CA GLU A 61 7.66 -3.40 -5.85
C GLU A 61 8.62 -2.38 -5.25
N GLN A 62 8.30 -1.08 -5.34
CA GLN A 62 9.16 -0.03 -4.81
C GLN A 62 9.45 -0.21 -3.32
N LYS A 63 8.51 -0.76 -2.56
CA LYS A 63 8.65 -1.00 -1.12
C LYS A 63 9.12 -2.41 -0.79
N GLY A 64 9.28 -3.26 -1.80
CA GLY A 64 9.72 -4.64 -1.68
C GLY A 64 8.62 -5.50 -1.06
N LEU A 65 7.41 -5.37 -1.57
CA LEU A 65 6.21 -6.09 -1.13
C LEU A 65 5.50 -6.63 -2.36
N GLU A 66 4.56 -7.53 -2.12
CA GLU A 66 3.76 -8.17 -3.13
C GLU A 66 2.34 -7.63 -3.04
N PHE A 67 1.75 -7.44 -4.22
CA PHE A 67 0.39 -6.95 -4.36
C PHE A 67 -0.57 -8.10 -4.11
N LEU A 68 -1.61 -7.87 -3.31
CA LEU A 68 -2.64 -8.82 -2.95
C LEU A 68 -3.82 -8.63 -3.90
N GLU A 69 -4.44 -9.73 -4.34
CA GLU A 69 -5.56 -9.69 -5.28
C GLU A 69 -6.79 -8.94 -4.74
N SER A 70 -7.31 -9.34 -3.59
CA SER A 70 -8.49 -8.76 -2.95
C SER A 70 -8.61 -9.35 -1.53
N THR A 71 -9.67 -8.98 -0.81
CA THR A 71 -9.99 -9.40 0.55
C THR A 71 -11.34 -10.13 0.63
N GLU A 72 -12.05 -10.26 -0.49
CA GLU A 72 -13.36 -10.92 -0.55
C GLU A 72 -13.29 -12.41 -0.13
N GLY A 73 -12.11 -13.01 -0.08
CA GLY A 73 -11.91 -14.41 0.30
C GLY A 73 -10.80 -14.54 1.35
N ILE A 74 -10.84 -13.76 2.43
CA ILE A 74 -9.86 -13.82 3.52
C ILE A 74 -10.66 -13.94 4.81
N VAL A 75 -10.17 -14.77 5.74
CA VAL A 75 -10.77 -14.99 7.02
C VAL A 75 -9.68 -14.68 8.06
N PRO A 76 -9.65 -13.45 8.61
CA PRO A 76 -8.66 -13.01 9.60
C PRO A 76 -8.80 -13.79 10.92
N ASP A 77 -7.86 -14.70 11.19
CA ASP A 77 -7.80 -15.57 12.37
C ASP A 77 -7.79 -14.79 13.71
N PRO A 78 -8.46 -15.29 14.77
CA PRO A 78 -8.53 -14.63 16.07
C PRO A 78 -7.17 -14.51 16.75
N SER A 79 -6.27 -15.49 16.56
CA SER A 79 -4.93 -15.48 17.14
C SER A 79 -4.09 -14.36 16.52
N ALA A 80 -4.40 -13.97 15.28
CA ALA A 80 -3.69 -12.91 14.58
C ALA A 80 -4.05 -11.54 15.15
N ALA A 81 -5.27 -11.38 15.67
CA ALA A 81 -5.72 -10.13 16.25
C ALA A 81 -5.07 -9.84 17.60
N LEU A 82 -4.42 -10.83 18.23
CA LEU A 82 -3.75 -10.70 19.53
C LEU A 82 -2.50 -9.82 19.51
N LEU A 83 -2.01 -9.47 18.32
CA LEU A 83 -0.83 -8.63 18.15
C LEU A 83 -1.21 -7.25 17.62
N LEU A 84 -2.19 -7.15 16.72
CA LEU A 84 -2.61 -5.87 16.15
C LEU A 84 -4.07 -5.69 16.51
N LEU A 85 -4.37 -4.71 17.37
CA LEU A 85 -5.72 -4.41 17.82
C LEU A 85 -6.38 -3.43 16.86
N ARG A 86 -7.71 -3.36 16.88
CA ARG A 86 -8.52 -2.46 16.06
C ARG A 86 -8.07 -1.00 16.18
N SER A 87 -7.65 -0.58 17.37
CA SER A 87 -7.20 0.77 17.65
C SER A 87 -5.85 1.04 16.98
N ASP A 88 -4.88 0.14 17.14
CA ASP A 88 -3.52 0.22 16.60
C ASP A 88 -3.50 0.02 15.08
N ALA A 89 -4.41 -0.80 14.55
CA ALA A 89 -4.55 -1.11 13.13
C ALA A 89 -4.79 0.15 12.32
N LEU A 90 -5.64 1.06 12.79
CA LEU A 90 -5.91 2.31 12.07
C LEU A 90 -4.71 3.25 12.16
N ARG A 91 -3.91 3.14 13.23
CA ARG A 91 -2.75 3.99 13.45
C ARG A 91 -1.70 3.76 12.38
N TYR A 92 -1.36 2.50 12.09
CA TYR A 92 -0.34 2.13 11.11
C TYR A 92 -0.94 1.54 9.83
N GLY A 93 -2.26 1.64 9.65
CA GLY A 93 -2.94 1.10 8.48
C GLY A 93 -2.59 -0.36 8.23
N ALA A 94 -2.43 -1.17 9.30
CA ALA A 94 -2.05 -2.58 9.24
C ALA A 94 -3.12 -3.48 9.83
N VAL A 95 -3.40 -4.63 9.20
CA VAL A 95 -4.39 -5.58 9.70
C VAL A 95 -3.84 -7.00 9.45
N PRO A 96 -3.66 -7.81 10.51
CA PRO A 96 -3.17 -9.18 10.43
C PRO A 96 -4.30 -10.06 9.88
N ILE A 97 -3.94 -11.17 9.25
CA ILE A 97 -4.91 -12.11 8.67
C ILE A 97 -4.72 -13.54 9.15
N GLY A 98 -3.60 -13.86 9.81
CA GLY A 98 -3.34 -15.22 10.27
C GLY A 98 -1.86 -15.45 10.43
N PHE A 99 -1.48 -16.63 10.90
CA PHE A 99 -0.09 -17.02 11.10
C PHE A 99 0.15 -18.18 10.14
N GLN A 100 1.28 -18.15 9.42
CA GLN A 100 1.66 -19.17 8.45
C GLN A 100 3.18 -19.10 8.32
N ASN A 101 3.83 -20.26 8.21
CA ASN A 101 5.29 -20.40 8.08
C ASN A 101 6.02 -19.74 9.24
N GLY A 102 5.44 -19.84 10.44
CA GLY A 102 6.01 -19.28 11.66
C GLY A 102 6.05 -17.75 11.69
N GLU A 103 5.29 -17.06 10.86
CA GLU A 103 5.23 -15.60 10.78
C GLU A 103 3.77 -15.17 10.72
N VAL A 104 3.43 -14.01 11.30
CA VAL A 104 2.06 -13.53 11.22
C VAL A 104 1.99 -12.74 9.91
N GLU A 105 1.04 -13.09 9.04
CA GLU A 105 0.80 -12.47 7.76
C GLU A 105 -0.01 -11.20 8.04
N VAL A 106 0.48 -10.05 7.60
CA VAL A 106 -0.13 -8.74 7.80
C VAL A 106 -0.26 -8.03 6.46
N VAL A 107 -1.33 -7.28 6.26
CA VAL A 107 -1.57 -6.52 5.04
C VAL A 107 -1.74 -5.07 5.47
N LEU A 108 -1.15 -4.15 4.68
CA LEU A 108 -1.18 -2.72 4.94
C LEU A 108 -1.40 -2.01 3.63
N SER A 109 -2.44 -1.17 3.51
CA SER A 109 -2.66 -0.45 2.26
C SER A 109 -1.70 0.75 2.12
N ASP A 110 -1.06 1.20 3.20
CA ASP A 110 -0.16 2.35 3.19
C ASP A 110 1.22 1.99 3.82
N PRO A 111 2.02 1.11 3.18
CA PRO A 111 3.33 0.63 3.66
C PRO A 111 4.41 1.67 3.95
N ARG A 112 4.18 2.98 3.87
CA ARG A 112 5.18 4.02 4.14
C ARG A 112 5.85 3.92 5.52
N HIS A 113 5.29 3.14 6.45
CA HIS A 113 5.81 2.91 7.79
C HIS A 113 6.06 1.41 8.02
N LYS A 114 6.01 0.56 6.99
CA LYS A 114 6.24 -0.89 7.10
C LYS A 114 7.54 -1.13 7.86
N GLU A 115 8.62 -0.48 7.46
CA GLU A 115 9.92 -0.62 8.11
C GLU A 115 9.87 -0.22 9.59
N ALA A 116 9.10 0.82 9.95
CA ALA A 116 8.98 1.26 11.33
C ALA A 116 8.11 0.29 12.13
N VAL A 117 7.05 -0.23 11.53
CA VAL A 117 6.14 -1.19 12.13
C VAL A 117 6.96 -2.44 12.41
N ALA A 118 7.79 -2.90 11.47
CA ALA A 118 8.63 -4.08 11.64
C ALA A 118 9.54 -3.93 12.86
N GLN A 119 10.02 -2.70 13.13
CA GLN A 119 10.88 -2.45 14.28
C GLN A 119 10.06 -2.47 15.56
N LEU A 120 8.97 -1.70 15.62
CA LEU A 120 8.12 -1.62 16.81
C LEU A 120 7.54 -2.98 17.19
N LEU A 121 7.10 -3.73 16.19
CA LEU A 121 6.53 -5.05 16.36
C LEU A 121 7.56 -6.03 16.89
N ASN A 122 8.82 -5.93 16.44
CA ASN A 122 9.94 -6.79 16.81
C ASN A 122 9.51 -8.27 16.97
N ARG A 123 8.76 -8.79 15.99
CA ARG A 123 8.29 -10.17 16.01
C ARG A 123 8.32 -10.75 14.60
N PRO A 124 8.28 -12.08 14.43
CA PRO A 124 8.30 -12.71 13.11
C PRO A 124 6.99 -12.40 12.39
N ALA A 125 7.01 -11.49 11.43
CA ALA A 125 5.85 -11.09 10.67
C ALA A 125 6.20 -10.88 9.20
N ARG A 126 5.16 -11.03 8.38
CA ARG A 126 5.12 -10.89 6.94
C ARG A 126 4.27 -9.66 6.68
N PHE A 127 4.52 -8.99 5.56
CA PHE A 127 3.79 -7.78 5.20
C PHE A 127 3.41 -7.91 3.72
N TYR A 128 2.22 -7.44 3.33
CA TYR A 128 1.69 -7.49 1.96
C TYR A 128 0.95 -6.17 1.68
N LEU A 129 0.58 -5.88 0.43
CA LEU A 129 -0.09 -4.65 0.03
C LEU A 129 -1.37 -4.86 -0.79
N ALA A 130 -2.50 -4.29 -0.36
CA ALA A 130 -3.79 -4.38 -1.06
C ALA A 130 -4.37 -2.96 -1.19
N LEU A 131 -5.39 -2.78 -2.02
CA LEU A 131 -6.04 -1.47 -2.23
C LEU A 131 -6.78 -1.02 -0.96
N PRO A 132 -7.06 0.28 -0.80
CA PRO A 132 -7.76 0.78 0.37
C PRO A 132 -9.17 0.19 0.48
N GLN A 133 -9.88 0.05 -0.64
CA GLN A 133 -11.24 -0.52 -0.64
C GLN A 133 -11.25 -1.94 -0.05
N ALA A 134 -10.19 -2.70 -0.28
CA ALA A 134 -10.04 -4.06 0.20
C ALA A 134 -9.76 -4.03 1.70
N TRP A 135 -8.82 -3.18 2.10
CA TRP A 135 -8.39 -3.02 3.48
C TRP A 135 -9.53 -2.53 4.39
N GLU A 136 -10.36 -1.61 3.90
CA GLU A 136 -11.49 -1.03 4.61
C GLU A 136 -12.43 -2.14 5.10
N GLU A 137 -12.77 -3.08 4.22
CA GLU A 137 -13.64 -4.19 4.57
C GLU A 137 -12.85 -5.20 5.40
N LEU A 138 -11.58 -5.46 5.06
CA LEU A 138 -10.74 -6.42 5.79
C LEU A 138 -10.69 -6.05 7.27
N PHE A 139 -10.54 -4.76 7.59
CA PHE A 139 -10.51 -4.27 8.96
C PHE A 139 -11.82 -4.68 9.66
N ARG A 140 -12.98 -4.38 9.05
CA ARG A 140 -14.30 -4.74 9.60
C ARG A 140 -14.38 -6.24 9.84
N ARG A 141 -13.83 -7.04 8.92
CA ARG A 141 -13.82 -8.49 9.01
C ARG A 141 -12.87 -8.99 10.09
N ALA A 142 -11.73 -8.32 10.33
CA ALA A 142 -10.73 -8.68 11.32
C ALA A 142 -11.16 -8.38 12.74
N TYR A 143 -11.90 -7.28 12.95
CA TYR A 143 -12.40 -6.85 14.23
C TYR A 143 -13.93 -6.84 14.16
N PRO A 144 -14.57 -8.03 14.07
CA PRO A 144 -16.02 -8.14 13.96
C PRO A 144 -16.73 -7.46 15.12
N GLN A 145 -17.71 -6.65 14.76
CA GLN A 145 -18.54 -5.92 15.70
C GLN A 145 -19.37 -6.90 16.54
N LYS A 146 -19.77 -6.46 17.72
CA LYS A 146 -20.58 -7.16 18.70
C LYS A 146 -21.35 -6.09 19.46
N GLY A 1 20.12 19.35 -1.11
CA GLY A 1 18.94 18.61 -0.67
C GLY A 1 19.33 17.55 0.35
N SER A 2 18.40 16.65 0.69
CA SER A 2 18.61 15.56 1.64
C SER A 2 17.53 14.49 1.42
N SER A 3 16.25 14.85 1.56
CA SER A 3 15.11 13.96 1.38
C SER A 3 14.96 13.46 -0.07
N GLY A 4 15.76 14.01 -0.98
CA GLY A 4 15.83 13.72 -2.40
C GLY A 4 15.77 15.04 -3.15
N GLU A 5 15.53 14.95 -4.44
CA GLU A 5 15.42 16.08 -5.35
C GLU A 5 14.33 15.70 -6.36
N GLY A 6 13.81 16.68 -7.11
CA GLY A 6 12.79 16.44 -8.10
C GLY A 6 11.45 16.06 -7.50
N GLN A 7 10.48 15.83 -8.38
CA GLN A 7 9.13 15.45 -8.02
C GLN A 7 9.07 13.93 -7.81
N LYS A 8 7.88 13.38 -7.53
CA LYS A 8 7.71 11.93 -7.34
C LYS A 8 7.41 11.27 -8.70
N ASP A 9 7.50 12.04 -9.79
CA ASP A 9 7.27 11.67 -11.17
C ASP A 9 8.06 10.42 -11.56
N LEU A 10 9.37 10.42 -11.36
CA LEU A 10 10.26 9.31 -11.71
C LEU A 10 10.08 8.09 -10.81
N LYS A 11 9.71 8.29 -9.55
CA LYS A 11 9.51 7.18 -8.60
C LYS A 11 8.50 6.23 -9.20
N LEU A 12 7.27 6.69 -9.44
CA LEU A 12 6.24 5.86 -10.05
C LEU A 12 6.51 5.67 -11.54
N GLY A 13 7.03 6.69 -12.21
CA GLY A 13 7.32 6.75 -13.63
C GLY A 13 8.19 5.60 -14.10
N GLU A 14 9.40 5.45 -13.57
CA GLU A 14 10.30 4.38 -13.98
C GLU A 14 9.67 3.01 -13.68
N LEU A 15 8.87 2.89 -12.60
CA LEU A 15 8.21 1.62 -12.26
C LEU A 15 7.21 1.24 -13.34
N LEU A 16 6.34 2.18 -13.73
CA LEU A 16 5.33 1.96 -14.75
C LEU A 16 5.96 1.77 -16.12
N LEU A 17 6.89 2.65 -16.50
CA LEU A 17 7.58 2.62 -17.79
C LEU A 17 8.39 1.34 -17.96
N GLN A 18 8.91 0.76 -16.88
CA GLN A 18 9.70 -0.48 -16.94
C GLN A 18 8.86 -1.62 -17.53
N LYS A 19 7.54 -1.62 -17.30
CA LYS A 19 6.61 -2.61 -17.84
C LYS A 19 5.83 -2.05 -19.04
N GLY A 20 5.85 -0.73 -19.21
CA GLY A 20 5.19 0.01 -20.28
C GLY A 20 3.72 0.28 -19.96
N TRP A 21 3.33 0.30 -18.68
CA TRP A 21 1.94 0.53 -18.26
C TRP A 21 1.38 1.89 -18.68
N ILE A 22 2.23 2.92 -18.77
CA ILE A 22 1.83 4.27 -19.15
C ILE A 22 2.76 4.76 -20.25
N SER A 23 2.58 6.01 -20.68
CA SER A 23 3.38 6.64 -21.71
C SER A 23 3.90 7.98 -21.18
N ARG A 24 4.97 8.51 -21.78
CA ARG A 24 5.53 9.78 -21.32
C ARG A 24 4.52 10.90 -21.36
N GLU A 25 3.67 10.97 -22.38
CA GLU A 25 2.67 12.02 -22.47
C GLU A 25 1.63 11.90 -21.35
N ALA A 26 1.30 10.66 -20.96
CA ALA A 26 0.35 10.39 -19.89
C ALA A 26 0.97 10.87 -18.56
N LEU A 27 2.28 10.67 -18.38
CA LEU A 27 3.03 11.08 -17.20
C LEU A 27 3.01 12.61 -17.13
N GLU A 28 3.32 13.24 -18.26
CA GLU A 28 3.38 14.67 -18.50
C GLU A 28 2.07 15.37 -18.12
N GLU A 29 0.93 14.72 -18.33
CA GLU A 29 -0.38 15.27 -18.01
C GLU A 29 -0.52 15.44 -16.50
N ALA A 30 -0.16 14.41 -15.73
CA ALA A 30 -0.25 14.43 -14.28
C ALA A 30 0.80 15.37 -13.66
N LEU A 31 1.98 15.41 -14.26
CA LEU A 31 3.13 16.23 -13.87
C LEU A 31 2.75 17.71 -13.69
N VAL A 32 1.88 18.24 -14.56
CA VAL A 32 1.44 19.63 -14.51
C VAL A 32 0.78 19.92 -13.16
N GLU A 33 -0.03 18.99 -12.65
CA GLU A 33 -0.68 19.20 -11.36
C GLU A 33 0.35 18.98 -10.25
N GLN A 34 1.23 17.98 -10.39
CA GLN A 34 2.25 17.67 -9.39
C GLN A 34 3.16 18.88 -9.13
N GLU A 35 3.37 19.73 -10.14
CA GLU A 35 4.22 20.91 -10.03
C GLU A 35 3.66 21.82 -8.92
N LYS A 36 2.37 22.14 -9.01
CA LYS A 36 1.67 23.03 -8.10
C LYS A 36 1.23 22.37 -6.80
N THR A 37 0.70 21.15 -6.84
CA THR A 37 0.24 20.50 -5.62
C THR A 37 1.39 19.92 -4.81
N GLY A 38 2.45 19.48 -5.48
CA GLY A 38 3.60 18.87 -4.84
C GLY A 38 3.29 17.48 -4.30
N ASP A 39 2.11 16.91 -4.58
CA ASP A 39 1.74 15.57 -4.11
C ASP A 39 2.25 14.47 -5.03
N LEU A 40 1.92 13.22 -4.70
CA LEU A 40 2.32 12.05 -5.45
C LEU A 40 1.55 11.97 -6.76
N LEU A 41 2.29 11.90 -7.87
CA LEU A 41 1.76 11.81 -9.23
C LEU A 41 0.69 10.72 -9.39
N GLY A 42 0.78 9.65 -8.59
CA GLY A 42 -0.13 8.52 -8.60
C GLY A 42 -1.60 8.94 -8.54
N ARG A 43 -1.99 9.70 -7.51
CA ARG A 43 -3.37 10.16 -7.37
C ARG A 43 -3.81 11.00 -8.56
N ILE A 44 -2.93 11.87 -9.06
CA ILE A 44 -3.23 12.73 -10.19
C ILE A 44 -3.55 11.83 -11.39
N LEU A 45 -2.70 10.82 -11.66
CA LEU A 45 -2.90 9.89 -12.76
C LEU A 45 -4.22 9.14 -12.61
N VAL A 46 -4.51 8.56 -11.45
CA VAL A 46 -5.75 7.82 -11.21
C VAL A 46 -6.96 8.75 -11.49
N ARG A 47 -6.90 10.00 -11.02
CA ARG A 47 -7.97 10.99 -11.21
C ARG A 47 -8.13 11.39 -12.68
N LYS A 48 -7.15 11.13 -13.54
CA LYS A 48 -7.20 11.41 -14.98
C LYS A 48 -7.91 10.26 -15.71
N GLY A 49 -8.37 9.23 -14.97
CA GLY A 49 -9.09 8.06 -15.46
C GLY A 49 -8.33 6.75 -15.31
N LEU A 50 -7.07 6.75 -14.86
CA LEU A 50 -6.29 5.51 -14.70
C LEU A 50 -6.85 4.60 -13.60
N PRO A 51 -6.54 3.29 -13.63
CA PRO A 51 -6.98 2.33 -12.63
C PRO A 51 -6.26 2.62 -11.31
N GLU A 52 -6.97 2.55 -10.19
CA GLU A 52 -6.39 2.82 -8.88
C GLU A 52 -5.41 1.71 -8.45
N GLU A 53 -5.75 0.46 -8.75
CA GLU A 53 -4.96 -0.71 -8.42
C GLU A 53 -3.53 -0.59 -8.92
N ALA A 54 -3.35 -0.04 -10.13
CA ALA A 54 -2.04 0.13 -10.73
C ALA A 54 -1.13 1.04 -9.88
N LEU A 55 -1.68 1.91 -9.04
CA LEU A 55 -0.86 2.76 -8.18
C LEU A 55 -0.31 1.90 -7.07
N TYR A 56 -1.21 1.26 -6.32
CA TYR A 56 -0.83 0.41 -5.21
C TYR A 56 0.09 -0.73 -5.66
N ARG A 57 -0.13 -1.33 -6.84
CA ARG A 57 0.74 -2.39 -7.35
C ARG A 57 2.19 -1.90 -7.42
N ALA A 58 2.41 -0.72 -8.00
CA ALA A 58 3.74 -0.12 -8.14
C ALA A 58 4.35 0.17 -6.76
N LEU A 59 3.56 0.72 -5.84
CA LEU A 59 4.01 1.02 -4.48
C LEU A 59 4.51 -0.26 -3.80
N ALA A 60 3.92 -1.42 -4.11
CA ALA A 60 4.32 -2.69 -3.53
C ALA A 60 5.75 -3.02 -3.95
N GLU A 61 6.03 -2.98 -5.26
CA GLU A 61 7.35 -3.27 -5.82
C GLU A 61 8.39 -2.31 -5.26
N GLN A 62 8.11 -1.01 -5.21
CA GLN A 62 9.04 0.00 -4.69
C GLN A 62 9.38 -0.19 -3.20
N LYS A 63 8.64 -1.03 -2.49
CA LYS A 63 8.82 -1.36 -1.07
C LYS A 63 9.23 -2.84 -0.93
N GLY A 64 9.26 -3.59 -2.03
CA GLY A 64 9.62 -5.00 -2.08
C GLY A 64 8.50 -5.92 -1.60
N LEU A 65 7.29 -5.39 -1.43
CA LEU A 65 6.09 -6.09 -0.98
C LEU A 65 5.37 -6.68 -2.19
N GLU A 66 4.57 -7.71 -1.97
CA GLU A 66 3.81 -8.32 -3.04
C GLU A 66 2.40 -7.73 -2.99
N PHE A 67 1.80 -7.59 -4.18
CA PHE A 67 0.46 -7.05 -4.35
C PHE A 67 -0.55 -8.13 -4.01
N LEU A 68 -1.64 -7.73 -3.35
CA LEU A 68 -2.74 -8.58 -2.94
C LEU A 68 -3.94 -8.17 -3.78
N GLU A 69 -4.35 -9.06 -4.68
CA GLU A 69 -5.44 -8.88 -5.62
C GLU A 69 -6.77 -8.42 -5.02
N SER A 70 -7.18 -8.99 -3.88
CA SER A 70 -8.42 -8.67 -3.18
C SER A 70 -8.35 -9.28 -1.78
N THR A 71 -9.35 -8.98 -0.95
CA THR A 71 -9.49 -9.46 0.42
C THR A 71 -10.83 -10.21 0.59
N GLU A 72 -11.70 -10.21 -0.43
CA GLU A 72 -13.01 -10.85 -0.38
C GLU A 72 -12.94 -12.39 -0.28
N GLY A 73 -11.75 -12.97 -0.38
CA GLY A 73 -11.49 -14.41 -0.31
C GLY A 73 -10.39 -14.68 0.70
N ILE A 74 -10.50 -14.12 1.91
CA ILE A 74 -9.55 -14.27 3.01
C ILE A 74 -10.35 -14.61 4.27
N VAL A 75 -9.69 -15.31 5.19
CA VAL A 75 -10.22 -15.73 6.48
C VAL A 75 -9.18 -15.23 7.49
N PRO A 76 -9.40 -14.06 8.13
CA PRO A 76 -8.46 -13.50 9.10
C PRO A 76 -8.51 -14.35 10.37
N ASP A 77 -7.48 -15.17 10.62
CA ASP A 77 -7.44 -16.05 11.79
C ASP A 77 -7.54 -15.26 13.11
N PRO A 78 -8.23 -15.79 14.14
CA PRO A 78 -8.41 -15.11 15.43
C PRO A 78 -7.10 -14.87 16.16
N SER A 79 -6.20 -15.87 16.18
CA SER A 79 -4.91 -15.72 16.86
C SER A 79 -4.09 -14.60 16.21
N ALA A 80 -4.36 -14.29 14.93
CA ALA A 80 -3.68 -13.24 14.21
C ALA A 80 -4.15 -11.87 14.75
N ALA A 81 -5.40 -11.75 15.20
CA ALA A 81 -5.95 -10.51 15.73
C ALA A 81 -5.44 -10.17 17.14
N LEU A 82 -4.80 -11.12 17.83
CA LEU A 82 -4.29 -10.90 19.18
C LEU A 82 -3.09 -9.95 19.20
N LEU A 83 -2.19 -10.07 18.22
CA LEU A 83 -0.97 -9.27 18.11
C LEU A 83 -1.20 -7.84 17.62
N LEU A 84 -2.21 -7.62 16.78
CA LEU A 84 -2.52 -6.31 16.22
C LEU A 84 -4.02 -6.14 16.46
N LEU A 85 -4.38 -5.22 17.36
CA LEU A 85 -5.76 -4.93 17.73
C LEU A 85 -6.37 -3.89 16.81
N ARG A 86 -7.71 -3.79 16.78
CA ARG A 86 -8.46 -2.84 15.97
C ARG A 86 -7.96 -1.39 16.06
N SER A 87 -7.62 -0.92 17.26
CA SER A 87 -7.15 0.44 17.47
C SER A 87 -5.80 0.68 16.80
N ASP A 88 -4.87 -0.25 17.01
CA ASP A 88 -3.53 -0.19 16.46
C ASP A 88 -3.57 -0.41 14.94
N ALA A 89 -4.53 -1.24 14.47
CA ALA A 89 -4.73 -1.54 13.07
C ALA A 89 -5.07 -0.28 12.30
N LEU A 90 -5.95 0.58 12.84
CA LEU A 90 -6.32 1.82 12.18
C LEU A 90 -5.13 2.76 12.15
N ARG A 91 -4.38 2.84 13.27
CA ARG A 91 -3.22 3.71 13.46
C ARG A 91 -2.17 3.56 12.36
N TYR A 92 -1.77 2.33 12.01
CA TYR A 92 -0.77 2.08 10.97
C TYR A 92 -1.37 1.43 9.72
N GLY A 93 -2.70 1.45 9.59
CA GLY A 93 -3.42 0.87 8.46
C GLY A 93 -2.97 -0.56 8.17
N ALA A 94 -2.88 -1.41 9.19
CA ALA A 94 -2.44 -2.80 9.10
C ALA A 94 -3.50 -3.75 9.64
N VAL A 95 -3.68 -4.92 9.02
CA VAL A 95 -4.64 -5.93 9.49
C VAL A 95 -3.99 -7.31 9.36
N PRO A 96 -3.84 -8.07 10.46
CA PRO A 96 -3.26 -9.40 10.47
C PRO A 96 -4.31 -10.38 9.93
N ILE A 97 -3.87 -11.37 9.17
CA ILE A 97 -4.75 -12.35 8.56
C ILE A 97 -4.39 -13.80 8.92
N GLY A 98 -3.19 -14.08 9.43
CA GLY A 98 -2.87 -15.48 9.74
C GLY A 98 -1.49 -15.64 10.32
N PHE A 99 -1.07 -16.89 10.51
CA PHE A 99 0.26 -17.22 11.03
C PHE A 99 0.80 -18.52 10.45
N GLN A 100 1.71 -18.37 9.49
CA GLN A 100 2.36 -19.45 8.78
C GLN A 100 3.87 -19.24 8.67
N ASN A 101 4.62 -20.33 8.78
CA ASN A 101 6.10 -20.38 8.72
C ASN A 101 6.69 -19.50 9.84
N GLY A 102 5.97 -19.39 10.95
CA GLY A 102 6.35 -18.61 12.11
C GLY A 102 6.28 -17.11 11.87
N GLU A 103 5.77 -16.64 10.72
CA GLU A 103 5.66 -15.23 10.36
C GLU A 103 4.19 -14.92 10.15
N VAL A 104 3.62 -14.11 11.04
CA VAL A 104 2.22 -13.70 10.99
C VAL A 104 2.00 -12.85 9.75
N GLU A 105 1.08 -13.26 8.88
CA GLU A 105 0.75 -12.51 7.68
C GLU A 105 -0.06 -11.27 8.07
N VAL A 106 0.30 -10.13 7.51
CA VAL A 106 -0.32 -8.84 7.72
C VAL A 106 -0.43 -8.16 6.36
N VAL A 107 -1.42 -7.30 6.20
CA VAL A 107 -1.66 -6.58 4.97
C VAL A 107 -1.84 -5.11 5.36
N LEU A 108 -1.22 -4.19 4.61
CA LEU A 108 -1.29 -2.75 4.89
C LEU A 108 -1.57 -1.98 3.62
N SER A 109 -2.59 -1.11 3.60
CA SER A 109 -2.92 -0.32 2.42
C SER A 109 -1.98 0.88 2.23
N ASP A 110 -1.25 1.33 3.28
CA ASP A 110 -0.32 2.47 3.16
C ASP A 110 1.07 2.11 3.69
N PRO A 111 1.95 1.49 2.88
CA PRO A 111 3.29 1.12 3.31
C PRO A 111 4.23 2.32 3.55
N ARG A 112 3.77 3.57 3.47
CA ARG A 112 4.59 4.76 3.71
C ARG A 112 5.16 4.74 5.14
N HIS A 113 4.61 3.93 6.05
CA HIS A 113 5.05 3.78 7.43
C HIS A 113 5.53 2.35 7.73
N LYS A 114 5.71 1.49 6.72
CA LYS A 114 6.18 0.10 6.86
C LYS A 114 7.42 0.02 7.75
N GLU A 115 8.51 0.71 7.40
CA GLU A 115 9.73 0.66 8.21
C GLU A 115 9.51 1.06 9.68
N ALA A 116 8.62 2.03 9.93
CA ALA A 116 8.33 2.46 11.29
C ALA A 116 7.69 1.30 12.04
N VAL A 117 6.69 0.68 11.42
CA VAL A 117 5.94 -0.45 11.95
C VAL A 117 6.89 -1.63 12.20
N ALA A 118 7.76 -1.98 11.24
CA ALA A 118 8.70 -3.07 11.33
C ALA A 118 9.52 -3.04 12.63
N GLN A 119 9.97 -1.85 13.01
CA GLN A 119 10.77 -1.63 14.21
C GLN A 119 9.90 -1.71 15.45
N LEU A 120 8.74 -1.04 15.40
CA LEU A 120 7.77 -1.01 16.50
C LEU A 120 7.22 -2.40 16.81
N LEU A 121 7.21 -3.29 15.82
CA LEU A 121 6.73 -4.66 15.91
C LEU A 121 7.82 -5.62 16.39
N ASN A 122 9.02 -5.50 15.81
CA ASN A 122 10.20 -6.33 16.10
C ASN A 122 9.86 -7.81 16.33
N ARG A 123 9.07 -8.38 15.42
CA ARG A 123 8.62 -9.78 15.49
C ARG A 123 8.58 -10.42 14.11
N PRO A 124 8.58 -11.75 13.99
CA PRO A 124 8.54 -12.42 12.70
C PRO A 124 7.14 -12.22 12.12
N ALA A 125 7.06 -11.54 10.98
CA ALA A 125 5.81 -11.27 10.31
C ALA A 125 6.01 -11.17 8.80
N ARG A 126 4.91 -11.28 8.07
CA ARG A 126 4.83 -11.21 6.62
C ARG A 126 3.99 -9.98 6.34
N PHE A 127 4.31 -9.21 5.31
CA PHE A 127 3.56 -8.00 4.99
C PHE A 127 3.21 -8.00 3.50
N TYR A 128 2.02 -7.50 3.14
CA TYR A 128 1.51 -7.44 1.77
C TYR A 128 0.79 -6.10 1.54
N LEU A 129 0.37 -5.81 0.30
CA LEU A 129 -0.30 -4.57 -0.05
C LEU A 129 -1.58 -4.77 -0.88
N ALA A 130 -2.75 -4.47 -0.29
CA ALA A 130 -4.07 -4.55 -0.92
C ALA A 130 -4.66 -3.13 -1.01
N LEU A 131 -5.63 -2.90 -1.89
CA LEU A 131 -6.26 -1.60 -2.05
C LEU A 131 -6.94 -1.16 -0.73
N PRO A 132 -7.07 0.15 -0.46
CA PRO A 132 -7.68 0.65 0.76
C PRO A 132 -9.14 0.28 0.95
N GLN A 133 -9.89 0.07 -0.13
CA GLN A 133 -11.30 -0.30 -0.03
C GLN A 133 -11.39 -1.73 0.47
N ALA A 134 -10.65 -2.66 -0.15
CA ALA A 134 -10.63 -4.05 0.26
C ALA A 134 -10.05 -4.15 1.67
N TRP A 135 -9.09 -3.27 2.01
CA TRP A 135 -8.47 -3.23 3.33
C TRP A 135 -9.51 -2.91 4.39
N GLU A 136 -10.38 -1.94 4.12
CA GLU A 136 -11.46 -1.48 5.01
C GLU A 136 -12.44 -2.63 5.28
N GLU A 137 -12.86 -3.31 4.21
CA GLU A 137 -13.78 -4.43 4.29
C GLU A 137 -13.17 -5.53 5.17
N LEU A 138 -11.88 -5.83 4.96
CA LEU A 138 -11.14 -6.84 5.69
C LEU A 138 -11.03 -6.49 7.18
N PHE A 139 -10.78 -5.22 7.50
CA PHE A 139 -10.69 -4.73 8.88
C PHE A 139 -11.97 -5.13 9.64
N ARG A 140 -13.13 -5.11 9.00
CA ARG A 140 -14.40 -5.50 9.63
C ARG A 140 -14.42 -7.00 9.89
N ARG A 141 -13.94 -7.82 8.93
CA ARG A 141 -13.90 -9.27 9.09
C ARG A 141 -13.01 -9.64 10.27
N ALA A 142 -11.82 -9.02 10.35
CA ALA A 142 -10.82 -9.24 11.39
C ALA A 142 -11.27 -8.77 12.77
N TYR A 143 -11.98 -7.62 12.85
CA TYR A 143 -12.45 -7.05 14.11
C TYR A 143 -13.98 -6.89 14.06
N PRO A 144 -14.74 -7.99 14.17
CA PRO A 144 -16.20 -7.96 14.14
C PRO A 144 -16.79 -7.40 15.43
N GLN A 145 -18.10 -7.12 15.39
CA GLN A 145 -18.85 -6.60 16.52
C GLN A 145 -18.93 -7.63 17.63
N LYS A 146 -18.40 -7.31 18.81
CA LYS A 146 -18.47 -8.23 19.95
C LYS A 146 -19.88 -8.23 20.48
N GLY A 1 25.41 5.11 -4.94
CA GLY A 1 24.02 5.54 -4.71
C GLY A 1 23.36 5.92 -6.01
N SER A 2 22.19 6.56 -5.93
CA SER A 2 21.45 6.99 -7.09
C SER A 2 22.30 7.99 -7.89
N SER A 3 22.25 7.91 -9.21
CA SER A 3 22.98 8.79 -10.11
C SER A 3 22.02 9.91 -10.50
N GLY A 4 22.43 11.16 -10.28
CA GLY A 4 21.65 12.35 -10.58
C GLY A 4 20.47 12.47 -9.61
N GLU A 5 19.76 13.59 -9.62
CA GLU A 5 18.61 13.79 -8.73
C GLU A 5 17.39 13.10 -9.33
N GLY A 6 16.29 13.13 -8.58
CA GLY A 6 15.03 12.55 -8.94
C GLY A 6 14.00 13.03 -7.92
N GLN A 7 12.74 12.75 -8.18
CA GLN A 7 11.64 13.14 -7.31
C GLN A 7 10.62 12.00 -7.23
N LYS A 8 9.57 12.15 -6.40
CA LYS A 8 8.54 11.14 -6.21
C LYS A 8 7.74 10.88 -7.49
N ASP A 9 7.66 11.85 -8.41
CA ASP A 9 6.97 11.73 -9.68
C ASP A 9 7.79 10.79 -10.55
N LEU A 10 9.10 11.07 -10.71
CA LEU A 10 10.02 10.23 -11.50
C LEU A 10 9.96 8.79 -10.99
N LYS A 11 9.87 8.63 -9.66
CA LYS A 11 9.80 7.34 -9.01
C LYS A 11 8.63 6.52 -9.55
N LEU A 12 7.41 7.08 -9.63
CA LEU A 12 6.27 6.34 -10.18
C LEU A 12 6.42 6.21 -11.70
N GLY A 13 6.87 7.29 -12.35
CA GLY A 13 7.05 7.39 -13.79
C GLY A 13 7.91 6.27 -14.34
N GLU A 14 9.09 6.06 -13.79
CA GLU A 14 10.01 5.03 -14.23
C GLU A 14 9.38 3.63 -14.14
N LEU A 15 8.74 3.31 -13.02
CA LEU A 15 8.10 2.01 -12.84
C LEU A 15 7.06 1.75 -13.92
N LEU A 16 6.17 2.71 -14.14
CA LEU A 16 5.11 2.60 -15.13
C LEU A 16 5.66 2.58 -16.55
N LEU A 17 6.55 3.52 -16.91
CA LEU A 17 7.17 3.65 -18.23
C LEU A 17 7.89 2.38 -18.62
N GLN A 18 8.59 1.75 -17.68
CA GLN A 18 9.34 0.52 -17.90
C GLN A 18 8.44 -0.55 -18.50
N LYS A 19 7.17 -0.62 -18.09
CA LYS A 19 6.19 -1.58 -18.58
C LYS A 19 5.22 -0.99 -19.59
N GLY A 20 5.15 0.33 -19.70
CA GLY A 20 4.25 1.05 -20.60
C GLY A 20 2.84 1.14 -20.03
N TRP A 21 2.68 1.00 -18.70
CA TRP A 21 1.38 1.07 -18.03
C TRP A 21 0.69 2.40 -18.32
N ILE A 22 1.47 3.46 -18.53
CA ILE A 22 1.06 4.80 -18.88
C ILE A 22 2.11 5.31 -19.86
N SER A 23 1.88 6.51 -20.37
CA SER A 23 2.79 7.17 -21.30
C SER A 23 3.29 8.48 -20.71
N ARG A 24 4.33 9.06 -21.32
CA ARG A 24 4.92 10.32 -20.88
C ARG A 24 3.87 11.43 -20.87
N GLU A 25 2.89 11.37 -21.78
CA GLU A 25 1.82 12.35 -21.89
C GLU A 25 0.88 12.31 -20.70
N ALA A 26 0.65 11.12 -20.15
CA ALA A 26 -0.21 10.99 -18.97
C ALA A 26 0.55 11.53 -17.74
N LEU A 27 1.87 11.32 -17.69
CA LEU A 27 2.74 11.76 -16.61
C LEU A 27 2.81 13.29 -16.56
N GLU A 28 3.13 13.92 -17.68
CA GLU A 28 3.26 15.37 -17.80
C GLU A 28 2.00 16.12 -17.38
N GLU A 29 0.82 15.50 -17.54
CA GLU A 29 -0.45 16.10 -17.21
C GLU A 29 -0.59 16.23 -15.70
N ALA A 30 -0.22 15.16 -14.99
CA ALA A 30 -0.28 15.08 -13.54
C ALA A 30 0.83 15.91 -12.89
N LEU A 31 2.00 15.98 -13.52
CA LEU A 31 3.17 16.72 -13.05
C LEU A 31 2.83 18.18 -12.74
N VAL A 32 2.05 18.82 -13.61
CA VAL A 32 1.66 20.20 -13.45
C VAL A 32 0.93 20.38 -12.12
N GLU A 33 0.03 19.46 -11.75
CA GLU A 33 -0.70 19.54 -10.50
C GLU A 33 0.25 19.34 -9.31
N GLN A 34 1.21 18.42 -9.38
CA GLN A 34 2.13 18.21 -8.25
C GLN A 34 2.97 19.45 -8.01
N GLU A 35 3.34 20.19 -9.05
CA GLU A 35 4.18 21.37 -8.89
C GLU A 35 3.47 22.46 -8.08
N LYS A 36 2.13 22.48 -8.11
CA LYS A 36 1.31 23.46 -7.41
C LYS A 36 0.62 22.94 -6.15
N THR A 37 0.58 21.64 -5.95
CA THR A 37 -0.06 21.04 -4.77
C THR A 37 0.96 20.41 -3.81
N GLY A 38 2.13 19.99 -4.28
CA GLY A 38 3.19 19.37 -3.49
C GLY A 38 2.85 17.96 -3.02
N ASP A 39 1.62 17.49 -3.17
CA ASP A 39 1.19 16.15 -2.77
C ASP A 39 1.75 15.14 -3.78
N LEU A 40 1.69 13.84 -3.49
CA LEU A 40 2.20 12.80 -4.39
C LEU A 40 1.53 12.89 -5.77
N LEU A 41 2.27 12.53 -6.82
CA LEU A 41 1.80 12.52 -8.20
C LEU A 41 0.87 11.31 -8.46
N GLY A 42 1.06 10.20 -7.74
CA GLY A 42 0.25 8.98 -7.92
C GLY A 42 -1.24 9.28 -7.94
N ARG A 43 -1.74 9.93 -6.89
CA ARG A 43 -3.14 10.32 -6.76
C ARG A 43 -3.62 11.15 -7.96
N ILE A 44 -2.78 12.05 -8.47
CA ILE A 44 -3.05 12.94 -9.60
C ILE A 44 -3.25 12.09 -10.86
N LEU A 45 -2.38 11.11 -11.11
CA LEU A 45 -2.49 10.26 -12.30
C LEU A 45 -3.85 9.57 -12.31
N VAL A 46 -4.22 8.94 -11.19
CA VAL A 46 -5.49 8.26 -11.07
C VAL A 46 -6.62 9.27 -11.26
N ARG A 47 -6.50 10.47 -10.67
CA ARG A 47 -7.51 11.53 -10.80
C ARG A 47 -7.70 11.96 -12.25
N LYS A 48 -6.70 11.78 -13.13
CA LYS A 48 -6.83 12.13 -14.54
C LYS A 48 -7.64 11.06 -15.28
N GLY A 49 -8.06 9.97 -14.61
CA GLY A 49 -8.87 8.88 -15.16
C GLY A 49 -8.12 7.54 -15.26
N LEU A 50 -6.89 7.47 -14.77
CA LEU A 50 -6.05 6.28 -14.81
C LEU A 50 -6.50 5.24 -13.77
N PRO A 51 -6.14 3.95 -13.93
CA PRO A 51 -6.52 2.90 -13.00
C PRO A 51 -5.80 3.09 -11.67
N GLU A 52 -6.58 3.02 -10.59
CA GLU A 52 -6.08 3.18 -9.23
C GLU A 52 -5.25 2.00 -8.74
N GLU A 53 -5.59 0.78 -9.17
CA GLU A 53 -4.86 -0.40 -8.76
C GLU A 53 -3.40 -0.32 -9.20
N ALA A 54 -3.12 0.17 -10.40
CA ALA A 54 -1.77 0.32 -10.95
C ALA A 54 -0.89 1.12 -9.97
N LEU A 55 -1.43 2.17 -9.36
CA LEU A 55 -0.69 3.00 -8.40
C LEU A 55 -0.19 2.14 -7.24
N TYR A 56 -1.09 1.37 -6.63
CA TYR A 56 -0.74 0.48 -5.51
C TYR A 56 0.20 -0.63 -5.96
N ARG A 57 -0.10 -1.28 -7.09
CA ARG A 57 0.68 -2.35 -7.67
C ARG A 57 2.14 -1.93 -7.85
N ALA A 58 2.38 -0.80 -8.52
CA ALA A 58 3.72 -0.28 -8.77
C ALA A 58 4.41 0.04 -7.46
N LEU A 59 3.71 0.78 -6.59
CA LEU A 59 4.24 1.17 -5.28
C LEU A 59 4.66 -0.02 -4.44
N ALA A 60 4.04 -1.19 -4.61
CA ALA A 60 4.39 -2.39 -3.85
C ALA A 60 5.83 -2.77 -4.19
N GLU A 61 6.15 -2.86 -5.49
CA GLU A 61 7.48 -3.22 -5.96
C GLU A 61 8.52 -2.22 -5.45
N GLN A 62 8.23 -0.91 -5.55
CA GLN A 62 9.14 0.14 -5.08
C GLN A 62 9.46 0.06 -3.59
N LYS A 63 8.64 -0.63 -2.80
CA LYS A 63 8.81 -0.76 -1.36
C LYS A 63 9.24 -2.17 -0.97
N GLY A 64 9.40 -3.07 -1.93
CA GLY A 64 9.81 -4.44 -1.70
C GLY A 64 8.72 -5.18 -0.94
N LEU A 65 7.48 -5.04 -1.41
CA LEU A 65 6.28 -5.64 -0.87
C LEU A 65 5.59 -6.31 -2.05
N GLU A 66 4.75 -7.29 -1.79
CA GLU A 66 4.03 -7.99 -2.84
C GLU A 66 2.62 -7.39 -2.89
N PHE A 67 2.09 -7.22 -4.11
CA PHE A 67 0.74 -6.68 -4.30
C PHE A 67 -0.27 -7.80 -4.11
N LEU A 68 -1.15 -7.65 -3.12
CA LEU A 68 -2.17 -8.64 -2.80
C LEU A 68 -3.27 -8.59 -3.85
N GLU A 69 -3.52 -9.71 -4.53
CA GLU A 69 -4.52 -9.82 -5.58
C GLU A 69 -5.94 -9.61 -5.07
N SER A 70 -6.27 -10.14 -3.89
CA SER A 70 -7.60 -10.03 -3.30
C SER A 70 -7.58 -10.18 -1.78
N THR A 71 -8.72 -9.99 -1.12
CA THR A 71 -8.88 -10.10 0.31
C THR A 71 -10.12 -10.96 0.64
N GLU A 72 -11.15 -10.88 -0.20
CA GLU A 72 -12.41 -11.62 -0.08
C GLU A 72 -12.14 -13.11 -0.33
N GLY A 73 -11.68 -13.80 0.71
CA GLY A 73 -11.35 -15.22 0.71
C GLY A 73 -10.30 -15.54 1.77
N ILE A 74 -9.53 -14.54 2.25
CA ILE A 74 -8.54 -14.76 3.29
C ILE A 74 -9.30 -15.05 4.58
N VAL A 75 -8.78 -15.94 5.41
CA VAL A 75 -9.34 -16.32 6.69
C VAL A 75 -8.39 -15.73 7.74
N PRO A 76 -8.70 -14.57 8.33
CA PRO A 76 -7.86 -13.95 9.32
C PRO A 76 -8.00 -14.73 10.63
N ASP A 77 -7.02 -15.56 10.97
CA ASP A 77 -7.06 -16.37 12.18
C ASP A 77 -7.20 -15.49 13.44
N PRO A 78 -7.87 -15.96 14.51
CA PRO A 78 -8.10 -15.19 15.72
C PRO A 78 -6.84 -14.83 16.51
N SER A 79 -5.90 -15.75 16.73
CA SER A 79 -4.69 -15.42 17.49
C SER A 79 -3.88 -14.30 16.83
N ALA A 80 -4.00 -14.14 15.51
CA ALA A 80 -3.31 -13.11 14.75
C ALA A 80 -3.74 -11.71 15.22
N ALA A 81 -4.99 -11.57 15.67
CA ALA A 81 -5.57 -10.32 16.17
C ALA A 81 -5.07 -9.95 17.57
N LEU A 82 -4.42 -10.88 18.29
CA LEU A 82 -3.91 -10.60 19.63
C LEU A 82 -2.71 -9.67 19.62
N LEU A 83 -2.08 -9.42 18.46
CA LEU A 83 -0.91 -8.54 18.32
C LEU A 83 -1.30 -7.25 17.62
N LEU A 84 -2.41 -7.24 16.89
CA LEU A 84 -2.94 -6.08 16.19
C LEU A 84 -4.42 -6.04 16.55
N LEU A 85 -4.83 -5.07 17.36
CA LEU A 85 -6.22 -4.93 17.81
C LEU A 85 -7.05 -4.14 16.79
N ARG A 86 -8.38 -4.08 16.89
CA ARG A 86 -9.21 -3.32 15.94
C ARG A 86 -8.78 -1.85 15.97
N SER A 87 -8.65 -1.30 17.17
CA SER A 87 -8.25 0.07 17.43
C SER A 87 -6.90 0.37 16.75
N ASP A 88 -5.93 -0.52 16.96
CA ASP A 88 -4.57 -0.46 16.46
C ASP A 88 -4.49 -0.66 14.94
N ALA A 89 -5.38 -1.51 14.40
CA ALA A 89 -5.46 -1.83 12.99
C ALA A 89 -5.85 -0.59 12.22
N LEU A 90 -6.81 0.19 12.72
CA LEU A 90 -7.25 1.42 12.06
C LEU A 90 -6.21 2.52 12.24
N ARG A 91 -5.44 2.47 13.33
CA ARG A 91 -4.42 3.45 13.66
C ARG A 91 -3.27 3.42 12.66
N TYR A 92 -2.84 2.24 12.20
CA TYR A 92 -1.77 2.08 11.23
C TYR A 92 -2.23 1.39 9.94
N GLY A 93 -3.54 1.25 9.73
CA GLY A 93 -4.14 0.60 8.57
C GLY A 93 -3.49 -0.77 8.32
N ALA A 94 -3.38 -1.61 9.36
CA ALA A 94 -2.75 -2.92 9.28
C ALA A 94 -3.68 -3.99 9.80
N VAL A 95 -3.84 -5.11 9.08
CA VAL A 95 -4.72 -6.18 9.53
C VAL A 95 -3.98 -7.52 9.44
N PRO A 96 -3.82 -8.25 10.56
CA PRO A 96 -3.17 -9.54 10.60
C PRO A 96 -4.11 -10.58 10.01
N ILE A 97 -3.55 -11.62 9.39
CA ILE A 97 -4.32 -12.68 8.76
C ILE A 97 -3.95 -14.08 9.28
N GLY A 98 -2.84 -14.24 9.99
CA GLY A 98 -2.45 -15.55 10.49
C GLY A 98 -0.96 -15.57 10.71
N PHE A 99 -0.41 -16.73 11.01
CA PHE A 99 1.02 -16.88 11.25
C PHE A 99 1.55 -18.01 10.35
N GLN A 100 2.68 -17.75 9.69
CA GLN A 100 3.36 -18.67 8.80
C GLN A 100 4.86 -18.40 8.94
N ASN A 101 5.69 -19.45 8.94
CA ASN A 101 7.15 -19.36 9.06
C ASN A 101 7.61 -18.47 10.23
N GLY A 102 6.83 -18.44 11.32
CA GLY A 102 7.12 -17.66 12.51
C GLY A 102 6.80 -16.17 12.42
N GLU A 103 6.30 -15.68 11.28
CA GLU A 103 5.97 -14.27 11.10
C GLU A 103 4.45 -14.13 10.97
N VAL A 104 3.83 -13.29 11.81
CA VAL A 104 2.40 -13.07 11.70
C VAL A 104 2.25 -12.26 10.42
N GLU A 105 1.49 -12.77 9.47
CA GLU A 105 1.25 -12.12 8.19
C GLU A 105 0.27 -10.97 8.40
N VAL A 106 0.57 -9.81 7.82
CA VAL A 106 -0.24 -8.60 7.93
C VAL A 106 -0.44 -7.94 6.55
N VAL A 107 -1.67 -7.59 6.23
CA VAL A 107 -2.08 -6.94 4.98
C VAL A 107 -2.36 -5.47 5.34
N LEU A 108 -1.68 -4.56 4.65
CA LEU A 108 -1.76 -3.13 4.84
C LEU A 108 -2.23 -2.47 3.54
N SER A 109 -2.57 -1.19 3.59
CA SER A 109 -3.02 -0.41 2.44
C SER A 109 -2.32 0.95 2.32
N ASP A 110 -1.56 1.38 3.34
CA ASP A 110 -0.84 2.65 3.35
C ASP A 110 0.56 2.44 3.95
N PRO A 111 1.54 1.94 3.18
CA PRO A 111 2.91 1.70 3.65
C PRO A 111 3.67 2.99 3.99
N ARG A 112 3.05 4.17 3.93
CA ARG A 112 3.70 5.45 4.26
C ARG A 112 4.22 5.43 5.71
N HIS A 113 3.72 4.54 6.56
CA HIS A 113 4.10 4.36 7.97
C HIS A 113 4.69 2.95 8.19
N LYS A 114 5.16 2.26 7.13
CA LYS A 114 5.75 0.92 7.23
C LYS A 114 6.97 0.95 8.15
N GLU A 115 7.88 1.89 7.94
CA GLU A 115 9.08 2.03 8.75
C GLU A 115 8.73 2.21 10.24
N ALA A 116 7.72 3.02 10.54
CA ALA A 116 7.27 3.28 11.90
C ALA A 116 6.75 1.98 12.52
N VAL A 117 5.83 1.30 11.82
CA VAL A 117 5.24 0.05 12.28
C VAL A 117 6.31 -1.00 12.53
N ALA A 118 7.37 -1.08 11.73
CA ALA A 118 8.43 -2.06 11.94
C ALA A 118 9.11 -1.83 13.30
N GLN A 119 9.39 -0.57 13.65
CA GLN A 119 10.01 -0.25 14.92
C GLN A 119 9.06 -0.46 16.08
N LEU A 120 7.81 0.02 15.93
CA LEU A 120 6.81 -0.10 16.98
C LEU A 120 6.46 -1.56 17.26
N LEU A 121 6.34 -2.39 16.22
CA LEU A 121 6.02 -3.81 16.37
C LEU A 121 7.20 -4.58 16.95
N ASN A 122 8.41 -4.33 16.44
CA ASN A 122 9.64 -5.00 16.86
C ASN A 122 9.59 -6.53 16.91
N ARG A 123 8.63 -7.16 16.24
CA ARG A 123 8.46 -8.62 16.26
C ARG A 123 8.45 -9.19 14.84
N PRO A 124 8.78 -10.48 14.66
CA PRO A 124 8.79 -11.11 13.35
C PRO A 124 7.36 -11.11 12.80
N ALA A 125 7.13 -10.34 11.74
CA ALA A 125 5.84 -10.20 11.09
C ALA A 125 6.08 -9.94 9.60
N ARG A 126 5.12 -10.37 8.78
CA ARG A 126 5.11 -10.23 7.34
C ARG A 126 4.29 -9.01 7.01
N PHE A 127 4.60 -8.33 5.91
CA PHE A 127 3.89 -7.14 5.49
C PHE A 127 3.60 -7.23 4.00
N TYR A 128 2.35 -6.97 3.61
CA TYR A 128 1.86 -7.01 2.23
C TYR A 128 1.12 -5.70 1.91
N LEU A 129 0.77 -5.46 0.64
CA LEU A 129 0.09 -4.25 0.19
C LEU A 129 -1.15 -4.60 -0.63
N ALA A 130 -2.32 -4.11 -0.23
CA ALA A 130 -3.61 -4.31 -0.87
C ALA A 130 -4.30 -2.95 -1.04
N LEU A 131 -5.25 -2.86 -1.97
CA LEU A 131 -6.00 -1.63 -2.19
C LEU A 131 -6.81 -1.31 -0.94
N PRO A 132 -7.17 -0.04 -0.69
CA PRO A 132 -7.95 0.35 0.47
C PRO A 132 -9.33 -0.34 0.44
N GLN A 133 -9.91 -0.53 -0.75
CA GLN A 133 -11.20 -1.17 -0.92
C GLN A 133 -11.12 -2.61 -0.41
N ALA A 134 -10.11 -3.37 -0.86
CA ALA A 134 -9.90 -4.75 -0.48
C ALA A 134 -9.61 -4.83 1.02
N TRP A 135 -8.80 -3.88 1.52
CA TRP A 135 -8.43 -3.80 2.92
C TRP A 135 -9.67 -3.59 3.77
N GLU A 136 -10.70 -2.88 3.27
CA GLU A 136 -11.94 -2.61 3.99
C GLU A 136 -12.61 -3.93 4.38
N GLU A 137 -12.82 -4.84 3.41
CA GLU A 137 -13.41 -6.14 3.66
C GLU A 137 -12.52 -6.98 4.56
N LEU A 138 -11.20 -6.95 4.35
CA LEU A 138 -10.24 -7.72 5.17
C LEU A 138 -10.38 -7.28 6.63
N PHE A 139 -10.36 -5.98 6.89
CA PHE A 139 -10.50 -5.41 8.22
C PHE A 139 -11.79 -5.92 8.85
N ARG A 140 -12.89 -5.94 8.08
CA ARG A 140 -14.19 -6.42 8.55
C ARG A 140 -14.11 -7.87 9.00
N ARG A 141 -13.43 -8.70 8.21
CA ARG A 141 -13.27 -10.12 8.50
C ARG A 141 -12.46 -10.33 9.77
N ALA A 142 -11.33 -9.61 9.91
CA ALA A 142 -10.46 -9.72 11.07
C ALA A 142 -11.10 -9.19 12.34
N TYR A 143 -11.84 -8.08 12.26
CA TYR A 143 -12.49 -7.44 13.39
C TYR A 143 -14.01 -7.44 13.23
N PRO A 144 -14.67 -8.59 13.44
CA PRO A 144 -16.11 -8.71 13.35
C PRO A 144 -16.76 -7.94 14.50
N GLN A 145 -18.10 -7.87 14.48
CA GLN A 145 -18.87 -7.22 15.50
C GLN A 145 -20.11 -8.08 15.71
N LYS A 146 -20.45 -8.34 16.96
CA LYS A 146 -21.65 -9.10 17.27
C LYS A 146 -22.82 -8.25 16.81
N GLY A 1 20.35 28.13 -14.73
CA GLY A 1 18.99 27.71 -15.10
C GLY A 1 18.27 27.38 -13.82
N SER A 2 17.52 26.28 -13.80
CA SER A 2 16.81 25.83 -12.62
C SER A 2 17.10 24.34 -12.44
N SER A 3 16.69 23.83 -11.29
CA SER A 3 16.84 22.45 -10.89
C SER A 3 15.80 22.23 -9.80
N GLY A 4 15.32 21.01 -9.65
CA GLY A 4 14.32 20.66 -8.66
C GLY A 4 13.50 19.47 -9.12
N GLU A 5 14.15 18.32 -9.33
CA GLU A 5 13.45 17.10 -9.73
C GLU A 5 13.00 16.40 -8.45
N GLY A 6 12.07 15.46 -8.55
CA GLY A 6 11.56 14.72 -7.41
C GLY A 6 12.30 13.40 -7.22
N GLN A 7 11.75 12.53 -6.37
CA GLN A 7 12.29 11.21 -6.06
C GLN A 7 11.18 10.18 -5.77
N LYS A 8 9.99 10.62 -5.35
CA LYS A 8 8.88 9.71 -5.06
C LYS A 8 8.15 9.40 -6.37
N ASP A 9 8.16 10.35 -7.30
CA ASP A 9 7.58 10.33 -8.63
C ASP A 9 8.49 9.50 -9.53
N LEU A 10 9.81 9.74 -9.52
CA LEU A 10 10.82 9.04 -10.33
C LEU A 10 10.67 7.54 -10.12
N LYS A 11 10.68 7.10 -8.85
CA LYS A 11 10.55 5.70 -8.48
C LYS A 11 9.27 5.06 -9.01
N LEU A 12 8.15 5.80 -9.06
CA LEU A 12 6.89 5.27 -9.60
C LEU A 12 6.98 5.19 -11.12
N GLY A 13 7.42 6.29 -11.76
CA GLY A 13 7.54 6.45 -13.19
C GLY A 13 8.38 5.35 -13.81
N GLU A 14 9.59 5.12 -13.30
CA GLU A 14 10.50 4.09 -13.81
C GLU A 14 9.82 2.71 -13.80
N LEU A 15 9.16 2.39 -12.68
CA LEU A 15 8.46 1.12 -12.51
C LEU A 15 7.41 0.94 -13.59
N LEU A 16 6.66 2.01 -13.89
CA LEU A 16 5.63 1.98 -14.92
C LEU A 16 6.27 1.88 -16.30
N LEU A 17 7.31 2.68 -16.55
CA LEU A 17 8.06 2.74 -17.81
C LEU A 17 8.65 1.40 -18.19
N GLN A 18 9.20 0.62 -17.25
CA GLN A 18 9.79 -0.68 -17.54
C GLN A 18 8.79 -1.58 -18.29
N LYS A 19 7.51 -1.46 -17.94
CA LYS A 19 6.42 -2.22 -18.56
C LYS A 19 5.65 -1.38 -19.59
N GLY A 20 5.87 -0.07 -19.59
CA GLY A 20 5.25 0.92 -20.45
C GLY A 20 3.77 1.04 -20.11
N TRP A 21 3.41 1.00 -18.83
CA TRP A 21 2.02 1.11 -18.38
C TRP A 21 1.41 2.47 -18.68
N ILE A 22 2.25 3.50 -18.79
CA ILE A 22 1.88 4.88 -19.09
C ILE A 22 2.94 5.43 -20.05
N SER A 23 2.83 6.70 -20.40
CA SER A 23 3.73 7.44 -21.28
C SER A 23 4.23 8.70 -20.54
N ARG A 24 5.26 9.37 -21.06
CA ARG A 24 5.80 10.57 -20.42
C ARG A 24 4.73 11.66 -20.31
N GLU A 25 3.73 11.68 -21.20
CA GLU A 25 2.66 12.66 -21.18
C GLU A 25 1.86 12.56 -19.89
N ALA A 26 1.37 11.36 -19.56
CA ALA A 26 0.60 11.15 -18.33
C ALA A 26 1.45 11.49 -17.10
N LEU A 27 2.74 11.16 -17.16
CA LEU A 27 3.68 11.42 -16.08
C LEU A 27 3.84 12.93 -15.86
N GLU A 28 4.18 13.68 -16.91
CA GLU A 28 4.36 15.12 -16.84
C GLU A 28 3.05 15.81 -16.46
N GLU A 29 1.89 15.27 -16.88
CA GLU A 29 0.60 15.83 -16.55
C GLU A 29 0.42 15.72 -15.04
N ALA A 30 0.76 14.56 -14.46
CA ALA A 30 0.65 14.34 -13.04
C ALA A 30 1.68 15.21 -12.31
N LEU A 31 2.87 15.37 -12.89
CA LEU A 31 3.93 16.18 -12.31
C LEU A 31 3.48 17.62 -12.15
N VAL A 32 2.66 18.16 -13.05
CA VAL A 32 2.18 19.54 -12.94
C VAL A 32 1.48 19.72 -11.59
N GLU A 33 0.64 18.77 -11.17
CA GLU A 33 -0.05 18.86 -9.89
C GLU A 33 0.98 18.62 -8.77
N GLN A 34 1.97 17.74 -8.94
CA GLN A 34 2.98 17.50 -7.91
C GLN A 34 3.85 18.75 -7.73
N GLU A 35 4.08 19.55 -8.75
CA GLU A 35 4.92 20.73 -8.65
C GLU A 35 4.28 21.79 -7.75
N LYS A 36 2.94 21.77 -7.64
CA LYS A 36 2.19 22.71 -6.79
C LYS A 36 1.67 22.11 -5.50
N THR A 37 1.55 20.79 -5.40
CA THR A 37 1.06 20.12 -4.20
C THR A 37 2.16 19.37 -3.45
N GLY A 38 3.28 19.06 -4.12
CA GLY A 38 4.44 18.36 -3.60
C GLY A 38 4.10 16.98 -3.02
N ASP A 39 2.93 16.41 -3.38
CA ASP A 39 2.47 15.13 -2.88
C ASP A 39 2.81 13.98 -3.82
N LEU A 40 2.46 12.74 -3.45
CA LEU A 40 2.71 11.53 -4.23
C LEU A 40 2.12 11.64 -5.63
N LEU A 41 2.90 11.26 -6.64
CA LEU A 41 2.53 11.25 -8.06
C LEU A 41 1.44 10.24 -8.36
N GLY A 42 1.47 9.08 -7.71
CA GLY A 42 0.51 8.00 -7.92
C GLY A 42 -0.95 8.46 -7.90
N ARG A 43 -1.37 9.11 -6.81
CA ARG A 43 -2.75 9.59 -6.71
C ARG A 43 -3.12 10.50 -7.87
N ILE A 44 -2.20 11.37 -8.29
CA ILE A 44 -2.40 12.32 -9.38
C ILE A 44 -2.62 11.53 -10.67
N LEU A 45 -1.76 10.55 -10.97
CA LEU A 45 -1.87 9.73 -12.17
C LEU A 45 -3.24 9.04 -12.18
N VAL A 46 -3.60 8.39 -11.07
CA VAL A 46 -4.85 7.68 -10.92
C VAL A 46 -6.04 8.63 -11.14
N ARG A 47 -6.04 9.82 -10.54
CA ARG A 47 -7.12 10.81 -10.66
C ARG A 47 -7.36 11.24 -12.10
N LYS A 48 -6.37 11.09 -12.98
CA LYS A 48 -6.49 11.43 -14.39
C LYS A 48 -7.23 10.31 -15.14
N GLY A 49 -7.71 9.27 -14.44
CA GLY A 49 -8.44 8.16 -15.03
C GLY A 49 -7.60 6.90 -15.17
N LEU A 50 -6.47 6.81 -14.46
CA LEU A 50 -5.60 5.64 -14.52
C LEU A 50 -6.03 4.64 -13.44
N PRO A 51 -5.74 3.34 -13.62
CA PRO A 51 -6.11 2.29 -12.69
C PRO A 51 -5.44 2.48 -11.33
N GLU A 52 -6.22 2.54 -10.26
CA GLU A 52 -5.71 2.69 -8.89
C GLU A 52 -4.99 1.39 -8.50
N GLU A 53 -5.51 0.27 -9.00
CA GLU A 53 -4.99 -1.06 -8.81
C GLU A 53 -3.54 -1.10 -9.30
N ALA A 54 -3.25 -0.49 -10.45
CA ALA A 54 -1.92 -0.44 -11.03
C ALA A 54 -0.96 0.33 -10.13
N LEU A 55 -1.41 1.44 -9.53
CA LEU A 55 -0.56 2.22 -8.64
C LEU A 55 -0.05 1.30 -7.54
N TYR A 56 -0.97 0.68 -6.80
CA TYR A 56 -0.63 -0.22 -5.70
C TYR A 56 0.17 -1.43 -6.19
N ARG A 57 -0.22 -2.06 -7.31
CA ARG A 57 0.49 -3.21 -7.89
C ARG A 57 1.97 -2.89 -8.10
N ALA A 58 2.28 -1.72 -8.64
CA ALA A 58 3.65 -1.28 -8.88
C ALA A 58 4.33 -0.91 -7.56
N LEU A 59 3.65 -0.10 -6.73
CA LEU A 59 4.13 0.36 -5.44
C LEU A 59 4.55 -0.82 -4.54
N ALA A 60 3.92 -1.98 -4.66
CA ALA A 60 4.26 -3.17 -3.87
C ALA A 60 5.72 -3.55 -4.13
N GLU A 61 6.09 -3.67 -5.41
CA GLU A 61 7.43 -4.01 -5.87
C GLU A 61 8.42 -2.96 -5.37
N GLN A 62 8.05 -1.69 -5.46
CA GLN A 62 8.87 -0.55 -5.04
C GLN A 62 9.29 -0.62 -3.56
N LYS A 63 8.64 -1.45 -2.74
CA LYS A 63 8.91 -1.65 -1.32
C LYS A 63 9.38 -3.08 -1.00
N GLY A 64 9.32 -3.97 -1.99
CA GLY A 64 9.71 -5.36 -1.86
C GLY A 64 8.62 -6.14 -1.13
N LEU A 65 7.35 -5.84 -1.44
CA LEU A 65 6.15 -6.45 -0.88
C LEU A 65 5.39 -7.08 -2.04
N GLU A 66 4.51 -8.02 -1.73
CA GLU A 66 3.69 -8.69 -2.72
C GLU A 66 2.31 -8.03 -2.73
N PHE A 67 1.71 -7.93 -3.91
CA PHE A 67 0.39 -7.33 -4.10
C PHE A 67 -0.66 -8.42 -3.83
N LEU A 68 -1.83 -8.02 -3.36
CA LEU A 68 -2.94 -8.91 -3.05
C LEU A 68 -4.09 -8.73 -4.03
N GLU A 69 -4.44 -9.81 -4.69
CA GLU A 69 -5.48 -9.90 -5.71
C GLU A 69 -6.87 -9.56 -5.14
N SER A 70 -7.23 -10.08 -3.96
CA SER A 70 -8.53 -9.84 -3.32
C SER A 70 -8.41 -10.08 -1.82
N THR A 71 -9.37 -9.56 -1.05
CA THR A 71 -9.41 -9.70 0.40
C THR A 71 -10.58 -10.57 0.87
N GLU A 72 -11.68 -10.63 0.12
CA GLU A 72 -12.82 -11.46 0.50
C GLU A 72 -12.45 -12.95 0.44
N GLY A 73 -11.38 -13.30 -0.28
CA GLY A 73 -10.87 -14.65 -0.41
C GLY A 73 -9.86 -14.95 0.71
N ILE A 74 -10.02 -14.35 1.90
CA ILE A 74 -9.16 -14.53 3.06
C ILE A 74 -10.08 -14.80 4.25
N VAL A 75 -9.60 -15.58 5.21
CA VAL A 75 -10.32 -15.91 6.42
C VAL A 75 -9.42 -15.36 7.55
N PRO A 76 -9.69 -14.14 8.06
CA PRO A 76 -8.88 -13.56 9.12
C PRO A 76 -9.01 -14.39 10.40
N ASP A 77 -7.88 -14.94 10.86
CA ASP A 77 -7.77 -15.75 12.06
C ASP A 77 -8.06 -14.92 13.32
N PRO A 78 -8.73 -15.47 14.35
CA PRO A 78 -9.06 -14.73 15.57
C PRO A 78 -7.82 -14.40 16.42
N SER A 79 -6.90 -15.35 16.57
CA SER A 79 -5.68 -15.17 17.35
C SER A 79 -4.81 -14.09 16.71
N ALA A 80 -4.84 -13.97 15.39
CA ALA A 80 -4.08 -12.97 14.66
C ALA A 80 -4.55 -11.56 15.06
N ALA A 81 -5.83 -11.41 15.42
CA ALA A 81 -6.41 -10.15 15.83
C ALA A 81 -5.98 -9.75 17.25
N LEU A 82 -5.40 -10.66 18.04
CA LEU A 82 -4.96 -10.38 19.40
C LEU A 82 -3.73 -9.49 19.50
N LEU A 83 -3.02 -9.22 18.40
CA LEU A 83 -1.80 -8.39 18.37
C LEU A 83 -2.01 -7.03 17.69
N LEU A 84 -2.96 -6.92 16.76
CA LEU A 84 -3.25 -5.67 16.06
C LEU A 84 -4.71 -5.37 16.35
N LEU A 85 -5.00 -4.33 17.14
CA LEU A 85 -6.37 -3.93 17.50
C LEU A 85 -6.99 -3.06 16.42
N ARG A 86 -8.30 -2.79 16.49
CA ARG A 86 -8.95 -1.97 15.47
C ARG A 86 -8.40 -0.54 15.43
N SER A 87 -8.06 0.02 16.60
CA SER A 87 -7.50 1.36 16.71
C SER A 87 -6.11 1.35 16.09
N ASP A 88 -5.28 0.37 16.49
CA ASP A 88 -3.90 0.21 16.03
C ASP A 88 -3.83 -0.09 14.53
N ALA A 89 -4.84 -0.79 13.99
CA ALA A 89 -4.97 -1.15 12.60
C ALA A 89 -5.20 0.11 11.76
N LEU A 90 -6.14 0.96 12.19
CA LEU A 90 -6.43 2.21 11.49
C LEU A 90 -5.20 3.13 11.56
N ARG A 91 -4.54 3.19 12.72
CA ARG A 91 -3.38 4.04 12.96
C ARG A 91 -2.27 3.83 11.91
N TYR A 92 -2.01 2.60 11.47
CA TYR A 92 -0.98 2.29 10.47
C TYR A 92 -1.49 1.63 9.19
N GLY A 93 -2.81 1.65 8.92
CA GLY A 93 -3.39 1.04 7.73
C GLY A 93 -2.94 -0.41 7.57
N ALA A 94 -3.04 -1.22 8.63
CA ALA A 94 -2.62 -2.62 8.66
C ALA A 94 -3.65 -3.53 9.32
N VAL A 95 -3.81 -4.76 8.85
CA VAL A 95 -4.74 -5.73 9.41
C VAL A 95 -4.14 -7.14 9.31
N PRO A 96 -3.94 -7.85 10.42
CA PRO A 96 -3.40 -9.20 10.43
C PRO A 96 -4.44 -10.16 9.88
N ILE A 97 -4.01 -11.28 9.33
CA ILE A 97 -4.90 -12.29 8.74
C ILE A 97 -4.62 -13.70 9.25
N GLY A 98 -3.49 -13.94 9.92
CA GLY A 98 -3.20 -15.28 10.40
C GLY A 98 -1.74 -15.44 10.78
N PHE A 99 -1.42 -16.54 11.42
CA PHE A 99 -0.05 -16.87 11.85
C PHE A 99 0.38 -18.09 11.06
N GLN A 100 1.33 -17.92 10.15
CA GLN A 100 1.84 -18.97 9.27
C GLN A 100 3.34 -18.79 9.05
N ASN A 101 4.08 -19.91 9.02
CA ASN A 101 5.54 -19.99 8.84
C ASN A 101 6.25 -19.25 9.97
N GLY A 102 5.64 -19.22 11.16
CA GLY A 102 6.19 -18.57 12.34
C GLY A 102 5.97 -17.05 12.38
N GLU A 103 5.30 -16.45 11.39
CA GLU A 103 5.07 -15.01 11.36
C GLU A 103 3.58 -14.71 11.23
N VAL A 104 3.14 -13.56 11.74
CA VAL A 104 1.74 -13.18 11.61
C VAL A 104 1.67 -12.41 10.30
N GLU A 105 0.94 -12.93 9.32
CA GLU A 105 0.76 -12.30 8.04
C GLU A 105 -0.16 -11.11 8.24
N VAL A 106 0.13 -10.01 7.54
CA VAL A 106 -0.61 -8.77 7.63
C VAL A 106 -0.81 -8.21 6.23
N VAL A 107 -1.99 -7.64 6.01
CA VAL A 107 -2.43 -7.01 4.80
C VAL A 107 -2.45 -5.52 5.13
N LEU A 108 -1.79 -4.71 4.31
CA LEU A 108 -1.68 -3.28 4.48
C LEU A 108 -2.29 -2.55 3.31
N SER A 109 -2.61 -1.28 3.52
CA SER A 109 -3.17 -0.42 2.50
C SER A 109 -2.20 0.74 2.25
N ASP A 110 -1.50 1.22 3.29
CA ASP A 110 -0.55 2.33 3.15
C ASP A 110 0.84 1.91 3.65
N PRO A 111 1.72 1.41 2.76
CA PRO A 111 3.05 0.97 3.13
C PRO A 111 4.04 2.13 3.36
N ARG A 112 3.63 3.41 3.26
CA ARG A 112 4.57 4.54 3.47
C ARG A 112 5.20 4.58 4.86
N HIS A 113 4.64 3.86 5.84
CA HIS A 113 5.12 3.79 7.21
C HIS A 113 5.57 2.36 7.53
N LYS A 114 5.74 1.47 6.53
CA LYS A 114 6.17 0.09 6.76
C LYS A 114 7.44 0.07 7.61
N GLU A 115 8.42 0.88 7.26
CA GLU A 115 9.68 1.00 8.00
C GLU A 115 9.42 1.33 9.49
N ALA A 116 8.50 2.24 9.79
CA ALA A 116 8.17 2.61 11.16
C ALA A 116 7.50 1.43 11.87
N VAL A 117 6.50 0.82 11.21
CA VAL A 117 5.76 -0.32 11.76
C VAL A 117 6.70 -1.48 12.05
N ALA A 118 7.71 -1.73 11.21
CA ALA A 118 8.67 -2.81 11.40
C ALA A 118 9.36 -2.66 12.75
N GLN A 119 9.79 -1.45 13.08
CA GLN A 119 10.47 -1.16 14.34
C GLN A 119 9.50 -1.12 15.51
N LEU A 120 8.29 -0.59 15.30
CA LEU A 120 7.27 -0.52 16.36
C LEU A 120 6.91 -1.94 16.81
N LEU A 121 6.71 -2.83 15.83
CA LEU A 121 6.34 -4.22 16.06
C LEU A 121 7.50 -5.06 16.60
N ASN A 122 8.68 -4.91 15.99
CA ASN A 122 9.94 -5.61 16.28
C ASN A 122 9.74 -7.10 16.58
N ARG A 123 8.84 -7.76 15.85
CA ARG A 123 8.50 -9.18 16.03
C ARG A 123 8.33 -9.86 14.66
N PRO A 124 8.35 -11.19 14.59
CA PRO A 124 8.18 -11.93 13.33
C PRO A 124 6.78 -11.70 12.77
N ALA A 125 6.69 -11.01 11.64
CA ALA A 125 5.44 -10.70 10.96
C ALA A 125 5.73 -10.62 9.45
N ARG A 126 4.76 -11.01 8.63
CA ARG A 126 4.82 -10.99 7.17
C ARG A 126 3.96 -9.81 6.74
N PHE A 127 4.27 -9.15 5.62
CA PHE A 127 3.51 -7.99 5.17
C PHE A 127 3.19 -8.08 3.68
N TYR A 128 1.96 -7.73 3.28
CA TYR A 128 1.46 -7.74 1.92
C TYR A 128 0.75 -6.39 1.68
N LEU A 129 0.47 -6.03 0.43
CA LEU A 129 -0.19 -4.78 0.06
C LEU A 129 -1.52 -5.07 -0.64
N ALA A 130 -2.54 -4.25 -0.39
CA ALA A 130 -3.88 -4.37 -0.97
C ALA A 130 -4.43 -2.96 -1.23
N LEU A 131 -5.52 -2.87 -2.00
CA LEU A 131 -6.18 -1.61 -2.32
C LEU A 131 -6.90 -1.13 -1.05
N PRO A 132 -7.22 0.16 -0.91
CA PRO A 132 -7.90 0.64 0.29
C PRO A 132 -9.35 0.17 0.35
N GLN A 133 -9.92 -0.17 -0.81
CA GLN A 133 -11.27 -0.66 -0.99
C GLN A 133 -11.33 -2.09 -0.47
N ALA A 134 -10.38 -2.92 -0.91
CA ALA A 134 -10.27 -4.32 -0.51
C ALA A 134 -9.94 -4.41 0.98
N TRP A 135 -8.99 -3.58 1.44
CA TRP A 135 -8.53 -3.52 2.82
C TRP A 135 -9.67 -3.20 3.79
N GLU A 136 -10.66 -2.40 3.37
CA GLU A 136 -11.80 -2.05 4.21
C GLU A 136 -12.59 -3.31 4.52
N GLU A 137 -12.99 -4.09 3.51
CA GLU A 137 -13.75 -5.33 3.69
C GLU A 137 -12.95 -6.31 4.57
N LEU A 138 -11.61 -6.31 4.45
CA LEU A 138 -10.73 -7.17 5.24
C LEU A 138 -10.87 -6.73 6.71
N PHE A 139 -10.69 -5.43 6.99
CA PHE A 139 -10.79 -4.85 8.33
C PHE A 139 -12.17 -5.18 8.92
N ARG A 140 -13.22 -5.12 8.10
CA ARG A 140 -14.60 -5.40 8.45
C ARG A 140 -14.73 -6.80 9.06
N ARG A 141 -14.07 -7.81 8.48
CA ARG A 141 -14.11 -9.18 9.00
C ARG A 141 -13.13 -9.36 10.16
N ALA A 142 -11.99 -8.67 10.12
CA ALA A 142 -10.95 -8.74 11.14
C ALA A 142 -11.39 -8.20 12.50
N TYR A 143 -12.28 -7.21 12.51
CA TYR A 143 -12.81 -6.60 13.72
C TYR A 143 -14.34 -6.72 13.67
N PRO A 144 -14.89 -7.93 13.85
CA PRO A 144 -16.33 -8.12 13.79
C PRO A 144 -16.97 -7.54 15.05
N GLN A 145 -18.16 -6.99 14.89
CA GLN A 145 -18.94 -6.37 15.95
C GLN A 145 -19.53 -7.45 16.84
N LYS A 146 -18.90 -7.68 17.99
CA LYS A 146 -19.39 -8.64 18.97
C LYS A 146 -20.44 -7.87 19.73
N GLY A 1 4.80 14.56 3.64
CA GLY A 1 5.37 15.78 3.09
C GLY A 1 6.51 15.44 2.15
N SER A 2 7.63 16.16 2.25
CA SER A 2 8.79 15.92 1.41
C SER A 2 10.05 16.37 2.16
N SER A 3 10.17 17.67 2.47
CA SER A 3 11.33 18.24 3.16
C SER A 3 12.66 17.92 2.45
N GLY A 4 12.62 17.65 1.15
CA GLY A 4 13.77 17.34 0.33
C GLY A 4 13.70 18.12 -0.98
N GLU A 5 14.63 17.81 -1.89
CA GLU A 5 14.76 18.41 -3.19
C GLU A 5 13.50 18.22 -4.07
N GLY A 6 12.88 17.03 -3.98
CA GLY A 6 11.71 16.61 -4.72
C GLY A 6 11.87 15.12 -4.95
N GLN A 7 12.35 14.71 -6.13
CA GLN A 7 12.58 13.34 -6.57
C GLN A 7 11.39 12.45 -6.26
N LYS A 8 10.28 12.74 -6.92
CA LYS A 8 9.01 12.02 -6.79
C LYS A 8 8.50 11.76 -8.19
N ASP A 9 8.51 12.77 -9.07
CA ASP A 9 8.04 12.70 -10.46
C ASP A 9 8.71 11.52 -11.16
N LEU A 10 10.03 11.48 -11.15
CA LEU A 10 10.85 10.46 -11.77
C LEU A 10 10.84 9.12 -11.05
N LYS A 11 10.42 9.04 -9.79
CA LYS A 11 10.43 7.76 -9.06
C LYS A 11 9.32 6.84 -9.56
N LEU A 12 8.06 7.27 -9.40
CA LEU A 12 6.90 6.47 -9.80
C LEU A 12 6.81 6.27 -11.32
N GLY A 13 7.23 7.25 -12.14
CA GLY A 13 7.20 7.13 -13.59
C GLY A 13 8.20 6.09 -14.09
N GLU A 14 9.30 5.84 -13.37
CA GLU A 14 10.31 4.86 -13.73
C GLU A 14 9.72 3.47 -13.54
N LEU A 15 9.03 3.23 -12.42
CA LEU A 15 8.41 1.93 -12.14
C LEU A 15 7.40 1.60 -13.24
N LEU A 16 6.69 2.61 -13.75
CA LEU A 16 5.73 2.40 -14.83
C LEU A 16 6.49 2.10 -16.12
N LEU A 17 7.49 2.91 -16.50
CA LEU A 17 8.26 2.74 -17.73
C LEU A 17 9.05 1.45 -17.76
N GLN A 18 9.49 0.93 -16.61
CA GLN A 18 10.24 -0.32 -16.55
C GLN A 18 9.40 -1.45 -17.13
N LYS A 19 8.07 -1.39 -16.95
CA LYS A 19 7.12 -2.38 -17.46
C LYS A 19 6.40 -1.83 -18.71
N GLY A 20 6.50 -0.53 -18.99
CA GLY A 20 5.87 0.15 -20.11
C GLY A 20 4.36 0.32 -19.89
N TRP A 21 3.91 0.40 -18.62
CA TRP A 21 2.50 0.53 -18.24
C TRP A 21 1.74 1.71 -18.84
N ILE A 22 2.42 2.82 -19.14
CA ILE A 22 1.79 4.00 -19.71
C ILE A 22 2.68 4.61 -20.79
N SER A 23 2.18 5.69 -21.40
CA SER A 23 2.86 6.40 -22.45
C SER A 23 3.49 7.69 -21.95
N ARG A 24 4.42 8.24 -22.73
CA ARG A 24 5.06 9.51 -22.38
C ARG A 24 3.98 10.61 -22.36
N GLU A 25 2.97 10.48 -23.22
CA GLU A 25 1.86 11.38 -23.34
C GLU A 25 1.08 11.35 -22.02
N ALA A 26 0.67 10.16 -21.57
CA ALA A 26 -0.07 10.01 -20.31
C ALA A 26 0.77 10.58 -19.16
N LEU A 27 2.09 10.33 -19.17
CA LEU A 27 2.97 10.83 -18.13
C LEU A 27 2.93 12.35 -18.11
N GLU A 28 3.15 13.00 -19.25
CA GLU A 28 3.16 14.45 -19.32
C GLU A 28 1.79 15.06 -19.00
N GLU A 29 0.69 14.35 -19.29
CA GLU A 29 -0.66 14.82 -19.00
C GLU A 29 -0.77 15.04 -17.50
N ALA A 30 -0.26 14.07 -16.73
CA ALA A 30 -0.28 14.13 -15.29
C ALA A 30 0.74 15.14 -14.76
N LEU A 31 1.92 15.21 -15.36
CA LEU A 31 2.97 16.14 -14.97
C LEU A 31 2.46 17.58 -14.97
N VAL A 32 1.64 17.96 -15.97
CA VAL A 32 1.11 19.31 -16.06
C VAL A 32 0.31 19.68 -14.79
N GLU A 33 -0.47 18.76 -14.20
CA GLU A 33 -1.21 19.07 -12.98
C GLU A 33 -0.24 19.06 -11.79
N GLN A 34 0.73 18.14 -11.77
CA GLN A 34 1.72 18.02 -10.69
C GLN A 34 2.55 19.31 -10.61
N GLU A 35 2.81 19.95 -11.73
CA GLU A 35 3.59 21.18 -11.86
C GLU A 35 2.84 22.36 -11.23
N LYS A 36 1.50 22.34 -11.19
CA LYS A 36 0.66 23.42 -10.65
C LYS A 36 0.03 23.13 -9.29
N THR A 37 0.08 21.90 -8.83
CA THR A 37 -0.49 21.47 -7.55
C THR A 37 0.57 20.96 -6.56
N GLY A 38 1.75 20.55 -7.03
CA GLY A 38 2.80 20.04 -6.17
C GLY A 38 2.49 18.65 -5.60
N ASP A 39 1.37 18.02 -5.95
CA ASP A 39 0.97 16.70 -5.45
C ASP A 39 1.65 15.57 -6.22
N LEU A 40 1.51 14.33 -5.74
CA LEU A 40 2.07 13.12 -6.36
C LEU A 40 1.41 12.92 -7.74
N LEU A 41 2.19 12.37 -8.67
CA LEU A 41 1.78 12.09 -10.05
C LEU A 41 0.67 11.04 -10.14
N GLY A 42 0.76 10.01 -9.30
CA GLY A 42 -0.15 8.87 -9.25
C GLY A 42 -1.61 9.31 -9.25
N ARG A 43 -2.02 10.17 -8.31
CA ARG A 43 -3.40 10.62 -8.23
C ARG A 43 -3.93 11.23 -9.53
N ILE A 44 -3.09 11.99 -10.24
CA ILE A 44 -3.45 12.66 -11.48
C ILE A 44 -3.63 11.62 -12.59
N LEU A 45 -2.68 10.69 -12.74
CA LEU A 45 -2.78 9.65 -13.76
C LEU A 45 -4.08 8.88 -13.57
N VAL A 46 -4.33 8.43 -12.33
CA VAL A 46 -5.52 7.67 -11.97
C VAL A 46 -6.81 8.44 -12.33
N ARG A 47 -6.96 9.72 -11.94
CA ARG A 47 -8.18 10.47 -12.27
C ARG A 47 -8.37 10.64 -13.77
N LYS A 48 -7.32 10.53 -14.59
CA LYS A 48 -7.43 10.64 -16.04
C LYS A 48 -8.04 9.35 -16.62
N GLY A 49 -8.33 8.34 -15.79
CA GLY A 49 -8.93 7.07 -16.20
C GLY A 49 -8.01 5.86 -16.06
N LEU A 50 -6.94 5.96 -15.29
CA LEU A 50 -5.99 4.86 -15.09
C LEU A 50 -6.32 4.07 -13.82
N PRO A 51 -5.87 2.81 -13.73
CA PRO A 51 -6.10 1.95 -12.59
C PRO A 51 -5.42 2.52 -11.34
N GLU A 52 -6.18 2.65 -10.25
CA GLU A 52 -5.62 3.16 -9.00
C GLU A 52 -4.69 2.11 -8.41
N GLU A 53 -5.02 0.83 -8.60
CA GLU A 53 -4.24 -0.29 -8.11
C GLU A 53 -2.79 -0.21 -8.58
N ALA A 54 -2.54 0.31 -9.79
CA ALA A 54 -1.19 0.44 -10.33
C ALA A 54 -0.27 1.28 -9.42
N LEU A 55 -0.82 2.24 -8.68
CA LEU A 55 -0.05 3.07 -7.77
C LEU A 55 0.47 2.19 -6.64
N TYR A 56 -0.43 1.45 -6.01
CA TYR A 56 -0.15 0.54 -4.90
C TYR A 56 0.74 -0.61 -5.34
N ARG A 57 0.49 -1.19 -6.53
CA ARG A 57 1.29 -2.29 -7.08
C ARG A 57 2.75 -1.85 -7.20
N ALA A 58 2.99 -0.69 -7.81
CA ALA A 58 4.33 -0.15 -7.97
C ALA A 58 4.96 0.10 -6.60
N LEU A 59 4.22 0.75 -5.71
CA LEU A 59 4.66 1.06 -4.35
C LEU A 59 5.07 -0.19 -3.58
N ALA A 60 4.54 -1.38 -3.92
CA ALA A 60 4.88 -2.62 -3.25
C ALA A 60 6.30 -3.02 -3.63
N GLU A 61 6.62 -3.05 -4.92
CA GLU A 61 7.95 -3.40 -5.41
C GLU A 61 8.97 -2.40 -4.86
N GLN A 62 8.66 -1.11 -4.93
CA GLN A 62 9.52 -0.03 -4.43
C GLN A 62 9.75 -0.10 -2.92
N LYS A 63 9.00 -0.93 -2.19
CA LYS A 63 9.12 -1.10 -0.74
C LYS A 63 9.57 -2.53 -0.39
N GLY A 64 9.65 -3.41 -1.38
CA GLY A 64 10.08 -4.80 -1.24
C GLY A 64 9.02 -5.62 -0.51
N LEU A 65 7.78 -5.49 -0.97
CA LEU A 65 6.60 -6.15 -0.46
C LEU A 65 5.87 -6.82 -1.63
N GLU A 66 4.94 -7.72 -1.32
CA GLU A 66 4.12 -8.41 -2.30
C GLU A 66 2.79 -7.66 -2.34
N PHE A 67 2.31 -7.33 -3.53
CA PHE A 67 1.03 -6.65 -3.68
C PHE A 67 -0.07 -7.70 -3.48
N LEU A 68 -1.26 -7.29 -3.01
CA LEU A 68 -2.38 -8.20 -2.78
C LEU A 68 -3.55 -7.91 -3.73
N GLU A 69 -4.09 -8.97 -4.30
CA GLU A 69 -5.20 -8.97 -5.25
C GLU A 69 -6.49 -8.35 -4.71
N SER A 70 -7.02 -8.81 -3.57
CA SER A 70 -8.26 -8.29 -2.99
C SER A 70 -8.39 -8.75 -1.53
N THR A 71 -9.50 -8.38 -0.89
CA THR A 71 -9.83 -8.70 0.49
C THR A 71 -11.27 -9.21 0.65
N GLU A 72 -12.07 -9.14 -0.43
CA GLU A 72 -13.48 -9.52 -0.52
C GLU A 72 -13.88 -10.90 0.02
N GLY A 73 -12.96 -11.84 0.16
CA GLY A 73 -13.25 -13.18 0.66
C GLY A 73 -12.28 -13.68 1.73
N ILE A 74 -11.44 -12.83 2.30
CA ILE A 74 -10.49 -13.27 3.32
C ILE A 74 -11.22 -13.57 4.63
N VAL A 75 -10.71 -14.56 5.35
CA VAL A 75 -11.23 -14.98 6.64
C VAL A 75 -10.04 -14.79 7.60
N PRO A 76 -9.97 -13.66 8.30
CA PRO A 76 -8.90 -13.36 9.24
C PRO A 76 -9.06 -14.21 10.50
N ASP A 77 -8.04 -14.99 10.84
CA ASP A 77 -8.06 -15.87 12.03
C ASP A 77 -8.11 -15.05 13.32
N PRO A 78 -8.80 -15.51 14.38
CA PRO A 78 -8.88 -14.79 15.65
C PRO A 78 -7.51 -14.76 16.33
N SER A 79 -6.77 -15.86 16.24
CA SER A 79 -5.44 -16.05 16.79
C SER A 79 -4.49 -14.97 16.25
N ALA A 80 -4.75 -14.46 15.04
CA ALA A 80 -3.97 -13.43 14.38
C ALA A 80 -4.24 -12.06 15.00
N ALA A 81 -5.45 -11.80 15.48
CA ALA A 81 -5.85 -10.53 16.08
C ALA A 81 -5.29 -10.35 17.49
N LEU A 82 -4.77 -11.42 18.12
CA LEU A 82 -4.22 -11.34 19.46
C LEU A 82 -2.99 -10.41 19.49
N LEU A 83 -2.11 -10.54 18.50
CA LEU A 83 -0.88 -9.75 18.41
C LEU A 83 -1.16 -8.29 18.03
N LEU A 84 -2.10 -8.02 17.12
CA LEU A 84 -2.43 -6.68 16.66
C LEU A 84 -3.89 -6.40 17.00
N LEU A 85 -4.15 -5.50 17.95
CA LEU A 85 -5.51 -5.14 18.37
C LEU A 85 -6.14 -4.17 17.38
N ARG A 86 -7.47 -4.05 17.37
CA ARG A 86 -8.18 -3.14 16.47
C ARG A 86 -7.77 -1.67 16.65
N SER A 87 -7.37 -1.24 17.85
CA SER A 87 -6.93 0.13 18.08
C SER A 87 -5.54 0.31 17.45
N ASP A 88 -4.63 -0.62 17.77
CA ASP A 88 -3.25 -0.68 17.31
C ASP A 88 -3.20 -0.80 15.78
N ALA A 89 -4.20 -1.46 15.19
CA ALA A 89 -4.34 -1.67 13.77
C ALA A 89 -4.48 -0.34 13.05
N LEU A 90 -5.42 0.51 13.49
CA LEU A 90 -5.63 1.82 12.88
C LEU A 90 -4.39 2.69 13.04
N ARG A 91 -3.75 2.59 14.21
CA ARG A 91 -2.57 3.35 14.57
C ARG A 91 -1.39 3.18 13.64
N TYR A 92 -1.17 1.99 13.08
CA TYR A 92 -0.08 1.71 12.15
C TYR A 92 -0.56 1.20 10.79
N GLY A 93 -1.87 1.22 10.51
CA GLY A 93 -2.42 0.73 9.24
C GLY A 93 -2.13 -0.76 9.07
N ALA A 94 -2.08 -1.52 10.18
CA ALA A 94 -1.78 -2.95 10.16
C ALA A 94 -2.90 -3.89 10.64
N VAL A 95 -3.28 -4.86 9.83
CA VAL A 95 -4.31 -5.84 10.11
C VAL A 95 -3.78 -7.23 9.76
N PRO A 96 -3.55 -8.10 10.76
CA PRO A 96 -3.08 -9.47 10.55
C PRO A 96 -4.25 -10.30 10.03
N ILE A 97 -3.96 -11.35 9.27
CA ILE A 97 -4.99 -12.23 8.70
C ILE A 97 -4.80 -13.69 9.14
N GLY A 98 -3.62 -14.06 9.62
CA GLY A 98 -3.39 -15.44 10.01
C GLY A 98 -1.91 -15.71 10.15
N PHE A 99 -1.58 -16.92 10.58
CA PHE A 99 -0.22 -17.40 10.80
C PHE A 99 0.06 -18.46 9.75
N GLN A 100 1.07 -18.27 8.91
CA GLN A 100 1.44 -19.22 7.87
C GLN A 100 2.96 -19.29 7.74
N ASN A 101 3.51 -20.47 7.53
CA ASN A 101 4.94 -20.73 7.37
C ASN A 101 5.76 -20.15 8.52
N GLY A 102 5.19 -20.09 9.73
CA GLY A 102 5.86 -19.56 10.91
C GLY A 102 5.91 -18.03 10.95
N GLU A 103 5.19 -17.33 10.07
CA GLU A 103 5.14 -15.87 10.00
C GLU A 103 3.68 -15.40 9.94
N VAL A 104 3.29 -14.49 10.83
CA VAL A 104 1.93 -13.95 10.83
C VAL A 104 1.81 -13.02 9.63
N GLU A 105 0.90 -13.30 8.72
CA GLU A 105 0.65 -12.49 7.54
C GLU A 105 -0.10 -11.24 7.95
N VAL A 106 0.33 -10.10 7.41
CA VAL A 106 -0.20 -8.77 7.63
C VAL A 106 -0.28 -8.12 6.26
N VAL A 107 -1.37 -7.41 5.95
CA VAL A 107 -1.53 -6.76 4.65
C VAL A 107 -1.77 -5.29 4.91
N LEU A 108 -0.77 -4.44 4.70
CA LEU A 108 -0.84 -3.00 4.96
C LEU A 108 -1.33 -2.18 3.80
N SER A 109 -1.99 -1.06 4.11
CA SER A 109 -2.52 -0.11 3.15
C SER A 109 -1.53 1.05 3.08
N ASP A 110 -1.10 1.55 4.23
CA ASP A 110 -0.15 2.64 4.33
C ASP A 110 1.16 2.15 4.95
N PRO A 111 2.03 1.45 4.20
CA PRO A 111 3.30 0.95 4.70
C PRO A 111 4.33 2.09 4.93
N ARG A 112 3.88 3.35 5.13
CA ARG A 112 4.73 4.51 5.36
C ARG A 112 5.59 4.29 6.60
N HIS A 113 5.13 3.48 7.55
CA HIS A 113 5.80 3.13 8.80
C HIS A 113 6.22 1.66 8.80
N LYS A 114 6.32 0.99 7.64
CA LYS A 114 6.70 -0.42 7.53
C LYS A 114 7.98 -0.74 8.29
N GLU A 115 9.06 0.02 8.08
CA GLU A 115 10.33 -0.21 8.75
C GLU A 115 10.15 -0.08 10.26
N ALA A 116 9.36 0.90 10.70
CA ALA A 116 9.08 1.13 12.11
C ALA A 116 8.33 -0.08 12.67
N VAL A 117 7.23 -0.50 12.02
CA VAL A 117 6.41 -1.63 12.43
C VAL A 117 7.28 -2.89 12.55
N ALA A 118 8.20 -3.15 11.62
CA ALA A 118 9.08 -4.32 11.69
C ALA A 118 9.93 -4.30 12.96
N GLN A 119 10.43 -3.13 13.37
CA GLN A 119 11.26 -2.97 14.58
C GLN A 119 10.42 -3.00 15.85
N LEU A 120 9.23 -2.41 15.78
CA LEU A 120 8.27 -2.36 16.89
C LEU A 120 7.79 -3.78 17.17
N LEU A 121 7.50 -4.55 16.12
CA LEU A 121 7.04 -5.92 16.24
C LEU A 121 8.23 -6.83 16.58
N ASN A 122 9.36 -6.70 15.88
CA ASN A 122 10.60 -7.48 16.04
C ASN A 122 10.43 -9.01 15.94
N ARG A 123 9.23 -9.48 15.60
CA ARG A 123 8.89 -10.90 15.49
C ARG A 123 8.65 -11.34 14.05
N PRO A 124 8.86 -12.63 13.73
CA PRO A 124 8.66 -13.16 12.38
C PRO A 124 7.23 -12.94 11.90
N ALA A 125 7.06 -12.14 10.84
CA ALA A 125 5.80 -11.79 10.23
C ALA A 125 6.00 -11.60 8.72
N ARG A 126 4.91 -11.67 7.97
CA ARG A 126 4.85 -11.51 6.52
C ARG A 126 4.12 -10.20 6.30
N PHE A 127 4.54 -9.43 5.31
CA PHE A 127 3.94 -8.13 5.01
C PHE A 127 3.65 -8.03 3.53
N TYR A 128 2.44 -7.57 3.21
CA TYR A 128 1.92 -7.38 1.86
C TYR A 128 1.40 -5.94 1.76
N LEU A 129 0.98 -5.53 0.55
CA LEU A 129 0.46 -4.19 0.27
C LEU A 129 -0.85 -4.31 -0.51
N ALA A 130 -1.95 -3.86 0.07
CA ALA A 130 -3.27 -3.86 -0.56
C ALA A 130 -3.77 -2.42 -0.62
N LEU A 131 -4.82 -2.18 -1.40
CA LEU A 131 -5.41 -0.86 -1.58
C LEU A 131 -6.08 -0.36 -0.29
N PRO A 132 -6.30 0.96 -0.16
CA PRO A 132 -6.92 1.54 1.02
C PRO A 132 -8.35 1.01 1.18
N GLN A 133 -9.11 0.90 0.08
CA GLN A 133 -10.49 0.42 0.13
C GLN A 133 -10.51 -1.05 0.54
N ALA A 134 -9.58 -1.86 0.02
CA ALA A 134 -9.51 -3.28 0.36
C ALA A 134 -9.27 -3.41 1.86
N TRP A 135 -8.37 -2.60 2.40
CA TRP A 135 -8.03 -2.60 3.82
C TRP A 135 -9.18 -2.10 4.68
N GLU A 136 -9.91 -1.09 4.19
CA GLU A 136 -11.04 -0.52 4.91
C GLU A 136 -12.04 -1.62 5.22
N GLU A 137 -12.28 -2.52 4.25
CA GLU A 137 -13.19 -3.62 4.46
C GLU A 137 -12.52 -4.69 5.31
N LEU A 138 -11.27 -5.07 5.01
CA LEU A 138 -10.52 -6.10 5.73
C LEU A 138 -10.48 -5.79 7.23
N PHE A 139 -10.22 -4.54 7.62
CA PHE A 139 -10.19 -4.12 9.01
C PHE A 139 -11.49 -4.56 9.69
N ARG A 140 -12.65 -4.39 9.04
CA ARG A 140 -13.95 -4.79 9.59
C ARG A 140 -14.00 -6.31 9.67
N ARG A 141 -13.55 -7.02 8.62
CA ARG A 141 -13.55 -8.49 8.61
C ARG A 141 -12.73 -9.04 9.79
N ALA A 142 -11.59 -8.42 10.09
CA ALA A 142 -10.67 -8.78 11.15
C ALA A 142 -11.15 -8.37 12.54
N TYR A 143 -11.89 -7.27 12.65
CA TYR A 143 -12.40 -6.78 13.93
C TYR A 143 -13.91 -6.55 13.78
N PRO A 144 -14.68 -7.64 13.66
CA PRO A 144 -16.13 -7.59 13.49
C PRO A 144 -16.84 -7.12 14.76
N GLN A 145 -18.13 -6.81 14.66
CA GLN A 145 -18.92 -6.36 15.81
C GLN A 145 -19.59 -7.55 16.48
N LYS A 146 -19.90 -7.38 17.76
CA LYS A 146 -20.56 -8.34 18.63
C LYS A 146 -21.94 -7.73 18.85
N GLY A 1 13.97 23.08 -7.05
CA GLY A 1 14.03 21.63 -6.86
C GLY A 1 13.71 21.29 -5.42
N SER A 2 12.96 20.21 -5.23
CA SER A 2 12.54 19.73 -3.93
C SER A 2 13.70 19.31 -3.03
N SER A 3 13.41 19.21 -1.74
CA SER A 3 14.36 18.81 -0.71
C SER A 3 14.69 17.32 -0.92
N GLY A 4 13.67 16.50 -1.15
CA GLY A 4 13.79 15.07 -1.39
C GLY A 4 13.85 14.83 -2.89
N GLU A 5 13.87 13.55 -3.30
CA GLU A 5 13.91 13.12 -4.69
C GLU A 5 12.72 13.70 -5.46
N GLY A 6 12.97 14.78 -6.21
CA GLY A 6 12.03 15.53 -7.03
C GLY A 6 10.63 15.54 -6.43
N GLN A 7 9.69 14.91 -7.12
CA GLN A 7 8.31 14.82 -6.69
C GLN A 7 7.84 13.38 -6.93
N LYS A 8 8.71 12.41 -6.63
CA LYS A 8 8.43 10.96 -6.80
C LYS A 8 8.08 10.63 -8.25
N ASP A 9 8.41 11.53 -9.16
CA ASP A 9 8.22 11.51 -10.59
C ASP A 9 9.01 10.36 -11.20
N LEU A 10 10.32 10.33 -10.95
CA LEU A 10 11.16 9.25 -11.48
C LEU A 10 10.76 7.94 -10.81
N LYS A 11 10.37 7.97 -9.53
CA LYS A 11 9.96 6.79 -8.78
C LYS A 11 8.82 6.05 -9.45
N LEU A 12 7.66 6.69 -9.63
CA LEU A 12 6.54 6.00 -10.29
C LEU A 12 6.79 5.87 -11.79
N GLY A 13 7.46 6.83 -12.42
CA GLY A 13 7.76 6.83 -13.84
C GLY A 13 8.52 5.57 -14.21
N GLU A 14 9.66 5.35 -13.55
CA GLU A 14 10.54 4.21 -13.76
C GLU A 14 9.78 2.89 -13.62
N LEU A 15 9.04 2.69 -12.53
CA LEU A 15 8.29 1.44 -12.30
C LEU A 15 7.27 1.14 -13.37
N LEU A 16 6.59 2.18 -13.87
CA LEU A 16 5.60 2.02 -14.92
C LEU A 16 6.32 1.74 -16.24
N LEU A 17 7.32 2.56 -16.59
CA LEU A 17 8.12 2.45 -17.80
C LEU A 17 8.86 1.11 -17.86
N GLN A 18 9.20 0.52 -16.72
CA GLN A 18 9.88 -0.76 -16.59
C GLN A 18 9.12 -1.83 -17.36
N LYS A 19 7.79 -1.85 -17.23
CA LYS A 19 6.92 -2.79 -17.93
C LYS A 19 6.26 -2.13 -19.14
N GLY A 20 6.24 -0.80 -19.21
CA GLY A 20 5.65 -0.01 -20.29
C GLY A 20 4.18 0.32 -20.00
N TRP A 21 3.76 0.29 -18.72
CA TRP A 21 2.37 0.55 -18.30
C TRP A 21 1.85 1.89 -18.82
N ILE A 22 2.63 2.95 -18.75
CA ILE A 22 2.24 4.28 -19.23
C ILE A 22 3.32 4.81 -20.17
N SER A 23 3.08 5.99 -20.72
CA SER A 23 3.95 6.68 -21.65
C SER A 23 4.45 7.96 -21.00
N ARG A 24 5.53 8.55 -21.54
CA ARG A 24 6.06 9.80 -20.99
C ARG A 24 5.02 10.90 -21.18
N GLU A 25 4.16 10.81 -22.19
CA GLU A 25 3.12 11.80 -22.42
C GLU A 25 2.24 11.92 -21.18
N ALA A 26 1.70 10.78 -20.72
CA ALA A 26 0.86 10.72 -19.55
C ALA A 26 1.59 11.21 -18.29
N LEU A 27 2.91 10.99 -18.26
CA LEU A 27 3.75 11.41 -17.15
C LEU A 27 3.73 12.93 -17.11
N GLU A 28 4.04 13.58 -18.24
CA GLU A 28 4.09 15.03 -18.41
C GLU A 28 2.72 15.63 -18.09
N GLU A 29 1.66 14.92 -18.50
CA GLU A 29 0.26 15.31 -18.30
C GLU A 29 -0.04 15.41 -16.82
N ALA A 30 0.35 14.38 -16.07
CA ALA A 30 0.12 14.32 -14.64
C ALA A 30 1.05 15.31 -13.90
N LEU A 31 2.28 15.43 -14.36
CA LEU A 31 3.33 16.30 -13.82
C LEU A 31 2.89 17.77 -13.78
N VAL A 32 2.02 18.23 -14.69
CA VAL A 32 1.55 19.61 -14.69
C VAL A 32 0.68 19.83 -13.45
N GLU A 33 -0.28 18.93 -13.18
CA GLU A 33 -1.14 19.04 -12.00
C GLU A 33 -0.26 18.94 -10.76
N GLN A 34 0.76 18.07 -10.79
CA GLN A 34 1.65 17.90 -9.68
C GLN A 34 2.46 19.18 -9.43
N GLU A 35 2.77 19.96 -10.46
CA GLU A 35 3.54 21.18 -10.30
C GLU A 35 2.74 22.28 -9.57
N LYS A 36 1.41 22.18 -9.54
CA LYS A 36 0.57 23.18 -8.86
C LYS A 36 0.13 22.70 -7.49
N THR A 37 -0.05 21.39 -7.27
CA THR A 37 -0.47 20.87 -5.97
C THR A 37 0.74 20.45 -5.13
N GLY A 38 1.74 19.84 -5.77
CA GLY A 38 2.97 19.32 -5.18
C GLY A 38 2.72 17.95 -4.55
N ASP A 39 1.53 17.36 -4.75
CA ASP A 39 1.12 16.08 -4.21
C ASP A 39 1.82 14.90 -4.93
N LEU A 40 1.24 13.70 -4.88
CA LEU A 40 1.74 12.46 -5.44
C LEU A 40 1.29 12.27 -6.91
N LEU A 41 2.25 12.17 -7.83
CA LEU A 41 2.04 12.00 -9.27
C LEU A 41 1.09 10.83 -9.58
N GLY A 42 1.26 9.73 -8.84
CA GLY A 42 0.46 8.52 -8.99
C GLY A 42 -1.04 8.76 -9.00
N ARG A 43 -1.57 9.53 -8.04
CA ARG A 43 -3.02 9.77 -8.04
C ARG A 43 -3.47 10.61 -9.21
N ILE A 44 -2.64 11.53 -9.71
CA ILE A 44 -2.99 12.37 -10.84
C ILE A 44 -3.17 11.43 -12.04
N LEU A 45 -2.27 10.44 -12.19
CA LEU A 45 -2.36 9.46 -13.28
C LEU A 45 -3.70 8.73 -13.16
N VAL A 46 -4.04 8.24 -11.97
CA VAL A 46 -5.29 7.54 -11.70
C VAL A 46 -6.47 8.48 -12.02
N ARG A 47 -6.40 9.76 -11.65
CA ARG A 47 -7.46 10.74 -11.93
C ARG A 47 -7.64 10.89 -13.44
N LYS A 48 -6.61 10.67 -14.26
CA LYS A 48 -6.68 10.73 -15.72
C LYS A 48 -7.38 9.45 -16.26
N GLY A 49 -8.01 8.65 -15.40
CA GLY A 49 -8.75 7.44 -15.75
C GLY A 49 -7.99 6.15 -15.54
N LEU A 50 -6.72 6.21 -15.16
CA LEU A 50 -5.94 5.00 -14.94
C LEU A 50 -6.49 4.24 -13.73
N PRO A 51 -6.31 2.92 -13.69
CA PRO A 51 -6.77 2.09 -12.60
C PRO A 51 -5.88 2.35 -11.38
N GLU A 52 -6.47 2.43 -10.19
CA GLU A 52 -5.72 2.67 -8.97
C GLU A 52 -4.90 1.43 -8.60
N GLU A 53 -5.32 0.23 -9.01
CA GLU A 53 -4.56 -1.00 -8.74
C GLU A 53 -3.15 -0.86 -9.33
N ALA A 54 -3.00 -0.20 -10.49
CA ALA A 54 -1.72 0.00 -11.15
C ALA A 54 -0.81 0.92 -10.33
N LEU A 55 -1.37 1.82 -9.53
CA LEU A 55 -0.62 2.73 -8.68
C LEU A 55 -0.08 1.91 -7.50
N TYR A 56 -0.98 1.26 -6.77
CA TYR A 56 -0.61 0.46 -5.60
C TYR A 56 0.30 -0.72 -5.95
N ARG A 57 0.13 -1.35 -7.11
CA ARG A 57 1.00 -2.47 -7.53
C ARG A 57 2.43 -1.96 -7.62
N ALA A 58 2.63 -0.82 -8.28
CA ALA A 58 3.94 -0.22 -8.42
C ALA A 58 4.48 0.14 -7.03
N LEU A 59 3.68 0.79 -6.20
CA LEU A 59 4.09 1.17 -4.84
C LEU A 59 4.57 -0.04 -4.05
N ALA A 60 3.98 -1.23 -4.24
CA ALA A 60 4.39 -2.43 -3.54
C ALA A 60 5.83 -2.75 -3.92
N GLU A 61 6.12 -2.81 -5.22
CA GLU A 61 7.45 -3.12 -5.73
C GLU A 61 8.46 -2.05 -5.28
N GLN A 62 8.06 -0.77 -5.29
CA GLN A 62 8.91 0.34 -4.88
C GLN A 62 9.37 0.12 -3.43
N LYS A 63 8.46 -0.30 -2.56
CA LYS A 63 8.72 -0.55 -1.15
C LYS A 63 9.32 -1.94 -0.91
N GLY A 64 9.44 -2.76 -1.95
CA GLY A 64 9.97 -4.11 -1.91
C GLY A 64 9.01 -5.00 -1.14
N LEU A 65 7.73 -4.96 -1.54
CA LEU A 65 6.60 -5.70 -1.03
C LEU A 65 5.86 -6.25 -2.26
N GLU A 66 4.94 -7.16 -2.02
CA GLU A 66 4.12 -7.81 -3.01
C GLU A 66 2.70 -7.27 -2.85
N PHE A 67 2.05 -7.08 -3.98
CA PHE A 67 0.69 -6.59 -4.07
C PHE A 67 -0.31 -7.69 -3.75
N LEU A 68 -1.30 -7.38 -2.92
CA LEU A 68 -2.35 -8.32 -2.55
C LEU A 68 -3.42 -8.18 -3.63
N GLU A 69 -3.83 -9.29 -4.21
CA GLU A 69 -4.81 -9.36 -5.28
C GLU A 69 -6.14 -8.73 -4.87
N SER A 70 -6.73 -9.17 -3.77
CA SER A 70 -8.00 -8.69 -3.25
C SER A 70 -8.21 -9.13 -1.80
N THR A 71 -9.36 -8.75 -1.21
CA THR A 71 -9.76 -9.06 0.15
C THR A 71 -11.14 -9.74 0.22
N GLU A 72 -11.87 -9.76 -0.90
CA GLU A 72 -13.20 -10.33 -1.07
C GLU A 72 -13.19 -11.87 -1.05
N GLY A 73 -12.88 -12.44 0.11
CA GLY A 73 -12.83 -13.88 0.28
C GLY A 73 -11.95 -14.32 1.44
N ILE A 74 -11.17 -13.43 2.04
CA ILE A 74 -10.30 -13.75 3.17
C ILE A 74 -11.18 -13.95 4.41
N VAL A 75 -10.68 -14.77 5.34
CA VAL A 75 -11.33 -15.04 6.62
C VAL A 75 -10.19 -14.76 7.61
N PRO A 76 -10.11 -13.56 8.19
CA PRO A 76 -9.05 -13.21 9.13
C PRO A 76 -9.18 -14.04 10.40
N ASP A 77 -8.13 -14.80 10.75
CA ASP A 77 -8.14 -15.65 11.94
C ASP A 77 -8.20 -14.79 13.22
N PRO A 78 -8.67 -15.36 14.34
CA PRO A 78 -8.79 -14.66 15.61
C PRO A 78 -7.47 -14.47 16.33
N SER A 79 -6.57 -15.46 16.36
CA SER A 79 -5.29 -15.33 17.04
C SER A 79 -4.42 -14.23 16.41
N ALA A 80 -4.62 -13.99 15.11
CA ALA A 80 -3.90 -12.97 14.36
C ALA A 80 -4.18 -11.58 14.94
N ALA A 81 -5.37 -11.37 15.48
CA ALA A 81 -5.80 -10.11 16.08
C ALA A 81 -5.15 -9.85 17.44
N LEU A 82 -4.51 -10.85 18.06
CA LEU A 82 -3.86 -10.70 19.37
C LEU A 82 -2.52 -9.95 19.29
N LEU A 83 -1.95 -9.75 18.10
CA LEU A 83 -0.66 -9.04 17.92
C LEU A 83 -0.89 -7.64 17.34
N LEU A 84 -1.98 -7.42 16.61
CA LEU A 84 -2.32 -6.12 16.05
C LEU A 84 -3.74 -5.84 16.53
N LEU A 85 -3.89 -4.86 17.43
CA LEU A 85 -5.18 -4.51 18.02
C LEU A 85 -6.10 -3.73 17.08
N ARG A 86 -7.39 -3.61 17.46
CA ARG A 86 -8.41 -2.92 16.68
C ARG A 86 -8.05 -1.45 16.46
N SER A 87 -7.72 -0.69 17.52
CA SER A 87 -7.36 0.71 17.38
C SER A 87 -5.95 0.83 16.78
N ASP A 88 -5.03 -0.07 17.18
CA ASP A 88 -3.64 -0.07 16.71
C ASP A 88 -3.54 -0.28 15.20
N ALA A 89 -4.48 -1.05 14.64
CA ALA A 89 -4.56 -1.34 13.23
C ALA A 89 -4.69 -0.03 12.44
N LEU A 90 -5.53 0.89 12.91
CA LEU A 90 -5.71 2.19 12.28
C LEU A 90 -4.50 3.08 12.56
N ARG A 91 -3.83 2.86 13.70
CA ARG A 91 -2.66 3.61 14.16
C ARG A 91 -1.49 3.46 13.20
N TYR A 92 -1.26 2.26 12.67
CA TYR A 92 -0.19 1.97 11.73
C TYR A 92 -0.67 1.41 10.37
N GLY A 93 -1.95 1.55 10.04
CA GLY A 93 -2.56 1.09 8.78
C GLY A 93 -2.21 -0.35 8.44
N ALA A 94 -2.39 -1.28 9.39
CA ALA A 94 -2.08 -2.69 9.23
C ALA A 94 -3.17 -3.57 9.80
N VAL A 95 -3.48 -4.69 9.16
CA VAL A 95 -4.50 -5.63 9.63
C VAL A 95 -3.98 -7.06 9.42
N PRO A 96 -3.93 -7.89 10.48
CA PRO A 96 -3.48 -9.27 10.44
C PRO A 96 -4.62 -10.20 10.00
N ILE A 97 -4.31 -11.22 9.22
CA ILE A 97 -5.26 -12.20 8.71
C ILE A 97 -5.03 -13.65 9.13
N GLY A 98 -3.89 -13.98 9.72
CA GLY A 98 -3.57 -15.33 10.13
C GLY A 98 -2.07 -15.54 10.13
N PHE A 99 -1.66 -16.79 10.30
CA PHE A 99 -0.25 -17.15 10.32
C PHE A 99 -0.01 -18.39 9.48
N GLN A 100 1.09 -18.37 8.72
CA GLN A 100 1.52 -19.45 7.84
C GLN A 100 3.01 -19.35 7.59
N ASN A 101 3.67 -20.51 7.52
CA ASN A 101 5.10 -20.65 7.28
C ASN A 101 5.95 -19.94 8.35
N GLY A 102 5.51 -20.09 9.60
CA GLY A 102 6.13 -19.55 10.78
C GLY A 102 5.93 -18.06 11.01
N GLU A 103 5.25 -17.33 10.12
CA GLU A 103 5.07 -15.89 10.26
C GLU A 103 3.60 -15.47 10.18
N VAL A 104 3.27 -14.34 10.82
CA VAL A 104 1.91 -13.78 10.83
C VAL A 104 1.80 -12.96 9.54
N GLU A 105 0.81 -13.26 8.71
CA GLU A 105 0.51 -12.64 7.43
C GLU A 105 -0.22 -11.31 7.61
N VAL A 106 0.44 -10.17 7.47
CA VAL A 106 -0.15 -8.85 7.66
C VAL A 106 -0.25 -8.12 6.32
N VAL A 107 -1.26 -7.27 6.15
CA VAL A 107 -1.44 -6.46 4.95
C VAL A 107 -1.65 -5.03 5.42
N LEU A 108 -1.15 -4.08 4.65
CA LEU A 108 -1.22 -2.65 4.93
C LEU A 108 -1.69 -1.88 3.71
N SER A 109 -2.02 -0.61 3.91
CA SER A 109 -2.46 0.33 2.88
C SER A 109 -1.49 1.51 2.80
N ASP A 110 -0.66 1.71 3.83
CA ASP A 110 0.35 2.77 3.91
C ASP A 110 1.66 2.13 4.40
N PRO A 111 2.44 1.47 3.52
CA PRO A 111 3.70 0.83 3.89
C PRO A 111 4.78 1.87 4.25
N ARG A 112 4.45 3.17 4.23
CA ARG A 112 5.29 4.31 4.54
C ARG A 112 5.98 4.15 5.91
N HIS A 113 5.29 3.53 6.87
CA HIS A 113 5.77 3.28 8.22
C HIS A 113 6.15 1.80 8.44
N LYS A 114 6.17 0.96 7.39
CA LYS A 114 6.51 -0.47 7.51
C LYS A 114 7.83 -0.65 8.26
N GLU A 115 8.89 0.06 7.87
CA GLU A 115 10.19 -0.04 8.54
C GLU A 115 10.08 0.22 10.04
N ALA A 116 9.42 1.32 10.42
CA ALA A 116 9.22 1.74 11.80
C ALA A 116 8.45 0.69 12.59
N VAL A 117 7.40 0.13 11.99
CA VAL A 117 6.57 -0.88 12.62
C VAL A 117 7.31 -2.21 12.72
N ALA A 118 8.17 -2.56 11.77
CA ALA A 118 8.91 -3.82 11.80
C ALA A 118 9.70 -3.91 13.11
N GLN A 119 10.42 -2.84 13.46
CA GLN A 119 11.19 -2.80 14.70
C GLN A 119 10.30 -2.81 15.93
N LEU A 120 9.18 -2.09 15.87
CA LEU A 120 8.20 -2.01 16.96
C LEU A 120 7.65 -3.40 17.28
N LEU A 121 7.30 -4.14 16.24
CA LEU A 121 6.74 -5.48 16.28
C LEU A 121 7.77 -6.49 16.75
N ASN A 122 8.99 -6.42 16.21
CA ASN A 122 10.12 -7.30 16.51
C ASN A 122 9.68 -8.77 16.68
N ARG A 123 8.89 -9.25 15.72
CA ARG A 123 8.39 -10.63 15.73
C ARG A 123 8.31 -11.20 14.30
N PRO A 124 8.23 -12.52 14.12
CA PRO A 124 8.15 -13.13 12.81
C PRO A 124 6.80 -12.80 12.16
N ALA A 125 6.82 -11.89 11.19
CA ALA A 125 5.65 -11.44 10.48
C ALA A 125 6.00 -11.15 9.03
N ARG A 126 5.05 -11.46 8.16
CA ARG A 126 5.03 -11.28 6.72
C ARG A 126 4.19 -10.03 6.50
N PHE A 127 4.50 -9.24 5.48
CA PHE A 127 3.77 -8.01 5.21
C PHE A 127 3.48 -7.91 3.72
N TYR A 128 2.34 -7.32 3.33
CA TYR A 128 1.91 -7.14 1.93
C TYR A 128 1.24 -5.78 1.77
N LEU A 129 0.88 -5.39 0.53
CA LEU A 129 0.25 -4.10 0.24
C LEU A 129 -1.09 -4.26 -0.49
N ALA A 130 -2.18 -3.73 0.05
CA ALA A 130 -3.53 -3.77 -0.52
C ALA A 130 -4.03 -2.33 -0.76
N LEU A 131 -4.99 -2.16 -1.66
CA LEU A 131 -5.57 -0.84 -1.96
C LEU A 131 -6.32 -0.36 -0.72
N PRO A 132 -6.45 0.96 -0.50
CA PRO A 132 -7.17 1.49 0.65
C PRO A 132 -8.67 1.12 0.62
N GLN A 133 -9.21 0.74 -0.55
CA GLN A 133 -10.61 0.34 -0.69
C GLN A 133 -10.81 -1.07 -0.11
N ALA A 134 -9.94 -2.01 -0.50
CA ALA A 134 -9.96 -3.40 -0.07
C ALA A 134 -9.60 -3.52 1.41
N TRP A 135 -8.56 -2.80 1.82
CA TRP A 135 -8.04 -2.80 3.19
C TRP A 135 -9.11 -2.31 4.18
N GLU A 136 -9.86 -1.27 3.81
CA GLU A 136 -10.91 -0.67 4.63
C GLU A 136 -11.96 -1.71 5.00
N GLU A 137 -12.44 -2.53 4.05
CA GLU A 137 -13.42 -3.55 4.35
C GLU A 137 -12.78 -4.63 5.21
N LEU A 138 -11.57 -5.10 4.85
CA LEU A 138 -10.83 -6.14 5.57
C LEU A 138 -10.75 -5.79 7.06
N PHE A 139 -10.45 -4.52 7.37
CA PHE A 139 -10.35 -4.02 8.73
C PHE A 139 -11.62 -4.38 9.53
N ARG A 140 -12.81 -4.18 8.93
CA ARG A 140 -14.08 -4.49 9.58
C ARG A 140 -14.23 -5.99 9.79
N ARG A 141 -13.74 -6.81 8.86
CA ARG A 141 -13.81 -8.27 8.95
C ARG A 141 -12.98 -8.74 10.13
N ALA A 142 -11.76 -8.23 10.26
CA ALA A 142 -10.83 -8.57 11.34
C ALA A 142 -11.34 -8.12 12.70
N TYR A 143 -11.93 -6.93 12.81
CA TYR A 143 -12.45 -6.40 14.07
C TYR A 143 -13.97 -6.24 13.99
N PRO A 144 -14.74 -7.34 14.06
CA PRO A 144 -16.20 -7.29 14.00
C PRO A 144 -16.79 -6.86 15.34
N GLN A 145 -18.11 -6.69 15.38
CA GLN A 145 -18.89 -6.32 16.56
C GLN A 145 -19.86 -7.45 16.86
N LYS A 146 -20.19 -7.65 18.15
CA LYS A 146 -21.12 -8.69 18.58
C LYS A 146 -22.39 -7.94 18.94
N GLY A 1 8.29 25.87 3.92
CA GLY A 1 9.72 25.76 3.58
C GLY A 1 10.07 24.39 3.03
N SER A 2 9.98 24.20 1.72
CA SER A 2 10.30 22.95 1.02
C SER A 2 10.95 23.28 -0.32
N SER A 3 11.73 22.33 -0.88
CA SER A 3 12.42 22.45 -2.15
C SER A 3 12.62 21.08 -2.79
N GLY A 4 11.62 20.59 -3.53
CA GLY A 4 11.65 19.29 -4.22
C GLY A 4 12.27 19.44 -5.61
N GLU A 5 12.45 18.33 -6.32
CA GLU A 5 13.05 18.26 -7.66
C GLU A 5 12.31 17.27 -8.54
N GLY A 6 12.12 16.05 -8.05
CA GLY A 6 11.45 14.96 -8.73
C GLY A 6 12.14 13.64 -8.39
N GLN A 7 11.54 12.81 -7.53
CA GLN A 7 12.10 11.51 -7.16
C GLN A 7 11.04 10.43 -7.13
N LYS A 8 10.00 10.57 -6.29
CA LYS A 8 8.92 9.58 -6.16
C LYS A 8 8.28 9.25 -7.48
N ASP A 9 8.11 10.30 -8.27
CA ASP A 9 7.48 10.35 -9.57
C ASP A 9 8.37 9.64 -10.58
N LEU A 10 9.70 9.80 -10.52
CA LEU A 10 10.61 9.09 -11.42
C LEU A 10 10.57 7.62 -11.01
N LYS A 11 10.62 7.34 -9.70
CA LYS A 11 10.61 5.97 -9.18
C LYS A 11 9.38 5.24 -9.69
N LEU A 12 8.18 5.82 -9.53
CA LEU A 12 6.91 5.26 -9.97
C LEU A 12 6.85 5.21 -11.50
N GLY A 13 7.25 6.29 -12.18
CA GLY A 13 7.24 6.41 -13.64
C GLY A 13 8.08 5.31 -14.27
N GLU A 14 9.34 5.22 -13.87
CA GLU A 14 10.32 4.25 -14.32
C GLU A 14 9.74 2.85 -14.09
N LEU A 15 9.18 2.57 -12.92
CA LEU A 15 8.59 1.28 -12.57
C LEU A 15 7.47 0.89 -13.55
N LEU A 16 6.60 1.84 -13.89
CA LEU A 16 5.48 1.64 -14.80
C LEU A 16 6.01 1.40 -16.21
N LEU A 17 6.91 2.26 -16.69
CA LEU A 17 7.54 2.23 -18.01
C LEU A 17 8.28 0.91 -18.21
N GLN A 18 8.96 0.41 -17.17
CA GLN A 18 9.72 -0.84 -17.24
C GLN A 18 8.81 -2.02 -17.62
N LYS A 19 7.51 -1.97 -17.31
CA LYS A 19 6.54 -3.00 -17.70
C LYS A 19 5.67 -2.53 -18.88
N GLY A 20 5.66 -1.23 -19.15
CA GLY A 20 4.89 -0.59 -20.21
C GLY A 20 3.49 -0.18 -19.76
N TRP A 21 3.25 -0.05 -18.44
CA TRP A 21 1.95 0.30 -17.88
C TRP A 21 1.48 1.71 -18.24
N ILE A 22 2.37 2.66 -18.52
CA ILE A 22 2.03 4.04 -18.89
C ILE A 22 2.97 4.52 -19.98
N SER A 23 2.66 5.70 -20.50
CA SER A 23 3.40 6.37 -21.54
C SER A 23 3.98 7.68 -20.98
N ARG A 24 5.00 8.21 -21.66
CA ARG A 24 5.66 9.44 -21.27
C ARG A 24 4.68 10.60 -21.27
N GLU A 25 3.70 10.59 -22.17
CA GLU A 25 2.68 11.60 -22.27
C GLU A 25 1.81 11.56 -21.02
N ALA A 26 1.41 10.37 -20.57
CA ALA A 26 0.59 10.24 -19.37
C ALA A 26 1.33 10.85 -18.17
N LEU A 27 2.65 10.70 -18.16
CA LEU A 27 3.53 11.20 -17.12
C LEU A 27 3.67 12.73 -17.20
N GLU A 28 4.02 13.31 -18.35
CA GLU A 28 4.19 14.76 -18.49
C GLU A 28 2.90 15.53 -18.21
N GLU A 29 1.75 14.97 -18.56
CA GLU A 29 0.44 15.58 -18.35
C GLU A 29 0.20 15.72 -16.85
N ALA A 30 0.68 14.71 -16.11
CA ALA A 30 0.57 14.63 -14.67
C ALA A 30 1.59 15.57 -14.00
N LEU A 31 2.83 15.61 -14.51
CA LEU A 31 3.94 16.42 -13.99
C LEU A 31 3.57 17.90 -13.94
N VAL A 32 2.82 18.38 -14.93
CA VAL A 32 2.40 19.77 -14.98
C VAL A 32 1.59 20.09 -13.74
N GLU A 33 0.65 19.21 -13.33
CA GLU A 33 -0.19 19.40 -12.16
C GLU A 33 0.70 19.30 -10.91
N GLN A 34 1.62 18.33 -10.84
CA GLN A 34 2.49 18.16 -9.69
C GLN A 34 3.33 19.41 -9.39
N GLU A 35 3.86 20.06 -10.43
CA GLU A 35 4.71 21.23 -10.25
C GLU A 35 3.95 22.41 -9.60
N LYS A 36 2.61 22.38 -9.63
CA LYS A 36 1.72 23.38 -9.02
C LYS A 36 1.00 22.86 -7.77
N THR A 37 0.79 21.57 -7.60
CA THR A 37 0.09 20.98 -6.45
C THR A 37 1.02 20.41 -5.36
N GLY A 38 2.21 19.95 -5.75
CA GLY A 38 3.26 19.37 -4.93
C GLY A 38 3.05 17.92 -4.52
N ASP A 39 1.84 17.40 -4.67
CA ASP A 39 1.48 16.04 -4.30
C ASP A 39 2.04 14.98 -5.28
N LEU A 40 2.05 13.73 -4.79
CA LEU A 40 2.51 12.52 -5.45
C LEU A 40 1.78 12.35 -6.78
N LEU A 41 2.55 12.41 -7.86
CA LEU A 41 2.10 12.30 -9.26
C LEU A 41 1.21 11.08 -9.52
N GLY A 42 1.38 9.99 -8.77
CA GLY A 42 0.57 8.79 -8.93
C GLY A 42 -0.92 9.10 -8.94
N ARG A 43 -1.40 9.93 -8.02
CA ARG A 43 -2.83 10.26 -8.00
C ARG A 43 -3.23 11.05 -9.25
N ILE A 44 -2.35 11.92 -9.75
CA ILE A 44 -2.55 12.74 -10.93
C ILE A 44 -2.73 11.80 -12.12
N LEU A 45 -1.96 10.69 -12.19
CA LEU A 45 -2.09 9.73 -13.29
C LEU A 45 -3.49 9.12 -13.21
N VAL A 46 -3.90 8.63 -12.04
CA VAL A 46 -5.22 8.01 -11.84
C VAL A 46 -6.33 9.02 -12.18
N ARG A 47 -6.20 10.27 -11.77
CA ARG A 47 -7.16 11.35 -12.01
C ARG A 47 -7.42 11.60 -13.48
N LYS A 48 -6.43 11.38 -14.36
CA LYS A 48 -6.57 11.58 -15.80
C LYS A 48 -7.38 10.42 -16.42
N GLY A 49 -7.83 9.45 -15.63
CA GLY A 49 -8.61 8.33 -16.14
C GLY A 49 -7.79 7.05 -16.22
N LEU A 50 -6.88 6.81 -15.29
CA LEU A 50 -6.02 5.62 -15.24
C LEU A 50 -6.49 4.72 -14.08
N PRO A 51 -6.17 3.41 -14.09
CA PRO A 51 -6.56 2.45 -13.06
C PRO A 51 -5.85 2.76 -11.73
N GLU A 52 -6.60 2.84 -10.64
CA GLU A 52 -6.01 3.12 -9.32
C GLU A 52 -5.21 1.92 -8.79
N GLU A 53 -5.65 0.69 -9.07
CA GLU A 53 -4.94 -0.50 -8.59
C GLU A 53 -3.51 -0.55 -9.10
N ALA A 54 -3.24 -0.02 -10.30
CA ALA A 54 -1.91 0.03 -10.89
C ALA A 54 -0.97 0.87 -10.01
N LEU A 55 -1.47 1.95 -9.42
CA LEU A 55 -0.68 2.84 -8.56
C LEU A 55 -0.25 2.06 -7.32
N TYR A 56 -1.19 1.41 -6.65
CA TYR A 56 -0.92 0.63 -5.45
C TYR A 56 0.01 -0.54 -5.79
N ARG A 57 -0.25 -1.27 -6.88
CA ARG A 57 0.59 -2.38 -7.31
C ARG A 57 2.03 -1.90 -7.52
N ALA A 58 2.19 -0.77 -8.19
CA ALA A 58 3.49 -0.18 -8.46
C ALA A 58 4.18 0.15 -7.13
N LEU A 59 3.47 0.81 -6.23
CA LEU A 59 4.00 1.17 -4.92
C LEU A 59 4.45 -0.07 -4.15
N ALA A 60 3.79 -1.23 -4.34
CA ALA A 60 4.18 -2.45 -3.66
C ALA A 60 5.53 -2.91 -4.21
N GLU A 61 5.66 -3.03 -5.53
CA GLU A 61 6.87 -3.46 -6.22
C GLU A 61 8.04 -2.53 -5.92
N GLN A 62 7.80 -1.21 -5.98
CA GLN A 62 8.79 -0.18 -5.70
C GLN A 62 9.35 -0.33 -4.27
N LYS A 63 8.60 -0.91 -3.34
CA LYS A 63 9.02 -1.14 -1.95
C LYS A 63 9.49 -2.58 -1.72
N GLY A 64 9.28 -3.47 -2.69
CA GLY A 64 9.64 -4.88 -2.63
C GLY A 64 8.55 -5.67 -1.90
N LEU A 65 7.32 -5.16 -1.89
CA LEU A 65 6.17 -5.77 -1.25
C LEU A 65 5.35 -6.48 -2.32
N GLU A 66 4.66 -7.52 -1.89
CA GLU A 66 3.82 -8.34 -2.71
C GLU A 66 2.42 -7.73 -2.59
N PHE A 67 1.80 -7.44 -3.73
CA PHE A 67 0.48 -6.85 -3.81
C PHE A 67 -0.58 -7.92 -3.54
N LEU A 68 -1.74 -7.49 -3.04
CA LEU A 68 -2.87 -8.32 -2.70
C LEU A 68 -4.05 -7.92 -3.57
N GLU A 69 -4.49 -8.85 -4.42
CA GLU A 69 -5.60 -8.69 -5.35
C GLU A 69 -6.86 -8.18 -4.68
N SER A 70 -7.29 -8.82 -3.60
CA SER A 70 -8.50 -8.47 -2.87
C SER A 70 -8.45 -9.13 -1.48
N THR A 71 -9.43 -8.77 -0.65
CA THR A 71 -9.62 -9.24 0.71
C THR A 71 -10.95 -9.97 0.89
N GLU A 72 -11.81 -9.99 -0.14
CA GLU A 72 -13.14 -10.61 -0.11
C GLU A 72 -13.17 -12.12 0.12
N GLY A 73 -12.02 -12.81 0.13
CA GLY A 73 -11.94 -14.25 0.33
C GLY A 73 -11.00 -14.64 1.47
N ILE A 74 -10.58 -13.71 2.33
CA ILE A 74 -9.68 -14.02 3.43
C ILE A 74 -10.47 -14.49 4.65
N VAL A 75 -9.78 -15.12 5.59
CA VAL A 75 -10.28 -15.64 6.84
C VAL A 75 -9.32 -15.07 7.89
N PRO A 76 -9.66 -13.95 8.57
CA PRO A 76 -8.79 -13.36 9.58
C PRO A 76 -8.82 -14.27 10.82
N ASP A 77 -7.80 -15.12 10.98
CA ASP A 77 -7.74 -16.04 12.10
C ASP A 77 -7.66 -15.26 13.43
N PRO A 78 -8.41 -15.65 14.48
CA PRO A 78 -8.45 -14.95 15.76
C PRO A 78 -7.10 -14.85 16.45
N SER A 79 -6.30 -15.91 16.48
CA SER A 79 -5.00 -15.85 17.13
C SER A 79 -4.07 -14.82 16.47
N ALA A 80 -4.32 -14.46 15.20
CA ALA A 80 -3.52 -13.46 14.49
C ALA A 80 -3.85 -12.06 15.02
N ALA A 81 -5.08 -11.84 15.45
CA ALA A 81 -5.56 -10.57 16.00
C ALA A 81 -5.02 -10.33 17.42
N LEU A 82 -4.44 -11.34 18.08
CA LEU A 82 -3.90 -11.19 19.43
C LEU A 82 -2.72 -10.20 19.46
N LEU A 83 -1.82 -10.29 18.48
CA LEU A 83 -0.62 -9.45 18.36
C LEU A 83 -0.90 -8.04 17.82
N LEU A 84 -1.99 -7.84 17.08
CA LEU A 84 -2.37 -6.55 16.53
C LEU A 84 -3.79 -6.24 16.98
N LEU A 85 -3.98 -5.25 17.86
CA LEU A 85 -5.31 -4.91 18.36
C LEU A 85 -6.07 -4.04 17.36
N ARG A 86 -7.39 -3.89 17.54
CA ARG A 86 -8.21 -3.09 16.65
C ARG A 86 -7.74 -1.62 16.58
N SER A 87 -7.60 -0.94 17.72
CA SER A 87 -7.16 0.45 17.66
C SER A 87 -5.72 0.53 17.15
N ASP A 88 -4.87 -0.43 17.50
CA ASP A 88 -3.47 -0.45 17.07
C ASP A 88 -3.39 -0.68 15.55
N ALA A 89 -4.32 -1.43 14.96
CA ALA A 89 -4.40 -1.71 13.53
C ALA A 89 -4.60 -0.39 12.82
N LEU A 90 -5.51 0.44 13.31
CA LEU A 90 -5.78 1.75 12.73
C LEU A 90 -4.60 2.71 12.93
N ARG A 91 -3.81 2.52 14.00
CA ARG A 91 -2.66 3.35 14.32
C ARG A 91 -1.63 3.31 13.20
N TYR A 92 -1.38 2.15 12.58
CA TYR A 92 -0.41 1.97 11.50
C TYR A 92 -1.04 1.46 10.19
N GLY A 93 -2.38 1.49 10.07
CA GLY A 93 -3.10 1.01 8.90
C GLY A 93 -2.69 -0.43 8.54
N ALA A 94 -2.63 -1.32 9.53
CA ALA A 94 -2.22 -2.72 9.39
C ALA A 94 -3.24 -3.69 9.98
N VAL A 95 -3.52 -4.83 9.35
CA VAL A 95 -4.45 -5.82 9.90
C VAL A 95 -3.88 -7.23 9.67
N PRO A 96 -3.71 -8.03 10.74
CA PRO A 96 -3.23 -9.39 10.65
C PRO A 96 -4.37 -10.25 10.10
N ILE A 97 -4.03 -11.34 9.41
CA ILE A 97 -5.02 -12.23 8.83
C ILE A 97 -4.76 -13.70 9.14
N GLY A 98 -3.62 -14.05 9.73
CA GLY A 98 -3.34 -15.45 10.03
C GLY A 98 -1.86 -15.64 10.30
N PHE A 99 -1.45 -16.88 10.55
CA PHE A 99 -0.08 -17.23 10.84
C PHE A 99 0.30 -18.35 9.88
N GLN A 100 1.32 -18.12 9.06
CA GLN A 100 1.79 -19.07 8.07
C GLN A 100 3.30 -18.99 7.91
N ASN A 101 3.96 -20.13 7.74
CA ASN A 101 5.41 -20.30 7.58
C ASN A 101 6.18 -19.65 8.74
N GLY A 102 5.59 -19.63 9.94
CA GLY A 102 6.21 -19.05 11.13
C GLY A 102 6.14 -17.52 11.16
N GLU A 103 5.48 -16.88 10.20
CA GLU A 103 5.30 -15.43 10.12
C GLU A 103 3.81 -15.16 10.32
N VAL A 104 3.41 -13.98 10.78
CA VAL A 104 1.98 -13.63 10.91
C VAL A 104 1.75 -12.83 9.64
N GLU A 105 0.79 -13.23 8.81
CA GLU A 105 0.46 -12.53 7.58
C GLU A 105 -0.30 -11.27 7.97
N VAL A 106 0.19 -10.11 7.52
CA VAL A 106 -0.38 -8.79 7.79
C VAL A 106 -0.52 -8.06 6.45
N VAL A 107 -1.58 -7.28 6.30
CA VAL A 107 -1.88 -6.50 5.12
C VAL A 107 -1.92 -5.05 5.60
N LEU A 108 -1.23 -4.13 4.91
CA LEU A 108 -1.17 -2.72 5.30
C LEU A 108 -1.47 -1.85 4.08
N SER A 109 -2.45 -0.97 4.19
CA SER A 109 -2.83 -0.06 3.11
C SER A 109 -1.87 1.12 3.00
N ASP A 110 -1.02 1.36 4.00
CA ASP A 110 -0.06 2.45 4.01
C ASP A 110 1.32 1.93 4.39
N PRO A 111 2.08 1.34 3.45
CA PRO A 111 3.42 0.79 3.68
C PRO A 111 4.49 1.86 3.87
N ARG A 112 4.13 3.14 4.05
CA ARG A 112 5.10 4.21 4.26
C ARG A 112 5.79 4.05 5.62
N HIS A 113 5.19 3.36 6.59
CA HIS A 113 5.75 3.12 7.91
C HIS A 113 6.04 1.63 8.13
N LYS A 114 6.15 0.80 7.07
CA LYS A 114 6.42 -0.65 7.17
C LYS A 114 7.63 -0.89 8.05
N GLU A 115 8.72 -0.20 7.75
CA GLU A 115 9.97 -0.31 8.48
C GLU A 115 9.79 0.01 9.97
N ALA A 116 8.94 0.99 10.31
CA ALA A 116 8.69 1.39 11.69
C ALA A 116 7.87 0.30 12.38
N VAL A 117 6.79 -0.16 11.74
CA VAL A 117 5.91 -1.20 12.25
C VAL A 117 6.74 -2.45 12.53
N ALA A 118 7.59 -2.86 11.58
CA ALA A 118 8.45 -4.02 11.72
C ALA A 118 9.33 -3.85 12.96
N GLN A 119 10.00 -2.70 13.10
CA GLN A 119 10.85 -2.47 14.26
C GLN A 119 10.08 -2.50 15.57
N LEU A 120 8.92 -1.84 15.61
CA LEU A 120 8.08 -1.77 16.80
C LEU A 120 7.64 -3.16 17.23
N LEU A 121 7.13 -3.93 16.26
CA LEU A 121 6.63 -5.29 16.48
C LEU A 121 7.74 -6.23 16.90
N ASN A 122 8.93 -6.13 16.30
CA ASN A 122 10.09 -6.98 16.57
C ASN A 122 9.74 -8.47 16.64
N ARG A 123 8.82 -8.93 15.78
CA ARG A 123 8.37 -10.33 15.73
C ARG A 123 8.22 -10.79 14.28
N PRO A 124 8.36 -12.09 13.98
CA PRO A 124 8.24 -12.62 12.62
C PRO A 124 6.86 -12.36 12.04
N ALA A 125 6.77 -11.44 11.07
CA ALA A 125 5.54 -11.05 10.40
C ALA A 125 5.79 -10.71 8.93
N ARG A 126 4.86 -11.11 8.07
CA ARG A 126 4.84 -10.90 6.63
C ARG A 126 3.97 -9.66 6.41
N PHE A 127 4.36 -8.78 5.50
CA PHE A 127 3.64 -7.54 5.23
C PHE A 127 3.29 -7.45 3.74
N TYR A 128 2.00 -7.35 3.38
CA TYR A 128 1.51 -7.27 2.00
C TYR A 128 0.79 -5.93 1.77
N LEU A 129 0.51 -5.55 0.52
CA LEU A 129 -0.14 -4.28 0.17
C LEU A 129 -1.45 -4.46 -0.59
N ALA A 130 -2.54 -3.90 -0.08
CA ALA A 130 -3.87 -3.94 -0.69
C ALA A 130 -4.44 -2.51 -0.69
N LEU A 131 -5.45 -2.26 -1.51
CA LEU A 131 -6.10 -0.94 -1.61
C LEU A 131 -6.80 -0.57 -0.29
N PRO A 132 -7.09 0.72 -0.02
CA PRO A 132 -7.76 1.15 1.20
C PRO A 132 -9.17 0.57 1.29
N GLN A 133 -9.89 0.39 0.18
CA GLN A 133 -11.24 -0.17 0.20
C GLN A 133 -11.15 -1.62 0.71
N ALA A 134 -10.17 -2.38 0.21
CA ALA A 134 -9.94 -3.76 0.61
C ALA A 134 -9.57 -3.83 2.10
N TRP A 135 -8.85 -2.82 2.60
CA TRP A 135 -8.43 -2.73 3.99
C TRP A 135 -9.61 -2.43 4.90
N GLU A 136 -10.46 -1.48 4.50
CA GLU A 136 -11.65 -1.06 5.23
C GLU A 136 -12.54 -2.28 5.48
N GLU A 137 -12.65 -3.13 4.46
CA GLU A 137 -13.43 -4.36 4.48
C GLU A 137 -12.87 -5.35 5.49
N LEU A 138 -11.59 -5.74 5.32
CA LEU A 138 -10.92 -6.69 6.17
C LEU A 138 -10.99 -6.25 7.64
N PHE A 139 -10.73 -4.97 7.92
CA PHE A 139 -10.75 -4.44 9.28
C PHE A 139 -12.08 -4.74 10.00
N ARG A 140 -13.22 -4.73 9.29
CA ARG A 140 -14.52 -5.04 9.90
C ARG A 140 -14.60 -6.51 10.30
N ARG A 141 -14.06 -7.40 9.45
CA ARG A 141 -14.06 -8.85 9.62
C ARG A 141 -13.09 -9.27 10.73
N ALA A 142 -11.87 -8.74 10.74
CA ALA A 142 -10.85 -9.05 11.74
C ALA A 142 -11.27 -8.62 13.14
N TYR A 143 -11.89 -7.44 13.24
CA TYR A 143 -12.33 -6.87 14.50
C TYR A 143 -13.85 -6.64 14.47
N PRO A 144 -14.65 -7.71 14.60
CA PRO A 144 -16.10 -7.62 14.58
C PRO A 144 -16.70 -7.19 15.93
N GLN A 145 -17.96 -6.78 15.88
CA GLN A 145 -18.74 -6.34 17.03
C GLN A 145 -19.80 -7.39 17.33
N LYS A 146 -20.27 -7.44 18.57
CA LYS A 146 -21.30 -8.35 19.04
C LYS A 146 -22.16 -7.53 19.98
N GLY A 1 9.45 27.30 1.61
CA GLY A 1 8.87 25.95 1.56
C GLY A 1 9.92 24.95 1.11
N SER A 2 9.47 23.86 0.47
CA SER A 2 10.31 22.78 -0.03
C SER A 2 11.39 23.26 -1.02
N SER A 3 12.32 22.36 -1.34
CA SER A 3 13.42 22.55 -2.27
C SER A 3 13.46 21.32 -3.19
N GLY A 4 14.22 21.40 -4.29
CA GLY A 4 14.31 20.32 -5.26
C GLY A 4 13.14 20.43 -6.24
N GLU A 5 13.27 19.79 -7.40
CA GLU A 5 12.26 19.82 -8.46
C GLU A 5 11.29 18.66 -8.28
N GLY A 6 11.64 17.45 -8.72
CA GLY A 6 10.77 16.28 -8.60
C GLY A 6 11.59 15.01 -8.41
N GLN A 7 11.08 14.13 -7.55
CA GLN A 7 11.67 12.83 -7.23
C GLN A 7 10.59 11.79 -6.93
N LYS A 8 9.31 12.19 -6.84
CA LYS A 8 8.17 11.31 -6.56
C LYS A 8 7.57 10.80 -7.86
N ASP A 9 7.98 11.39 -8.97
CA ASP A 9 7.60 11.08 -10.35
C ASP A 9 8.37 9.86 -10.80
N LEU A 10 9.69 9.90 -10.72
CA LEU A 10 10.61 8.84 -11.14
C LEU A 10 10.27 7.49 -10.52
N LYS A 11 9.82 7.48 -9.26
CA LYS A 11 9.47 6.24 -8.56
C LYS A 11 8.31 5.56 -9.27
N LEU A 12 7.28 6.32 -9.65
CA LEU A 12 6.13 5.78 -10.36
C LEU A 12 6.52 5.49 -11.81
N GLY A 13 7.15 6.47 -12.46
CA GLY A 13 7.56 6.42 -13.85
C GLY A 13 8.40 5.20 -14.18
N GLU A 14 9.53 5.00 -13.51
CA GLU A 14 10.41 3.85 -13.79
C GLU A 14 9.69 2.51 -13.58
N LEU A 15 8.93 2.35 -12.48
CA LEU A 15 8.22 1.10 -12.22
C LEU A 15 7.20 0.80 -13.30
N LEU A 16 6.42 1.82 -13.69
CA LEU A 16 5.41 1.70 -14.73
C LEU A 16 6.09 1.43 -16.08
N LEU A 17 7.17 2.15 -16.39
CA LEU A 17 7.92 2.02 -17.63
C LEU A 17 8.49 0.62 -17.78
N GLN A 18 8.83 -0.04 -16.68
CA GLN A 18 9.37 -1.39 -16.70
C GLN A 18 8.44 -2.33 -17.47
N LYS A 19 7.14 -2.19 -17.28
CA LYS A 19 6.11 -2.99 -17.95
C LYS A 19 5.47 -2.22 -19.11
N GLY A 20 5.60 -0.90 -19.17
CA GLY A 20 5.01 -0.06 -20.21
C GLY A 20 3.52 0.16 -19.88
N TRP A 21 3.21 0.45 -18.62
CA TRP A 21 1.84 0.69 -18.16
C TRP A 21 1.29 2.05 -18.57
N ILE A 22 2.11 3.10 -18.64
CA ILE A 22 1.72 4.46 -19.03
C ILE A 22 2.72 4.98 -20.08
N SER A 23 2.56 6.21 -20.55
CA SER A 23 3.43 6.82 -21.54
C SER A 23 4.04 8.11 -21.03
N ARG A 24 5.10 8.59 -21.70
CA ARG A 24 5.78 9.83 -21.33
C ARG A 24 4.79 11.00 -21.34
N GLU A 25 3.78 10.94 -22.21
CA GLU A 25 2.74 11.95 -22.34
C GLU A 25 1.89 11.95 -21.07
N ALA A 26 1.39 10.79 -20.66
CA ALA A 26 0.59 10.66 -19.44
C ALA A 26 1.39 11.11 -18.21
N LEU A 27 2.70 10.83 -18.22
CA LEU A 27 3.62 11.19 -17.15
C LEU A 27 3.70 12.71 -17.06
N GLU A 28 4.00 13.38 -18.17
CA GLU A 28 4.12 14.83 -18.31
C GLU A 28 2.81 15.51 -17.92
N GLU A 29 1.69 14.93 -18.34
CA GLU A 29 0.37 15.46 -18.05
C GLU A 29 0.20 15.60 -16.54
N ALA A 30 0.54 14.55 -15.79
CA ALA A 30 0.46 14.50 -14.34
C ALA A 30 1.57 15.31 -13.66
N LEU A 31 2.78 15.31 -14.20
CA LEU A 31 3.95 16.00 -13.66
C LEU A 31 3.68 17.46 -13.37
N VAL A 32 2.94 18.13 -14.25
CA VAL A 32 2.60 19.54 -14.13
C VAL A 32 1.94 19.81 -12.77
N GLU A 33 1.09 18.91 -12.26
CA GLU A 33 0.44 19.09 -10.97
C GLU A 33 1.44 18.83 -9.84
N GLN A 34 2.41 17.92 -10.00
CA GLN A 34 3.41 17.64 -8.97
C GLN A 34 4.27 18.87 -8.75
N GLU A 35 4.60 19.63 -9.79
CA GLU A 35 5.44 20.82 -9.63
C GLU A 35 4.80 21.85 -8.70
N LYS A 36 3.50 22.09 -8.88
CA LYS A 36 2.71 23.05 -8.12
C LYS A 36 2.19 22.55 -6.78
N THR A 37 2.06 21.25 -6.57
CA THR A 37 1.56 20.69 -5.30
C THR A 37 2.66 20.06 -4.44
N GLY A 38 3.76 19.62 -5.06
CA GLY A 38 4.88 18.97 -4.41
C GLY A 38 4.43 17.62 -3.83
N ASP A 39 3.43 16.98 -4.42
CA ASP A 39 2.86 15.71 -3.99
C ASP A 39 3.29 14.51 -4.86
N LEU A 40 2.80 13.32 -4.54
CA LEU A 40 3.10 12.08 -5.27
C LEU A 40 2.48 12.15 -6.67
N LEU A 41 3.17 11.64 -7.69
CA LEU A 41 2.68 11.61 -9.07
C LEU A 41 1.48 10.66 -9.21
N GLY A 42 1.46 9.58 -8.44
CA GLY A 42 0.42 8.55 -8.45
C GLY A 42 -0.99 9.10 -8.39
N ARG A 43 -1.34 9.84 -7.35
CA ARG A 43 -2.68 10.42 -7.22
C ARG A 43 -3.09 11.22 -8.46
N ILE A 44 -2.17 11.99 -9.05
CA ILE A 44 -2.45 12.81 -10.23
C ILE A 44 -2.74 11.89 -11.41
N LEU A 45 -1.91 10.86 -11.62
CA LEU A 45 -2.11 9.91 -12.71
C LEU A 45 -3.51 9.29 -12.54
N VAL A 46 -3.85 8.79 -11.36
CA VAL A 46 -5.14 8.19 -11.08
C VAL A 46 -6.26 9.22 -11.30
N ARG A 47 -6.10 10.49 -10.87
CA ARG A 47 -7.12 11.53 -11.06
C ARG A 47 -7.41 11.74 -12.54
N LYS A 48 -6.47 11.44 -13.44
CA LYS A 48 -6.68 11.57 -14.88
C LYS A 48 -7.55 10.42 -15.42
N GLY A 49 -8.08 9.56 -14.54
CA GLY A 49 -8.94 8.45 -14.90
C GLY A 49 -8.21 7.11 -14.95
N LEU A 50 -6.92 7.09 -14.57
CA LEU A 50 -6.12 5.87 -14.57
C LEU A 50 -6.56 4.99 -13.39
N PRO A 51 -6.31 3.67 -13.44
CA PRO A 51 -6.68 2.73 -12.39
C PRO A 51 -5.89 2.99 -11.11
N GLU A 52 -6.58 3.04 -9.96
CA GLU A 52 -5.94 3.27 -8.67
C GLU A 52 -5.14 2.02 -8.27
N GLU A 53 -5.58 0.84 -8.69
CA GLU A 53 -4.87 -0.41 -8.38
C GLU A 53 -3.45 -0.35 -8.91
N ALA A 54 -3.20 0.31 -10.03
CA ALA A 54 -1.87 0.41 -10.63
C ALA A 54 -0.91 1.17 -9.71
N LEU A 55 -1.43 2.11 -8.91
CA LEU A 55 -0.62 2.88 -7.97
C LEU A 55 -0.16 1.93 -6.87
N TYR A 56 -1.11 1.21 -6.27
CA TYR A 56 -0.81 0.26 -5.20
C TYR A 56 0.09 -0.86 -5.71
N ARG A 57 -0.18 -1.43 -6.86
CA ARG A 57 0.63 -2.50 -7.45
C ARG A 57 2.08 -2.03 -7.60
N ALA A 58 2.30 -0.80 -8.06
CA ALA A 58 3.64 -0.24 -8.21
C ALA A 58 4.28 -0.07 -6.82
N LEU A 59 3.56 0.57 -5.90
CA LEU A 59 4.00 0.82 -4.53
C LEU A 59 4.43 -0.47 -3.81
N ALA A 60 3.88 -1.63 -4.16
CA ALA A 60 4.25 -2.89 -3.55
C ALA A 60 5.72 -3.16 -3.89
N GLU A 61 6.06 -3.09 -5.18
CA GLU A 61 7.40 -3.30 -5.69
C GLU A 61 8.31 -2.19 -5.13
N GLN A 62 7.81 -0.96 -5.06
CA GLN A 62 8.56 0.17 -4.54
C GLN A 62 9.02 -0.07 -3.09
N LYS A 63 8.34 -0.91 -2.32
CA LYS A 63 8.70 -1.24 -0.94
C LYS A 63 9.30 -2.64 -0.82
N GLY A 64 9.23 -3.43 -1.87
CA GLY A 64 9.72 -4.80 -1.89
C GLY A 64 8.72 -5.71 -1.21
N LEU A 65 7.44 -5.52 -1.51
CA LEU A 65 6.29 -6.25 -1.01
C LEU A 65 5.54 -6.78 -2.23
N GLU A 66 4.64 -7.75 -2.04
CA GLU A 66 3.85 -8.32 -3.10
C GLU A 66 2.42 -7.76 -2.97
N PHE A 67 1.72 -7.72 -4.11
CA PHE A 67 0.37 -7.23 -4.22
C PHE A 67 -0.67 -8.33 -4.01
N LEU A 68 -1.66 -8.02 -3.18
CA LEU A 68 -2.79 -8.89 -2.84
C LEU A 68 -3.84 -8.65 -3.91
N GLU A 69 -4.30 -9.69 -4.62
CA GLU A 69 -5.31 -9.52 -5.67
C GLU A 69 -6.61 -8.93 -5.12
N SER A 70 -7.16 -9.57 -4.08
CA SER A 70 -8.39 -9.17 -3.43
C SER A 70 -8.49 -9.90 -2.09
N THR A 71 -9.23 -9.32 -1.16
CA THR A 71 -9.46 -9.87 0.17
C THR A 71 -10.63 -10.88 0.15
N GLU A 72 -11.27 -11.02 -1.01
CA GLU A 72 -12.39 -11.85 -1.46
C GLU A 72 -13.07 -12.68 -0.35
N GLY A 73 -12.42 -13.74 0.14
CA GLY A 73 -12.95 -14.63 1.16
C GLY A 73 -11.96 -15.08 2.22
N ILE A 74 -10.96 -14.25 2.54
CA ILE A 74 -9.94 -14.53 3.55
C ILE A 74 -10.62 -14.88 4.89
N VAL A 75 -9.94 -15.66 5.75
CA VAL A 75 -10.43 -16.03 7.05
C VAL A 75 -9.48 -15.36 8.04
N PRO A 76 -9.82 -14.16 8.54
CA PRO A 76 -8.98 -13.45 9.49
C PRO A 76 -9.06 -14.21 10.81
N ASP A 77 -8.05 -15.01 11.11
CA ASP A 77 -8.07 -15.80 12.33
C ASP A 77 -7.96 -14.93 13.58
N PRO A 78 -8.57 -15.36 14.71
CA PRO A 78 -8.55 -14.63 15.96
C PRO A 78 -7.18 -14.66 16.60
N SER A 79 -6.41 -15.74 16.41
CA SER A 79 -5.08 -15.88 16.97
C SER A 79 -4.18 -14.76 16.39
N ALA A 80 -4.46 -14.36 15.16
CA ALA A 80 -3.80 -13.29 14.42
C ALA A 80 -4.15 -11.94 15.03
N ALA A 81 -5.38 -11.75 15.52
CA ALA A 81 -5.83 -10.50 16.14
C ALA A 81 -5.25 -10.31 17.55
N LEU A 82 -4.68 -11.36 18.15
CA LEU A 82 -4.09 -11.26 19.50
C LEU A 82 -2.82 -10.40 19.51
N LEU A 83 -2.24 -10.05 18.35
CA LEU A 83 -1.03 -9.24 18.22
C LEU A 83 -1.30 -7.86 17.63
N LEU A 84 -2.36 -7.67 16.83
CA LEU A 84 -2.70 -6.38 16.24
C LEU A 84 -4.16 -6.06 16.59
N LEU A 85 -4.40 -5.04 17.42
CA LEU A 85 -5.74 -4.63 17.88
C LEU A 85 -6.45 -3.72 16.87
N ARG A 86 -7.78 -3.58 16.96
CA ARG A 86 -8.57 -2.74 16.06
C ARG A 86 -8.11 -1.28 16.06
N SER A 87 -7.91 -0.68 17.24
CA SER A 87 -7.47 0.72 17.32
C SER A 87 -6.07 0.86 16.73
N ASP A 88 -5.18 -0.08 17.04
CA ASP A 88 -3.79 -0.13 16.60
C ASP A 88 -3.71 -0.36 15.09
N ALA A 89 -4.67 -1.10 14.52
CA ALA A 89 -4.75 -1.40 13.09
C ALA A 89 -4.93 -0.11 12.29
N LEU A 90 -5.72 0.85 12.79
CA LEU A 90 -5.91 2.12 12.08
C LEU A 90 -4.66 2.99 12.21
N ARG A 91 -3.94 2.86 13.33
CA ARG A 91 -2.73 3.62 13.66
C ARG A 91 -1.62 3.47 12.63
N TYR A 92 -1.33 2.27 12.14
CA TYR A 92 -0.31 2.02 11.13
C TYR A 92 -0.87 1.38 9.86
N GLY A 93 -2.21 1.34 9.72
CA GLY A 93 -2.91 0.77 8.58
C GLY A 93 -2.57 -0.70 8.38
N ALA A 94 -2.43 -1.52 9.44
CA ALA A 94 -2.09 -2.94 9.35
C ALA A 94 -3.18 -3.87 9.91
N VAL A 95 -3.48 -4.98 9.23
CA VAL A 95 -4.49 -5.95 9.71
C VAL A 95 -3.94 -7.38 9.52
N PRO A 96 -3.83 -8.18 10.59
CA PRO A 96 -3.34 -9.57 10.56
C PRO A 96 -4.47 -10.52 10.16
N ILE A 97 -4.20 -11.46 9.26
CA ILE A 97 -5.17 -12.43 8.74
C ILE A 97 -4.97 -13.90 9.17
N GLY A 98 -3.82 -14.24 9.74
CA GLY A 98 -3.51 -15.60 10.17
C GLY A 98 -2.00 -15.81 10.24
N PHE A 99 -1.58 -17.01 10.63
CA PHE A 99 -0.16 -17.38 10.73
C PHE A 99 0.22 -18.47 9.74
N GLN A 100 1.38 -18.31 9.13
CA GLN A 100 1.94 -19.21 8.13
C GLN A 100 3.45 -19.05 8.14
N ASN A 101 4.16 -20.16 8.00
CA ASN A 101 5.62 -20.26 7.95
C ASN A 101 6.28 -19.58 9.14
N GLY A 102 5.68 -19.79 10.32
CA GLY A 102 6.13 -19.25 11.59
C GLY A 102 5.92 -17.76 11.75
N GLU A 103 5.42 -17.06 10.73
CA GLU A 103 5.19 -15.62 10.78
C GLU A 103 3.69 -15.36 10.84
N VAL A 104 3.31 -14.11 11.00
CA VAL A 104 1.92 -13.67 11.04
C VAL A 104 1.78 -12.83 9.77
N GLU A 105 0.87 -13.23 8.89
CA GLU A 105 0.60 -12.58 7.61
C GLU A 105 -0.13 -11.25 7.80
N VAL A 106 0.56 -10.12 7.70
CA VAL A 106 -0.05 -8.81 7.85
C VAL A 106 -0.18 -8.20 6.47
N VAL A 107 -1.23 -7.41 6.26
CA VAL A 107 -1.50 -6.71 5.01
C VAL A 107 -1.68 -5.26 5.44
N LEU A 108 -1.09 -4.31 4.71
CA LEU A 108 -1.15 -2.89 5.04
C LEU A 108 -1.42 -2.04 3.81
N SER A 109 -2.47 -1.22 3.82
CA SER A 109 -2.81 -0.36 2.69
C SER A 109 -1.86 0.85 2.58
N ASP A 110 -0.97 1.06 3.55
CA ASP A 110 -0.01 2.17 3.56
C ASP A 110 1.34 1.70 4.09
N PRO A 111 2.13 0.96 3.31
CA PRO A 111 3.43 0.47 3.72
C PRO A 111 4.52 1.56 3.81
N ARG A 112 4.17 2.86 3.83
CA ARG A 112 5.14 3.94 3.94
C ARG A 112 5.96 3.74 5.21
N HIS A 113 5.26 3.52 6.33
CA HIS A 113 5.79 3.29 7.67
C HIS A 113 6.05 1.80 7.92
N LYS A 114 6.10 0.93 6.89
CA LYS A 114 6.35 -0.51 7.03
C LYS A 114 7.58 -0.74 7.90
N GLU A 115 8.64 0.04 7.67
CA GLU A 115 9.89 -0.04 8.40
C GLU A 115 9.66 0.22 9.90
N ALA A 116 8.91 1.27 10.24
CA ALA A 116 8.61 1.64 11.62
C ALA A 116 7.86 0.48 12.28
N VAL A 117 6.81 0.00 11.62
CA VAL A 117 5.97 -1.08 12.08
C VAL A 117 6.81 -2.34 12.31
N ALA A 118 7.73 -2.69 11.41
CA ALA A 118 8.56 -3.88 11.58
C ALA A 118 9.40 -3.78 12.86
N GLN A 119 10.06 -2.64 13.08
CA GLN A 119 10.87 -2.42 14.25
C GLN A 119 10.02 -2.49 15.51
N LEU A 120 8.89 -1.78 15.52
CA LEU A 120 7.94 -1.71 16.63
C LEU A 120 7.39 -3.10 16.96
N LEU A 121 7.06 -3.88 15.94
CA LEU A 121 6.53 -5.22 16.11
C LEU A 121 7.62 -6.17 16.62
N ASN A 122 8.85 -6.07 16.12
CA ASN A 122 10.01 -6.89 16.50
C ASN A 122 9.69 -8.39 16.66
N ARG A 123 8.84 -8.93 15.76
CA ARG A 123 8.42 -10.33 15.75
C ARG A 123 8.41 -10.82 14.31
N PRO A 124 8.57 -12.14 14.07
CA PRO A 124 8.56 -12.70 12.73
C PRO A 124 7.18 -12.45 12.13
N ALA A 125 7.09 -11.56 11.14
CA ALA A 125 5.85 -11.20 10.48
C ALA A 125 6.06 -10.99 8.99
N ARG A 126 5.03 -11.37 8.23
CA ARG A 126 4.92 -11.26 6.79
C ARG A 126 4.19 -9.95 6.57
N PHE A 127 4.44 -9.26 5.48
CA PHE A 127 3.79 -7.99 5.17
C PHE A 127 3.46 -7.99 3.69
N TYR A 128 2.25 -7.55 3.31
CA TYR A 128 1.77 -7.49 1.92
C TYR A 128 1.01 -6.18 1.70
N LEU A 129 0.65 -5.87 0.44
CA LEU A 129 -0.06 -4.65 0.06
C LEU A 129 -1.34 -4.93 -0.72
N ALA A 130 -2.47 -4.35 -0.30
CA ALA A 130 -3.77 -4.46 -0.95
C ALA A 130 -4.39 -3.07 -0.99
N LEU A 131 -5.36 -2.83 -1.87
CA LEU A 131 -6.03 -1.53 -2.01
C LEU A 131 -6.72 -1.14 -0.69
N PRO A 132 -6.88 0.16 -0.41
CA PRO A 132 -7.53 0.63 0.81
C PRO A 132 -8.98 0.14 0.91
N GLN A 133 -9.69 -0.01 -0.20
CA GLN A 133 -11.07 -0.50 -0.21
C GLN A 133 -11.11 -1.95 0.29
N ALA A 134 -10.20 -2.79 -0.23
CA ALA A 134 -10.10 -4.19 0.16
C ALA A 134 -9.72 -4.29 1.64
N TRP A 135 -8.83 -3.39 2.08
CA TRP A 135 -8.34 -3.31 3.44
C TRP A 135 -9.48 -2.96 4.40
N GLU A 136 -10.37 -2.04 4.03
CA GLU A 136 -11.49 -1.64 4.89
C GLU A 136 -12.47 -2.80 5.06
N GLU A 137 -12.75 -3.55 3.99
CA GLU A 137 -13.69 -4.67 4.08
C GLU A 137 -13.13 -5.76 5.00
N LEU A 138 -11.82 -6.01 4.92
CA LEU A 138 -11.15 -7.01 5.75
C LEU A 138 -11.03 -6.53 7.18
N PHE A 139 -10.68 -5.27 7.41
CA PHE A 139 -10.54 -4.68 8.73
C PHE A 139 -11.82 -4.92 9.54
N ARG A 140 -12.99 -4.64 8.94
CA ARG A 140 -14.26 -4.85 9.64
C ARG A 140 -14.51 -6.33 9.92
N ARG A 141 -14.13 -7.22 9.00
CA ARG A 141 -14.31 -8.66 9.18
C ARG A 141 -13.44 -9.16 10.34
N ALA A 142 -12.18 -8.72 10.36
CA ALA A 142 -11.16 -9.07 11.35
C ALA A 142 -11.54 -8.60 12.76
N TYR A 143 -12.12 -7.41 12.86
CA TYR A 143 -12.54 -6.82 14.12
C TYR A 143 -14.06 -6.66 14.15
N PRO A 144 -14.80 -7.76 14.38
CA PRO A 144 -16.25 -7.72 14.44
C PRO A 144 -16.71 -7.00 15.73
N GLN A 145 -18.03 -6.95 15.91
CA GLN A 145 -18.71 -6.35 17.05
C GLN A 145 -19.70 -7.40 17.58
N LYS A 146 -20.06 -7.31 18.87
CA LYS A 146 -21.02 -8.24 19.44
C LYS A 146 -22.36 -7.96 18.77
N GLY A 1 23.85 10.29 0.23
CA GLY A 1 22.39 10.06 0.32
C GLY A 1 21.76 11.11 1.20
N SER A 2 20.68 11.75 0.76
CA SER A 2 19.98 12.77 1.53
C SER A 2 18.48 12.54 1.40
N SER A 3 17.69 13.33 2.12
CA SER A 3 16.23 13.25 2.16
C SER A 3 15.60 14.63 2.06
N GLY A 4 14.29 14.71 2.30
CA GLY A 4 13.49 15.92 2.27
C GLY A 4 12.16 15.59 1.62
N GLU A 5 11.64 16.55 0.88
CA GLU A 5 10.40 16.49 0.13
C GLU A 5 10.66 15.84 -1.25
N GLY A 6 9.74 16.01 -2.21
CA GLY A 6 9.84 15.50 -3.56
C GLY A 6 10.10 13.99 -3.58
N GLN A 7 11.00 13.58 -4.49
CA GLN A 7 11.49 12.23 -4.74
C GLN A 7 10.45 11.10 -4.75
N LYS A 8 9.19 11.34 -5.13
CA LYS A 8 8.15 10.31 -5.16
C LYS A 8 7.52 10.14 -6.54
N ASP A 9 7.58 11.15 -7.40
CA ASP A 9 7.00 11.08 -8.74
C ASP A 9 7.88 10.26 -9.69
N LEU A 10 9.20 10.51 -9.68
CA LEU A 10 10.17 9.84 -10.56
C LEU A 10 10.06 8.32 -10.49
N LYS A 11 10.03 7.78 -9.26
CA LYS A 11 9.94 6.33 -9.02
C LYS A 11 8.72 5.71 -9.69
N LEU A 12 7.55 6.34 -9.55
CA LEU A 12 6.34 5.80 -10.15
C LEU A 12 6.41 5.88 -11.66
N GLY A 13 6.77 7.04 -12.23
CA GLY A 13 6.85 7.18 -13.67
C GLY A 13 7.85 6.17 -14.25
N GLU A 14 8.99 5.97 -13.59
CA GLU A 14 10.02 5.03 -14.01
C GLU A 14 9.45 3.60 -14.06
N LEU A 15 8.82 3.15 -12.96
CA LEU A 15 8.23 1.82 -12.86
C LEU A 15 7.21 1.57 -13.96
N LEU A 16 6.40 2.58 -14.27
CA LEU A 16 5.39 2.48 -15.30
C LEU A 16 6.05 2.42 -16.68
N LEU A 17 7.04 3.29 -16.95
CA LEU A 17 7.77 3.36 -18.21
C LEU A 17 8.53 2.06 -18.48
N GLN A 18 9.10 1.46 -17.44
CA GLN A 18 9.85 0.21 -17.51
C GLN A 18 9.01 -0.87 -18.19
N LYS A 19 7.71 -0.92 -17.89
CA LYS A 19 6.79 -1.89 -18.47
C LYS A 19 5.94 -1.29 -19.60
N GLY A 20 5.92 0.02 -19.75
CA GLY A 20 5.15 0.73 -20.76
C GLY A 20 3.66 0.77 -20.39
N TRP A 21 3.34 0.93 -19.10
CA TRP A 21 1.98 0.97 -18.59
C TRP A 21 1.21 2.26 -18.90
N ILE A 22 1.92 3.35 -19.18
CA ILE A 22 1.37 4.65 -19.50
C ILE A 22 2.26 5.25 -20.59
N SER A 23 2.05 6.52 -20.91
CA SER A 23 2.82 7.25 -21.90
C SER A 23 3.44 8.49 -21.29
N ARG A 24 4.42 9.07 -22.00
CA ARG A 24 5.07 10.29 -21.54
C ARG A 24 4.04 11.41 -21.44
N GLU A 25 2.97 11.37 -22.24
CA GLU A 25 1.90 12.36 -22.25
C GLU A 25 1.08 12.21 -20.97
N ALA A 26 0.67 10.97 -20.65
CA ALA A 26 -0.10 10.71 -19.44
C ALA A 26 0.68 11.14 -18.19
N LEU A 27 2.02 11.06 -18.24
CA LEU A 27 2.92 11.45 -17.17
C LEU A 27 2.94 12.98 -17.07
N GLU A 28 3.21 13.68 -18.18
CA GLU A 28 3.27 15.12 -18.31
C GLU A 28 2.01 15.77 -17.73
N GLU A 29 0.84 15.23 -18.09
CA GLU A 29 -0.44 15.74 -17.61
C GLU A 29 -0.55 15.65 -16.10
N ALA A 30 -0.05 14.55 -15.53
CA ALA A 30 -0.09 14.34 -14.09
C ALA A 30 0.85 15.32 -13.39
N LEU A 31 2.06 15.48 -13.92
CA LEU A 31 3.09 16.37 -13.42
C LEU A 31 2.56 17.79 -13.24
N VAL A 32 1.75 18.28 -14.18
CA VAL A 32 1.21 19.64 -14.11
C VAL A 32 0.39 19.84 -12.82
N GLU A 33 -0.38 18.83 -12.40
CA GLU A 33 -1.19 18.92 -11.18
C GLU A 33 -0.25 18.79 -9.97
N GLN A 34 0.80 17.96 -10.04
CA GLN A 34 1.74 17.80 -8.94
C GLN A 34 2.49 19.12 -8.68
N GLU A 35 2.70 19.93 -9.71
CA GLU A 35 3.38 21.22 -9.58
C GLU A 35 2.53 22.21 -8.78
N LYS A 36 1.20 22.07 -8.78
CA LYS A 36 0.27 22.96 -8.08
C LYS A 36 -0.29 22.39 -6.78
N THR A 37 -0.28 21.08 -6.62
CA THR A 37 -0.80 20.44 -5.41
C THR A 37 0.34 20.00 -4.48
N GLY A 38 1.49 19.60 -5.03
CA GLY A 38 2.63 19.12 -4.25
C GLY A 38 2.40 17.68 -3.80
N ASP A 39 1.26 17.09 -4.17
CA ASP A 39 0.82 15.75 -3.85
C ASP A 39 1.33 14.74 -4.89
N LEU A 40 1.44 13.47 -4.49
CA LEU A 40 1.94 12.37 -5.32
C LEU A 40 1.29 12.22 -6.69
N LEU A 41 2.14 11.97 -7.69
CA LEU A 41 1.85 11.75 -9.10
C LEU A 41 0.78 10.67 -9.28
N GLY A 42 0.84 9.63 -8.44
CA GLY A 42 -0.04 8.49 -8.44
C GLY A 42 -1.52 8.84 -8.48
N ARG A 43 -2.04 9.54 -7.46
CA ARG A 43 -3.46 9.88 -7.45
C ARG A 43 -3.86 10.66 -8.70
N ILE A 44 -2.99 11.51 -9.23
CA ILE A 44 -3.29 12.33 -10.40
C ILE A 44 -3.39 11.41 -11.61
N LEU A 45 -2.44 10.47 -11.79
CA LEU A 45 -2.49 9.54 -12.91
C LEU A 45 -3.83 8.85 -12.91
N VAL A 46 -4.24 8.29 -11.78
CA VAL A 46 -5.52 7.60 -11.62
C VAL A 46 -6.69 8.55 -11.92
N ARG A 47 -6.74 9.73 -11.29
CA ARG A 47 -7.80 10.72 -11.48
C ARG A 47 -7.96 11.16 -12.93
N LYS A 48 -6.93 11.07 -13.77
CA LYS A 48 -7.06 11.44 -15.18
C LYS A 48 -7.80 10.34 -15.95
N GLY A 49 -8.20 9.23 -15.31
CA GLY A 49 -8.93 8.13 -15.92
C GLY A 49 -8.12 6.83 -15.98
N LEU A 50 -7.06 6.69 -15.18
CA LEU A 50 -6.22 5.48 -15.18
C LEU A 50 -6.67 4.57 -14.03
N PRO A 51 -6.40 3.25 -14.10
CA PRO A 51 -6.78 2.30 -13.07
C PRO A 51 -6.06 2.58 -11.74
N GLU A 52 -6.81 2.52 -10.64
CA GLU A 52 -6.28 2.77 -9.31
C GLU A 52 -5.32 1.64 -8.91
N GLU A 53 -5.69 0.40 -9.23
CA GLU A 53 -4.92 -0.81 -8.95
C GLU A 53 -3.48 -0.70 -9.44
N ALA A 54 -3.28 -0.10 -10.62
CA ALA A 54 -1.98 0.08 -11.23
C ALA A 54 -1.06 0.95 -10.35
N LEU A 55 -1.60 1.82 -9.50
CA LEU A 55 -0.79 2.67 -8.64
C LEU A 55 -0.21 1.80 -7.53
N TYR A 56 -1.08 1.10 -6.80
CA TYR A 56 -0.69 0.22 -5.70
C TYR A 56 0.22 -0.89 -6.23
N ARG A 57 -0.08 -1.48 -7.38
CA ARG A 57 0.76 -2.53 -7.98
C ARG A 57 2.20 -2.03 -8.13
N ALA A 58 2.37 -0.85 -8.72
CA ALA A 58 3.70 -0.26 -8.92
C ALA A 58 4.35 0.06 -7.57
N LEU A 59 3.64 0.74 -6.67
CA LEU A 59 4.11 1.10 -5.34
C LEU A 59 4.58 -0.13 -4.54
N ALA A 60 4.04 -1.32 -4.82
CA ALA A 60 4.44 -2.54 -4.12
C ALA A 60 5.90 -2.81 -4.48
N GLU A 61 6.23 -2.82 -5.77
CA GLU A 61 7.58 -3.05 -6.28
C GLU A 61 8.52 -1.98 -5.73
N GLN A 62 8.10 -0.70 -5.72
CA GLN A 62 8.92 0.40 -5.21
C GLN A 62 9.39 0.12 -3.78
N LYS A 63 8.54 -0.51 -2.97
CA LYS A 63 8.83 -0.84 -1.58
C LYS A 63 9.42 -2.24 -1.41
N GLY A 64 9.35 -3.09 -2.43
CA GLY A 64 9.83 -4.45 -2.39
C GLY A 64 8.80 -5.32 -1.65
N LEU A 65 7.53 -5.21 -2.04
CA LEU A 65 6.38 -5.93 -1.52
C LEU A 65 5.58 -6.42 -2.72
N GLU A 66 4.75 -7.44 -2.51
CA GLU A 66 3.91 -7.99 -3.56
C GLU A 66 2.50 -7.40 -3.41
N PHE A 67 1.80 -7.30 -4.53
CA PHE A 67 0.44 -6.78 -4.62
C PHE A 67 -0.55 -7.93 -4.47
N LEU A 68 -1.54 -7.75 -3.61
CA LEU A 68 -2.60 -8.70 -3.31
C LEU A 68 -3.77 -8.44 -4.25
N GLU A 69 -4.28 -9.47 -4.92
CA GLU A 69 -5.40 -9.34 -5.86
C GLU A 69 -6.64 -8.75 -5.17
N SER A 70 -7.11 -9.36 -4.08
CA SER A 70 -8.29 -8.90 -3.34
C SER A 70 -8.24 -9.44 -1.91
N THR A 71 -9.22 -9.05 -1.11
CA THR A 71 -9.41 -9.39 0.29
C THR A 71 -10.79 -10.02 0.56
N GLU A 72 -11.70 -9.98 -0.42
CA GLU A 72 -13.07 -10.50 -0.30
C GLU A 72 -13.17 -11.95 0.20
N GLY A 73 -12.15 -12.77 -0.06
CA GLY A 73 -12.09 -14.16 0.34
C GLY A 73 -10.99 -14.45 1.37
N ILE A 74 -10.77 -13.59 2.36
CA ILE A 74 -9.76 -13.82 3.38
C ILE A 74 -10.48 -14.09 4.70
N VAL A 75 -9.88 -14.94 5.54
CA VAL A 75 -10.42 -15.28 6.84
C VAL A 75 -9.33 -14.94 7.86
N PRO A 76 -9.39 -13.74 8.49
CA PRO A 76 -8.42 -13.30 9.48
C PRO A 76 -8.62 -14.10 10.78
N ASP A 77 -7.60 -14.88 11.15
CA ASP A 77 -7.61 -15.73 12.35
C ASP A 77 -7.71 -14.92 13.66
N PRO A 78 -8.39 -15.40 14.72
CA PRO A 78 -8.52 -14.67 15.99
C PRO A 78 -7.17 -14.50 16.68
N SER A 79 -6.27 -15.50 16.59
CA SER A 79 -4.95 -15.40 17.20
C SER A 79 -4.15 -14.27 16.52
N ALA A 80 -4.49 -13.89 15.30
CA ALA A 80 -3.81 -12.83 14.57
C ALA A 80 -4.14 -11.46 15.16
N ALA A 81 -5.35 -11.28 15.66
CA ALA A 81 -5.78 -10.00 16.24
C ALA A 81 -5.16 -9.78 17.63
N LEU A 82 -4.59 -10.81 18.26
CA LEU A 82 -3.97 -10.69 19.57
C LEU A 82 -2.69 -9.86 19.56
N LEU A 83 -2.07 -9.61 18.39
CA LEU A 83 -0.84 -8.82 18.29
C LEU A 83 -1.09 -7.46 17.66
N LEU A 84 -2.04 -7.34 16.72
CA LEU A 84 -2.37 -6.08 16.05
C LEU A 84 -3.80 -5.77 16.47
N LEU A 85 -3.99 -4.73 17.29
CA LEU A 85 -5.31 -4.33 17.79
C LEU A 85 -6.06 -3.45 16.78
N ARG A 86 -7.38 -3.36 16.93
CA ARG A 86 -8.21 -2.53 16.05
C ARG A 86 -7.80 -1.05 16.11
N SER A 87 -7.28 -0.60 17.24
CA SER A 87 -6.82 0.76 17.47
C SER A 87 -5.50 1.00 16.73
N ASP A 88 -4.54 0.10 16.92
CA ASP A 88 -3.20 0.15 16.34
C ASP A 88 -3.22 -0.05 14.82
N ALA A 89 -4.17 -0.84 14.33
CA ALA A 89 -4.36 -1.14 12.92
C ALA A 89 -4.50 0.15 12.12
N LEU A 90 -5.45 1.00 12.50
CA LEU A 90 -5.68 2.28 11.81
C LEU A 90 -4.52 3.24 12.04
N ARG A 91 -3.80 3.12 13.16
CA ARG A 91 -2.66 3.98 13.48
C ARG A 91 -1.54 3.82 12.45
N TYR A 92 -1.34 2.60 11.93
CA TYR A 92 -0.31 2.29 10.94
C TYR A 92 -0.85 1.74 9.63
N GLY A 93 -2.16 1.84 9.39
CA GLY A 93 -2.82 1.34 8.17
C GLY A 93 -2.49 -0.14 7.92
N ALA A 94 -2.41 -0.96 8.97
CA ALA A 94 -2.08 -2.38 8.90
C ALA A 94 -3.19 -3.25 9.45
N VAL A 95 -3.46 -4.40 8.84
CA VAL A 95 -4.48 -5.32 9.35
C VAL A 95 -3.91 -6.74 9.21
N PRO A 96 -3.96 -7.53 10.29
CA PRO A 96 -3.47 -8.89 10.30
C PRO A 96 -4.43 -9.86 9.66
N ILE A 97 -3.90 -11.04 9.33
CA ILE A 97 -4.68 -12.11 8.72
C ILE A 97 -4.41 -13.52 9.23
N GLY A 98 -3.32 -13.74 9.94
CA GLY A 98 -2.97 -15.06 10.44
C GLY A 98 -1.48 -15.16 10.74
N PHE A 99 -1.01 -16.39 10.86
CA PHE A 99 0.38 -16.78 11.10
C PHE A 99 0.66 -17.85 10.06
N GLN A 100 1.75 -17.72 9.32
CA GLN A 100 2.11 -18.66 8.28
C GLN A 100 3.65 -18.74 8.21
N ASN A 101 4.20 -19.93 8.04
CA ASN A 101 5.64 -20.20 7.94
C ASN A 101 6.50 -19.42 8.95
N GLY A 102 6.07 -19.34 10.21
CA GLY A 102 6.81 -18.65 11.26
C GLY A 102 6.74 -17.14 11.27
N GLU A 103 5.91 -16.51 10.44
CA GLU A 103 5.75 -15.06 10.38
C GLU A 103 4.27 -14.74 10.37
N VAL A 104 3.89 -13.63 11.01
CA VAL A 104 2.50 -13.23 10.99
C VAL A 104 2.29 -12.56 9.64
N GLU A 105 1.28 -12.97 8.88
CA GLU A 105 0.98 -12.37 7.59
C GLU A 105 0.17 -11.10 7.86
N VAL A 106 0.53 -9.96 7.26
CA VAL A 106 -0.16 -8.68 7.45
C VAL A 106 -0.29 -8.00 6.10
N VAL A 107 -1.36 -7.23 5.91
CA VAL A 107 -1.63 -6.50 4.68
C VAL A 107 -1.87 -5.05 5.10
N LEU A 108 -1.21 -4.12 4.40
CA LEU A 108 -1.27 -2.69 4.67
C LEU A 108 -1.55 -1.94 3.38
N SER A 109 -2.52 -1.04 3.34
CA SER A 109 -2.80 -0.28 2.12
C SER A 109 -1.74 0.81 1.93
N ASP A 110 -1.04 1.15 3.02
CA ASP A 110 -0.05 2.20 3.07
C ASP A 110 1.28 1.76 3.69
N PRO A 111 2.24 1.26 2.89
CA PRO A 111 3.53 0.80 3.37
C PRO A 111 4.56 1.91 3.65
N ARG A 112 4.21 3.22 3.63
CA ARG A 112 5.18 4.31 3.90
C ARG A 112 5.91 4.02 5.21
N HIS A 113 5.18 3.61 6.25
CA HIS A 113 5.74 3.28 7.57
C HIS A 113 5.98 1.77 7.74
N LYS A 114 5.96 0.92 6.70
CA LYS A 114 6.18 -0.53 6.84
C LYS A 114 7.41 -0.83 7.68
N GLU A 115 8.55 -0.21 7.36
CA GLU A 115 9.79 -0.39 8.11
C GLU A 115 9.67 0.16 9.54
N ALA A 116 8.98 1.30 9.72
CA ALA A 116 8.78 1.90 11.02
C ALA A 116 8.01 0.92 11.90
N VAL A 117 6.99 0.29 11.32
CA VAL A 117 6.12 -0.70 11.96
C VAL A 117 6.99 -1.91 12.29
N ALA A 118 7.83 -2.40 11.38
CA ALA A 118 8.70 -3.55 11.62
C ALA A 118 9.59 -3.30 12.84
N GLN A 119 10.01 -2.05 13.06
CA GLN A 119 10.85 -1.65 14.18
C GLN A 119 10.00 -1.56 15.44
N LEU A 120 8.88 -0.80 15.41
CA LEU A 120 8.00 -0.60 16.56
C LEU A 120 7.46 -1.91 17.12
N LEU A 121 7.08 -2.82 16.23
CA LEU A 121 6.56 -4.13 16.56
C LEU A 121 7.67 -5.07 17.04
N ASN A 122 8.90 -4.86 16.55
CA ASN A 122 10.10 -5.64 16.88
C ASN A 122 9.88 -7.15 16.90
N ARG A 123 8.99 -7.68 16.03
CA ARG A 123 8.66 -9.11 15.93
C ARG A 123 8.77 -9.63 14.49
N PRO A 124 8.94 -10.94 14.26
CA PRO A 124 9.06 -11.53 12.94
C PRO A 124 7.70 -11.60 12.24
N ALA A 125 7.47 -10.76 11.23
CA ALA A 125 6.20 -10.77 10.52
C ALA A 125 6.38 -10.36 9.06
N ARG A 126 5.46 -10.81 8.23
CA ARG A 126 5.36 -10.59 6.80
C ARG A 126 4.47 -9.38 6.58
N PHE A 127 4.60 -8.74 5.41
CA PHE A 127 3.84 -7.56 5.04
C PHE A 127 3.55 -7.64 3.54
N TYR A 128 2.35 -7.23 3.10
CA TYR A 128 1.88 -7.22 1.71
C TYR A 128 1.10 -5.93 1.43
N LEU A 129 0.79 -5.63 0.16
CA LEU A 129 0.07 -4.42 -0.25
C LEU A 129 -1.23 -4.78 -0.97
N ALA A 130 -2.31 -4.05 -0.69
CA ALA A 130 -3.63 -4.22 -1.28
C ALA A 130 -4.24 -2.82 -1.46
N LEU A 131 -5.30 -2.69 -2.26
CA LEU A 131 -5.94 -1.39 -2.46
C LEU A 131 -6.64 -0.93 -1.17
N PRO A 132 -6.89 0.38 -0.99
CA PRO A 132 -7.57 0.87 0.19
C PRO A 132 -9.00 0.34 0.25
N GLN A 133 -9.64 0.13 -0.91
CA GLN A 133 -11.00 -0.39 -1.01
C GLN A 133 -11.09 -1.80 -0.41
N ALA A 134 -10.04 -2.60 -0.63
CA ALA A 134 -9.90 -3.97 -0.17
C ALA A 134 -9.61 -3.95 1.34
N TRP A 135 -8.62 -3.16 1.73
CA TRP A 135 -8.15 -2.97 3.10
C TRP A 135 -9.30 -2.51 4.02
N GLU A 136 -10.17 -1.63 3.52
CA GLU A 136 -11.32 -1.07 4.23
C GLU A 136 -12.19 -2.20 4.81
N GLU A 137 -12.56 -3.16 3.95
CA GLU A 137 -13.37 -4.29 4.36
C GLU A 137 -12.54 -5.32 5.13
N LEU A 138 -11.23 -5.39 4.89
CA LEU A 138 -10.37 -6.35 5.60
C LEU A 138 -10.33 -5.94 7.07
N PHE A 139 -10.22 -4.64 7.37
CA PHE A 139 -10.21 -4.15 8.76
C PHE A 139 -11.50 -4.61 9.43
N ARG A 140 -12.64 -4.39 8.77
CA ARG A 140 -13.96 -4.76 9.25
C ARG A 140 -14.00 -6.27 9.54
N ARG A 141 -13.57 -7.11 8.59
CA ARG A 141 -13.54 -8.56 8.73
C ARG A 141 -12.68 -8.98 9.90
N ALA A 142 -11.48 -8.41 10.04
CA ALA A 142 -10.53 -8.72 11.09
C ALA A 142 -10.96 -8.31 12.49
N TYR A 143 -11.73 -7.22 12.64
CA TYR A 143 -12.16 -6.72 13.93
C TYR A 143 -13.70 -6.70 14.05
N PRO A 144 -14.34 -7.88 14.19
CA PRO A 144 -15.79 -7.97 14.29
C PRO A 144 -16.37 -7.25 15.50
N GLN A 145 -17.65 -6.88 15.38
CA GLN A 145 -18.45 -6.22 16.40
C GLN A 145 -19.54 -7.24 16.77
N LYS A 146 -19.62 -7.56 18.06
CA LYS A 146 -20.57 -8.51 18.61
C LYS A 146 -21.82 -7.79 19.11
#